data_9AZ6
#
_entry.id   9AZ6
#
_cell.length_a   1.00
_cell.length_b   1.00
_cell.length_c   1.00
_cell.angle_alpha   90.00
_cell.angle_beta   90.00
_cell.angle_gamma   90.00
#
_symmetry.space_group_name_H-M   'P 1'
#
loop_
_entity.id
_entity.type
_entity.pdbx_description
1 polymer 'Actin, alpha skeletal muscle'
2 polymer Talin-1
3 non-polymer "ADENOSINE-5'-DIPHOSPHATE"
4 non-polymer 'MAGNESIUM ION'
#
loop_
_entity_poly.entity_id
_entity_poly.type
_entity_poly.pdbx_seq_one_letter_code
_entity_poly.pdbx_strand_id
1 'polypeptide(L)'
;DEDETTALVCDNGSGLVKAGFAGDDAPRAVFPSIVGRPRHQGVMVGMGQKDSYVGDEAQSKRGILTLKYPIE(HIC)GII
TNWDDMEKIWHHTFYNELRVAPEEHPTLLTEAPLNPKANREKMTQIMFETFNVPAMYVAIQAVLSLYASGRTTGIVLDSG
DGVTHNVPIYEGYALPHAIMRLDLAGRDLTDYLMKILTERGYSFVTTAEREIVRDIKEKLCYVALDFENEMATAASSSSL
EKSYELPDGQVITIGNERFRCPETLFQPSFIGMESAGIHETTYNSIMKCDIDIRKDLYANNVMSGGTTMYPGIADRMQKE
ITALAPSTMKIKIIAPPERKYSVWIGGSILASLSTFQQMWITKQEYDEAGPSIVHRKCF
;
A,B,C,D,E
2 'polypeptide(L)'
;GPDSMPTVIAENELLGAAAAIEAAAKKLEQLKPRAKPKEADESLNFEEQILEAAKSIAAATSALVKAASAAQRELVAQGK
VGAIPANALDDGQWSQGLISAARMVAAATNNLCEAANAAVQGHASQEKLISSAKQVAASTAQLLVACKVKADQDSEAMKR
LQAAGNAVKRASDNLVKAAQKAAAFEDQENETVVVKEKMVGGIAQIIAAQEEMLRKERELEEARKKLAQIRQQQYKFLPS
ELRDEH
;
F,G,H,I,J,K,L,M
#
loop_
_chem_comp.id
_chem_comp.type
_chem_comp.name
_chem_comp.formula
ADP non-polymer ADENOSINE-5'-DIPHOSPHATE 'C10 H15 N5 O10 P2'
MG non-polymer 'MAGNESIUM ION' 'Mg 2'
#
# COMPACT_ATOMS: atom_id res chain seq x y z
N ASP A 3 -4.07 67.61 -2.19
CA ASP A 3 -3.10 67.09 -1.23
C ASP A 3 -1.84 66.61 -1.96
N GLU A 4 -1.78 65.31 -2.23
CA GLU A 4 -0.65 64.76 -2.96
C GLU A 4 -0.66 65.26 -4.40
N THR A 5 0.54 65.49 -4.94
CA THR A 5 0.65 65.94 -6.33
C THR A 5 0.13 64.86 -7.26
N THR A 6 -0.76 65.27 -8.17
CA THR A 6 -1.37 64.31 -9.09
C THR A 6 -0.32 63.76 -10.04
N ALA A 7 -0.52 62.49 -10.42
CA ALA A 7 0.38 61.81 -11.33
C ALA A 7 -0.10 61.99 -12.76
N LEU A 8 0.85 61.92 -13.69
CA LEU A 8 0.55 62.03 -15.11
C LEU A 8 0.45 60.65 -15.74
N VAL A 9 -0.61 60.43 -16.49
CA VAL A 9 -0.82 59.18 -17.21
C VAL A 9 -0.69 59.50 -18.69
N CYS A 10 0.31 58.92 -19.33
CA CYS A 10 0.59 59.16 -20.75
C CYS A 10 0.63 57.81 -21.47
N ASP A 11 -0.43 57.49 -22.18
CA ASP A 11 -0.48 56.32 -23.03
C ASP A 11 0.07 56.71 -24.39
N ASN A 12 1.30 56.28 -24.67
CA ASN A 12 1.95 56.52 -25.95
C ASN A 12 1.66 55.33 -26.86
N GLY A 13 0.54 55.39 -27.54
CA GLY A 13 0.21 54.36 -28.50
C GLY A 13 0.98 54.53 -29.79
N SER A 14 0.83 53.53 -30.66
CA SER A 14 1.49 53.59 -31.96
C SER A 14 0.94 54.72 -32.81
N GLY A 15 -0.33 55.06 -32.64
CA GLY A 15 -0.97 56.04 -33.49
C GLY A 15 -1.44 57.29 -32.77
N LEU A 16 -1.81 57.17 -31.51
CA LEU A 16 -2.35 58.28 -30.75
C LEU A 16 -1.64 58.39 -29.42
N VAL A 17 -1.47 59.63 -28.94
CA VAL A 17 -0.99 59.91 -27.61
C VAL A 17 -2.17 60.39 -26.78
N LYS A 18 -2.44 59.71 -25.68
CA LYS A 18 -3.50 60.07 -24.75
C LYS A 18 -2.86 60.43 -23.41
N ALA A 19 -2.90 61.69 -23.04
CA ALA A 19 -2.24 62.15 -21.83
C ALA A 19 -3.25 62.86 -20.93
N GLY A 20 -3.05 62.71 -19.64
CA GLY A 20 -3.91 63.37 -18.68
C GLY A 20 -3.40 63.20 -17.27
N PHE A 21 -4.25 63.56 -16.31
CA PHE A 21 -3.91 63.50 -14.90
C PHE A 21 -4.67 62.37 -14.24
N ALA A 22 -4.02 61.71 -13.29
CA ALA A 22 -4.68 60.64 -12.54
C ALA A 22 -5.89 61.18 -11.81
N GLY A 23 -7.00 60.45 -11.89
CA GLY A 23 -8.25 60.82 -11.25
C GLY A 23 -9.30 61.34 -12.20
N ASP A 24 -8.90 61.75 -13.39
CA ASP A 24 -9.87 62.21 -14.38
C ASP A 24 -10.48 61.03 -15.12
N ASP A 25 -11.64 61.27 -15.72
CA ASP A 25 -12.37 60.23 -16.44
C ASP A 25 -12.04 60.17 -17.91
N ALA A 26 -11.25 61.11 -18.42
CA ALA A 26 -10.93 61.15 -19.83
C ALA A 26 -9.58 61.82 -20.00
N PRO A 27 -8.79 61.41 -20.99
CA PRO A 27 -7.51 62.07 -21.24
C PRO A 27 -7.72 63.54 -21.59
N ARG A 28 -6.85 64.39 -21.06
CA ARG A 28 -6.95 65.81 -21.35
C ARG A 28 -6.45 66.15 -22.75
N ALA A 29 -5.48 65.39 -23.25
CA ALA A 29 -4.88 65.66 -24.56
C ALA A 29 -4.79 64.37 -25.34
N VAL A 30 -5.57 64.27 -26.42
CA VAL A 30 -5.52 63.13 -27.32
C VAL A 30 -5.15 63.67 -28.68
N PHE A 31 -3.97 63.30 -29.17
CA PHE A 31 -3.53 63.84 -30.45
C PHE A 31 -2.68 62.80 -31.16
N PRO A 32 -2.62 62.83 -32.49
CA PRO A 32 -1.82 61.84 -33.22
C PRO A 32 -0.34 61.94 -32.87
N SER A 33 0.31 60.79 -32.79
CA SER A 33 1.73 60.72 -32.48
C SER A 33 2.52 60.69 -33.79
N ILE A 34 2.58 61.86 -34.43
CA ILE A 34 3.28 62.01 -35.70
C ILE A 34 4.22 63.20 -35.59
N VAL A 35 5.29 63.16 -36.37
CA VAL A 35 6.19 64.28 -36.54
C VAL A 35 6.27 64.59 -38.03
N GLY A 36 6.00 65.84 -38.39
CA GLY A 36 5.96 66.25 -39.77
C GLY A 36 7.11 67.21 -40.09
N ARG A 37 7.74 67.00 -41.22
CA ARG A 37 8.79 67.90 -41.67
C ARG A 37 8.51 68.39 -43.07
N PRO A 38 8.78 69.67 -43.36
CA PRO A 38 8.50 70.19 -44.71
C PRO A 38 9.30 69.47 -45.76
N ARG A 39 8.65 69.19 -46.89
CA ARG A 39 9.29 68.51 -48.01
C ARG A 39 9.39 69.39 -49.25
N HIS A 40 9.04 70.66 -49.15
CA HIS A 40 9.12 71.59 -50.26
C HIS A 40 10.08 72.72 -49.91
N GLN A 41 10.17 73.71 -50.80
CA GLN A 41 11.08 74.83 -50.64
C GLN A 41 10.34 76.02 -50.08
N GLY A 42 10.80 76.52 -48.93
CA GLY A 42 10.20 77.71 -48.35
C GLY A 42 10.62 78.96 -49.12
N VAL A 43 9.62 79.70 -49.61
CA VAL A 43 9.90 80.89 -50.40
C VAL A 43 9.43 82.18 -49.74
N MET A 44 8.48 82.14 -48.81
CA MET A 44 8.00 83.33 -48.13
C MET A 44 8.90 83.57 -46.91
N VAL A 45 9.54 84.73 -46.87
CA VAL A 45 10.45 85.04 -45.76
C VAL A 45 9.69 85.11 -44.44
N GLY A 46 8.50 85.71 -44.47
CA GLY A 46 7.76 85.92 -43.24
C GLY A 46 7.33 84.65 -42.53
N MET A 47 6.95 83.63 -43.29
CA MET A 47 6.42 82.40 -42.71
C MET A 47 7.30 81.23 -43.14
N GLY A 48 6.86 80.02 -42.84
CA GLY A 48 7.61 78.83 -43.20
C GLY A 48 8.98 78.74 -42.57
N GLN A 49 9.08 78.99 -41.27
CA GLN A 49 10.36 79.04 -40.58
C GLN A 49 10.54 77.92 -39.57
N LYS A 50 9.47 77.24 -39.16
CA LYS A 50 9.61 76.19 -38.17
C LYS A 50 10.16 74.92 -38.81
N ASP A 51 10.88 74.15 -38.00
CA ASP A 51 11.62 73.00 -38.52
C ASP A 51 10.83 71.69 -38.46
N SER A 52 9.89 71.56 -37.53
CA SER A 52 9.17 70.31 -37.39
C SER A 52 7.85 70.58 -36.66
N TYR A 53 6.78 69.92 -37.12
CA TYR A 53 5.46 70.06 -36.54
C TYR A 53 5.07 68.75 -35.86
N VAL A 54 4.45 68.87 -34.69
CA VAL A 54 4.15 67.72 -33.86
C VAL A 54 2.66 67.73 -33.51
N GLY A 55 2.02 66.57 -33.65
CA GLY A 55 0.66 66.42 -33.15
C GLY A 55 -0.35 66.99 -34.10
N ASP A 56 -1.37 67.66 -33.55
CA ASP A 56 -2.45 68.19 -34.36
C ASP A 56 -1.98 69.26 -35.32
N GLU A 57 -0.89 69.96 -34.97
CA GLU A 57 -0.35 70.97 -35.88
C GLU A 57 0.09 70.34 -37.20
N ALA A 58 0.75 69.19 -37.14
CA ALA A 58 1.12 68.49 -38.37
C ALA A 58 -0.11 67.93 -39.07
N GLN A 59 -1.15 67.58 -38.32
CA GLN A 59 -2.35 67.04 -38.94
C GLN A 59 -3.11 68.12 -39.71
N SER A 60 -2.83 69.40 -39.42
CA SER A 60 -3.48 70.48 -40.15
C SER A 60 -2.67 70.96 -41.34
N LYS A 61 -1.38 70.64 -41.40
CA LYS A 61 -0.50 71.10 -42.45
C LYS A 61 0.07 69.96 -43.29
N ARG A 62 -0.65 68.85 -43.39
CA ARG A 62 -0.12 67.67 -44.06
C ARG A 62 0.11 67.88 -45.54
N GLY A 63 -0.43 68.94 -46.13
CA GLY A 63 -0.23 69.17 -47.55
C GLY A 63 1.22 69.38 -47.93
N ILE A 64 1.99 70.01 -47.05
CA ILE A 64 3.37 70.34 -47.35
C ILE A 64 4.33 69.63 -46.40
N LEU A 65 3.90 68.53 -45.78
CA LEU A 65 4.71 67.83 -44.80
C LEU A 65 4.85 66.36 -45.17
N THR A 66 5.98 65.79 -44.75
CA THR A 66 6.17 64.35 -44.69
C THR A 66 5.99 63.95 -43.24
N LEU A 67 5.06 63.04 -42.99
CA LEU A 67 4.69 62.63 -41.65
C LEU A 67 5.34 61.29 -41.31
N LYS A 68 5.89 61.18 -40.11
CA LYS A 68 6.51 59.95 -39.66
C LYS A 68 6.03 59.61 -38.27
N TYR A 69 5.72 58.34 -38.05
CA TYR A 69 5.34 57.84 -36.73
C TYR A 69 6.61 57.38 -36.02
N PRO A 70 6.99 58.00 -34.91
CA PRO A 70 8.17 57.52 -34.17
C PRO A 70 7.99 56.14 -33.57
N ILE A 71 6.76 55.68 -33.39
CA ILE A 71 6.48 54.37 -32.82
C ILE A 71 5.92 53.49 -33.93
N GLU A 72 6.58 52.36 -34.16
CA GLU A 72 6.12 51.41 -35.17
C GLU A 72 6.03 50.03 -34.54
N HIC A 73 4.83 49.44 -34.61
CA HIC A 73 4.55 48.15 -33.99
C HIC A 73 4.88 48.18 -32.51
O HIC A 73 5.45 47.23 -31.97
CB HIC A 73 5.33 47.04 -34.68
CG HIC A 73 4.80 46.77 -36.05
ND1 HIC A 73 3.48 46.50 -36.28
CD2 HIC A 73 5.48 46.74 -37.23
CE1 HIC A 73 3.37 46.32 -37.57
NE2 HIC A 73 4.55 46.44 -38.19
CZ HIC A 73 4.79 46.31 -39.61
N GLY A 74 4.51 49.26 -31.84
CA GLY A 74 4.69 49.38 -30.41
C GLY A 74 6.12 49.54 -29.96
N ILE A 75 7.05 49.61 -30.91
CA ILE A 75 8.46 49.75 -30.63
C ILE A 75 8.90 51.12 -31.13
N ILE A 76 9.50 51.91 -30.24
CA ILE A 76 9.95 53.24 -30.60
C ILE A 76 11.20 53.12 -31.46
N THR A 77 11.12 53.63 -32.69
CA THR A 77 12.24 53.54 -33.62
C THR A 77 13.03 54.83 -33.75
N ASN A 78 12.38 55.97 -33.65
CA ASN A 78 13.05 57.28 -33.73
C ASN A 78 12.97 57.93 -32.37
N TRP A 79 14.06 57.88 -31.61
CA TRP A 79 14.03 58.38 -30.25
C TRP A 79 14.01 59.90 -30.17
N ASP A 80 14.64 60.58 -31.13
CA ASP A 80 14.55 62.04 -31.15
C ASP A 80 13.12 62.50 -31.38
N ASP A 81 12.42 61.85 -32.32
CA ASP A 81 11.03 62.20 -32.57
C ASP A 81 10.15 61.89 -31.36
N MET A 82 10.38 60.76 -30.69
CA MET A 82 9.60 60.44 -29.51
C MET A 82 9.86 61.44 -28.38
N GLU A 83 11.11 61.85 -28.21
CA GLU A 83 11.41 62.88 -27.22
C GLU A 83 10.73 64.20 -27.57
N LYS A 84 10.71 64.56 -28.86
CA LYS A 84 10.00 65.77 -29.27
C LYS A 84 8.52 65.66 -28.97
N ILE A 85 7.92 64.50 -29.22
CA ILE A 85 6.50 64.30 -28.95
C ILE A 85 6.22 64.42 -27.46
N TRP A 86 7.07 63.83 -26.62
CA TRP A 86 6.90 63.96 -25.18
C TRP A 86 7.04 65.40 -24.72
N HIS A 87 7.99 66.13 -25.31
CA HIS A 87 8.15 67.54 -24.99
C HIS A 87 6.89 68.32 -25.34
N HIS A 88 6.33 68.05 -26.53
CA HIS A 88 5.09 68.70 -26.93
C HIS A 88 3.94 68.33 -26.01
N THR A 89 3.88 67.07 -25.57
CA THR A 89 2.83 66.64 -24.67
C THR A 89 2.90 67.38 -23.34
N PHE A 90 4.10 67.45 -22.76
CA PHE A 90 4.24 68.02 -21.43
C PHE A 90 4.07 69.54 -21.45
N TYR A 91 4.70 70.21 -22.41
CA TYR A 91 4.79 71.66 -22.35
C TYR A 91 3.71 72.37 -23.15
N ASN A 92 3.15 71.73 -24.17
CA ASN A 92 2.14 72.39 -25.00
C ASN A 92 0.73 71.88 -24.73
N GLU A 93 0.55 70.56 -24.69
CA GLU A 93 -0.79 70.00 -24.53
C GLU A 93 -1.23 70.05 -23.06
N LEU A 94 -0.50 69.36 -22.19
CA LEU A 94 -0.81 69.40 -20.77
C LEU A 94 -0.35 70.69 -20.10
N ARG A 95 0.71 71.29 -20.62
CA ARG A 95 1.24 72.57 -20.13
C ARG A 95 1.55 72.48 -18.63
N VAL A 96 2.32 71.46 -18.28
CA VAL A 96 2.75 71.24 -16.90
C VAL A 96 4.26 70.97 -16.91
N ALA A 97 4.86 71.07 -15.73
CA ALA A 97 6.26 70.77 -15.57
C ALA A 97 6.42 69.33 -15.12
N PRO A 98 7.08 68.47 -15.89
CA PRO A 98 7.17 67.05 -15.52
C PRO A 98 7.94 66.79 -14.23
N GLU A 99 8.73 67.74 -13.76
CA GLU A 99 9.59 67.53 -12.60
C GLU A 99 8.82 67.51 -11.29
N GLU A 100 7.51 67.73 -11.31
CA GLU A 100 6.70 67.71 -10.10
C GLU A 100 5.65 66.60 -10.07
N HIS A 101 5.48 65.85 -11.15
CA HIS A 101 4.46 64.82 -11.21
C HIS A 101 5.09 63.50 -11.64
N PRO A 102 4.89 62.43 -10.87
CA PRO A 102 5.27 61.11 -11.37
C PRO A 102 4.48 60.76 -12.62
N THR A 103 5.14 60.07 -13.54
CA THR A 103 4.57 59.78 -14.84
C THR A 103 4.38 58.28 -14.99
N LEU A 104 3.17 57.87 -15.35
CA LEU A 104 2.86 56.47 -15.62
C LEU A 104 2.83 56.26 -17.13
N LEU A 105 3.68 55.37 -17.62
CA LEU A 105 3.76 55.07 -19.04
C LEU A 105 3.25 53.67 -19.30
N THR A 106 2.89 53.41 -20.55
CA THR A 106 2.35 52.13 -20.96
C THR A 106 3.26 51.50 -22.01
N GLU A 107 3.13 50.19 -22.16
CA GLU A 107 3.93 49.46 -23.13
C GLU A 107 3.21 48.17 -23.47
N ALA A 108 3.30 47.76 -24.73
CA ALA A 108 2.77 46.47 -25.13
C ALA A 108 3.62 45.35 -24.56
N PRO A 109 3.03 44.20 -24.26
CA PRO A 109 3.81 43.07 -23.76
C PRO A 109 4.73 42.52 -24.84
N LEU A 110 5.81 41.88 -24.38
CA LEU A 110 6.81 41.28 -25.25
C LEU A 110 7.52 42.31 -26.11
N ASN A 111 7.72 43.49 -25.59
CA ASN A 111 8.53 44.46 -26.32
C ASN A 111 10.01 44.27 -26.00
N PRO A 112 10.89 44.76 -26.87
CA PRO A 112 12.33 44.70 -26.56
C PRO A 112 12.64 45.43 -25.27
N LYS A 113 13.57 44.87 -24.49
CA LYS A 113 13.94 45.47 -23.22
C LYS A 113 14.58 46.84 -23.41
N ALA A 114 15.33 47.00 -24.50
CA ALA A 114 16.00 48.27 -24.75
C ALA A 114 14.99 49.40 -24.87
N ASN A 115 13.81 49.12 -25.42
CA ASN A 115 12.78 50.15 -25.54
C ASN A 115 12.37 50.67 -24.18
N ARG A 116 12.07 49.76 -23.25
CA ARG A 116 11.69 50.15 -21.90
C ARG A 116 12.82 50.88 -21.19
N GLU A 117 14.05 50.39 -21.35
CA GLU A 117 15.19 51.01 -20.69
C GLU A 117 15.42 52.43 -21.19
N LYS A 118 15.33 52.62 -22.51
CA LYS A 118 15.50 53.96 -23.06
C LYS A 118 14.36 54.88 -22.64
N MET A 119 13.14 54.36 -22.56
CA MET A 119 12.03 55.16 -22.05
C MET A 119 12.33 55.64 -20.64
N THR A 120 12.82 54.73 -19.79
CA THR A 120 13.14 55.11 -18.41
C THR A 120 14.24 56.16 -18.39
N GLN A 121 15.30 55.97 -19.18
CA GLN A 121 16.40 56.91 -19.18
C GLN A 121 15.96 58.29 -19.65
N ILE A 122 15.12 58.35 -20.68
CA ILE A 122 14.62 59.63 -21.17
C ILE A 122 13.76 60.30 -20.11
N MET A 123 12.88 59.53 -19.45
CA MET A 123 12.08 60.12 -18.39
C MET A 123 12.93 60.66 -17.25
N PHE A 124 14.03 60.00 -16.92
CA PHE A 124 14.79 60.38 -15.74
C PHE A 124 15.90 61.37 -16.03
N GLU A 125 16.52 61.33 -17.21
CA GLU A 125 17.65 62.19 -17.49
C GLU A 125 17.33 63.36 -18.41
N THR A 126 16.22 63.32 -19.14
CA THR A 126 15.81 64.43 -19.99
C THR A 126 14.72 65.27 -19.35
N PHE A 127 13.71 64.63 -18.74
CA PHE A 127 12.60 65.34 -18.13
C PHE A 127 12.71 65.43 -16.61
N ASN A 128 13.58 64.63 -15.99
CA ASN A 128 13.82 64.69 -14.55
C ASN A 128 12.54 64.50 -13.75
N VAL A 129 11.75 63.48 -14.13
CA VAL A 129 10.53 63.17 -13.41
C VAL A 129 10.89 62.66 -12.02
N PRO A 130 10.10 62.97 -10.99
CA PRO A 130 10.40 62.42 -9.66
C PRO A 130 10.31 60.91 -9.61
N ALA A 131 9.36 60.33 -10.34
CA ALA A 131 9.19 58.89 -10.38
C ALA A 131 8.49 58.53 -11.68
N MET A 132 8.57 57.25 -12.05
CA MET A 132 7.97 56.80 -13.29
C MET A 132 7.70 55.31 -13.19
N TYR A 133 6.82 54.81 -14.05
CA TYR A 133 6.41 53.42 -14.03
C TYR A 133 5.94 53.03 -15.43
N VAL A 134 6.21 51.79 -15.82
CA VAL A 134 5.77 51.25 -17.09
C VAL A 134 4.80 50.12 -16.79
N ALA A 135 3.55 50.29 -17.17
CA ALA A 135 2.52 49.28 -16.99
C ALA A 135 2.24 48.58 -18.31
N ILE A 136 1.66 47.38 -18.21
CA ILE A 136 1.23 46.64 -19.38
C ILE A 136 -0.17 47.06 -19.74
N GLN A 137 -0.39 47.38 -21.01
CA GLN A 137 -1.64 48.03 -21.41
C GLN A 137 -2.85 47.17 -21.10
N ALA A 138 -2.72 45.85 -21.25
CA ALA A 138 -3.87 44.98 -20.99
C ALA A 138 -4.27 45.00 -19.51
N VAL A 139 -3.29 45.08 -18.61
CA VAL A 139 -3.61 45.16 -17.19
C VAL A 139 -4.42 46.43 -16.89
N LEU A 140 -4.01 47.55 -17.47
CA LEU A 140 -4.76 48.79 -17.29
C LEU A 140 -6.15 48.66 -17.89
N SER A 141 -6.25 48.03 -19.05
CA SER A 141 -7.56 47.83 -19.66
C SER A 141 -8.47 47.01 -18.76
N LEU A 142 -7.93 46.00 -18.08
CA LEU A 142 -8.71 45.27 -17.10
C LEU A 142 -9.08 46.12 -15.90
N TYR A 143 -8.18 47.01 -15.48
CA TYR A 143 -8.51 47.92 -14.39
C TYR A 143 -9.71 48.80 -14.75
N ALA A 144 -9.75 49.29 -15.98
CA ALA A 144 -10.80 50.22 -16.38
C ALA A 144 -12.17 49.55 -16.38
N SER A 145 -12.22 48.25 -16.61
CA SER A 145 -13.50 47.53 -16.68
C SER A 145 -14.01 47.11 -15.31
N GLY A 146 -13.29 47.43 -14.24
CA GLY A 146 -13.73 47.03 -12.91
C GLY A 146 -13.78 45.53 -12.72
N ARG A 147 -12.84 44.81 -13.30
CA ARG A 147 -12.76 43.36 -13.18
C ARG A 147 -11.37 42.96 -12.72
N THR A 148 -11.27 41.75 -12.20
CA THR A 148 -9.99 41.16 -11.83
C THR A 148 -9.71 39.87 -12.60
N THR A 149 -10.67 39.39 -13.39
CA THR A 149 -10.52 38.19 -14.18
C THR A 149 -11.05 38.44 -15.57
N GLY A 150 -10.32 38.00 -16.57
CA GLY A 150 -10.72 38.14 -17.95
C GLY A 150 -9.51 38.07 -18.85
N ILE A 151 -9.76 37.82 -20.14
CA ILE A 151 -8.73 37.84 -21.15
C ILE A 151 -8.90 39.12 -21.96
N VAL A 152 -7.91 40.00 -21.89
CA VAL A 152 -7.98 41.30 -22.53
C VAL A 152 -7.41 41.18 -23.93
N LEU A 153 -8.21 41.58 -24.92
CA LEU A 153 -7.76 41.71 -26.31
C LEU A 153 -7.59 43.20 -26.58
N ASP A 154 -6.36 43.69 -26.52
CA ASP A 154 -6.08 45.09 -26.77
C ASP A 154 -5.52 45.23 -28.18
N SER A 155 -6.22 45.98 -29.03
CA SER A 155 -5.80 46.19 -30.40
C SER A 155 -5.72 47.68 -30.64
N GLY A 156 -4.50 48.21 -30.73
CA GLY A 156 -4.32 49.62 -30.95
C GLY A 156 -4.00 49.93 -32.40
N ASP A 157 -2.99 50.78 -32.63
CA ASP A 157 -2.59 51.11 -33.99
C ASP A 157 -1.46 50.22 -34.50
N GLY A 158 -0.58 49.77 -33.62
CA GLY A 158 0.56 48.98 -34.05
C GLY A 158 0.57 47.54 -33.58
N VAL A 159 0.03 47.27 -32.39
CA VAL A 159 0.12 45.96 -31.77
C VAL A 159 -1.26 45.50 -31.34
N THR A 160 -1.55 44.23 -31.57
CA THR A 160 -2.69 43.55 -30.99
C THR A 160 -2.15 42.50 -30.02
N HIS A 161 -2.77 42.37 -28.86
CA HIS A 161 -2.28 41.38 -27.91
C HIS A 161 -3.39 40.88 -27.00
N ASN A 162 -3.34 39.59 -26.72
CA ASN A 162 -4.22 38.92 -25.78
C ASN A 162 -3.45 38.62 -24.51
N VAL A 163 -3.97 39.08 -23.38
CA VAL A 163 -3.38 38.81 -22.08
C VAL A 163 -4.45 38.25 -21.15
N PRO A 164 -4.33 37.01 -20.71
CA PRO A 164 -5.32 36.47 -19.76
C PRO A 164 -4.88 36.71 -18.33
N ILE A 165 -5.83 37.12 -17.50
CA ILE A 165 -5.59 37.37 -16.08
C ILE A 165 -6.69 36.70 -15.28
N TYR A 166 -6.31 35.98 -14.23
CA TYR A 166 -7.27 35.28 -13.39
C TYR A 166 -7.01 35.68 -11.94
N GLU A 167 -8.00 36.31 -11.31
CA GLU A 167 -7.93 36.71 -9.91
C GLU A 167 -6.69 37.56 -9.64
N GLY A 168 -6.35 38.42 -10.59
CA GLY A 168 -5.21 39.31 -10.43
C GLY A 168 -3.86 38.70 -10.75
N TYR A 169 -3.82 37.46 -11.21
CA TYR A 169 -2.58 36.80 -11.60
C TYR A 169 -2.54 36.65 -13.11
N ALA A 170 -1.45 37.09 -13.72
CA ALA A 170 -1.28 36.98 -15.16
C ALA A 170 -0.65 35.65 -15.52
N LEU A 171 -0.84 35.23 -16.77
CA LEU A 171 -0.32 33.98 -17.29
C LEU A 171 0.64 34.32 -18.42
N PRO A 172 1.89 34.67 -18.09
CA PRO A 172 2.81 35.17 -19.12
C PRO A 172 3.05 34.19 -20.25
N HIS A 173 3.01 32.89 -19.97
CA HIS A 173 3.21 31.92 -21.04
C HIS A 173 2.06 31.90 -22.03
N ALA A 174 0.89 32.41 -21.64
CA ALA A 174 -0.28 32.41 -22.49
C ALA A 174 -0.48 33.74 -23.21
N ILE A 175 0.43 34.69 -23.05
CA ILE A 175 0.28 35.99 -23.69
C ILE A 175 0.53 35.86 -25.19
N MET A 176 -0.42 36.33 -25.99
CA MET A 176 -0.28 36.32 -27.44
C MET A 176 -0.07 37.73 -27.94
N ARG A 177 0.84 37.87 -28.90
CA ARG A 177 1.09 39.16 -29.54
C ARG A 177 1.07 38.98 -31.05
N LEU A 178 0.39 39.90 -31.73
CA LEU A 178 0.21 39.88 -33.17
C LEU A 178 0.45 41.29 -33.70
N ASP A 179 1.33 41.41 -34.69
CA ASP A 179 1.67 42.73 -35.22
C ASP A 179 0.57 43.31 -36.10
N LEU A 180 -0.43 42.52 -36.46
CA LEU A 180 -1.57 43.04 -37.22
C LEU A 180 -2.36 44.00 -36.36
N ALA A 181 -2.59 45.21 -36.86
CA ALA A 181 -3.27 46.23 -36.09
C ALA A 181 -3.86 47.26 -37.04
N GLY A 182 -4.23 48.42 -36.50
CA GLY A 182 -4.96 49.40 -37.28
C GLY A 182 -4.18 49.94 -38.47
N ARG A 183 -2.87 50.17 -38.29
CA ARG A 183 -2.08 50.74 -39.37
C ARG A 183 -1.99 49.78 -40.55
N ASP A 184 -1.85 48.49 -40.29
CA ASP A 184 -1.88 47.50 -41.35
C ASP A 184 -3.24 47.50 -42.04
N LEU A 185 -4.31 47.69 -41.28
CA LEU A 185 -5.63 47.81 -41.88
C LEU A 185 -5.71 49.01 -42.79
N THR A 186 -5.13 50.13 -42.38
CA THR A 186 -5.13 51.32 -43.24
C THR A 186 -4.36 51.06 -44.53
N ASP A 187 -3.20 50.42 -44.43
CA ASP A 187 -2.44 50.10 -45.64
C ASP A 187 -3.21 49.17 -46.56
N TYR A 188 -3.86 48.15 -46.01
CA TYR A 188 -4.65 47.26 -46.83
C TYR A 188 -5.84 47.97 -47.45
N LEU A 189 -6.44 48.92 -46.72
CA LEU A 189 -7.52 49.71 -47.28
C LEU A 189 -7.05 50.55 -48.45
N MET A 190 -5.86 51.14 -48.34
CA MET A 190 -5.29 51.85 -49.48
C MET A 190 -5.11 50.91 -50.66
N LYS A 191 -4.56 49.73 -50.42
CA LYS A 191 -4.31 48.78 -51.49
C LYS A 191 -5.60 48.37 -52.19
N ILE A 192 -6.66 48.11 -51.42
CA ILE A 192 -7.91 47.69 -52.03
C ILE A 192 -8.69 48.86 -52.63
N LEU A 193 -8.48 50.07 -52.13
CA LEU A 193 -9.08 51.24 -52.75
C LEU A 193 -8.45 51.53 -54.11
N THR A 194 -7.20 51.13 -54.32
CA THR A 194 -6.62 51.26 -55.65
C THR A 194 -7.41 50.48 -56.70
N GLU A 195 -8.20 49.48 -56.30
CA GLU A 195 -9.01 48.73 -57.24
C GLU A 195 -10.07 49.59 -57.90
N ARG A 196 -10.62 50.58 -57.20
CA ARG A 196 -11.64 51.46 -57.75
C ARG A 196 -11.05 52.68 -58.42
N GLY A 197 -9.73 52.73 -58.60
CA GLY A 197 -9.09 53.85 -59.24
C GLY A 197 -8.70 54.98 -58.32
N TYR A 198 -8.90 54.84 -57.02
CA TYR A 198 -8.49 55.85 -56.06
C TYR A 198 -7.05 55.58 -55.65
N SER A 199 -6.17 56.55 -55.89
CA SER A 199 -4.74 56.39 -55.66
C SER A 199 -4.33 57.26 -54.47
N PHE A 200 -4.06 56.62 -53.35
CA PHE A 200 -3.52 57.29 -52.16
C PHE A 200 -2.12 56.77 -51.93
N VAL A 201 -1.14 57.68 -51.94
CA VAL A 201 0.27 57.33 -51.86
C VAL A 201 0.96 58.03 -50.70
N THR A 202 0.87 59.35 -50.63
CA THR A 202 1.60 60.12 -49.64
C THR A 202 1.05 59.84 -48.24
N THR A 203 1.82 60.28 -47.24
CA THR A 203 1.40 60.09 -45.85
C THR A 203 0.13 60.85 -45.53
N ALA A 204 -0.06 62.04 -46.11
CA ALA A 204 -1.31 62.74 -45.93
C ALA A 204 -2.47 61.94 -46.48
N GLU A 205 -2.28 61.31 -47.64
CA GLU A 205 -3.30 60.42 -48.17
C GLU A 205 -3.50 59.21 -47.27
N ARG A 206 -2.44 58.76 -46.60
CA ARG A 206 -2.62 57.71 -45.60
C ARG A 206 -3.50 58.16 -44.46
N GLU A 207 -3.35 59.41 -44.00
CA GLU A 207 -4.23 59.93 -42.97
C GLU A 207 -5.67 60.03 -43.47
N ILE A 208 -5.86 60.44 -44.72
CA ILE A 208 -7.19 60.49 -45.28
C ILE A 208 -7.83 59.11 -45.31
N VAL A 209 -7.06 58.10 -45.71
CA VAL A 209 -7.59 56.74 -45.74
C VAL A 209 -7.88 56.25 -44.33
N ARG A 210 -7.07 56.65 -43.35
CA ARG A 210 -7.37 56.30 -41.97
C ARG A 210 -8.70 56.88 -41.53
N ASP A 211 -8.96 58.14 -41.91
CA ASP A 211 -10.25 58.74 -41.60
C ASP A 211 -11.39 57.99 -42.28
N ILE A 212 -11.19 57.60 -43.54
CA ILE A 212 -12.21 56.82 -44.24
C ILE A 212 -12.48 55.52 -43.50
N LYS A 213 -11.42 54.85 -43.06
CA LYS A 213 -11.57 53.59 -42.32
C LYS A 213 -12.35 53.81 -41.04
N GLU A 214 -12.02 54.87 -40.30
CA GLU A 214 -12.73 55.14 -39.05
C GLU A 214 -14.20 55.47 -39.29
N LYS A 215 -14.53 56.09 -40.42
CA LYS A 215 -15.89 56.56 -40.65
C LYS A 215 -16.80 55.54 -41.30
N LEU A 216 -16.30 54.73 -42.23
CA LEU A 216 -17.17 53.91 -43.06
C LEU A 216 -16.99 52.41 -42.91
N CYS A 217 -15.89 51.95 -42.33
CA CYS A 217 -15.63 50.51 -42.26
C CYS A 217 -16.39 49.88 -41.09
N TYR A 218 -16.77 48.62 -41.28
CA TYR A 218 -17.45 47.85 -40.25
C TYR A 218 -17.14 46.38 -40.45
N VAL A 219 -17.40 45.59 -39.41
CA VAL A 219 -17.13 44.16 -39.42
C VAL A 219 -18.41 43.43 -39.79
N ALA A 220 -18.34 42.60 -40.83
CA ALA A 220 -19.50 41.83 -41.25
C ALA A 220 -19.72 40.64 -40.33
N LEU A 221 -20.98 40.36 -40.02
CA LEU A 221 -21.29 39.20 -39.19
C LEU A 221 -20.92 37.91 -39.90
N ASP A 222 -21.27 37.78 -41.17
CA ASP A 222 -20.86 36.66 -42.01
C ASP A 222 -20.22 37.22 -43.27
N PHE A 223 -18.95 36.87 -43.50
CA PHE A 223 -18.20 37.50 -44.58
C PHE A 223 -18.74 37.09 -45.94
N GLU A 224 -19.02 35.79 -46.14
CA GLU A 224 -19.44 35.33 -47.46
C GLU A 224 -20.81 35.89 -47.83
N ASN A 225 -21.74 35.89 -46.88
CA ASN A 225 -23.07 36.46 -47.15
C ASN A 225 -22.97 37.94 -47.45
N GLU A 226 -22.10 38.66 -46.73
CA GLU A 226 -21.93 40.08 -46.97
C GLU A 226 -21.35 40.34 -48.36
N MET A 227 -20.36 39.53 -48.76
CA MET A 227 -19.81 39.66 -50.10
C MET A 227 -20.86 39.38 -51.16
N ALA A 228 -21.68 38.36 -50.97
CA ALA A 228 -22.74 38.08 -51.93
C ALA A 228 -23.74 39.23 -52.01
N THR A 229 -24.12 39.79 -50.86
CA THR A 229 -25.04 40.92 -50.84
C THR A 229 -24.45 42.12 -51.56
N ALA A 230 -23.18 42.41 -51.31
CA ALA A 230 -22.53 43.53 -51.98
C ALA A 230 -22.43 43.31 -53.48
N ALA A 231 -22.13 42.08 -53.91
CA ALA A 231 -22.05 41.77 -55.32
C ALA A 231 -23.41 41.77 -56.00
N SER A 232 -24.49 41.61 -55.24
CA SER A 232 -25.84 41.61 -55.79
C SER A 232 -26.51 42.98 -55.70
N SER A 233 -26.52 43.58 -54.51
CA SER A 233 -27.20 44.85 -54.28
C SER A 233 -26.18 45.97 -54.08
N SER A 234 -26.66 47.20 -54.21
CA SER A 234 -25.85 48.39 -54.03
C SER A 234 -26.13 49.08 -52.69
N SER A 235 -26.82 48.40 -51.77
CA SER A 235 -27.18 49.03 -50.51
C SER A 235 -25.95 49.32 -49.64
N LEU A 236 -24.88 48.57 -49.83
CA LEU A 236 -23.68 48.74 -49.02
C LEU A 236 -22.75 49.83 -49.55
N GLU A 237 -23.05 50.40 -50.71
CA GLU A 237 -22.20 51.44 -51.30
C GLU A 237 -22.43 52.73 -50.54
N LYS A 238 -21.37 53.24 -49.91
CA LYS A 238 -21.44 54.47 -49.15
C LYS A 238 -20.44 55.48 -49.70
N SER A 239 -20.79 56.75 -49.62
CA SER A 239 -19.99 57.83 -50.19
C SER A 239 -19.21 58.56 -49.11
N TYR A 240 -18.18 59.27 -49.56
CA TYR A 240 -17.30 60.02 -48.66
C TYR A 240 -16.68 61.16 -49.46
N GLU A 241 -16.61 62.34 -48.85
CA GLU A 241 -16.10 63.53 -49.52
C GLU A 241 -14.64 63.74 -49.13
N LEU A 242 -13.78 63.82 -50.13
CA LEU A 242 -12.37 64.09 -49.92
C LEU A 242 -12.19 65.56 -49.52
N PRO A 243 -11.04 65.91 -48.93
CA PRO A 243 -10.84 67.31 -48.52
C PRO A 243 -10.89 68.30 -49.66
N ASP A 244 -10.67 67.87 -50.90
CA ASP A 244 -10.71 68.77 -52.05
C ASP A 244 -12.09 68.81 -52.70
N GLY A 245 -13.07 68.12 -52.14
CA GLY A 245 -14.42 68.12 -52.67
C GLY A 245 -14.78 66.92 -53.50
N GLN A 246 -13.81 66.13 -53.93
CA GLN A 246 -14.12 64.92 -54.69
C GLN A 246 -14.85 63.91 -53.82
N VAL A 247 -15.79 63.19 -54.41
CA VAL A 247 -16.61 62.22 -53.71
C VAL A 247 -16.24 60.84 -54.21
N ILE A 248 -15.91 59.94 -53.27
CA ILE A 248 -15.62 58.56 -53.59
C ILE A 248 -16.75 57.69 -53.04
N THR A 249 -16.95 56.54 -53.67
CA THR A 249 -17.98 55.59 -53.26
C THR A 249 -17.33 54.23 -53.08
N ILE A 250 -17.51 53.64 -51.90
CA ILE A 250 -16.89 52.36 -51.57
C ILE A 250 -17.99 51.36 -51.25
N GLY A 251 -17.78 50.12 -51.70
CA GLY A 251 -18.76 49.07 -51.52
C GLY A 251 -18.34 48.00 -50.54
N ASN A 252 -17.89 46.85 -51.05
CA ASN A 252 -17.51 45.75 -50.18
C ASN A 252 -16.32 46.11 -49.31
N GLU A 253 -15.52 47.10 -49.73
CA GLU A 253 -14.34 47.48 -48.97
C GLU A 253 -14.68 47.79 -47.53
N ARG A 254 -15.88 48.34 -47.28
CA ARG A 254 -16.25 48.71 -45.92
C ARG A 254 -16.13 47.55 -44.96
N PHE A 255 -16.40 46.32 -45.42
CA PHE A 255 -16.14 45.16 -44.59
C PHE A 255 -14.97 44.33 -45.08
N ARG A 256 -14.38 44.66 -46.22
CA ARG A 256 -13.21 43.93 -46.68
C ARG A 256 -11.98 44.28 -45.85
N CYS A 257 -11.88 45.55 -45.40
CA CYS A 257 -10.72 45.96 -44.62
C CYS A 257 -10.72 45.34 -43.23
N PRO A 258 -11.74 45.51 -42.39
CA PRO A 258 -11.66 44.95 -41.03
C PRO A 258 -11.61 43.43 -41.00
N GLU A 259 -12.05 42.76 -42.08
CA GLU A 259 -11.98 41.30 -42.11
C GLU A 259 -10.56 40.80 -41.97
N THR A 260 -9.57 41.63 -42.30
CA THR A 260 -8.18 41.24 -42.14
C THR A 260 -7.87 40.90 -40.69
N LEU A 261 -8.60 41.50 -39.73
CA LEU A 261 -8.42 41.14 -38.34
C LEU A 261 -8.69 39.66 -38.10
N PHE A 262 -9.61 39.08 -38.87
CA PHE A 262 -9.95 37.67 -38.72
C PHE A 262 -9.31 36.78 -39.77
N GLN A 263 -8.85 37.35 -40.87
CA GLN A 263 -8.14 36.61 -41.92
C GLN A 263 -6.87 37.37 -42.26
N PRO A 264 -5.82 37.22 -41.46
CA PRO A 264 -4.57 37.94 -41.76
C PRO A 264 -3.94 37.55 -43.08
N SER A 265 -4.33 36.41 -43.65
CA SER A 265 -3.78 36.00 -44.94
C SER A 265 -4.10 37.00 -46.04
N PHE A 266 -5.08 37.88 -45.82
CA PHE A 266 -5.36 38.93 -46.79
C PHE A 266 -4.13 39.81 -47.03
N ILE A 267 -3.29 39.98 -46.02
CA ILE A 267 -2.06 40.75 -46.18
C ILE A 267 -0.83 39.86 -46.13
N GLY A 268 -1.00 38.57 -46.40
CA GLY A 268 0.14 37.68 -46.48
C GLY A 268 0.71 37.22 -45.16
N MET A 269 0.04 37.51 -44.05
CA MET A 269 0.49 37.03 -42.75
C MET A 269 -0.03 35.62 -42.50
N GLU A 270 0.85 34.77 -42.00
CA GLU A 270 0.50 33.38 -41.75
C GLU A 270 -0.25 33.17 -40.45
N SER A 271 -0.22 34.15 -39.55
CA SER A 271 -0.83 33.98 -38.24
C SER A 271 -2.35 33.87 -38.36
N ALA A 272 -2.96 33.34 -37.30
CA ALA A 272 -4.40 33.17 -37.28
C ALA A 272 -5.08 34.46 -36.85
N GLY A 273 -6.39 34.52 -37.07
CA GLY A 273 -7.15 35.71 -36.75
C GLY A 273 -7.23 35.95 -35.26
N ILE A 274 -7.77 37.12 -34.91
CA ILE A 274 -7.84 37.50 -33.50
C ILE A 274 -8.69 36.55 -32.69
N HIS A 275 -9.77 36.02 -33.28
CA HIS A 275 -10.59 35.05 -32.56
C HIS A 275 -9.80 33.79 -32.25
N GLU A 276 -9.04 33.29 -33.23
CA GLU A 276 -8.25 32.08 -32.99
C GLU A 276 -7.12 32.33 -32.02
N THR A 277 -6.51 33.52 -32.07
CA THR A 277 -5.47 33.83 -31.09
C THR A 277 -6.05 33.90 -29.69
N THR A 278 -7.25 34.49 -29.54
CA THR A 278 -7.89 34.52 -28.24
C THR A 278 -8.20 33.11 -27.75
N TYR A 279 -8.72 32.26 -28.63
CA TYR A 279 -9.03 30.89 -28.23
C TYR A 279 -7.77 30.13 -27.85
N ASN A 280 -6.69 30.31 -28.61
CA ASN A 280 -5.43 29.64 -28.28
C ASN A 280 -4.88 30.15 -26.95
N SER A 281 -4.98 31.45 -26.70
CA SER A 281 -4.54 31.98 -25.42
C SER A 281 -5.34 31.39 -24.26
N ILE A 282 -6.65 31.23 -24.45
CA ILE A 282 -7.46 30.60 -23.42
C ILE A 282 -7.04 29.15 -23.22
N MET A 283 -6.83 28.42 -24.31
CA MET A 283 -6.47 27.01 -24.18
C MET A 283 -5.04 26.80 -23.68
N LYS A 284 -4.21 27.83 -23.69
CA LYS A 284 -2.90 27.71 -23.06
C LYS A 284 -2.96 27.91 -21.55
N CYS A 285 -4.09 28.36 -21.02
CA CYS A 285 -4.25 28.55 -19.59
C CYS A 285 -4.68 27.25 -18.93
N ASP A 286 -4.67 27.26 -17.59
CA ASP A 286 -5.08 26.09 -16.84
C ASP A 286 -6.54 25.80 -17.07
N ILE A 287 -6.90 24.51 -17.03
CA ILE A 287 -8.23 24.07 -17.41
C ILE A 287 -9.30 24.66 -16.50
N ASP A 288 -8.94 25.01 -15.27
CA ASP A 288 -9.92 25.45 -14.29
C ASP A 288 -10.31 26.91 -14.43
N ILE A 289 -9.57 27.70 -15.20
CA ILE A 289 -9.88 29.12 -15.37
C ILE A 289 -10.45 29.42 -16.74
N ARG A 290 -10.58 28.42 -17.62
CA ARG A 290 -11.04 28.67 -18.97
C ARG A 290 -12.48 29.16 -18.99
N LYS A 291 -13.31 28.66 -18.06
CA LYS A 291 -14.69 29.11 -18.00
C LYS A 291 -14.77 30.61 -17.69
N ASP A 292 -14.06 31.03 -16.64
CA ASP A 292 -14.07 32.44 -16.28
C ASP A 292 -13.47 33.31 -17.38
N LEU A 293 -12.43 32.82 -18.05
CA LEU A 293 -11.89 33.58 -19.17
C LEU A 293 -12.89 33.69 -20.31
N TYR A 294 -13.61 32.61 -20.60
CA TYR A 294 -14.64 32.64 -21.64
C TYR A 294 -15.72 33.64 -21.31
N ALA A 295 -16.03 33.81 -20.03
CA ALA A 295 -17.13 34.69 -19.64
C ALA A 295 -16.72 36.15 -19.49
N ASN A 296 -15.43 36.48 -19.66
CA ASN A 296 -14.95 37.83 -19.40
C ASN A 296 -14.00 38.31 -20.50
N ASN A 297 -14.40 38.14 -21.76
CA ASN A 297 -13.63 38.66 -22.88
C ASN A 297 -13.75 40.18 -22.90
N VAL A 298 -12.64 40.87 -22.64
CA VAL A 298 -12.63 42.34 -22.57
C VAL A 298 -11.92 42.87 -23.81
N MET A 299 -12.58 43.81 -24.49
CA MET A 299 -12.01 44.47 -25.66
C MET A 299 -11.53 45.87 -25.28
N SER A 300 -10.46 46.31 -25.93
CA SER A 300 -9.95 47.66 -25.73
C SER A 300 -9.19 48.08 -26.98
N GLY A 301 -8.94 49.38 -27.08
CA GLY A 301 -8.20 49.92 -28.19
C GLY A 301 -9.11 50.39 -29.31
N GLY A 302 -8.60 51.33 -30.11
CA GLY A 302 -9.39 51.90 -31.17
C GLY A 302 -9.77 50.90 -32.25
N THR A 303 -8.90 49.94 -32.52
CA THR A 303 -9.16 48.96 -33.57
C THR A 303 -10.35 48.06 -33.25
N THR A 304 -10.81 48.04 -32.01
CA THR A 304 -11.99 47.28 -31.63
C THR A 304 -13.25 48.13 -31.63
N MET A 305 -13.20 49.33 -32.21
CA MET A 305 -14.35 50.22 -32.26
C MET A 305 -15.19 50.01 -33.51
N TYR A 306 -14.86 49.02 -34.31
CA TYR A 306 -15.64 48.76 -35.53
C TYR A 306 -17.06 48.35 -35.16
N PRO A 307 -18.07 48.85 -35.85
CA PRO A 307 -19.43 48.38 -35.60
C PRO A 307 -19.56 46.89 -35.91
N GLY A 308 -20.10 46.15 -34.96
CA GLY A 308 -20.35 44.73 -35.14
C GLY A 308 -19.17 43.82 -34.91
N ILE A 309 -18.05 44.35 -34.41
CA ILE A 309 -16.90 43.49 -34.13
C ILE A 309 -17.17 42.57 -32.95
N ALA A 310 -17.90 43.05 -31.94
CA ALA A 310 -18.19 42.22 -30.78
C ALA A 310 -19.04 41.02 -31.16
N ASP A 311 -20.05 41.22 -32.00
CA ASP A 311 -20.89 40.12 -32.42
C ASP A 311 -20.10 39.09 -33.23
N ARG A 312 -19.22 39.56 -34.12
CA ARG A 312 -18.42 38.63 -34.90
C ARG A 312 -17.49 37.83 -34.02
N MET A 313 -16.81 38.48 -33.07
CA MET A 313 -15.95 37.73 -32.17
C MET A 313 -16.74 36.74 -31.33
N GLN A 314 -17.91 37.15 -30.85
CA GLN A 314 -18.74 36.24 -30.07
C GLN A 314 -19.11 35.01 -30.87
N LYS A 315 -19.53 35.21 -32.12
CA LYS A 315 -19.90 34.07 -32.95
C LYS A 315 -18.70 33.16 -33.21
N GLU A 316 -17.54 33.75 -33.53
CA GLU A 316 -16.38 32.92 -33.83
C GLU A 316 -15.93 32.11 -32.61
N ILE A 317 -15.86 32.76 -31.45
CA ILE A 317 -15.41 32.06 -30.26
C ILE A 317 -16.42 31.01 -29.83
N THR A 318 -17.72 31.31 -29.97
CA THR A 318 -18.73 30.30 -29.68
C THR A 318 -18.58 29.10 -30.60
N ALA A 319 -18.28 29.34 -31.87
CA ALA A 319 -18.01 28.24 -32.80
C ALA A 319 -16.76 27.47 -32.41
N LEU A 320 -15.79 28.12 -31.77
CA LEU A 320 -14.58 27.43 -31.35
C LEU A 320 -14.73 26.77 -29.98
N ALA A 321 -15.27 27.49 -29.00
CA ALA A 321 -15.39 26.99 -27.65
C ALA A 321 -16.43 25.89 -27.56
N PRO A 322 -16.37 25.06 -26.51
CA PRO A 322 -17.42 24.06 -26.31
C PRO A 322 -18.79 24.71 -26.14
N SER A 323 -19.82 24.01 -26.62
CA SER A 323 -21.16 24.59 -26.69
C SER A 323 -21.68 24.98 -25.31
N THR A 324 -21.24 24.28 -24.27
CA THR A 324 -21.80 24.51 -22.95
C THR A 324 -21.47 25.90 -22.42
N MET A 325 -20.23 26.34 -22.59
CA MET A 325 -19.81 27.62 -22.01
C MET A 325 -20.48 28.83 -22.67
N LYS A 326 -20.64 29.87 -21.87
CA LYS A 326 -21.24 31.12 -22.29
C LYS A 326 -20.14 32.10 -22.66
N ILE A 327 -20.16 32.58 -23.90
CA ILE A 327 -19.17 33.51 -24.39
C ILE A 327 -19.74 34.92 -24.26
N LYS A 328 -19.03 35.78 -23.54
CA LYS A 328 -19.48 37.15 -23.29
C LYS A 328 -18.36 38.10 -23.67
N ILE A 329 -18.61 38.94 -24.66
CA ILE A 329 -17.64 39.95 -25.08
C ILE A 329 -18.01 41.26 -24.40
N ILE A 330 -17.11 41.78 -23.58
CA ILE A 330 -17.31 43.05 -22.89
C ILE A 330 -16.67 44.13 -23.74
N ALA A 331 -17.50 44.93 -24.40
CA ALA A 331 -17.04 45.99 -25.30
C ALA A 331 -17.69 47.30 -24.90
N PRO A 332 -17.20 47.95 -23.87
CA PRO A 332 -17.79 49.21 -23.42
C PRO A 332 -17.65 50.28 -24.49
N PRO A 333 -18.60 51.22 -24.55
CA PRO A 333 -18.54 52.24 -25.62
C PRO A 333 -17.34 53.15 -25.53
N GLU A 334 -16.67 53.23 -24.38
CA GLU A 334 -15.49 54.07 -24.21
C GLU A 334 -14.21 53.27 -24.25
N ARG A 335 -14.22 52.10 -24.90
CA ARG A 335 -13.06 51.22 -24.87
C ARG A 335 -11.86 51.78 -25.63
N LYS A 336 -12.04 52.83 -26.43
CA LYS A 336 -10.89 53.46 -27.07
C LYS A 336 -9.99 54.16 -26.07
N TYR A 337 -10.48 54.42 -24.86
CA TYR A 337 -9.70 55.05 -23.81
C TYR A 337 -9.57 54.15 -22.59
N SER A 338 -9.80 52.85 -22.76
CA SER A 338 -9.78 51.94 -21.62
C SER A 338 -8.40 51.87 -20.99
N VAL A 339 -7.36 51.84 -21.81
CA VAL A 339 -6.00 51.76 -21.27
C VAL A 339 -5.69 52.99 -20.44
N TRP A 340 -6.03 54.18 -20.95
CA TRP A 340 -5.76 55.39 -20.19
C TRP A 340 -6.60 55.47 -18.92
N ILE A 341 -7.85 55.04 -18.99
CA ILE A 341 -8.70 55.08 -17.79
C ILE A 341 -8.14 54.14 -16.73
N GLY A 342 -7.73 52.94 -17.14
CA GLY A 342 -7.12 52.03 -16.18
C GLY A 342 -5.82 52.57 -15.62
N GLY A 343 -5.02 53.24 -16.44
CA GLY A 343 -3.82 53.88 -15.94
C GLY A 343 -4.11 54.96 -14.93
N SER A 344 -5.14 55.78 -15.17
CA SER A 344 -5.53 56.79 -14.20
C SER A 344 -5.99 56.16 -12.91
N ILE A 345 -6.79 55.09 -12.99
CA ILE A 345 -7.24 54.40 -11.79
C ILE A 345 -6.05 53.85 -11.01
N LEU A 346 -5.11 53.21 -11.71
CA LEU A 346 -3.94 52.66 -11.04
C LEU A 346 -3.10 53.74 -10.39
N ALA A 347 -2.90 54.87 -11.08
CA ALA A 347 -2.09 55.95 -10.51
C ALA A 347 -2.80 56.66 -9.37
N SER A 348 -4.12 56.60 -9.29
CA SER A 348 -4.84 57.22 -8.20
C SER A 348 -4.91 56.36 -6.95
N LEU A 349 -4.46 55.11 -7.03
CA LEU A 349 -4.54 54.21 -5.88
C LEU A 349 -3.45 54.54 -4.86
N SER A 350 -3.82 54.49 -3.58
CA SER A 350 -2.84 54.72 -2.53
C SER A 350 -1.83 53.58 -2.44
N THR A 351 -2.27 52.35 -2.68
CA THR A 351 -1.36 51.22 -2.62
C THR A 351 -0.29 51.30 -3.70
N PHE A 352 -0.63 51.84 -4.86
CA PHE A 352 0.33 51.92 -5.96
C PHE A 352 1.47 52.89 -5.68
N GLN A 353 1.31 53.78 -4.70
CA GLN A 353 2.34 54.79 -4.44
C GLN A 353 3.66 54.19 -4.00
N GLN A 354 3.69 52.92 -3.60
CA GLN A 354 4.95 52.26 -3.27
C GLN A 354 5.58 51.56 -4.46
N MET A 355 4.88 51.49 -5.60
CA MET A 355 5.40 50.83 -6.78
C MET A 355 6.17 51.76 -7.71
N TRP A 356 6.24 53.05 -7.40
CA TRP A 356 6.94 53.98 -8.25
C TRP A 356 8.44 53.68 -8.29
N ILE A 357 9.05 53.88 -9.46
CA ILE A 357 10.49 53.82 -9.60
C ILE A 357 11.01 55.22 -9.31
N THR A 358 11.50 55.43 -8.10
CA THR A 358 11.94 56.75 -7.70
C THR A 358 13.27 57.10 -8.37
N LYS A 359 13.57 58.40 -8.42
CA LYS A 359 14.80 58.85 -9.05
C LYS A 359 16.03 58.32 -8.33
N GLN A 360 15.97 58.18 -7.00
CA GLN A 360 17.10 57.64 -6.26
C GLN A 360 17.42 56.22 -6.69
N GLU A 361 16.40 55.39 -6.87
CA GLU A 361 16.63 54.01 -7.31
C GLU A 361 17.25 53.96 -8.69
N TYR A 362 16.79 54.83 -9.60
CA TYR A 362 17.42 54.89 -10.92
C TYR A 362 18.87 55.34 -10.83
N ASP A 363 19.15 56.31 -9.97
CA ASP A 363 20.52 56.80 -9.81
C ASP A 363 21.43 55.70 -9.29
N GLU A 364 20.95 54.90 -8.33
CA GLU A 364 21.81 53.90 -7.73
C GLU A 364 21.90 52.60 -8.53
N ALA A 365 20.86 52.27 -9.30
CA ALA A 365 20.81 50.99 -9.99
C ALA A 365 20.85 51.10 -11.50
N GLY A 366 20.69 52.30 -12.07
CA GLY A 366 20.70 52.46 -13.50
C GLY A 366 19.37 52.07 -14.13
N PRO A 367 19.30 52.15 -15.46
CA PRO A 367 18.03 51.81 -16.15
C PRO A 367 17.58 50.38 -15.94
N SER A 368 18.49 49.45 -15.66
CA SER A 368 18.13 48.05 -15.50
C SER A 368 17.12 47.83 -14.38
N ILE A 369 16.98 48.78 -13.45
CA ILE A 369 15.99 48.66 -12.40
C ILE A 369 14.59 48.50 -12.98
N VAL A 370 14.34 49.01 -14.18
CA VAL A 370 13.02 48.88 -14.78
C VAL A 370 12.66 47.44 -15.09
N HIS A 371 13.62 46.53 -15.07
CA HIS A 371 13.34 45.12 -15.29
C HIS A 371 13.16 44.37 -13.98
N ARG A 372 13.30 45.04 -12.84
CA ARG A 372 13.08 44.42 -11.54
C ARG A 372 11.86 44.96 -10.81
N LYS A 373 11.39 46.15 -11.16
CA LYS A 373 10.25 46.76 -10.49
C LYS A 373 9.01 46.85 -11.36
N CYS A 374 9.12 46.60 -12.66
CA CYS A 374 8.00 46.67 -13.58
C CYS A 374 7.83 45.33 -14.27
N PHE A 375 6.58 44.89 -14.40
CA PHE A 375 6.28 43.67 -15.13
C PHE A 375 6.38 43.89 -16.63
N ASP B 3 21.01 -13.25 -46.43
CA ASP B 3 20.16 -14.41 -46.22
C ASP B 3 18.72 -13.98 -46.01
N GLU B 4 18.33 -13.82 -44.75
CA GLU B 4 16.98 -13.37 -44.44
C GLU B 4 16.79 -11.93 -44.89
N THR B 5 15.57 -11.59 -45.28
CA THR B 5 15.25 -10.22 -45.65
C THR B 5 15.45 -9.30 -44.46
N THR B 6 16.25 -8.26 -44.64
CA THR B 6 16.53 -7.33 -43.57
C THR B 6 15.26 -6.56 -43.20
N ALA B 7 15.17 -6.18 -41.94
CA ALA B 7 14.03 -5.46 -41.42
C ALA B 7 14.26 -3.96 -41.52
N LEU B 8 13.17 -3.21 -41.60
CA LEU B 8 13.24 -1.76 -41.63
C LEU B 8 13.04 -1.20 -40.23
N VAL B 9 13.93 -0.30 -39.84
CA VAL B 9 13.84 0.38 -38.56
C VAL B 9 13.50 1.83 -38.85
N CYS B 10 12.31 2.25 -38.44
CA CYS B 10 11.81 3.60 -38.71
C CYS B 10 11.40 4.24 -37.40
N ASP B 11 12.26 5.10 -36.87
CA ASP B 11 11.96 5.89 -35.67
C ASP B 11 11.27 7.17 -36.15
N ASN B 12 9.96 7.23 -35.93
CA ASN B 12 9.17 8.41 -36.25
C ASN B 12 9.12 9.27 -35.00
N GLY B 13 10.12 10.13 -34.85
CA GLY B 13 10.12 11.06 -33.75
C GLY B 13 9.18 12.22 -33.98
N SER B 14 9.02 13.04 -32.94
CA SER B 14 8.16 14.21 -33.07
C SER B 14 8.73 15.21 -34.06
N GLY B 15 10.05 15.27 -34.18
CA GLY B 15 10.67 16.28 -35.02
C GLY B 15 11.45 15.74 -36.21
N LEU B 16 12.02 14.55 -36.08
CA LEU B 16 12.83 13.96 -37.13
C LEU B 16 12.36 12.54 -37.40
N VAL B 17 12.49 12.10 -38.65
CA VAL B 17 12.29 10.72 -39.03
C VAL B 17 13.66 10.13 -39.30
N LYS B 18 13.99 9.05 -38.60
CA LYS B 18 15.23 8.31 -38.79
C LYS B 18 14.89 6.91 -39.26
N ALA B 19 15.18 6.61 -40.52
CA ALA B 19 14.84 5.32 -41.10
C ALA B 19 16.08 4.67 -41.67
N GLY B 20 16.09 3.34 -41.62
CA GLY B 20 17.20 2.59 -42.16
C GLY B 20 16.91 1.11 -42.15
N PHE B 21 17.95 0.34 -42.46
CA PHE B 21 17.84 -1.12 -42.50
C PHE B 21 18.49 -1.72 -41.26
N ALA B 22 17.94 -2.84 -40.82
CA ALA B 22 18.51 -3.55 -39.69
C ALA B 22 19.93 -4.00 -40.00
N GLY B 23 20.82 -3.87 -39.01
CA GLY B 23 22.21 -4.26 -39.15
C GLY B 23 23.13 -3.08 -39.45
N ASP B 24 22.59 -2.02 -40.02
CA ASP B 24 23.39 -0.83 -40.27
C ASP B 24 23.61 -0.07 -38.97
N ASP B 25 24.74 0.63 -38.90
CA ASP B 25 25.13 1.34 -37.69
C ASP B 25 24.68 2.79 -37.67
N ALA B 26 24.00 3.25 -38.72
CA ALA B 26 23.53 4.63 -38.78
C ALA B 26 22.29 4.67 -39.66
N PRO B 27 21.32 5.52 -39.33
CA PRO B 27 20.13 5.61 -40.18
C PRO B 27 20.49 6.07 -41.57
N ARG B 28 19.86 5.45 -42.57
CA ARG B 28 20.13 5.83 -43.95
C ARG B 28 19.44 7.13 -44.33
N ALA B 29 18.28 7.42 -43.75
CA ALA B 29 17.52 8.62 -44.08
C ALA B 29 17.09 9.31 -42.80
N VAL B 30 17.65 10.49 -42.55
CA VAL B 30 17.27 11.31 -41.42
C VAL B 30 16.77 12.63 -41.99
N PHE B 31 15.49 12.90 -41.83
CA PHE B 31 14.95 14.13 -42.40
C PHE B 31 13.83 14.65 -41.52
N PRO B 32 13.56 15.95 -41.54
CA PRO B 32 12.48 16.51 -40.70
C PRO B 32 11.14 15.94 -41.10
N SER B 33 10.29 15.72 -40.09
CA SER B 33 8.95 15.17 -40.31
C SER B 33 7.94 16.31 -40.40
N ILE B 34 7.99 17.01 -41.53
CA ILE B 34 7.10 18.13 -41.78
C ILE B 34 6.43 17.93 -43.13
N VAL B 35 5.22 18.46 -43.25
CA VAL B 35 4.49 18.51 -44.52
C VAL B 35 4.14 19.96 -44.77
N GLY B 36 4.63 20.51 -45.87
CA GLY B 36 4.44 21.91 -46.20
C GLY B 36 3.47 22.07 -47.36
N ARG B 37 2.65 23.11 -47.29
CA ARG B 37 1.72 23.43 -48.35
C ARG B 37 1.85 24.89 -48.71
N PRO B 38 1.82 25.24 -50.00
CA PRO B 38 1.98 26.64 -50.38
C PRO B 38 0.86 27.50 -49.82
N ARG B 39 1.23 28.70 -49.36
CA ARG B 39 0.29 29.65 -48.80
C ARG B 39 0.15 30.90 -49.65
N HIS B 40 0.63 30.87 -50.88
CA HIS B 40 0.53 31.98 -51.81
C HIS B 40 -0.14 31.50 -53.09
N GLN B 41 -0.18 32.38 -54.08
CA GLN B 41 -0.83 32.10 -55.35
C GLN B 41 0.21 31.81 -56.42
N GLY B 42 0.05 30.68 -57.11
CA GLY B 42 0.94 30.36 -58.21
C GLY B 42 0.60 31.17 -59.44
N VAL B 43 1.63 31.69 -60.11
CA VAL B 43 1.43 32.57 -61.25
C VAL B 43 2.10 32.09 -62.52
N MET B 44 3.11 31.24 -62.47
CA MET B 44 3.78 30.75 -63.67
C MET B 44 3.44 29.27 -63.85
N VAL B 45 3.18 28.88 -65.10
CA VAL B 45 2.72 27.52 -65.38
C VAL B 45 3.84 26.52 -65.13
N GLY B 46 5.08 26.88 -65.46
CA GLY B 46 6.16 25.92 -65.40
C GLY B 46 6.42 25.37 -64.00
N MET B 47 6.40 26.24 -63.00
CA MET B 47 6.73 25.86 -61.64
C MET B 47 5.57 26.18 -60.72
N GLY B 48 5.71 25.79 -59.45
CA GLY B 48 4.72 26.09 -58.44
C GLY B 48 3.37 25.44 -58.66
N GLN B 49 3.36 24.13 -58.96
CA GLN B 49 2.12 23.39 -59.10
C GLN B 49 2.00 22.22 -58.13
N LYS B 50 3.09 21.79 -57.50
CA LYS B 50 3.03 20.71 -56.53
C LYS B 50 2.14 21.08 -55.36
N ASP B 51 1.40 20.09 -54.86
CA ASP B 51 0.40 20.34 -53.81
C ASP B 51 1.01 20.36 -52.42
N SER B 52 1.90 19.41 -52.10
CA SER B 52 2.49 19.34 -50.78
C SER B 52 3.93 18.87 -50.88
N TYR B 53 4.75 19.35 -49.96
CA TYR B 53 6.16 19.01 -49.92
C TYR B 53 6.47 18.34 -48.58
N VAL B 54 7.29 17.30 -48.62
CA VAL B 54 7.56 16.47 -47.46
C VAL B 54 9.06 16.41 -47.23
N GLY B 55 9.47 16.57 -45.98
CA GLY B 55 10.86 16.33 -45.60
C GLY B 55 11.76 17.46 -46.03
N ASP B 56 12.94 17.11 -46.53
CA ASP B 56 13.93 18.12 -46.88
C ASP B 56 13.46 19.03 -48.00
N GLU B 57 12.58 18.53 -48.87
CA GLU B 57 12.05 19.38 -49.94
C GLU B 57 11.29 20.56 -49.37
N ALA B 58 10.48 20.33 -48.33
CA ALA B 58 9.80 21.44 -47.67
C ALA B 58 10.77 22.31 -46.90
N GLN B 59 11.83 21.71 -46.33
CA GLN B 59 12.82 22.49 -45.61
C GLN B 59 13.61 23.41 -46.55
N SER B 60 13.68 23.07 -47.83
CA SER B 60 14.35 23.94 -48.79
C SER B 60 13.44 25.01 -49.36
N LYS B 61 12.12 24.90 -49.15
CA LYS B 61 11.16 25.82 -49.72
C LYS B 61 10.28 26.48 -48.66
N ARG B 62 10.80 26.65 -47.44
CA ARG B 62 9.99 27.19 -46.36
C ARG B 62 9.52 28.61 -46.61
N GLY B 63 10.12 29.33 -47.56
CA GLY B 63 9.73 30.70 -47.82
C GLY B 63 8.28 30.84 -48.23
N ILE B 64 7.76 29.87 -48.97
CA ILE B 64 6.41 29.96 -49.51
C ILE B 64 5.53 28.82 -49.00
N LEU B 65 5.90 28.19 -47.89
CA LEU B 65 5.18 27.04 -47.39
C LEU B 65 4.71 27.27 -45.97
N THR B 66 3.64 26.57 -45.61
CA THR B 66 3.18 26.49 -44.22
C THR B 66 3.56 25.11 -43.70
N LEU B 67 4.53 25.07 -42.79
CA LEU B 67 5.05 23.81 -42.28
C LEU B 67 4.22 23.35 -41.09
N LYS B 68 3.82 22.07 -41.12
CA LYS B 68 3.05 21.48 -40.04
C LYS B 68 3.65 20.14 -39.66
N TYR B 69 3.79 19.91 -38.36
CA TYR B 69 4.28 18.64 -37.86
C TYR B 69 3.08 17.71 -37.62
N PRO B 70 2.97 16.59 -38.34
CA PRO B 70 1.85 15.68 -38.08
C PRO B 70 1.92 15.01 -36.73
N ILE B 71 3.07 15.02 -36.06
CA ILE B 71 3.22 14.42 -34.74
C ILE B 71 3.44 15.53 -33.74
N GLU B 72 2.58 15.59 -32.72
CA GLU B 72 2.69 16.58 -31.67
C GLU B 72 2.68 15.90 -30.32
N HIC B 73 3.73 16.12 -29.55
CA HIC B 73 3.91 15.47 -28.25
C HIC B 73 3.83 13.96 -28.38
O HIC B 73 3.22 13.29 -27.55
CB HIC B 73 2.87 15.98 -27.25
CG HIC B 73 3.07 17.40 -26.89
ND1 HIC B 73 4.26 17.86 -26.41
CD2 HIC B 73 2.18 18.42 -26.98
CE1 HIC B 73 4.09 19.14 -26.21
NE2 HIC B 73 2.84 19.54 -26.53
CZ HIC B 73 2.32 20.87 -26.43
N GLY B 74 4.46 13.42 -29.42
CA GLY B 74 4.53 11.98 -29.61
C GLY B 74 3.23 11.34 -30.06
N ILE B 75 2.18 12.14 -30.20
CA ILE B 75 0.87 11.66 -30.60
C ILE B 75 0.60 12.14 -32.02
N ILE B 76 0.31 11.21 -32.91
CA ILE B 76 0.05 11.55 -34.30
C ILE B 76 -1.34 12.17 -34.40
N THR B 77 -1.40 13.43 -34.84
CA THR B 77 -2.67 14.15 -34.92
C THR B 77 -3.24 14.21 -36.32
N ASN B 78 -2.40 14.30 -37.35
CA ASN B 78 -2.85 14.36 -38.73
C ASN B 78 -2.42 13.06 -39.40
N TRP B 79 -3.38 12.15 -39.60
CA TRP B 79 -3.03 10.84 -40.13
C TRP B 79 -2.76 10.85 -41.62
N ASP B 80 -3.43 11.72 -42.37
CA ASP B 80 -3.10 11.86 -43.79
C ASP B 80 -1.68 12.35 -43.97
N ASP B 81 -1.28 13.36 -43.21
CA ASP B 81 0.09 13.86 -43.28
C ASP B 81 1.11 12.83 -42.86
N MET B 82 0.82 12.07 -41.79
CA MET B 82 1.76 11.06 -41.33
C MET B 82 1.88 9.94 -42.35
N GLU B 83 0.78 9.55 -42.98
CA GLU B 83 0.84 8.57 -44.06
C GLU B 83 1.66 9.08 -45.22
N LYS B 84 1.50 10.35 -45.57
CA LYS B 84 2.32 10.95 -46.62
C LYS B 84 3.80 10.89 -46.27
N ILE B 85 4.12 11.19 -45.01
CA ILE B 85 5.52 11.13 -44.57
C ILE B 85 6.06 9.72 -44.65
N TRP B 86 5.28 8.72 -44.23
CA TRP B 86 5.72 7.34 -44.34
C TRP B 86 5.94 6.93 -45.79
N HIS B 87 5.04 7.36 -46.69
CA HIS B 87 5.24 7.08 -48.10
C HIS B 87 6.52 7.71 -48.62
N HIS B 88 6.78 8.95 -48.24
CA HIS B 88 8.03 9.60 -48.64
C HIS B 88 9.23 8.86 -48.10
N THR B 89 9.14 8.35 -46.87
CA THR B 89 10.23 7.59 -46.28
C THR B 89 10.50 6.31 -47.08
N PHE B 90 9.45 5.56 -47.38
CA PHE B 90 9.64 4.26 -48.00
C PHE B 90 10.05 4.38 -49.46
N TYR B 91 9.40 5.25 -50.23
CA TYR B 91 9.59 5.23 -51.68
C TYR B 91 10.62 6.24 -52.17
N ASN B 92 10.85 7.33 -51.45
CA ASN B 92 11.78 8.35 -51.92
C ASN B 92 13.11 8.32 -51.18
N GLU B 93 13.08 8.18 -49.85
CA GLU B 93 14.31 8.18 -49.08
C GLU B 93 14.96 6.80 -49.08
N LEU B 94 14.24 5.79 -48.59
CA LEU B 94 14.77 4.44 -48.58
C LEU B 94 14.67 3.74 -49.94
N ARG B 95 13.64 4.07 -50.73
CA ARG B 95 13.44 3.52 -52.06
C ARG B 95 13.39 2.00 -52.03
N VAL B 96 12.49 1.49 -51.19
CA VAL B 96 12.28 0.06 -51.04
C VAL B 96 10.78 -0.22 -51.01
N ALA B 97 10.44 -1.49 -51.23
CA ALA B 97 9.05 -1.92 -51.15
C ALA B 97 8.74 -2.31 -49.72
N PRO B 98 7.82 -1.65 -49.03
CA PRO B 98 7.53 -2.02 -47.64
C PRO B 98 6.87 -3.37 -47.50
N GLU B 99 6.33 -3.94 -48.58
CA GLU B 99 5.60 -5.20 -48.49
C GLU B 99 6.49 -6.42 -48.47
N GLU B 100 7.82 -6.24 -48.54
CA GLU B 100 8.74 -7.36 -48.45
C GLU B 100 9.67 -7.29 -47.24
N HIS B 101 9.65 -6.21 -46.48
CA HIS B 101 10.47 -6.07 -45.29
C HIS B 101 9.59 -5.85 -44.07
N PRO B 102 9.77 -6.62 -43.00
CA PRO B 102 9.12 -6.28 -41.73
C PRO B 102 9.61 -4.94 -41.23
N THR B 103 8.72 -4.18 -40.60
CA THR B 103 8.99 -2.82 -40.19
C THR B 103 8.92 -2.72 -38.67
N LEU B 104 9.96 -2.15 -38.07
CA LEU B 104 9.98 -1.91 -36.64
C LEU B 104 9.72 -0.43 -36.38
N LEU B 105 8.67 -0.13 -35.64
CA LEU B 105 8.28 1.24 -35.32
C LEU B 105 8.50 1.51 -33.84
N THR B 106 8.59 2.78 -33.50
CA THR B 106 8.84 3.20 -32.13
C THR B 106 7.70 4.08 -31.64
N GLU B 107 7.58 4.17 -30.32
CA GLU B 107 6.53 4.97 -29.69
C GLU B 107 6.96 5.33 -28.29
N ALA B 108 6.55 6.51 -27.85
CA ALA B 108 6.79 6.93 -26.48
C ALA B 108 5.88 6.15 -25.54
N PRO B 109 6.32 5.90 -24.30
CA PRO B 109 5.45 5.23 -23.34
C PRO B 109 4.29 6.12 -22.92
N LEU B 110 3.24 5.46 -22.43
CA LEU B 110 2.03 6.14 -21.97
C LEU B 110 1.35 6.93 -23.10
N ASN B 111 1.42 6.42 -24.30
CA ASN B 111 0.73 7.02 -25.43
C ASN B 111 -0.68 6.46 -25.55
N PRO B 112 -1.58 7.19 -26.19
CA PRO B 112 -2.94 6.68 -26.39
C PRO B 112 -2.93 5.39 -27.19
N LYS B 113 -3.84 4.48 -26.83
CA LYS B 113 -3.90 3.19 -27.52
C LYS B 113 -4.34 3.34 -28.96
N ALA B 114 -5.24 4.29 -29.25
CA ALA B 114 -5.69 4.51 -30.61
C ALA B 114 -4.54 4.89 -31.53
N ASN B 115 -3.54 5.60 -31.02
CA ASN B 115 -2.38 5.93 -31.85
C ASN B 115 -1.68 4.66 -32.34
N ARG B 116 -1.40 3.73 -31.42
CA ARG B 116 -0.73 2.50 -31.79
C ARG B 116 -1.59 1.63 -32.70
N GLU B 117 -2.90 1.55 -32.43
CA GLU B 117 -3.77 0.77 -33.29
C GLU B 117 -3.84 1.36 -34.70
N LYS B 118 -3.93 2.68 -34.82
CA LYS B 118 -3.96 3.29 -36.13
C LYS B 118 -2.65 3.09 -36.87
N MET B 119 -1.52 3.16 -36.15
CA MET B 119 -0.24 2.86 -36.78
C MET B 119 -0.22 1.45 -37.33
N THR B 120 -0.71 0.48 -36.54
CA THR B 120 -0.75 -0.89 -37.01
C THR B 120 -1.65 -1.04 -38.24
N GLN B 121 -2.83 -0.43 -38.20
CA GLN B 121 -3.76 -0.57 -39.31
C GLN B 121 -3.21 0.06 -40.58
N ILE B 122 -2.53 1.21 -40.46
CA ILE B 122 -1.91 1.82 -41.62
C ILE B 122 -0.78 0.95 -42.16
N MET B 123 0.04 0.40 -41.27
CA MET B 123 1.13 -0.45 -41.73
C MET B 123 0.61 -1.70 -42.45
N PHE B 124 -0.52 -2.25 -42.01
CA PHE B 124 -1.00 -3.50 -42.58
C PHE B 124 -1.95 -3.34 -43.75
N GLU B 125 -2.76 -2.28 -43.77
CA GLU B 125 -3.76 -2.12 -44.82
C GLU B 125 -3.40 -1.09 -45.87
N THR B 126 -2.50 -0.16 -45.57
CA THR B 126 -2.05 0.82 -46.56
C THR B 126 -0.73 0.44 -47.20
N PHE B 127 0.25 0.06 -46.40
CA PHE B 127 1.55 -0.34 -46.92
C PHE B 127 1.69 -1.84 -47.07
N ASN B 128 0.84 -2.63 -46.42
CA ASN B 128 0.79 -4.08 -46.60
C ASN B 128 2.13 -4.73 -46.27
N VAL B 129 2.69 -4.35 -45.12
CA VAL B 129 3.96 -4.92 -44.66
C VAL B 129 3.75 -6.38 -44.28
N PRO B 130 4.78 -7.23 -44.36
CA PRO B 130 4.61 -8.61 -43.91
C PRO B 130 4.38 -8.71 -42.41
N ALA B 131 5.10 -7.92 -41.63
CA ALA B 131 4.97 -7.92 -40.18
C ALA B 131 5.44 -6.57 -39.66
N MET B 132 5.09 -6.28 -38.41
CA MET B 132 5.44 -5.01 -37.81
C MET B 132 5.44 -5.16 -36.30
N TYR B 133 6.09 -4.20 -35.63
CA TYR B 133 6.24 -4.24 -34.19
C TYR B 133 6.47 -2.83 -33.69
N VAL B 134 5.84 -2.48 -32.57
CA VAL B 134 6.01 -1.18 -31.94
C VAL B 134 6.81 -1.39 -30.67
N ALA B 135 8.01 -0.83 -30.65
CA ALA B 135 8.87 -0.89 -29.47
C ALA B 135 8.85 0.42 -28.72
N ILE B 136 9.20 0.37 -27.45
CA ILE B 136 9.31 1.55 -26.62
C ILE B 136 10.70 2.14 -26.81
N GLN B 137 10.77 3.46 -27.03
CA GLN B 137 12.02 4.08 -27.44
C GLN B 137 13.10 3.94 -26.38
N ALA B 138 12.73 3.99 -25.10
CA ALA B 138 13.72 3.88 -24.04
C ALA B 138 14.38 2.50 -24.01
N VAL B 139 13.61 1.44 -24.27
CA VAL B 139 14.19 0.11 -24.32
C VAL B 139 15.21 0.01 -25.44
N LEU B 140 14.89 0.55 -26.61
CA LEU B 140 15.84 0.55 -27.72
C LEU B 140 17.08 1.36 -27.36
N SER B 141 16.89 2.51 -26.69
CA SER B 141 18.03 3.30 -26.26
C SER B 141 18.93 2.52 -25.32
N LEU B 142 18.35 1.74 -24.42
CA LEU B 142 19.16 0.86 -23.57
C LEU B 142 19.87 -0.21 -24.36
N TYR B 143 19.20 -0.76 -25.38
CA TYR B 143 19.86 -1.73 -26.26
C TYR B 143 21.11 -1.12 -26.90
N ALA B 144 21.00 0.12 -27.37
CA ALA B 144 22.10 0.74 -28.10
C ALA B 144 23.34 0.92 -27.21
N SER B 145 23.14 1.07 -25.91
CA SER B 145 24.25 1.27 -24.99
C SER B 145 24.89 -0.03 -24.53
N GLY B 146 24.38 -1.17 -24.97
CA GLY B 146 24.93 -2.45 -24.57
C GLY B 146 24.80 -2.73 -23.09
N ARG B 147 23.65 -2.38 -22.51
CA ARG B 147 23.40 -2.62 -21.09
C ARG B 147 22.05 -3.31 -20.94
N THR B 148 21.84 -3.89 -19.75
CA THR B 148 20.55 -4.43 -19.37
C THR B 148 19.94 -3.74 -18.18
N THR B 149 20.67 -2.85 -17.51
CA THR B 149 20.19 -2.15 -16.34
C THR B 149 20.51 -0.67 -16.47
N GLY B 150 19.55 0.16 -16.13
CA GLY B 150 19.73 1.59 -16.18
C GLY B 150 18.40 2.29 -16.30
N ILE B 151 18.42 3.59 -16.00
CA ILE B 151 17.25 4.43 -16.16
C ILE B 151 17.46 5.31 -17.38
N VAL B 152 16.68 5.09 -18.42
CA VAL B 152 16.83 5.79 -19.68
C VAL B 152 16.05 7.10 -19.63
N LEU B 153 16.73 8.21 -19.88
CA LEU B 153 16.10 9.51 -20.05
C LEU B 153 16.14 9.85 -21.52
N ASP B 154 15.03 9.61 -22.21
CA ASP B 154 14.93 9.89 -23.64
C ASP B 154 14.18 11.19 -23.83
N SER B 155 14.86 12.19 -24.39
CA SER B 155 14.27 13.50 -24.63
C SER B 155 14.40 13.81 -26.11
N GLY B 156 13.29 13.74 -26.84
CA GLY B 156 13.31 13.99 -28.25
C GLY B 156 12.84 15.39 -28.61
N ASP B 157 11.90 15.48 -29.54
CA ASP B 157 11.35 16.76 -29.94
C ASP B 157 10.02 17.09 -29.27
N GLY B 158 9.23 16.08 -28.93
CA GLY B 158 7.94 16.33 -28.33
C GLY B 158 7.74 15.71 -26.96
N VAL B 159 8.43 14.62 -26.67
CA VAL B 159 8.24 13.87 -25.43
C VAL B 159 9.57 13.66 -24.74
N THR B 160 9.59 13.85 -23.43
CA THR B 160 10.69 13.42 -22.57
C THR B 160 10.16 12.33 -21.65
N HIS B 161 10.89 11.24 -21.50
CA HIS B 161 10.42 10.17 -20.64
C HIS B 161 11.57 9.44 -19.98
N ASN B 162 11.33 9.07 -18.72
CA ASN B 162 12.25 8.28 -17.92
C ASN B 162 11.67 6.89 -17.77
N VAL B 163 12.44 5.88 -18.17
CA VAL B 163 12.05 4.49 -18.01
C VAL B 163 13.16 3.73 -17.30
N PRO B 164 12.93 3.23 -16.09
CA PRO B 164 13.95 2.43 -15.42
C PRO B 164 13.79 0.95 -15.76
N ILE B 165 14.91 0.28 -16.00
CA ILE B 165 14.94 -1.13 -16.31
C ILE B 165 16.04 -1.78 -15.49
N TYR B 166 15.74 -2.94 -14.90
CA TYR B 166 16.71 -3.67 -14.10
C TYR B 166 16.77 -5.11 -14.57
N GLU B 167 17.93 -5.52 -15.06
CA GLU B 167 18.16 -6.89 -15.53
C GLU B 167 17.12 -7.31 -16.56
N GLY B 168 16.78 -6.39 -17.46
CA GLY B 168 15.83 -6.69 -18.49
C GLY B 168 14.37 -6.57 -18.11
N TYR B 169 14.08 -6.16 -16.88
CA TYR B 169 12.71 -5.98 -16.44
C TYR B 169 12.39 -4.50 -16.30
N ALA B 170 11.31 -4.06 -16.94
CA ALA B 170 10.87 -2.68 -16.84
C ALA B 170 9.94 -2.53 -15.64
N LEU B 171 9.91 -1.32 -15.09
CA LEU B 171 9.09 -0.99 -13.93
C LEU B 171 8.03 0.00 -14.39
N PRO B 172 6.91 -0.48 -14.94
CA PRO B 172 5.94 0.44 -15.55
C PRO B 172 5.39 1.47 -14.58
N HIS B 173 5.24 1.15 -13.30
CA HIS B 173 4.72 2.11 -12.36
C HIS B 173 5.70 3.27 -12.12
N ALA B 174 6.98 3.07 -12.44
CA ALA B 174 7.99 4.09 -12.25
C ALA B 174 8.28 4.90 -13.51
N ILE B 175 7.53 4.65 -14.58
CA ILE B 175 7.74 5.37 -15.83
C ILE B 175 7.24 6.80 -15.67
N MET B 176 8.08 7.76 -16.02
CA MET B 176 7.71 9.17 -15.97
C MET B 176 7.66 9.74 -17.38
N ARG B 177 6.64 10.54 -17.65
CA ARG B 177 6.52 11.21 -18.93
C ARG B 177 6.25 12.69 -18.72
N LEU B 178 7.03 13.51 -19.42
CA LEU B 178 6.93 14.96 -19.35
C LEU B 178 6.88 15.49 -20.77
N ASP B 179 5.89 16.34 -21.06
CA ASP B 179 5.71 16.82 -22.42
C ASP B 179 6.71 17.89 -22.81
N LEU B 180 7.50 18.41 -21.87
CA LEU B 180 8.55 19.36 -22.21
C LEU B 180 9.62 18.69 -23.04
N ALA B 181 9.97 19.29 -24.17
CA ALA B 181 10.94 18.69 -25.08
C ALA B 181 11.52 19.79 -25.97
N GLY B 182 12.16 19.37 -27.06
CA GLY B 182 12.88 20.32 -27.90
C GLY B 182 11.98 21.39 -28.50
N ARG B 183 10.78 21.01 -28.93
CA ARG B 183 9.90 21.98 -29.57
C ARG B 183 9.46 23.06 -28.59
N ASP B 184 9.19 22.69 -27.35
CA ASP B 184 8.88 23.70 -26.33
C ASP B 184 10.07 24.61 -26.10
N LEU B 185 11.28 24.04 -26.13
CA LEU B 185 12.48 24.86 -26.01
C LEU B 185 12.58 25.86 -27.17
N THR B 186 12.24 25.42 -28.38
CA THR B 186 12.27 26.31 -29.52
C THR B 186 11.27 27.45 -29.38
N ASP B 187 10.06 27.12 -28.93
CA ASP B 187 9.06 28.16 -28.72
C ASP B 187 9.50 29.14 -27.65
N TYR B 188 10.05 28.65 -26.54
CA TYR B 188 10.55 29.55 -25.52
C TYR B 188 11.71 30.39 -26.02
N LEU B 189 12.55 29.82 -26.88
CA LEU B 189 13.65 30.60 -27.47
C LEU B 189 13.11 31.71 -28.35
N MET B 190 12.05 31.45 -29.12
CA MET B 190 11.42 32.51 -29.88
C MET B 190 10.91 33.61 -28.95
N LYS B 191 10.23 33.20 -27.88
CA LYS B 191 9.65 34.17 -26.95
C LYS B 191 10.73 35.04 -26.33
N ILE B 192 11.86 34.45 -25.93
CA ILE B 192 12.91 35.23 -25.30
C ILE B 192 13.80 35.96 -26.30
N LEU B 193 13.82 35.51 -27.55
CA LEU B 193 14.50 36.27 -28.59
C LEU B 193 13.73 37.53 -28.95
N THR B 194 12.42 37.53 -28.74
CA THR B 194 11.69 38.78 -28.90
C THR B 194 12.17 39.85 -27.93
N GLU B 195 12.87 39.48 -26.85
CA GLU B 195 13.37 40.46 -25.90
C GLU B 195 14.44 41.36 -26.50
N ARG B 196 15.20 40.86 -27.48
CA ARG B 196 16.24 41.64 -28.12
C ARG B 196 15.78 42.33 -29.39
N GLY B 197 14.51 42.21 -29.75
CA GLY B 197 14.00 42.83 -30.93
C GLY B 197 13.96 41.95 -32.17
N TYR B 198 14.26 40.67 -32.02
CA TYR B 198 14.17 39.74 -33.14
C TYR B 198 12.80 39.08 -33.11
N SER B 199 12.04 39.27 -34.19
CA SER B 199 10.66 38.79 -34.26
C SER B 199 10.60 37.62 -35.23
N PHE B 200 10.47 36.42 -34.68
CA PHE B 200 10.26 35.21 -35.46
C PHE B 200 8.86 34.71 -35.18
N VAL B 201 8.03 34.65 -36.23
CA VAL B 201 6.61 34.34 -36.10
C VAL B 201 6.23 33.13 -36.95
N THR B 202 6.55 33.17 -38.24
CA THR B 202 6.13 32.12 -39.15
C THR B 202 6.85 30.80 -38.84
N THR B 203 6.31 29.72 -39.40
CA THR B 203 6.89 28.40 -39.18
C THR B 203 8.31 28.30 -39.72
N ALA B 204 8.59 28.96 -40.85
CA ALA B 204 9.96 29.01 -41.34
C ALA B 204 10.88 29.69 -40.35
N GLU B 205 10.41 30.78 -39.74
CA GLU B 205 11.18 31.41 -38.68
C GLU B 205 11.32 30.50 -37.47
N ARG B 206 10.33 29.63 -37.23
CA ARG B 206 10.50 28.63 -36.19
C ARG B 206 11.63 27.66 -36.52
N GLU B 207 11.74 27.25 -37.79
CA GLU B 207 12.87 26.41 -38.18
C GLU B 207 14.19 27.15 -38.01
N ILE B 208 14.23 28.43 -38.33
CA ILE B 208 15.44 29.21 -38.15
C ILE B 208 15.82 29.26 -36.67
N VAL B 209 14.84 29.47 -35.80
CA VAL B 209 15.12 29.51 -34.37
C VAL B 209 15.57 28.14 -33.87
N ARG B 210 15.00 27.07 -34.42
CA ARG B 210 15.46 25.72 -34.06
C ARG B 210 16.94 25.54 -34.43
N ASP B 211 17.32 26.02 -35.61
CA ASP B 211 18.72 25.95 -36.00
C ASP B 211 19.60 26.76 -35.06
N ILE B 212 19.15 27.95 -34.67
CA ILE B 212 19.89 28.76 -33.71
C ILE B 212 20.08 28.00 -32.41
N LYS B 213 19.00 27.37 -31.93
CA LYS B 213 19.07 26.60 -30.70
C LYS B 213 20.07 25.46 -30.81
N GLU B 214 20.05 24.72 -31.92
CA GLU B 214 21.00 23.63 -32.09
C GLU B 214 22.43 24.13 -32.18
N LYS B 215 22.66 25.33 -32.72
CA LYS B 215 24.02 25.80 -32.95
C LYS B 215 24.64 26.51 -31.75
N LEU B 216 23.86 27.27 -30.99
CA LEU B 216 24.45 28.17 -30.00
C LEU B 216 24.05 27.90 -28.56
N CYS B 217 23.00 27.13 -28.30
CA CYS B 217 22.53 26.94 -26.94
C CYS B 217 23.36 25.88 -26.22
N TYR B 218 23.51 26.07 -24.91
CA TYR B 218 24.22 25.12 -24.06
C TYR B 218 23.64 25.21 -22.65
N VAL B 219 23.90 24.17 -21.86
CA VAL B 219 23.41 24.09 -20.50
C VAL B 219 24.48 24.60 -19.56
N ALA B 220 24.12 25.56 -18.71
CA ALA B 220 25.05 26.12 -17.75
C ALA B 220 25.22 25.21 -16.56
N LEU B 221 26.46 25.08 -16.07
CA LEU B 221 26.72 24.26 -14.90
C LEU B 221 26.03 24.85 -13.67
N ASP B 222 26.14 26.16 -13.49
CA ASP B 222 25.43 26.86 -12.41
C ASP B 222 24.69 28.03 -13.03
N PHE B 223 23.36 28.01 -12.94
CA PHE B 223 22.55 28.99 -13.66
C PHE B 223 22.77 30.40 -13.13
N GLU B 224 22.82 30.56 -11.81
CA GLU B 224 22.94 31.91 -11.25
C GLU B 224 24.30 32.52 -11.55
N ASN B 225 25.37 31.74 -11.39
CA ASN B 225 26.70 32.25 -11.72
C ASN B 225 26.80 32.59 -13.20
N GLU B 226 26.22 31.76 -14.06
CA GLU B 226 26.24 32.04 -15.49
C GLU B 226 25.47 33.32 -15.81
N MET B 227 24.32 33.51 -15.16
CA MET B 227 23.57 34.75 -15.37
C MET B 227 24.36 35.96 -14.91
N ALA B 228 25.03 35.87 -13.76
CA ALA B 228 25.85 36.98 -13.30
C ALA B 228 27.00 37.28 -14.25
N THR B 229 27.65 36.23 -14.75
CA THR B 229 28.75 36.42 -15.70
C THR B 229 28.25 37.07 -16.98
N ALA B 230 27.11 36.62 -17.49
CA ALA B 230 26.55 37.22 -18.70
C ALA B 230 26.15 38.67 -18.47
N ALA B 231 25.65 38.99 -17.27
CA ALA B 231 25.28 40.36 -16.96
C ALA B 231 26.48 41.27 -16.73
N SER B 232 27.64 40.71 -16.37
CA SER B 232 28.81 41.53 -16.14
C SER B 232 29.70 41.58 -17.38
N SER B 233 30.13 40.42 -17.85
CA SER B 233 31.01 40.35 -19.01
C SER B 233 30.18 40.25 -20.29
N SER B 234 30.88 40.35 -21.42
CA SER B 234 30.28 40.21 -22.74
C SER B 234 30.87 39.05 -23.51
N SER B 235 31.45 38.07 -22.80
CA SER B 235 32.12 36.95 -23.44
C SER B 235 31.16 35.85 -23.89
N LEU B 236 29.90 35.90 -23.50
CA LEU B 236 28.91 34.90 -23.88
C LEU B 236 28.10 35.32 -25.10
N GLU B 237 28.32 36.52 -25.62
CA GLU B 237 27.51 37.05 -26.74
C GLU B 237 28.01 36.40 -28.01
N LYS B 238 27.22 35.44 -28.51
CA LYS B 238 27.53 34.80 -29.77
C LYS B 238 26.73 35.43 -30.90
N SER B 239 27.29 35.37 -32.11
CA SER B 239 26.67 35.93 -33.29
C SER B 239 26.24 34.81 -34.23
N TYR B 240 25.12 35.05 -34.92
CA TYR B 240 24.56 34.08 -35.85
C TYR B 240 24.05 34.83 -37.07
N GLU B 241 24.30 34.29 -38.25
CA GLU B 241 23.91 34.94 -39.50
C GLU B 241 22.60 34.33 -40.00
N LEU B 242 21.59 35.17 -40.16
CA LEU B 242 20.30 34.73 -40.65
C LEU B 242 20.39 34.40 -42.14
N PRO B 243 19.42 33.66 -42.68
CA PRO B 243 19.50 33.29 -44.10
C PRO B 243 19.51 34.48 -45.04
N ASP B 244 19.03 35.65 -44.63
CA ASP B 244 19.01 36.82 -45.49
C ASP B 244 20.23 37.70 -45.29
N GLY B 245 21.19 37.28 -44.48
CA GLY B 245 22.41 38.02 -44.26
C GLY B 245 22.44 38.84 -42.99
N GLN B 246 21.29 39.06 -42.35
CA GLN B 246 21.28 39.80 -41.09
C GLN B 246 21.97 39.00 -40.00
N VAL B 247 22.69 39.70 -39.13
CA VAL B 247 23.46 39.08 -38.05
C VAL B 247 22.80 39.44 -36.74
N ILE B 248 22.48 38.43 -35.93
CA ILE B 248 21.91 38.62 -34.61
C ILE B 248 22.94 38.22 -33.58
N THR B 249 22.84 38.81 -32.40
CA THR B 249 23.75 38.54 -31.30
C THR B 249 22.93 38.18 -30.07
N ILE B 250 23.23 37.04 -29.47
CA ILE B 250 22.49 36.54 -28.31
C ILE B 250 23.46 36.33 -27.16
N GLY B 251 23.00 36.67 -25.96
CA GLY B 251 23.81 36.57 -24.76
C GLY B 251 23.38 35.45 -23.84
N ASN B 252 22.70 35.80 -22.75
CA ASN B 252 22.27 34.78 -21.79
C ASN B 252 21.24 33.82 -22.38
N GLU B 253 20.58 34.19 -23.47
CA GLU B 253 19.61 33.30 -24.10
C GLU B 253 20.24 31.99 -24.52
N ARG B 254 21.57 31.95 -24.68
CA ARG B 254 22.22 30.70 -25.02
C ARG B 254 22.03 29.65 -23.96
N PHE B 255 22.03 30.04 -22.69
CA PHE B 255 21.80 29.07 -21.62
C PHE B 255 20.46 29.24 -20.93
N ARG B 256 19.76 30.34 -21.17
CA ARG B 256 18.45 30.51 -20.57
C ARG B 256 17.39 29.64 -21.25
N CYS B 257 17.63 29.25 -22.50
CA CYS B 257 16.69 28.37 -23.18
C CYS B 257 16.78 26.93 -22.68
N PRO B 258 17.95 26.27 -22.70
CA PRO B 258 17.99 24.89 -22.21
C PRO B 258 17.67 24.76 -20.73
N GLU B 259 17.82 25.83 -19.96
CA GLU B 259 17.51 25.78 -18.54
C GLU B 259 16.06 25.40 -18.29
N THR B 260 15.19 25.60 -19.28
CA THR B 260 13.80 25.18 -19.14
C THR B 260 13.69 23.69 -18.83
N LEU B 261 14.63 22.89 -19.32
CA LEU B 261 14.61 21.46 -19.02
C LEU B 261 14.72 21.21 -17.53
N PHE B 262 15.44 22.06 -16.80
CA PHE B 262 15.59 21.90 -15.37
C PHE B 262 14.65 22.79 -14.57
N GLN B 263 14.07 23.81 -15.18
CA GLN B 263 13.07 24.66 -14.54
C GLN B 263 11.90 24.83 -15.50
N PRO B 264 10.99 23.86 -15.54
CA PRO B 264 9.83 23.98 -16.44
C PRO B 264 8.94 25.17 -16.14
N SER B 265 9.04 25.75 -14.94
CA SER B 265 8.22 26.92 -14.61
C SER B 265 8.52 28.09 -15.52
N PHE B 266 9.65 28.08 -16.22
CA PHE B 266 9.94 29.11 -17.20
C PHE B 266 8.87 29.16 -18.28
N ILE B 267 8.28 28.03 -18.63
CA ILE B 267 7.22 28.00 -19.63
C ILE B 267 5.87 27.71 -18.99
N GLY B 268 5.71 28.03 -17.71
CA GLY B 268 4.43 27.90 -17.06
C GLY B 268 4.02 26.50 -16.70
N MET B 269 4.91 25.52 -16.85
CA MET B 269 4.60 24.15 -16.47
C MET B 269 4.90 23.94 -15.00
N GLU B 270 4.01 23.23 -14.32
CA GLU B 270 4.15 22.99 -12.90
C GLU B 270 5.10 21.83 -12.59
N SER B 271 5.42 21.00 -13.57
CA SER B 271 6.22 19.82 -13.33
C SER B 271 7.63 20.20 -12.92
N ALA B 272 8.35 19.24 -12.36
CA ALA B 272 9.72 19.43 -11.95
C ALA B 272 10.67 19.17 -13.11
N GLY B 273 11.91 19.59 -12.95
CA GLY B 273 12.90 19.44 -14.00
C GLY B 273 13.23 17.99 -14.27
N ILE B 274 14.01 17.78 -15.34
CA ILE B 274 14.36 16.42 -15.72
C ILE B 274 15.16 15.72 -14.63
N HIS B 275 16.00 16.44 -13.90
CA HIS B 275 16.76 15.82 -12.81
C HIS B 275 15.83 15.31 -11.72
N GLU B 276 14.84 16.12 -11.33
CA GLU B 276 13.92 15.67 -10.28
C GLU B 276 13.03 14.55 -10.77
N THR B 277 12.63 14.56 -12.04
CA THR B 277 11.85 13.44 -12.56
C THR B 277 12.67 12.17 -12.56
N THR B 278 13.95 12.26 -12.94
CA THR B 278 14.82 11.08 -12.89
C THR B 278 14.97 10.58 -11.47
N TYR B 279 15.18 11.48 -10.51
CA TYR B 279 15.33 11.06 -9.13
C TYR B 279 14.05 10.44 -8.60
N ASN B 280 12.90 11.00 -8.95
CA ASN B 280 11.62 10.44 -8.51
C ASN B 280 11.36 9.08 -9.14
N SER B 281 11.71 8.91 -10.42
CA SER B 281 11.55 7.61 -11.05
C SER B 281 12.45 6.58 -10.39
N ILE B 282 13.66 6.97 -10.01
CA ILE B 282 14.51 6.05 -9.26
C ILE B 282 13.90 5.72 -7.91
N MET B 283 13.39 6.72 -7.21
CA MET B 283 12.85 6.50 -5.87
C MET B 283 11.55 5.70 -5.89
N LYS B 284 10.88 5.62 -7.03
CA LYS B 284 9.70 4.77 -7.13
C LYS B 284 10.07 3.31 -7.38
N CYS B 285 11.33 3.02 -7.63
CA CYS B 285 11.78 1.64 -7.83
C CYS B 285 12.06 0.98 -6.48
N ASP B 286 12.27 -0.33 -6.53
CA ASP B 286 12.60 -1.07 -5.33
C ASP B 286 13.94 -0.60 -4.78
N ILE B 287 14.05 -0.61 -3.44
CA ILE B 287 15.21 -0.01 -2.79
C ILE B 287 16.50 -0.74 -3.16
N ASP B 288 16.41 -2.03 -3.51
CA ASP B 288 17.60 -2.80 -3.80
C ASP B 288 18.22 -2.49 -5.14
N ILE B 289 17.47 -1.91 -6.07
CA ILE B 289 17.98 -1.62 -7.41
C ILE B 289 18.30 -0.15 -7.61
N ARG B 290 18.15 0.69 -6.59
CA ARG B 290 18.40 2.12 -6.77
C ARG B 290 19.88 2.38 -7.04
N LYS B 291 20.76 1.58 -6.46
CA LYS B 291 22.20 1.77 -6.67
C LYS B 291 22.56 1.59 -8.13
N ASP B 292 22.13 0.49 -8.74
CA ASP B 292 22.44 0.23 -10.13
C ASP B 292 21.86 1.29 -11.05
N LEU B 293 20.65 1.75 -10.76
CA LEU B 293 20.07 2.81 -11.56
C LEU B 293 20.85 4.11 -11.41
N TYR B 294 21.28 4.43 -10.19
CA TYR B 294 22.12 5.62 -9.99
C TYR B 294 23.41 5.51 -10.80
N ALA B 295 23.93 4.31 -10.97
CA ALA B 295 25.20 4.15 -11.67
C ALA B 295 25.04 4.01 -13.18
N ASN B 296 23.82 3.98 -13.70
CA ASN B 296 23.60 3.73 -15.13
C ASN B 296 22.56 4.68 -15.73
N ASN B 297 22.70 5.97 -15.47
CA ASN B 297 21.83 6.97 -16.08
C ASN B 297 22.17 7.07 -17.57
N VAL B 298 21.28 6.60 -18.42
CA VAL B 298 21.49 6.59 -19.86
C VAL B 298 20.71 7.75 -20.48
N MET B 299 21.38 8.53 -21.31
CA MET B 299 20.75 9.65 -22.01
C MET B 299 20.64 9.32 -23.50
N SER B 300 19.55 9.79 -24.11
CA SER B 300 19.35 9.61 -25.53
C SER B 300 18.45 10.72 -26.05
N GLY B 301 18.42 10.87 -27.36
CA GLY B 301 17.59 11.87 -28.00
C GLY B 301 18.36 13.14 -28.29
N GLY B 302 17.85 13.89 -29.28
CA GLY B 302 18.54 15.11 -29.69
C GLY B 302 18.57 16.18 -28.63
N THR B 303 17.53 16.25 -27.79
CA THR B 303 17.47 17.30 -26.78
C THR B 303 18.59 17.17 -25.78
N THR B 304 19.14 15.96 -25.59
CA THR B 304 20.24 15.76 -24.67
C THR B 304 21.60 16.06 -25.30
N MET B 305 21.64 16.70 -26.46
CA MET B 305 22.89 17.01 -27.14
C MET B 305 23.47 18.35 -26.73
N TYR B 306 22.87 19.03 -25.78
CA TYR B 306 23.37 20.34 -25.36
C TYR B 306 24.74 20.18 -24.72
N PRO B 307 25.70 21.03 -25.05
CA PRO B 307 27.00 20.96 -24.38
C PRO B 307 26.87 21.21 -22.88
N GLY B 308 27.40 20.29 -22.09
CA GLY B 308 27.38 20.43 -20.65
C GLY B 308 26.12 19.96 -19.96
N ILE B 309 25.20 19.32 -20.68
CA ILE B 309 23.99 18.82 -20.03
C ILE B 309 24.31 17.66 -19.08
N ALA B 310 25.26 16.80 -19.46
CA ALA B 310 25.59 15.66 -18.62
C ALA B 310 26.17 16.11 -17.28
N ASP B 311 27.06 17.11 -17.31
CA ASP B 311 27.64 17.59 -16.05
C ASP B 311 26.59 18.21 -15.14
N ARG B 312 25.68 18.99 -15.72
CA ARG B 312 24.62 19.59 -14.91
C ARG B 312 23.72 18.53 -14.31
N MET B 313 23.34 17.52 -15.11
CA MET B 313 22.49 16.46 -14.57
C MET B 313 23.21 15.69 -13.48
N GLN B 314 24.50 15.42 -13.67
CA GLN B 314 25.28 14.73 -12.65
C GLN B 314 25.30 15.53 -11.36
N LYS B 315 25.53 16.83 -11.46
CA LYS B 315 25.57 17.65 -10.25
C LYS B 315 24.22 17.66 -9.55
N GLU B 316 23.13 17.82 -10.32
CA GLU B 316 21.81 17.88 -9.70
C GLU B 316 21.45 16.57 -9.01
N ILE B 317 21.68 15.45 -9.69
CA ILE B 317 21.32 14.16 -9.09
C ILE B 317 22.21 13.85 -7.91
N THR B 318 23.50 14.22 -7.97
CA THR B 318 24.37 14.05 -6.81
C THR B 318 23.86 14.87 -5.63
N ALA B 319 23.41 16.09 -5.89
CA ALA B 319 22.82 16.89 -4.82
C ALA B 319 21.54 16.26 -4.28
N LEU B 320 20.80 15.52 -5.11
CA LEU B 320 19.58 14.88 -4.64
C LEU B 320 19.84 13.53 -3.99
N ALA B 321 20.65 12.69 -4.62
CA ALA B 321 20.90 11.35 -4.13
C ALA B 321 21.76 11.36 -2.88
N PRO B 322 21.75 10.27 -2.09
CA PRO B 322 22.65 10.20 -0.94
C PRO B 322 24.11 10.25 -1.37
N SER B 323 24.93 10.84 -0.50
CA SER B 323 26.32 11.12 -0.86
C SER B 323 27.10 9.85 -1.13
N THR B 324 26.71 8.74 -0.53
CA THR B 324 27.49 7.51 -0.68
C THR B 324 27.45 7.00 -2.12
N MET B 325 26.28 7.01 -2.74
CA MET B 325 26.14 6.43 -4.08
C MET B 325 26.84 7.26 -5.14
N LYS B 326 27.35 6.56 -6.16
CA LYS B 326 28.05 7.17 -7.27
C LYS B 326 27.08 7.41 -8.41
N ILE B 327 27.09 8.63 -8.94
CA ILE B 327 26.21 9.01 -10.05
C ILE B 327 27.04 9.03 -11.31
N LYS B 328 26.60 8.29 -12.32
CA LYS B 328 27.30 8.21 -13.60
C LYS B 328 26.29 8.42 -14.72
N ILE B 329 26.45 9.52 -15.45
CA ILE B 329 25.61 9.82 -16.60
C ILE B 329 26.28 9.25 -17.85
N ILE B 330 25.61 8.35 -18.54
CA ILE B 330 26.12 7.75 -19.76
C ILE B 330 25.56 8.56 -20.93
N ALA B 331 26.41 9.34 -21.57
CA ALA B 331 26.01 10.22 -22.67
C ALA B 331 26.95 10.00 -23.85
N PRO B 332 26.71 8.98 -24.66
CA PRO B 332 27.55 8.74 -25.83
C PRO B 332 27.39 9.86 -26.83
N PRO B 333 28.45 10.16 -27.62
CA PRO B 333 28.34 11.24 -28.60
C PRO B 333 27.33 10.99 -29.70
N GLU B 334 26.94 9.74 -29.93
CA GLU B 334 25.98 9.40 -30.97
C GLU B 334 24.58 9.17 -30.41
N ARG B 335 24.29 9.70 -29.22
CA ARG B 335 23.02 9.43 -28.57
C ARG B 335 21.82 9.96 -29.35
N LYS B 336 22.01 10.95 -30.21
CA LYS B 336 20.88 11.46 -30.99
C LYS B 336 20.28 10.41 -31.91
N TYR B 337 21.03 9.34 -32.21
CA TYR B 337 20.51 8.23 -33.00
C TYR B 337 20.37 6.96 -32.17
N SER B 338 20.66 7.04 -30.87
CA SER B 338 20.75 5.84 -30.04
C SER B 338 19.50 4.98 -30.19
N VAL B 339 18.32 5.58 -30.02
CA VAL B 339 17.08 4.84 -30.17
C VAL B 339 17.10 4.03 -31.46
N TRP B 340 17.29 4.70 -32.60
CA TRP B 340 17.31 3.98 -33.86
C TRP B 340 18.35 2.88 -33.85
N ILE B 341 19.57 3.19 -33.38
CA ILE B 341 20.61 2.17 -33.34
C ILE B 341 20.12 0.97 -32.55
N GLY B 342 19.54 1.22 -31.37
CA GLY B 342 19.02 0.13 -30.58
C GLY B 342 18.00 -0.68 -31.35
N GLY B 343 17.08 0.00 -32.02
CA GLY B 343 16.11 -0.71 -32.84
C GLY B 343 16.79 -1.59 -33.86
N SER B 344 17.82 -1.08 -34.54
CA SER B 344 18.56 -1.90 -35.47
C SER B 344 19.06 -3.17 -34.81
N ILE B 345 19.66 -3.04 -33.63
CA ILE B 345 20.11 -4.23 -32.92
C ILE B 345 18.95 -5.16 -32.66
N LEU B 346 17.83 -4.62 -32.16
CA LEU B 346 16.69 -5.47 -31.85
C LEU B 346 16.13 -6.08 -33.11
N ALA B 347 16.30 -5.41 -34.25
CA ALA B 347 15.80 -5.98 -35.49
C ALA B 347 16.74 -7.00 -36.09
N SER B 348 17.97 -7.11 -35.60
CA SER B 348 18.92 -8.08 -36.10
C SER B 348 19.00 -9.34 -35.26
N LEU B 349 18.34 -9.36 -34.10
CA LEU B 349 18.41 -10.52 -33.23
C LEU B 349 17.58 -11.67 -33.79
N SER B 350 18.17 -12.87 -33.80
CA SER B 350 17.42 -14.04 -34.21
C SER B 350 16.26 -14.33 -33.28
N THR B 351 16.43 -14.02 -31.99
CA THR B 351 15.37 -14.24 -31.02
C THR B 351 14.16 -13.35 -31.29
N PHE B 352 14.41 -12.10 -31.69
CA PHE B 352 13.32 -11.16 -31.92
C PHE B 352 12.44 -11.56 -33.09
N GLN B 353 12.91 -12.47 -33.95
CA GLN B 353 12.15 -12.85 -35.13
C GLN B 353 10.83 -13.52 -34.79
N GLN B 354 10.65 -13.97 -33.55
CA GLN B 354 9.38 -14.53 -33.11
C GLN B 354 8.45 -13.49 -32.50
N MET B 355 8.93 -12.26 -32.31
CA MET B 355 8.11 -11.22 -31.69
C MET B 355 7.32 -10.40 -32.70
N TRP B 356 7.50 -10.65 -34.00
CA TRP B 356 6.81 -9.86 -35.01
C TRP B 356 5.31 -10.09 -34.94
N ILE B 357 4.54 -9.04 -35.21
CA ILE B 357 3.11 -9.14 -35.38
C ILE B 357 2.86 -9.41 -36.86
N THR B 358 2.67 -10.68 -37.21
CA THR B 358 2.42 -11.01 -38.59
C THR B 358 1.00 -10.62 -38.99
N LYS B 359 0.81 -10.40 -40.29
CA LYS B 359 -0.50 -9.98 -40.76
C LYS B 359 -1.52 -11.11 -40.67
N GLN B 360 -1.07 -12.36 -40.48
CA GLN B 360 -2.01 -13.41 -40.13
C GLN B 360 -2.68 -13.12 -38.80
N GLU B 361 -1.87 -12.80 -37.78
CA GLU B 361 -2.42 -12.45 -36.48
C GLU B 361 -3.24 -11.16 -36.56
N TYR B 362 -2.82 -10.21 -37.39
CA TYR B 362 -3.61 -8.99 -37.57
C TYR B 362 -4.96 -9.28 -38.18
N ASP B 363 -5.02 -10.15 -39.19
CA ASP B 363 -6.29 -10.43 -39.86
C ASP B 363 -7.18 -11.35 -39.04
N GLU B 364 -6.63 -12.13 -38.12
CA GLU B 364 -7.48 -12.94 -37.27
C GLU B 364 -7.91 -12.24 -35.99
N ALA B 365 -7.12 -11.28 -35.49
CA ALA B 365 -7.41 -10.63 -34.22
C ALA B 365 -7.73 -9.15 -34.34
N GLY B 366 -7.45 -8.53 -35.49
CA GLY B 366 -7.72 -7.12 -35.67
C GLY B 366 -6.63 -6.23 -35.13
N PRO B 367 -6.81 -4.91 -35.23
CA PRO B 367 -5.78 -3.98 -34.73
C PRO B 367 -5.55 -4.07 -33.24
N SER B 368 -6.47 -4.66 -32.48
CA SER B 368 -6.27 -4.81 -31.05
C SER B 368 -5.15 -5.78 -30.71
N ILE B 369 -4.66 -6.55 -31.69
CA ILE B 369 -3.58 -7.49 -31.42
C ILE B 369 -2.31 -6.79 -30.97
N VAL B 370 -2.15 -5.51 -31.32
CA VAL B 370 -0.94 -4.79 -30.96
C VAL B 370 -0.82 -4.53 -29.46
N HIS B 371 -1.91 -4.68 -28.71
CA HIS B 371 -1.87 -4.49 -27.27
C HIS B 371 -1.61 -5.79 -26.52
N ARG B 372 -1.55 -6.92 -27.22
CA ARG B 372 -1.23 -8.20 -26.61
C ARG B 372 0.17 -8.69 -26.93
N LYS B 373 0.87 -8.05 -27.87
CA LYS B 373 2.19 -8.49 -28.25
C LYS B 373 3.26 -7.43 -28.09
N CYS B 374 2.91 -6.17 -27.85
CA CYS B 374 3.87 -5.10 -27.67
C CYS B 374 3.67 -4.48 -26.29
N PHE B 375 4.77 -4.22 -25.60
CA PHE B 375 4.71 -3.57 -24.29
C PHE B 375 4.29 -2.11 -24.44
N ASP C 3 -24.14 22.23 29.98
CA ASP C 3 -23.43 22.01 31.23
C ASP C 3 -21.92 22.03 31.01
N GLU C 4 -21.33 20.84 30.86
CA GLU C 4 -19.91 20.75 30.58
C GLU C 4 -19.61 21.26 29.18
N THR C 5 -18.45 21.88 29.01
CA THR C 5 -18.03 22.35 27.70
C THR C 5 -17.88 21.19 26.74
N THR C 6 -18.44 21.33 25.55
CA THR C 6 -18.37 20.28 24.55
C THR C 6 -16.93 20.14 24.04
N ALA C 7 -16.61 18.94 23.58
CA ALA C 7 -15.29 18.63 23.06
C ALA C 7 -15.29 18.74 21.54
N LEU C 8 -14.12 19.03 20.98
CA LEU C 8 -13.95 19.11 19.55
C LEU C 8 -13.44 17.77 19.01
N VAL C 9 -14.09 17.29 17.96
CA VAL C 9 -13.67 16.07 17.28
C VAL C 9 -13.17 16.47 15.91
N CYS C 10 -11.88 16.22 15.66
CA CYS C 10 -11.23 16.64 14.43
C CYS C 10 -10.55 15.43 13.81
N ASP C 11 -11.21 14.80 12.85
CA ASP C 11 -10.64 13.71 12.06
C ASP C 11 -9.79 14.35 10.99
N ASN C 12 -8.47 14.30 11.18
CA ASN C 12 -7.50 14.87 10.25
C ASN C 12 -7.08 13.76 9.29
N GLY C 13 -7.95 13.47 8.34
CA GLY C 13 -7.64 12.48 7.34
C GLY C 13 -6.58 12.97 6.37
N SER C 14 -6.07 12.04 5.57
CA SER C 14 -5.07 12.39 4.57
C SER C 14 -5.64 13.34 3.53
N GLY C 15 -6.89 13.12 3.13
CA GLY C 15 -7.49 13.91 2.07
C GLY C 15 -8.46 14.98 2.57
N LEU C 16 -9.30 14.64 3.53
CA LEU C 16 -10.32 15.55 4.03
C LEU C 16 -10.11 15.78 5.52
N VAL C 17 -10.54 16.95 5.98
CA VAL C 17 -10.62 17.28 7.39
C VAL C 17 -12.09 17.31 7.75
N LYS C 18 -12.48 16.50 8.73
CA LYS C 18 -13.84 16.47 9.24
C LYS C 18 -13.80 16.94 10.70
N ALA C 19 -14.30 18.14 10.95
CA ALA C 19 -14.27 18.70 12.29
C ALA C 19 -15.68 19.03 12.75
N GLY C 20 -15.89 18.91 14.05
CA GLY C 20 -17.18 19.22 14.62
C GLY C 20 -17.15 19.13 16.13
N PHE C 21 -18.34 19.16 16.72
CA PHE C 21 -18.49 19.12 18.17
C PHE C 21 -19.01 17.76 18.59
N ALA C 22 -18.51 17.28 19.73
CA ALA C 22 -19.01 16.03 20.29
C ALA C 22 -20.48 16.15 20.60
N GLY C 23 -21.24 15.10 20.29
CA GLY C 23 -22.67 15.06 20.50
C GLY C 23 -23.47 15.30 19.23
N ASP C 24 -22.86 15.89 18.22
CA ASP C 24 -23.53 16.05 16.94
C ASP C 24 -23.42 14.78 16.12
N ASP C 25 -24.37 14.60 15.21
CA ASP C 25 -24.44 13.40 14.39
C ASP C 25 -23.78 13.55 13.03
N ALA C 26 -23.18 14.70 12.75
CA ALA C 26 -22.52 14.93 11.47
C ALA C 26 -21.46 16.00 11.66
N PRO C 27 -20.34 15.90 10.96
CA PRO C 27 -19.30 16.93 11.09
C PRO C 27 -19.81 18.28 10.64
N ARG C 28 -19.43 19.32 11.37
CA ARG C 28 -19.85 20.66 11.00
C ARG C 28 -19.03 21.21 9.84
N ALA C 29 -17.77 20.82 9.72
CA ALA C 29 -16.90 21.32 8.66
C ALA C 29 -16.16 20.16 8.02
N VAL C 30 -16.47 19.90 6.76
CA VAL C 30 -15.78 18.88 5.97
C VAL C 30 -15.16 19.59 4.78
N PHE C 31 -13.84 19.64 4.74
CA PHE C 31 -13.19 20.35 3.65
C PHE C 31 -11.87 19.68 3.32
N PRO C 32 -11.41 19.79 2.06
CA PRO C 32 -10.15 19.15 1.70
C PRO C 32 -8.98 19.72 2.50
N SER C 33 -8.04 18.85 2.84
CA SER C 33 -6.86 19.23 3.60
C SER C 33 -5.71 19.54 2.64
N ILE C 34 -5.83 20.66 1.96
CA ILE C 34 -4.85 21.11 0.99
C ILE C 34 -4.42 22.52 1.33
N VAL C 35 -3.18 22.85 0.99
CA VAL C 35 -2.66 24.20 1.07
C VAL C 35 -2.21 24.60 -0.32
N GLY C 36 -2.73 25.72 -0.82
CA GLY C 36 -2.43 26.19 -2.16
C GLY C 36 -1.58 27.44 -2.11
N ARG C 37 -0.59 27.51 -2.98
CA ARG C 37 0.22 28.70 -3.08
C ARG C 37 0.28 29.17 -4.53
N PRO C 38 0.17 30.48 -4.77
CA PRO C 38 0.19 30.96 -6.15
C PRO C 38 1.51 30.65 -6.84
N ARG C 39 1.42 30.21 -8.10
CA ARG C 39 2.60 29.87 -8.88
C ARG C 39 2.80 30.79 -10.07
N HIS C 40 2.12 31.94 -10.08
CA HIS C 40 2.25 32.91 -11.14
C HIS C 40 2.58 34.27 -10.54
N GLN C 41 2.61 35.28 -11.39
CA GLN C 41 3.00 36.62 -10.99
C GLN C 41 1.77 37.50 -10.82
N GLY C 42 1.63 38.14 -9.67
CA GLY C 42 0.56 39.09 -9.46
C GLY C 42 0.86 40.39 -10.20
N VAL C 43 -0.15 40.89 -10.91
CA VAL C 43 0.03 42.06 -11.76
C VAL C 43 -0.97 43.13 -11.37
N MET C 44 -2.00 42.75 -10.63
CA MET C 44 -3.02 43.69 -10.18
C MET C 44 -2.70 44.08 -8.74
N VAL C 45 -2.55 45.39 -8.51
CA VAL C 45 -2.05 45.86 -7.21
C VAL C 45 -3.06 45.56 -6.12
N GLY C 46 -4.34 45.72 -6.41
CA GLY C 46 -5.34 45.42 -5.42
C GLY C 46 -5.65 43.97 -5.23
N MET C 47 -5.01 43.08 -6.00
CA MET C 47 -5.32 41.66 -5.98
C MET C 47 -4.04 40.88 -5.76
N GLY C 48 -4.21 39.56 -5.59
CA GLY C 48 -3.10 38.64 -5.61
C GLY C 48 -2.05 38.92 -4.57
N GLN C 49 -2.48 39.16 -3.33
CA GLN C 49 -1.55 39.48 -2.27
C GLN C 49 -1.42 38.39 -1.22
N LYS C 50 -2.49 37.64 -0.94
CA LYS C 50 -2.42 36.59 0.06
C LYS C 50 -1.43 35.52 -0.39
N ASP C 51 -0.74 34.95 0.60
CA ASP C 51 0.36 34.04 0.34
C ASP C 51 -0.06 32.59 0.20
N SER C 52 -1.12 32.16 0.88
CA SER C 52 -1.51 30.76 0.84
C SER C 52 -3.00 30.62 1.08
N TYR C 53 -3.61 29.69 0.35
CA TYR C 53 -5.04 29.41 0.47
C TYR C 53 -5.23 28.02 1.04
N VAL C 54 -6.22 27.86 1.92
CA VAL C 54 -6.42 26.64 2.67
C VAL C 54 -7.84 26.15 2.46
N GLY C 55 -8.00 24.86 2.20
CA GLY C 55 -9.33 24.26 2.22
C GLY C 55 -10.11 24.60 0.98
N ASP C 56 -11.42 24.77 1.15
CA ASP C 56 -12.33 24.94 0.01
C ASP C 56 -11.95 26.15 -0.82
N GLU C 57 -11.40 27.19 -0.21
CA GLU C 57 -10.96 28.35 -0.98
C GLU C 57 -9.89 27.95 -1.98
N ALA C 58 -8.91 27.17 -1.55
CA ALA C 58 -7.91 26.67 -2.49
C ALA C 58 -8.53 25.73 -3.51
N GLN C 59 -9.66 25.13 -3.19
CA GLN C 59 -10.35 24.30 -4.16
C GLN C 59 -11.07 25.14 -5.21
N SER C 60 -11.28 26.43 -4.93
CA SER C 60 -11.93 27.29 -5.89
C SER C 60 -10.94 28.03 -6.78
N LYS C 61 -9.67 28.07 -6.40
CA LYS C 61 -8.65 28.82 -7.13
C LYS C 61 -7.55 27.92 -7.66
N ARG C 62 -7.85 26.65 -7.93
CA ARG C 62 -6.81 25.70 -8.30
C ARG C 62 -6.14 26.05 -9.62
N GLY C 63 -6.76 26.91 -10.44
CA GLY C 63 -6.14 27.26 -11.71
C GLY C 63 -4.81 27.97 -11.56
N ILE C 64 -4.67 28.77 -10.50
CA ILE C 64 -3.50 29.59 -10.31
C ILE C 64 -2.69 29.15 -9.10
N LEU C 65 -2.93 27.95 -8.58
CA LEU C 65 -2.32 27.50 -7.36
C LEU C 65 -1.59 26.18 -7.57
N THR C 66 -0.52 26.00 -6.79
CA THR C 66 0.08 24.70 -6.57
C THR C 66 -0.50 24.18 -5.26
N LEU C 67 -1.13 23.01 -5.32
CA LEU C 67 -1.79 22.42 -4.18
C LEU C 67 -0.91 21.34 -3.56
N LYS C 68 -0.76 21.38 -2.24
CA LYS C 68 0.05 20.40 -1.53
C LYS C 68 -0.75 19.85 -0.36
N TYR C 69 -0.68 18.54 -0.18
CA TYR C 69 -1.28 17.89 0.98
C TYR C 69 -0.26 17.82 2.09
N PRO C 70 -0.49 18.47 3.24
CA PRO C 70 0.47 18.37 4.34
C PRO C 70 0.56 16.98 4.93
N ILE C 71 -0.42 16.11 4.69
CA ILE C 71 -0.43 14.76 5.23
C ILE C 71 -0.29 13.79 4.07
N GLU C 72 0.73 12.94 4.15
CA GLU C 72 0.97 11.95 3.11
C GLU C 72 1.07 10.56 3.74
N HIC C 73 0.19 9.67 3.31
CA HIC C 73 0.10 8.32 3.87
C HIC C 73 -0.08 8.36 5.38
O HIC C 73 0.58 7.64 6.12
CB HIC C 73 1.36 7.52 3.53
CG HIC C 73 1.47 7.24 2.07
ND1 HIC C 73 0.45 6.67 1.36
CD2 HIC C 73 2.53 7.49 1.25
CE1 HIC C 73 0.88 6.57 0.14
NE2 HIC C 73 2.14 7.05 0.01
CZ HIC C 73 2.92 7.11 -1.21
N GLY C 74 -0.99 9.20 5.84
CA GLY C 74 -1.32 9.30 7.24
C GLY C 74 -0.25 9.91 8.12
N ILE C 75 0.86 10.31 7.51
CA ILE C 75 2.00 10.89 8.22
C ILE C 75 2.11 12.34 7.82
N ILE C 76 2.12 13.23 8.81
CA ILE C 76 2.22 14.65 8.55
C ILE C 76 3.65 14.98 8.15
N THR C 77 3.81 15.48 6.92
CA THR C 77 5.14 15.78 6.39
C THR C 77 5.50 17.25 6.45
N ASN C 78 4.52 18.15 6.32
CA ASN C 78 4.76 19.59 6.38
C ASN C 78 4.02 20.12 7.59
N TRP C 79 4.77 20.43 8.65
CA TRP C 79 4.15 20.83 9.90
C TRP C 79 3.63 22.26 9.85
N ASP C 80 4.29 23.14 9.11
CA ASP C 80 3.76 24.49 8.95
C ASP C 80 2.42 24.47 8.24
N ASP C 81 2.30 23.70 7.16
CA ASP C 81 1.04 23.59 6.46
C ASP C 81 -0.03 22.94 7.33
N MET C 82 0.33 21.92 8.10
CA MET C 82 -0.65 21.28 8.96
C MET C 82 -1.14 22.22 10.04
N GLU C 83 -0.24 23.02 10.61
CA GLU C 83 -0.66 24.03 11.59
C GLU C 83 -1.55 25.07 10.94
N LYS C 84 -1.25 25.47 9.70
CA LYS C 84 -2.12 26.39 8.99
C LYS C 84 -3.51 25.81 8.81
N ILE C 85 -3.59 24.52 8.45
CA ILE C 85 -4.88 23.88 8.27
C ILE C 85 -5.64 23.81 9.59
N TRP C 86 -4.94 23.50 10.68
CA TRP C 86 -5.60 23.48 11.98
C TRP C 86 -6.12 24.85 12.37
N HIS C 87 -5.34 25.90 12.11
CA HIS C 87 -5.81 27.25 12.37
C HIS C 87 -7.06 27.57 11.56
N HIS C 88 -7.05 27.21 10.27
CA HIS C 88 -8.23 27.43 9.44
C HIS C 88 -9.42 26.66 9.97
N THR C 89 -9.21 25.45 10.46
CA THR C 89 -10.30 24.64 11.01
C THR C 89 -10.89 25.30 12.25
N PHE C 90 -10.04 25.72 13.18
CA PHE C 90 -10.54 26.23 14.44
C PHE C 90 -11.16 27.61 14.30
N TYR C 91 -10.50 28.51 13.58
CA TYR C 91 -10.93 29.90 13.59
C TYR C 91 -11.87 30.26 12.45
N ASN C 92 -11.77 29.58 11.31
CA ASN C 92 -12.59 29.93 10.15
C ASN C 92 -13.78 29.00 9.97
N GLU C 93 -13.56 27.69 9.95
CA GLU C 93 -14.65 26.75 9.72
C GLU C 93 -15.50 26.57 10.96
N LEU C 94 -14.92 26.08 12.05
CA LEU C 94 -15.65 25.93 13.29
C LEU C 94 -15.91 27.26 13.97
N ARG C 95 -15.00 28.22 13.83
CA ARG C 95 -15.13 29.55 14.41
C ARG C 95 -15.33 29.46 15.92
N VAL C 96 -14.44 28.72 16.57
CA VAL C 96 -14.44 28.58 18.02
C VAL C 96 -13.01 28.75 18.53
N ALA C 97 -12.91 29.04 19.82
CA ALA C 97 -11.61 29.18 20.46
C ALA C 97 -11.15 27.82 20.96
N PRO C 98 -10.04 27.27 20.46
CA PRO C 98 -9.66 25.91 20.83
C PRO C 98 -9.17 25.77 22.25
N GLU C 99 -8.88 26.87 22.95
CA GLU C 99 -8.33 26.79 24.30
C GLU C 99 -9.40 26.64 25.37
N GLU C 100 -10.64 26.36 24.98
CA GLU C 100 -11.70 26.04 25.92
C GLU C 100 -12.31 24.67 25.72
N HIS C 101 -12.05 24.02 24.60
CA HIS C 101 -12.62 22.72 24.32
C HIS C 101 -11.52 21.68 24.21
N PRO C 102 -11.60 20.59 24.96
CA PRO C 102 -10.68 19.48 24.72
C PRO C 102 -10.86 18.94 23.32
N THR C 103 -9.75 18.59 22.68
CA THR C 103 -9.73 18.23 21.26
C THR C 103 -9.41 16.75 21.12
N LEU C 104 -10.27 16.02 20.44
CA LEU C 104 -10.03 14.61 20.14
C LEU C 104 -9.50 14.49 18.72
N LEU C 105 -8.29 13.96 18.58
CA LEU C 105 -7.66 13.78 17.29
C LEU C 105 -7.56 12.29 16.97
N THR C 106 -7.43 11.99 15.69
CA THR C 106 -7.36 10.61 15.23
C THR C 106 -6.03 10.35 14.55
N GLU C 107 -5.67 9.07 14.46
CA GLU C 107 -4.42 8.67 13.83
C GLU C 107 -4.53 7.23 13.38
N ALA C 108 -3.90 6.93 12.24
CA ALA C 108 -3.86 5.57 11.76
C ALA C 108 -2.93 4.73 12.65
N PRO C 109 -3.20 3.44 12.78
CA PRO C 109 -2.31 2.58 13.56
C PRO C 109 -0.96 2.42 12.89
N LEU C 110 0.03 2.06 13.69
CA LEU C 110 1.40 1.84 13.22
C LEU C 110 2.00 3.10 12.60
N ASN C 111 1.66 4.25 13.13
CA ASN C 111 2.24 5.50 12.70
C ASN C 111 3.52 5.78 13.47
N PRO C 112 4.41 6.59 12.92
CA PRO C 112 5.63 6.97 13.66
C PRO C 112 5.28 7.71 14.94
N LYS C 113 6.11 7.51 15.97
CA LYS C 113 5.87 8.17 17.25
C LYS C 113 6.02 9.68 17.13
N ALA C 114 6.98 10.15 16.36
CA ALA C 114 7.22 11.58 16.23
C ALA C 114 5.99 12.32 15.71
N ASN C 115 5.21 11.70 14.84
CA ASN C 115 3.98 12.31 14.36
C ASN C 115 3.05 12.62 15.51
N ARG C 116 2.78 11.63 16.35
CA ARG C 116 1.87 11.81 17.48
C ARG C 116 2.43 12.79 18.51
N GLU C 117 3.73 12.71 18.78
CA GLU C 117 4.33 13.65 19.73
C GLU C 117 4.26 15.09 19.23
N LYS C 118 4.53 15.31 17.94
CA LYS C 118 4.44 16.66 17.40
C LYS C 118 3.01 17.16 17.37
N MET C 119 2.05 16.27 17.11
CA MET C 119 0.65 16.66 17.20
C MET C 119 0.31 17.13 18.60
N THR C 120 0.75 16.37 19.61
CA THR C 120 0.49 16.77 21.00
C THR C 120 1.15 18.10 21.32
N GLN C 121 2.41 18.27 20.90
CA GLN C 121 3.13 19.50 21.19
C GLN C 121 2.47 20.70 20.54
N ILE C 122 2.01 20.55 19.30
CA ILE C 122 1.32 21.65 18.63
C ILE C 122 0.01 21.97 19.33
N MET C 123 -0.76 20.94 19.70
CA MET C 123 -2.03 21.20 20.39
C MET C 123 -1.82 21.90 21.73
N PHE C 124 -0.74 21.59 22.43
CA PHE C 124 -0.57 22.15 23.77
C PHE C 124 0.22 23.45 23.81
N GLU C 125 1.09 23.69 22.85
CA GLU C 125 1.93 24.88 22.86
C GLU C 125 1.45 25.96 21.91
N THR C 126 0.83 25.60 20.79
CA THR C 126 0.38 26.58 19.82
C THR C 126 -1.07 26.99 20.06
N PHE C 127 -1.95 26.02 20.31
CA PHE C 127 -3.36 26.30 20.51
C PHE C 127 -3.78 26.31 21.96
N ASN C 128 -2.97 25.74 22.86
CA ASN C 128 -3.23 25.75 24.30
C ASN C 128 -4.58 25.13 24.63
N VAL C 129 -4.85 23.96 24.05
CA VAL C 129 -6.09 23.24 24.34
C VAL C 129 -6.06 22.80 25.79
N PRO C 130 -7.19 22.77 26.49
CA PRO C 130 -7.17 22.28 27.88
C PRO C 130 -6.74 20.84 27.99
N ALA C 131 -7.11 20.00 27.03
CA ALA C 131 -6.74 18.60 27.00
C ALA C 131 -6.89 18.08 25.60
N MET C 132 -6.33 16.90 25.35
CA MET C 132 -6.37 16.32 24.03
C MET C 132 -6.23 14.81 24.14
N TYR C 133 -6.55 14.12 23.04
CA TYR C 133 -6.49 12.67 23.01
C TYR C 133 -6.35 12.23 21.57
N VAL C 134 -5.49 11.25 21.33
CA VAL C 134 -5.27 10.70 20.00
C VAL C 134 -5.86 9.29 20.00
N ALA C 135 -6.93 9.09 19.25
CA ALA C 135 -7.59 7.80 19.15
C ALA C 135 -7.21 7.12 17.84
N ILE C 136 -7.46 5.82 17.79
CA ILE C 136 -7.23 5.03 16.60
C ILE C 136 -8.51 5.02 15.77
N GLN C 137 -8.38 5.31 14.48
CA GLN C 137 -9.56 5.53 13.65
C GLN C 137 -10.46 4.30 13.60
N ALA C 138 -9.87 3.10 13.60
CA ALA C 138 -10.67 1.89 13.53
C ALA C 138 -11.53 1.71 14.78
N VAL C 139 -11.00 2.04 15.95
CA VAL C 139 -11.79 1.93 17.18
C VAL C 139 -12.98 2.86 17.13
N LEU C 140 -12.77 4.10 16.67
CA LEU C 140 -13.90 5.03 16.53
C LEU C 140 -14.90 4.51 15.50
N SER C 141 -14.41 3.94 14.41
CA SER C 141 -15.31 3.39 13.40
C SER C 141 -16.17 2.28 13.99
N LEU C 142 -15.59 1.45 14.85
CA LEU C 142 -16.38 0.44 15.55
C LEU C 142 -17.38 1.07 16.51
N TYR C 143 -16.98 2.15 17.18
CA TYR C 143 -17.92 2.86 18.05
C TYR C 143 -19.13 3.33 17.26
N ALA C 144 -18.91 3.84 16.06
CA ALA C 144 -20.00 4.42 15.27
C ALA C 144 -21.02 3.36 14.88
N SER C 145 -20.61 2.11 14.72
CA SER C 145 -21.51 1.05 14.29
C SER C 145 -22.28 0.41 15.44
N GLY C 146 -22.10 0.90 16.65
CA GLY C 146 -22.79 0.32 17.80
C GLY C 146 -22.40 -1.11 18.07
N ARG C 147 -21.12 -1.45 17.90
CA ARG C 147 -20.63 -2.80 18.10
C ARG C 147 -19.43 -2.76 19.02
N THR C 148 -19.09 -3.93 19.55
CA THR C 148 -17.87 -4.12 20.31
C THR C 148 -17.00 -5.23 19.76
N THR C 149 -17.48 -5.97 18.76
CA THR C 149 -16.73 -7.05 18.15
C THR C 149 -16.81 -6.91 16.64
N GLY C 150 -15.66 -6.98 16.00
CA GLY C 150 -15.59 -6.89 14.55
C GLY C 150 -14.21 -6.51 14.10
N ILE C 151 -13.96 -6.71 12.81
CA ILE C 151 -12.70 -6.32 12.20
C ILE C 151 -12.98 -5.10 11.31
N VAL C 152 -12.42 -3.97 11.69
CA VAL C 152 -12.67 -2.71 10.99
C VAL C 152 -11.69 -2.59 9.84
N LEU C 153 -12.22 -2.38 8.64
CA LEU C 153 -11.42 -2.06 7.45
C LEU C 153 -11.63 -0.59 7.15
N ASP C 154 -10.68 0.25 7.57
CA ASP C 154 -10.77 1.68 7.34
C ASP C 154 -9.87 2.04 6.17
N SER C 155 -10.47 2.54 5.11
CA SER C 155 -9.74 2.91 3.89
C SER C 155 -9.97 4.39 3.62
N GLY C 156 -9.03 5.21 4.05
CA GLY C 156 -9.11 6.64 3.87
C GLY C 156 -8.51 7.08 2.55
N ASP C 157 -8.04 8.33 2.54
CA ASP C 157 -7.42 8.86 1.34
C ASP C 157 -6.00 8.34 1.16
N GLY C 158 -5.27 8.16 2.26
CA GLY C 158 -3.87 7.81 2.15
C GLY C 158 -3.44 6.54 2.85
N VAL C 159 -4.30 5.97 3.69
CA VAL C 159 -3.94 4.78 4.46
C VAL C 159 -5.15 3.85 4.55
N THR C 160 -4.91 2.56 4.29
CA THR C 160 -5.90 1.52 4.54
C THR C 160 -5.38 0.66 5.69
N HIS C 161 -6.26 0.24 6.59
CA HIS C 161 -5.83 -0.61 7.68
C HIS C 161 -6.98 -1.47 8.20
N ASN C 162 -6.63 -2.68 8.58
CA ASN C 162 -7.53 -3.65 9.20
C ASN C 162 -7.15 -3.76 10.68
N VAL C 163 -8.13 -3.55 11.55
CA VAL C 163 -7.92 -3.71 12.98
C VAL C 163 -9.00 -4.64 13.53
N PRO C 164 -8.65 -5.81 14.04
CA PRO C 164 -9.66 -6.69 14.66
C PRO C 164 -9.82 -6.39 16.14
N ILE C 165 -11.06 -6.35 16.60
CA ILE C 165 -11.39 -6.12 18.00
C ILE C 165 -12.42 -7.15 18.42
N TYR C 166 -12.23 -7.72 19.60
CA TYR C 166 -13.15 -8.70 20.15
C TYR C 166 -13.51 -8.32 21.57
N GLU C 167 -14.79 -8.03 21.80
CA GLU C 167 -15.30 -7.66 23.12
C GLU C 167 -14.53 -6.48 23.70
N GLY C 168 -14.19 -5.52 22.86
CA GLY C 168 -13.50 -4.34 23.30
C GLY C 168 -12.01 -4.48 23.45
N TYR C 169 -11.45 -5.65 23.14
CA TYR C 169 -10.01 -5.88 23.22
C TYR C 169 -9.44 -5.92 21.81
N ALA C 170 -8.43 -5.09 21.56
CA ALA C 170 -7.76 -5.09 20.27
C ALA C 170 -6.65 -6.11 20.26
N LEU C 171 -6.29 -6.58 19.06
CA LEU C 171 -5.24 -7.58 18.86
C LEU C 171 -4.14 -6.89 18.07
N PRO C 172 -3.23 -6.17 18.75
CA PRO C 172 -2.23 -5.38 18.02
C PRO C 172 -1.36 -6.20 17.09
N HIS C 173 -1.10 -7.46 17.41
CA HIS C 173 -0.29 -8.28 16.52
C HIS C 173 -1.00 -8.58 15.21
N ALA C 174 -2.33 -8.48 15.18
CA ALA C 174 -3.11 -8.77 13.98
C ALA C 174 -3.48 -7.52 13.21
N ILE C 175 -3.01 -6.35 13.62
CA ILE C 175 -3.30 -5.12 12.90
C ILE C 175 -2.52 -5.11 11.59
N MET C 176 -3.22 -4.89 10.48
CA MET C 176 -2.59 -4.82 9.17
C MET C 176 -2.72 -3.42 8.62
N ARG C 177 -1.67 -2.93 7.98
CA ARG C 177 -1.67 -1.60 7.38
C ARG C 177 -1.13 -1.68 5.97
N LEU C 178 -1.84 -1.02 5.05
CA LEU C 178 -1.50 -1.02 3.63
C LEU C 178 -1.57 0.41 3.14
N ASP C 179 -0.51 0.87 2.48
CA ASP C 179 -0.45 2.27 2.06
C ASP C 179 -1.32 2.55 0.84
N LEU C 180 -1.75 1.51 0.14
CA LEU C 180 -2.68 1.69 -0.97
C LEU C 180 -3.99 2.28 -0.47
N ALA C 181 -4.40 3.40 -1.07
CA ALA C 181 -5.60 4.09 -0.61
C ALA C 181 -6.12 4.97 -1.75
N GLY C 182 -7.01 5.90 -1.41
CA GLY C 182 -7.70 6.67 -2.43
C GLY C 182 -6.78 7.47 -3.32
N ARG C 183 -5.74 8.08 -2.73
CA ARG C 183 -4.84 8.92 -3.53
C ARG C 183 -4.07 8.10 -4.55
N ASP C 184 -3.64 6.89 -4.17
CA ASP C 184 -3.00 6.01 -5.13
C ASP C 184 -3.97 5.61 -6.23
N LEU C 185 -5.24 5.41 -5.87
CA LEU C 185 -6.25 5.13 -6.89
C LEU C 185 -6.40 6.31 -7.85
N THR C 186 -6.35 7.53 -7.33
CA THR C 186 -6.43 8.71 -8.19
C THR C 186 -5.24 8.77 -9.15
N ASP C 187 -4.04 8.50 -8.63
CA ASP C 187 -2.86 8.50 -9.49
C ASP C 187 -2.95 7.43 -10.56
N TYR C 188 -3.41 6.23 -10.20
CA TYR C 188 -3.57 5.18 -11.19
C TYR C 188 -4.64 5.53 -12.21
N LEU C 189 -5.70 6.22 -11.78
CA LEU C 189 -6.73 6.66 -12.71
C LEU C 189 -6.16 7.68 -13.69
N MET C 190 -5.30 8.58 -13.21
CA MET C 190 -4.62 9.50 -14.13
C MET C 190 -3.78 8.74 -15.14
N LYS C 191 -3.02 7.75 -14.66
CA LYS C 191 -2.15 6.99 -15.53
C LYS C 191 -2.94 6.25 -16.60
N ILE C 192 -4.08 5.66 -16.23
CA ILE C 192 -4.88 4.91 -17.21
C ILE C 192 -5.79 5.81 -18.03
N LEU C 193 -6.04 7.04 -17.59
CA LEU C 193 -6.75 7.99 -18.44
C LEU C 193 -5.84 8.55 -19.51
N THR C 194 -4.53 8.58 -19.27
CA THR C 194 -3.62 8.91 -20.37
C THR C 194 -3.75 7.93 -21.52
N GLU C 195 -4.28 6.73 -21.27
CA GLU C 195 -4.45 5.73 -22.31
C GLU C 195 -5.49 6.12 -23.35
N ARG C 196 -6.51 6.89 -22.97
CA ARG C 196 -7.50 7.35 -23.92
C ARG C 196 -7.18 8.71 -24.51
N GLY C 197 -6.00 9.26 -24.20
CA GLY C 197 -5.61 10.55 -24.73
C GLY C 197 -5.89 11.72 -23.84
N TYR C 198 -6.43 11.51 -22.65
CA TYR C 198 -6.69 12.59 -21.71
C TYR C 198 -5.46 12.76 -20.83
N SER C 199 -4.86 13.94 -20.87
CA SER C 199 -3.62 14.21 -20.16
C SER C 199 -3.91 15.11 -18.97
N PHE C 200 -3.85 14.55 -17.77
CA PHE C 200 -3.95 15.30 -16.53
C PHE C 200 -2.61 15.23 -15.82
N VAL C 201 -2.02 16.40 -15.56
CA VAL C 201 -0.67 16.49 -15.01
C VAL C 201 -0.64 17.31 -13.73
N THR C 202 -1.18 18.52 -13.77
CA THR C 202 -1.09 19.43 -12.65
C THR C 202 -1.91 18.92 -11.47
N THR C 203 -1.68 19.52 -10.30
CA THR C 203 -2.43 19.15 -9.11
C THR C 203 -3.90 19.45 -9.26
N ALA C 204 -4.25 20.56 -9.92
CA ALA C 204 -5.65 20.84 -10.19
C ALA C 204 -6.27 19.76 -11.05
N GLU C 205 -5.54 19.28 -12.05
CA GLU C 205 -6.03 18.15 -12.83
C GLU C 205 -6.13 16.90 -11.98
N ARG C 206 -5.27 16.76 -10.97
CA ARG C 206 -5.42 15.65 -10.03
C ARG C 206 -6.73 15.76 -9.27
N GLU C 207 -7.11 16.96 -8.85
CA GLU C 207 -8.41 17.13 -8.21
C GLU C 207 -9.56 16.79 -9.15
N ILE C 208 -9.43 17.20 -10.42
CA ILE C 208 -10.46 16.86 -11.40
C ILE C 208 -10.59 15.35 -11.54
N VAL C 209 -9.45 14.65 -11.59
CA VAL C 209 -9.49 13.19 -11.71
C VAL C 209 -10.07 12.56 -10.45
N ARG C 210 -9.80 13.14 -9.29
CA ARG C 210 -10.41 12.64 -8.06
C ARG C 210 -11.93 12.77 -8.13
N ASP C 211 -12.42 13.90 -8.64
CA ASP C 211 -13.85 14.06 -8.80
C ASP C 211 -14.43 13.05 -9.79
N ILE C 212 -13.71 12.79 -10.88
CA ILE C 212 -14.15 11.78 -11.84
C ILE C 212 -14.25 10.42 -11.14
N LYS C 213 -13.24 10.09 -10.33
CA LYS C 213 -13.25 8.82 -9.62
C LYS C 213 -14.44 8.72 -8.68
N GLU C 214 -14.72 9.78 -7.94
CA GLU C 214 -15.86 9.76 -7.03
C GLU C 214 -17.19 9.71 -7.76
N LYS C 215 -17.26 10.19 -8.99
CA LYS C 215 -18.54 10.25 -9.70
C LYS C 215 -18.83 9.04 -10.58
N LEU C 216 -17.82 8.37 -11.12
CA LEU C 216 -18.07 7.35 -12.14
C LEU C 216 -17.49 5.98 -11.82
N CYS C 217 -16.54 5.86 -10.91
CA CYS C 217 -15.89 4.59 -10.67
C CYS C 217 -16.74 3.68 -9.80
N TYR C 218 -16.63 2.37 -10.02
CA TYR C 218 -17.33 1.38 -9.22
C TYR C 218 -16.52 0.09 -9.23
N VAL C 219 -16.88 -0.82 -8.34
CA VAL C 219 -16.18 -2.10 -8.19
C VAL C 219 -16.99 -3.17 -8.90
N ALA C 220 -16.34 -3.89 -9.81
CA ALA C 220 -16.99 -4.96 -10.53
C ALA C 220 -17.10 -6.21 -9.69
N LEU C 221 -18.23 -6.90 -9.79
CA LEU C 221 -18.41 -8.16 -9.06
C LEU C 221 -17.43 -9.21 -9.56
N ASP C 222 -17.32 -9.37 -10.87
CA ASP C 222 -16.36 -10.29 -11.48
C ASP C 222 -15.54 -9.52 -12.49
N PHE C 223 -14.23 -9.38 -12.22
CA PHE C 223 -13.41 -8.47 -13.00
C PHE C 223 -13.27 -8.93 -14.44
N GLU C 224 -13.06 -10.24 -14.66
CA GLU C 224 -12.83 -10.71 -16.02
C GLU C 224 -14.08 -10.61 -16.87
N ASN C 225 -15.24 -11.00 -16.33
CA ASN C 225 -16.47 -10.85 -17.06
C ASN C 225 -16.77 -9.39 -17.36
N GLU C 226 -16.49 -8.51 -16.40
CA GLU C 226 -16.72 -7.08 -16.63
C GLU C 226 -15.81 -6.56 -17.73
N MET C 227 -14.54 -6.98 -17.75
CA MET C 227 -13.65 -6.57 -18.81
C MET C 227 -14.11 -7.08 -20.17
N ALA C 228 -14.57 -8.33 -20.23
CA ALA C 228 -15.09 -8.86 -21.49
C ALA C 228 -16.31 -8.07 -21.95
N THR C 229 -17.21 -7.75 -21.02
CA THR C 229 -18.39 -6.98 -21.37
C THR C 229 -18.02 -5.60 -21.89
N ALA C 230 -17.07 -4.94 -21.22
CA ALA C 230 -16.63 -3.62 -21.67
C ALA C 230 -15.98 -3.70 -23.04
N ALA C 231 -15.20 -4.75 -23.29
CA ALA C 231 -14.56 -4.91 -24.59
C ALA C 231 -15.53 -5.29 -25.69
N SER C 232 -16.70 -5.84 -25.34
CA SER C 232 -17.70 -6.22 -26.32
C SER C 232 -18.76 -5.15 -26.54
N SER C 233 -19.38 -4.68 -25.46
CA SER C 233 -20.44 -3.70 -25.54
C SER C 233 -19.96 -2.35 -25.01
N SER C 234 -20.70 -1.29 -25.38
CA SER C 234 -20.41 0.06 -24.92
C SER C 234 -21.31 0.51 -23.79
N SER C 235 -22.05 -0.43 -23.17
CA SER C 235 -22.99 -0.05 -22.14
C SER C 235 -22.30 0.48 -20.89
N LEU C 236 -21.02 0.15 -20.71
CA LEU C 236 -20.27 0.59 -19.54
C LEU C 236 -19.61 1.94 -19.73
N GLU C 237 -19.71 2.54 -20.91
CA GLU C 237 -19.05 3.81 -21.20
C GLU C 237 -19.92 4.95 -20.69
N LYS C 238 -19.36 5.79 -19.84
CA LYS C 238 -20.05 6.96 -19.33
C LYS C 238 -19.27 8.23 -19.66
N SER C 239 -20.01 9.32 -19.77
CA SER C 239 -19.46 10.61 -20.13
C SER C 239 -19.39 11.52 -18.90
N TYR C 240 -18.47 12.47 -18.96
CA TYR C 240 -18.25 13.40 -17.86
C TYR C 240 -17.75 14.70 -18.45
N GLU C 241 -18.30 15.81 -17.98
CA GLU C 241 -17.96 17.13 -18.52
C GLU C 241 -16.87 17.77 -17.67
N LEU C 242 -15.75 18.10 -18.31
CA LEU C 242 -14.64 18.73 -17.62
C LEU C 242 -14.98 20.17 -17.27
N PRO C 243 -14.25 20.77 -16.33
CA PRO C 243 -14.49 22.19 -16.01
C PRO C 243 -14.30 23.13 -17.17
N ASP C 244 -13.55 22.74 -18.21
CA ASP C 244 -13.38 23.59 -19.39
C ASP C 244 -14.39 23.30 -20.49
N GLY C 245 -15.33 22.38 -20.26
CA GLY C 245 -16.41 22.11 -21.19
C GLY C 245 -16.19 20.86 -22.04
N GLN C 246 -14.96 20.39 -22.15
CA GLN C 246 -14.70 19.16 -22.89
C GLN C 246 -15.38 17.99 -22.21
N VAL C 247 -15.94 17.09 -23.01
CA VAL C 247 -16.64 15.91 -22.53
C VAL C 247 -15.76 14.70 -22.79
N ILE C 248 -15.43 13.98 -21.72
CA ILE C 248 -14.62 12.77 -21.83
C ILE C 248 -15.52 11.56 -21.63
N THR C 249 -15.14 10.45 -22.24
CA THR C 249 -15.91 9.21 -22.16
C THR C 249 -14.98 8.11 -21.69
N ILE C 250 -15.35 7.44 -20.60
CA ILE C 250 -14.52 6.39 -20.01
C ILE C 250 -15.31 5.10 -19.99
N GLY C 251 -14.62 4.00 -20.29
CA GLY C 251 -15.23 2.68 -20.32
C GLY C 251 -14.80 1.81 -19.16
N ASN C 252 -13.89 0.87 -19.43
CA ASN C 252 -13.45 -0.04 -18.37
C ASN C 252 -12.71 0.68 -17.25
N GLU C 253 -12.19 1.88 -17.49
CA GLU C 253 -11.51 2.62 -16.44
C GLU C 253 -12.42 2.90 -15.26
N ARG C 254 -13.73 2.80 -15.44
CA ARG C 254 -14.63 2.97 -14.32
C ARG C 254 -14.43 1.90 -13.27
N PHE C 255 -14.21 0.65 -13.69
CA PHE C 255 -13.98 -0.42 -12.72
C PHE C 255 -12.55 -0.90 -12.68
N ARG C 256 -11.72 -0.52 -13.65
CA ARG C 256 -10.32 -0.92 -13.60
C ARG C 256 -9.53 -0.12 -12.58
N CYS C 257 -10.05 1.05 -12.17
CA CYS C 257 -9.37 1.82 -11.15
C CYS C 257 -9.58 1.25 -9.75
N PRO C 258 -10.82 1.07 -9.26
CA PRO C 258 -10.97 0.51 -7.91
C PRO C 258 -10.47 -0.91 -7.76
N GLU C 259 -10.34 -1.64 -8.87
CA GLU C 259 -9.83 -3.01 -8.80
C GLU C 259 -8.43 -3.06 -8.22
N THR C 260 -7.69 -1.94 -8.26
CA THR C 260 -6.38 -1.90 -7.63
C THR C 260 -6.46 -2.22 -6.14
N LEU C 261 -7.59 -1.94 -5.51
CA LEU C 261 -7.75 -2.29 -4.11
C LEU C 261 -7.64 -3.79 -3.89
N PHE C 262 -8.04 -4.59 -4.88
CA PHE C 262 -7.98 -6.04 -4.77
C PHE C 262 -6.77 -6.64 -5.49
N GLN C 263 -6.16 -5.91 -6.43
CA GLN C 263 -4.97 -6.35 -7.13
C GLN C 263 -3.95 -5.22 -7.10
N PRO C 264 -3.24 -5.05 -5.98
CA PRO C 264 -2.27 -3.95 -5.89
C PRO C 264 -1.15 -4.03 -6.89
N SER C 265 -0.92 -5.20 -7.50
CA SER C 265 0.12 -5.33 -8.50
C SER C 265 -0.12 -4.42 -9.70
N PHE C 266 -1.34 -3.91 -9.86
CA PHE C 266 -1.61 -2.94 -10.92
C PHE C 266 -0.75 -1.70 -10.77
N ILE C 267 -0.39 -1.33 -9.54
CA ILE C 267 0.48 -0.18 -9.33
C ILE C 267 1.86 -0.63 -8.84
N GLY C 268 2.24 -1.87 -9.11
CA GLY C 268 3.57 -2.32 -8.78
C GLY C 268 3.81 -2.63 -7.32
N MET C 269 2.76 -2.70 -6.51
CA MET C 269 2.91 -3.07 -5.11
C MET C 269 2.79 -4.57 -4.95
N GLU C 270 3.67 -5.13 -4.13
CA GLU C 270 3.72 -6.57 -3.92
C GLU C 270 2.66 -7.07 -2.95
N SER C 271 2.06 -6.18 -2.17
CA SER C 271 1.14 -6.59 -1.13
C SER C 271 -0.12 -7.19 -1.75
N ALA C 272 -0.89 -7.88 -0.91
CA ALA C 272 -2.13 -8.50 -1.35
C ALA C 272 -3.29 -7.51 -1.23
N GLY C 273 -4.40 -7.85 -1.88
CA GLY C 273 -5.55 -6.97 -1.88
C GLY C 273 -6.17 -6.84 -0.50
N ILE C 274 -7.17 -5.96 -0.42
CA ILE C 274 -7.80 -5.70 0.86
C ILE C 274 -8.53 -6.92 1.39
N HIS C 275 -9.13 -7.73 0.51
CA HIS C 275 -9.78 -8.95 0.98
C HIS C 275 -8.78 -9.92 1.59
N GLU C 276 -7.62 -10.10 0.95
CA GLU C 276 -6.63 -11.01 1.49
C GLU C 276 -6.02 -10.47 2.78
N THR C 277 -5.83 -9.15 2.87
CA THR C 277 -5.33 -8.59 4.13
C THR C 277 -6.33 -8.79 5.25
N THR C 278 -7.62 -8.61 4.95
CA THR C 278 -8.64 -8.85 5.96
C THR C 278 -8.65 -10.31 6.41
N TYR C 279 -8.56 -11.24 5.45
CA TYR C 279 -8.54 -12.65 5.79
C TYR C 279 -7.31 -13.01 6.61
N ASN C 280 -6.15 -12.46 6.24
CA ASN C 280 -4.93 -12.72 7.00
C ASN C 280 -5.01 -12.14 8.40
N SER C 281 -5.59 -10.95 8.54
CA SER C 281 -5.77 -10.38 9.87
C SER C 281 -6.68 -11.25 10.72
N ILE C 282 -7.74 -11.79 10.13
CA ILE C 282 -8.62 -12.69 10.86
C ILE C 282 -7.87 -13.95 11.27
N MET C 283 -7.09 -14.52 10.35
CA MET C 283 -6.36 -15.75 10.65
C MET C 283 -5.24 -15.53 11.66
N LYS C 284 -4.76 -14.30 11.82
CA LYS C 284 -3.78 -14.03 12.86
C LYS C 284 -4.40 -13.95 14.24
N CYS C 285 -5.73 -13.88 14.33
CA CYS C 285 -6.40 -13.82 15.61
C CYS C 285 -6.56 -15.22 16.18
N ASP C 286 -7.02 -15.28 17.43
CA ASP C 286 -7.28 -16.56 18.08
C ASP C 286 -8.39 -17.30 17.36
N ILE C 287 -8.31 -18.62 17.36
CA ILE C 287 -9.23 -19.44 16.59
C ILE C 287 -10.66 -19.28 17.10
N ASP C 288 -10.83 -19.00 18.39
CA ASP C 288 -12.15 -18.94 18.97
C ASP C 288 -12.93 -17.69 18.59
N ILE C 289 -12.27 -16.62 18.18
CA ILE C 289 -12.93 -15.37 17.85
C ILE C 289 -13.07 -15.15 16.35
N ARG C 290 -12.62 -16.11 15.54
CA ARG C 290 -12.69 -15.91 14.09
C ARG C 290 -14.13 -15.89 13.60
N LYS C 291 -15.04 -16.59 14.27
CA LYS C 291 -16.43 -16.61 13.83
C LYS C 291 -17.05 -15.22 13.94
N ASP C 292 -16.91 -14.59 15.11
CA ASP C 292 -17.49 -13.27 15.32
C ASP C 292 -16.86 -12.23 14.40
N LEU C 293 -15.56 -12.31 14.17
CA LEU C 293 -14.92 -11.42 13.22
C LEU C 293 -15.44 -11.65 11.81
N TYR C 294 -15.63 -12.90 11.41
CA TYR C 294 -16.19 -13.19 10.10
C TYR C 294 -17.58 -12.59 9.93
N ALA C 295 -18.36 -12.60 11.01
CA ALA C 295 -19.74 -12.10 10.92
C ALA C 295 -19.86 -10.61 11.15
N ASN C 296 -18.76 -9.89 11.40
CA ASN C 296 -18.82 -8.48 11.75
C ASN C 296 -17.76 -7.67 11.00
N ASN C 297 -17.66 -7.87 9.68
CA ASN C 297 -16.76 -7.07 8.87
C ASN C 297 -17.33 -5.67 8.72
N VAL C 298 -16.68 -4.69 9.33
CA VAL C 298 -17.11 -3.30 9.30
C VAL C 298 -16.22 -2.52 8.36
N MET C 299 -16.83 -1.80 7.42
CA MET C 299 -16.10 -0.96 6.48
C MET C 299 -16.36 0.50 6.79
N SER C 300 -15.34 1.33 6.59
CA SER C 300 -15.46 2.76 6.82
C SER C 300 -14.44 3.48 5.97
N GLY C 301 -14.62 4.79 5.85
CA GLY C 301 -13.74 5.61 5.05
C GLY C 301 -14.30 5.85 3.65
N GLY C 302 -13.78 6.91 3.02
CA GLY C 302 -14.30 7.29 1.71
C GLY C 302 -14.04 6.24 0.65
N THR C 303 -12.87 5.60 0.70
CA THR C 303 -12.50 4.65 -0.34
C THR C 303 -13.41 3.42 -0.36
N THR C 304 -14.21 3.22 0.68
CA THR C 304 -15.16 2.12 0.72
C THR C 304 -16.55 2.54 0.25
N MET C 305 -16.69 3.72 -0.34
CA MET C 305 -17.96 4.20 -0.84
C MET C 305 -18.22 3.77 -2.28
N TYR C 306 -17.36 2.95 -2.85
CA TYR C 306 -17.52 2.53 -4.23
C TYR C 306 -18.78 1.69 -4.37
N PRO C 307 -19.61 1.93 -5.38
CA PRO C 307 -20.77 1.07 -5.60
C PRO C 307 -20.35 -0.37 -5.87
N GLY C 308 -20.91 -1.28 -5.08
CA GLY C 308 -20.65 -2.70 -5.26
C GLY C 308 -19.40 -3.22 -4.60
N ILE C 309 -18.73 -2.41 -3.77
CA ILE C 309 -17.53 -2.89 -3.09
C ILE C 309 -17.88 -3.91 -2.01
N ALA C 310 -19.03 -3.74 -1.35
CA ALA C 310 -19.41 -4.68 -0.30
C ALA C 310 -19.67 -6.07 -0.87
N ASP C 311 -20.34 -6.15 -2.01
CA ASP C 311 -20.60 -7.46 -2.61
C ASP C 311 -19.32 -8.14 -3.03
N ARG C 312 -18.40 -7.40 -3.64
CA ARG C 312 -17.12 -7.98 -4.03
C ARG C 312 -16.33 -8.45 -2.82
N MET C 313 -16.31 -7.65 -1.76
CA MET C 313 -15.61 -8.07 -0.55
C MET C 313 -16.23 -9.33 0.03
N GLN C 314 -17.56 -9.39 0.07
CA GLN C 314 -18.23 -10.57 0.59
C GLN C 314 -17.89 -11.80 -0.24
N LYS C 315 -17.92 -11.67 -1.56
CA LYS C 315 -17.63 -12.83 -2.40
C LYS C 315 -16.19 -13.30 -2.22
N GLU C 316 -15.24 -12.35 -2.17
CA GLU C 316 -13.84 -12.75 -2.03
C GLU C 316 -13.59 -13.42 -0.68
N ILE C 317 -14.10 -12.84 0.41
CA ILE C 317 -13.86 -13.44 1.72
C ILE C 317 -14.58 -14.77 1.84
N THR C 318 -15.76 -14.90 1.24
CA THR C 318 -16.45 -16.19 1.21
C THR C 318 -15.62 -17.23 0.47
N ALA C 319 -14.99 -16.83 -0.64
CA ALA C 319 -14.10 -17.75 -1.32
C ALA C 319 -12.88 -18.11 -0.48
N LEU C 320 -12.44 -17.22 0.39
CA LEU C 320 -11.27 -17.52 1.22
C LEU C 320 -11.64 -18.28 2.50
N ALA C 321 -12.71 -17.88 3.16
CA ALA C 321 -13.09 -18.48 4.42
C ALA C 321 -13.74 -19.85 4.21
N PRO C 322 -13.79 -20.68 5.25
CA PRO C 322 -14.48 -21.98 5.13
C PRO C 322 -15.95 -21.81 4.80
N SER C 323 -16.49 -22.80 4.08
CA SER C 323 -17.84 -22.67 3.54
C SER C 323 -18.89 -22.57 4.63
N THR C 324 -18.65 -23.22 5.77
CA THR C 324 -19.64 -23.21 6.84
C THR C 324 -19.83 -21.82 7.41
N MET C 325 -18.78 -21.01 7.39
CA MET C 325 -18.81 -19.74 8.11
C MET C 325 -19.76 -18.77 7.42
N LYS C 326 -20.47 -17.98 8.22
CA LYS C 326 -21.32 -16.92 7.71
C LYS C 326 -20.55 -15.60 7.74
N ILE C 327 -20.54 -14.90 6.61
CA ILE C 327 -19.78 -13.67 6.43
C ILE C 327 -20.75 -12.55 6.13
N LYS C 328 -20.61 -11.44 6.87
CA LYS C 328 -21.48 -10.29 6.72
C LYS C 328 -20.63 -9.04 6.67
N ILE C 329 -20.74 -8.28 5.58
CA ILE C 329 -20.05 -7.01 5.45
C ILE C 329 -21.00 -5.91 5.90
N ILE C 330 -20.63 -5.19 6.95
CA ILE C 330 -21.43 -4.09 7.47
C ILE C 330 -20.93 -2.81 6.81
N ALA C 331 -21.74 -2.25 5.92
CA ALA C 331 -21.39 -1.05 5.18
C ALA C 331 -22.51 -0.04 5.33
N PRO C 332 -22.53 0.72 6.42
CA PRO C 332 -23.58 1.72 6.61
C PRO C 332 -23.50 2.80 5.55
N PRO C 333 -24.62 3.39 5.16
CA PRO C 333 -24.60 4.40 4.09
C PRO C 333 -23.81 5.64 4.45
N GLU C 334 -23.60 5.92 5.74
CA GLU C 334 -22.83 7.09 6.18
C GLU C 334 -21.41 6.73 6.57
N ARG C 335 -20.87 5.63 6.04
CA ARG C 335 -19.57 5.16 6.48
C ARG C 335 -18.43 6.10 6.11
N LYS C 336 -18.67 7.07 5.23
CA LYS C 336 -17.65 8.06 4.95
C LYS C 336 -17.36 8.95 6.16
N TYR C 337 -18.28 9.02 7.12
CA TYR C 337 -18.09 9.79 8.34
C TYR C 337 -18.07 8.92 9.58
N SER C 338 -17.85 7.61 9.42
CA SER C 338 -17.92 6.71 10.55
C SER C 338 -16.88 7.05 11.61
N VAL C 339 -15.66 7.40 11.18
CA VAL C 339 -14.61 7.71 12.15
C VAL C 339 -15.00 8.93 12.98
N TRP C 340 -15.51 9.97 12.32
CA TRP C 340 -15.89 11.17 13.07
C TRP C 340 -17.08 10.90 13.97
N ILE C 341 -18.05 10.13 13.51
CA ILE C 341 -19.20 9.83 14.35
C ILE C 341 -18.78 9.05 15.58
N GLY C 342 -17.90 8.07 15.40
CA GLY C 342 -17.39 7.34 16.55
C GLY C 342 -16.59 8.21 17.49
N GLY C 343 -15.82 9.15 16.94
CA GLY C 343 -15.11 10.09 17.78
C GLY C 343 -16.05 10.95 18.60
N SER C 344 -17.14 11.42 17.99
CA SER C 344 -18.14 12.18 18.73
C SER C 344 -18.79 11.35 19.82
N ILE C 345 -19.12 10.10 19.51
CA ILE C 345 -19.71 9.22 20.51
C ILE C 345 -18.75 9.04 21.68
N LEU C 346 -17.49 8.76 21.39
CA LEU C 346 -16.51 8.55 22.45
C LEU C 346 -16.31 9.81 23.28
N ALA C 347 -16.21 10.97 22.63
CA ALA C 347 -16.00 12.20 23.36
C ALA C 347 -17.23 12.63 24.15
N SER C 348 -18.41 12.12 23.82
CA SER C 348 -19.61 12.42 24.58
C SER C 348 -19.79 11.50 25.79
N LEU C 349 -18.93 10.50 25.95
CA LEU C 349 -19.06 9.57 27.06
C LEU C 349 -18.51 10.17 28.33
N SER C 350 -19.22 9.93 29.44
CA SER C 350 -18.74 10.39 30.74
C SER C 350 -17.48 9.64 31.15
N THR C 351 -17.40 8.34 30.82
CA THR C 351 -16.24 7.55 31.20
C THR C 351 -14.98 8.01 30.47
N PHE C 352 -15.12 8.38 29.20
CA PHE C 352 -13.96 8.84 28.45
C PHE C 352 -13.39 10.13 29.02
N GLN C 353 -14.18 10.86 29.81
CA GLN C 353 -13.74 12.15 30.34
C GLN C 353 -12.52 12.01 31.24
N GLN C 354 -12.23 10.80 31.72
CA GLN C 354 -11.05 10.58 32.55
C GLN C 354 -9.82 10.23 31.74
N MET C 355 -9.95 9.99 30.44
CA MET C 355 -8.81 9.63 29.60
C MET C 355 -8.18 10.83 28.91
N TRP C 356 -8.69 12.04 29.16
CA TRP C 356 -8.12 13.23 28.54
C TRP C 356 -6.68 13.42 29.00
N ILE C 357 -5.78 13.65 28.04
CA ILE C 357 -4.43 14.06 28.38
C ILE C 357 -4.47 15.53 28.75
N THR C 358 -4.52 15.84 30.03
CA THR C 358 -4.60 17.23 30.44
C THR C 358 -3.26 17.93 30.25
N LYS C 359 -3.33 19.24 30.02
CA LYS C 359 -2.11 20.01 29.85
C LYS C 359 -1.32 20.12 31.14
N GLN C 360 -1.90 19.73 32.28
CA GLN C 360 -1.11 19.57 33.49
C GLN C 360 -0.11 18.43 33.33
N GLU C 361 -0.58 17.27 32.88
CA GLU C 361 0.30 16.13 32.71
C GLU C 361 1.32 16.37 31.61
N TYR C 362 0.96 17.17 30.60
CA TYR C 362 1.90 17.47 29.52
C TYR C 362 3.10 18.27 30.02
N ASP C 363 2.88 19.22 30.93
CA ASP C 363 3.97 20.08 31.36
C ASP C 363 4.97 19.37 32.25
N GLU C 364 4.55 18.32 32.94
CA GLU C 364 5.47 17.58 33.79
C GLU C 364 6.08 16.38 33.10
N ALA C 365 5.38 15.78 32.14
CA ALA C 365 5.87 14.59 31.45
C ALA C 365 6.38 14.87 30.04
N GLY C 366 6.11 16.04 29.49
CA GLY C 366 6.53 16.37 28.15
C GLY C 366 5.67 15.67 27.11
N PRO C 367 6.06 15.80 25.84
CA PRO C 367 5.27 15.17 24.77
C PRO C 367 5.24 13.65 24.85
N SER C 368 6.16 13.02 25.58
CA SER C 368 6.18 11.57 25.67
C SER C 368 4.98 11.01 26.43
N ILE C 369 4.21 11.85 27.11
CA ILE C 369 3.04 11.36 27.84
C ILE C 369 2.01 10.73 26.91
N VAL C 370 2.00 11.13 25.63
CA VAL C 370 1.02 10.61 24.70
C VAL C 370 1.24 9.14 24.37
N HIS C 371 2.39 8.58 24.72
CA HIS C 371 2.66 7.17 24.50
C HIS C 371 2.31 6.32 25.71
N ARG C 372 1.84 6.94 26.80
CA ARG C 372 1.46 6.22 28.00
C ARG C 372 -0.04 6.28 28.27
N LYS C 373 -0.78 7.15 27.59
CA LYS C 373 -2.21 7.30 27.83
C LYS C 373 -3.08 7.02 26.62
N CYS C 374 -2.50 6.83 25.44
CA CYS C 374 -3.25 6.52 24.23
C CYS C 374 -2.75 5.22 23.64
N PHE C 375 -3.68 4.40 23.16
CA PHE C 375 -3.33 3.14 22.50
C PHE C 375 -2.64 3.41 21.17
N ASP D 3 38.17 -44.25 1.10
CA ASP D 3 37.67 -45.62 1.03
C ASP D 3 36.18 -45.63 0.73
N GLU D 4 35.36 -45.64 1.78
CA GLU D 4 33.92 -45.64 1.60
C GLU D 4 33.44 -44.33 1.00
N THR D 5 32.33 -44.39 0.27
CA THR D 5 31.74 -43.18 -0.27
C THR D 5 31.27 -42.27 0.85
N THR D 6 31.72 -41.02 0.82
CA THR D 6 31.32 -40.06 1.85
C THR D 6 29.83 -39.76 1.74
N ALA D 7 29.23 -39.46 2.88
CA ALA D 7 27.81 -39.16 2.96
C ALA D 7 27.59 -37.66 2.85
N LEU D 8 26.40 -37.30 2.40
CA LEU D 8 26.00 -35.90 2.32
C LEU D 8 25.18 -35.51 3.55
N VAL D 9 25.52 -34.37 4.14
CA VAL D 9 24.79 -33.82 5.27
C VAL D 9 24.13 -32.54 4.80
N CYS D 10 22.80 -32.52 4.83
CA CYS D 10 22.01 -31.39 4.35
C CYS D 10 21.06 -30.96 5.45
N ASP D 11 21.44 -29.94 6.20
CA ASP D 11 20.58 -29.32 7.20
C ASP D 11 19.68 -28.35 6.45
N ASN D 12 18.41 -28.73 6.30
CA ASN D 12 17.40 -27.94 5.61
C ASN D 12 16.68 -27.08 6.63
N GLY D 13 17.33 -26.01 7.04
CA GLY D 13 16.71 -25.09 7.97
C GLY D 13 15.60 -24.30 7.33
N SER D 14 14.81 -23.65 8.18
CA SER D 14 13.73 -22.81 7.68
C SER D 14 14.27 -21.64 6.88
N GLY D 15 15.36 -21.03 7.34
CA GLY D 15 15.92 -19.88 6.68
C GLY D 15 17.10 -20.18 5.79
N LEU D 16 18.03 -20.97 6.28
CA LEU D 16 19.27 -21.27 5.56
C LEU D 16 19.37 -22.75 5.28
N VAL D 17 20.04 -23.08 4.18
CA VAL D 17 20.38 -24.46 3.84
C VAL D 17 21.88 -24.59 4.02
N LYS D 18 22.28 -25.56 4.84
CA LYS D 18 23.69 -25.86 5.09
C LYS D 18 23.96 -27.27 4.58
N ALA D 19 24.78 -27.39 3.53
CA ALA D 19 25.05 -28.68 2.93
C ALA D 19 26.56 -28.91 2.86
N GLY D 20 26.94 -30.17 2.97
CA GLY D 20 28.34 -30.52 2.89
C GLY D 20 28.54 -32.02 2.91
N PHE D 21 29.79 -32.43 3.04
CA PHE D 21 30.17 -33.83 3.03
C PHE D 21 30.54 -34.27 4.43
N ALA D 22 30.26 -35.54 4.74
CA ALA D 22 30.62 -36.09 6.04
C ALA D 22 32.12 -36.02 6.24
N GLY D 23 32.52 -35.69 7.47
CA GLY D 23 33.92 -35.59 7.85
C GLY D 23 34.46 -34.18 7.83
N ASP D 24 33.86 -33.30 7.05
CA ASP D 24 34.28 -31.91 7.03
C ASP D 24 33.83 -31.20 8.29
N ASP D 25 34.56 -30.15 8.65
CA ASP D 25 34.30 -29.39 9.87
C ASP D 25 33.43 -28.16 9.64
N ALA D 26 33.00 -27.92 8.41
CA ALA D 26 32.17 -26.77 8.10
C ALA D 26 31.38 -27.07 6.85
N PRO D 27 30.15 -26.56 6.74
CA PRO D 27 29.36 -26.79 5.52
C PRO D 27 30.05 -26.19 4.31
N ARG D 28 29.96 -26.90 3.19
CA ARG D 28 30.55 -26.38 1.96
C ARG D 28 29.64 -25.39 1.27
N ALA D 29 28.33 -25.51 1.47
CA ALA D 29 27.36 -24.63 0.82
C ALA D 29 26.36 -24.14 1.84
N VAL D 30 26.43 -22.86 2.17
CA VAL D 30 25.47 -22.22 3.07
C VAL D 30 24.78 -21.13 2.28
N PHE D 31 23.49 -21.29 2.02
CA PHE D 31 22.80 -20.29 1.23
C PHE D 31 21.35 -20.20 1.67
N PRO D 32 20.72 -19.05 1.51
CA PRO D 32 19.31 -18.91 1.92
C PRO D 32 18.41 -19.85 1.15
N SER D 33 17.40 -20.37 1.83
CA SER D 33 16.43 -21.29 1.21
C SER D 33 15.21 -20.49 0.76
N ILE D 34 15.40 -19.75 -0.33
CA ILE D 34 14.34 -18.93 -0.91
C ILE D 34 14.21 -19.26 -2.38
N VAL D 35 12.99 -19.10 -2.89
CA VAL D 35 12.72 -19.19 -4.31
C VAL D 35 12.11 -17.86 -4.74
N GLY D 36 12.74 -17.20 -5.70
CA GLY D 36 12.30 -15.90 -6.17
C GLY D 36 11.74 -16.01 -7.58
N ARG D 37 10.60 -15.35 -7.80
CA ARG D 37 10.02 -15.31 -9.13
C ARG D 37 9.81 -13.86 -9.54
N PRO D 38 10.10 -13.52 -10.80
CA PRO D 38 9.96 -12.13 -11.23
C PRO D 38 8.52 -11.66 -11.13
N ARG D 39 8.34 -10.43 -10.63
CA ARG D 39 7.02 -9.87 -10.44
C ARG D 39 6.77 -8.67 -11.35
N HIS D 40 7.60 -8.48 -12.37
CA HIS D 40 7.44 -7.39 -13.31
C HIS D 40 7.39 -7.97 -14.73
N GLN D 41 7.42 -7.08 -15.71
CA GLN D 41 7.34 -7.47 -17.11
C GLN D 41 8.71 -7.34 -17.75
N GLY D 42 9.18 -8.42 -18.38
CA GLY D 42 10.45 -8.38 -19.07
C GLY D 42 10.30 -7.75 -20.45
N VAL D 43 11.18 -6.79 -20.73
CA VAL D 43 11.14 -6.03 -21.97
C VAL D 43 12.27 -6.41 -22.91
N MET D 44 13.51 -6.38 -22.42
CA MET D 44 14.63 -6.83 -23.22
C MET D 44 14.50 -8.31 -23.52
N VAL D 45 14.84 -8.68 -24.76
CA VAL D 45 14.61 -10.03 -25.24
C VAL D 45 15.83 -10.90 -24.96
N GLY D 46 16.99 -10.26 -24.80
CA GLY D 46 18.20 -11.02 -24.56
C GLY D 46 18.34 -11.47 -23.12
N MET D 47 17.52 -10.91 -22.23
CA MET D 47 17.48 -11.29 -20.82
C MET D 47 16.11 -11.15 -20.19
N GLY D 48 16.06 -11.20 -18.87
CA GLY D 48 14.79 -11.20 -18.17
C GLY D 48 13.92 -12.37 -18.60
N GLN D 49 14.49 -13.56 -18.65
CA GLN D 49 13.80 -14.72 -19.18
C GLN D 49 13.83 -15.94 -18.27
N LYS D 50 14.73 -16.01 -17.30
CA LYS D 50 14.70 -17.13 -16.38
C LYS D 50 13.41 -17.11 -15.56
N ASP D 51 12.91 -18.30 -15.25
CA ASP D 51 11.61 -18.43 -14.61
C ASP D 51 11.66 -18.33 -13.09
N SER D 52 12.72 -18.82 -12.46
CA SER D 52 12.80 -18.80 -11.01
C SER D 52 14.26 -18.86 -10.59
N TYR D 53 14.59 -18.11 -9.54
CA TYR D 53 15.94 -18.04 -9.02
C TYR D 53 15.96 -18.66 -7.63
N VAL D 54 17.04 -19.38 -7.32
CA VAL D 54 17.13 -20.13 -6.08
C VAL D 54 18.40 -19.71 -5.34
N GLY D 55 18.26 -19.48 -4.04
CA GLY D 55 19.43 -19.29 -3.20
C GLY D 55 20.06 -17.94 -3.41
N ASP D 56 21.40 -17.90 -3.35
CA ASP D 56 22.12 -16.63 -3.37
C ASP D 56 21.80 -15.81 -4.60
N GLU D 57 21.56 -16.47 -5.73
CA GLU D 57 21.18 -15.74 -6.94
C GLU D 57 19.97 -14.86 -6.69
N ALA D 58 18.92 -15.42 -6.09
CA ALA D 58 17.76 -14.62 -5.75
C ALA D 58 18.13 -13.51 -4.77
N GLN D 59 19.04 -13.80 -3.83
CA GLN D 59 19.46 -12.77 -2.89
C GLN D 59 20.15 -11.62 -3.60
N SER D 60 20.68 -11.84 -4.80
CA SER D 60 21.31 -10.77 -5.54
C SER D 60 20.33 -10.02 -6.44
N LYS D 61 19.11 -10.54 -6.61
CA LYS D 61 18.14 -9.93 -7.50
C LYS D 61 16.81 -9.64 -6.82
N ARG D 62 16.83 -9.38 -5.51
CA ARG D 62 15.59 -9.21 -4.76
C ARG D 62 14.78 -8.01 -5.20
N GLY D 63 15.38 -7.08 -5.95
CA GLY D 63 14.63 -5.91 -6.38
C GLY D 63 13.47 -6.24 -7.31
N ILE D 64 13.65 -7.25 -8.16
CA ILE D 64 12.66 -7.58 -9.18
C ILE D 64 12.01 -8.93 -8.91
N LEU D 65 12.13 -9.44 -7.70
CA LEU D 65 11.66 -10.78 -7.39
C LEU D 65 10.71 -10.76 -6.21
N THR D 66 9.78 -11.70 -6.22
CA THR D 66 9.00 -12.08 -5.05
C THR D 66 9.66 -13.32 -4.47
N LEU D 67 10.11 -13.21 -3.22
CA LEU D 67 10.82 -14.29 -2.56
C LEU D 67 9.87 -15.06 -1.66
N LYS D 68 9.93 -16.38 -1.75
CA LYS D 68 9.10 -17.24 -0.92
C LYS D 68 9.97 -18.31 -0.29
N TYR D 69 9.74 -18.54 1.01
CA TYR D 69 10.42 -19.62 1.71
C TYR D 69 9.58 -20.88 1.60
N PRO D 70 10.07 -21.95 0.98
CA PRO D 70 9.30 -23.19 0.93
C PRO D 70 9.11 -23.85 2.27
N ILE D 71 9.91 -23.50 3.28
CA ILE D 71 9.80 -24.06 4.61
C ILE D 71 9.28 -22.99 5.55
N GLU D 72 8.17 -23.29 6.22
CA GLU D 72 7.58 -22.36 7.16
C GLU D 72 7.34 -23.07 8.49
N HIC D 73 7.97 -22.56 9.54
CA HIC D 73 7.89 -23.17 10.87
C HIC D 73 8.35 -24.62 10.84
O HIC D 73 7.71 -25.49 11.43
CB HIC D 73 6.47 -23.07 11.43
CG HIC D 73 6.12 -21.67 11.78
ND1 HIC D 73 6.90 -20.91 12.62
CD2 HIC D 73 5.04 -20.93 11.36
CE1 HIC D 73 6.30 -19.75 12.70
NE2 HIC D 73 5.17 -19.72 11.96
CZ HIC D 73 4.27 -18.59 11.83
N GLY D 74 9.43 -24.88 10.14
CA GLY D 74 10.01 -26.20 10.08
C GLY D 74 9.20 -27.23 9.31
N ILE D 75 8.11 -26.78 8.69
CA ILE D 75 7.22 -27.64 7.92
C ILE D 75 7.27 -27.19 6.46
N ILE D 76 7.58 -28.13 5.58
CA ILE D 76 7.67 -27.81 4.15
C ILE D 76 6.27 -27.65 3.59
N THR D 77 5.96 -26.46 3.09
CA THR D 77 4.64 -26.16 2.58
C THR D 77 4.56 -26.21 1.06
N ASN D 78 5.64 -25.84 0.36
CA ASN D 78 5.68 -25.84 -1.10
C ASN D 78 6.68 -26.89 -1.52
N TRP D 79 6.19 -28.06 -1.96
CA TRP D 79 7.08 -29.17 -2.23
C TRP D 79 7.84 -29.01 -3.55
N ASP D 80 7.23 -28.38 -4.55
CA ASP D 80 7.96 -28.12 -5.78
C ASP D 80 9.13 -27.18 -5.54
N ASP D 81 8.91 -26.14 -4.74
CA ASP D 81 10.01 -25.23 -4.40
C ASP D 81 11.09 -25.94 -3.61
N MET D 82 10.72 -26.82 -2.68
CA MET D 82 11.72 -27.56 -1.93
C MET D 82 12.52 -28.48 -2.83
N GLU D 83 11.87 -29.12 -3.78
CA GLU D 83 12.59 -29.95 -4.74
C GLU D 83 13.54 -29.12 -5.59
N LYS D 84 13.12 -27.92 -5.99
CA LYS D 84 14.00 -27.03 -6.73
C LYS D 84 15.21 -26.64 -5.89
N ILE D 85 15.00 -26.37 -4.61
CA ILE D 85 16.11 -26.02 -3.73
C ILE D 85 17.06 -27.20 -3.57
N TRP D 86 16.53 -28.42 -3.43
CA TRP D 86 17.39 -29.58 -3.34
C TRP D 86 18.20 -29.78 -4.61
N HIS D 87 17.59 -29.54 -5.76
CA HIS D 87 18.37 -29.44 -7.00
C HIS D 87 19.51 -28.45 -6.88
N HIS D 88 19.19 -27.20 -6.53
CA HIS D 88 20.25 -26.19 -6.51
C HIS D 88 21.34 -26.55 -5.53
N THR D 89 20.99 -27.28 -4.46
CA THR D 89 22.00 -27.75 -3.52
C THR D 89 22.89 -28.81 -4.15
N PHE D 90 22.28 -29.85 -4.73
CA PHE D 90 23.08 -31.00 -5.18
C PHE D 90 23.88 -30.69 -6.43
N TYR D 91 23.24 -30.08 -7.44
CA TYR D 91 23.87 -29.98 -8.74
C TYR D 91 24.66 -28.69 -8.94
N ASN D 92 24.32 -27.62 -8.22
CA ASN D 92 24.99 -26.34 -8.42
C ASN D 92 25.97 -26.02 -7.30
N GLU D 93 25.53 -26.12 -6.04
CA GLU D 93 26.41 -25.77 -4.93
C GLU D 93 27.41 -26.89 -4.63
N LEU D 94 26.91 -28.08 -4.31
CA LEU D 94 27.78 -29.21 -4.05
C LEU D 94 28.34 -29.82 -5.33
N ARG D 95 27.54 -29.81 -6.41
CA ARG D 95 27.96 -30.33 -7.71
C ARG D 95 28.38 -31.79 -7.60
N VAL D 96 27.46 -32.61 -7.10
CA VAL D 96 27.67 -34.04 -6.94
C VAL D 96 26.43 -34.77 -7.45
N ALA D 97 26.56 -36.09 -7.54
CA ALA D 97 25.43 -36.93 -7.91
C ALA D 97 24.83 -37.52 -6.64
N PRO D 98 23.58 -37.19 -6.29
CA PRO D 98 23.00 -37.76 -5.06
C PRO D 98 22.80 -39.26 -5.09
N GLU D 99 22.83 -39.89 -6.27
CA GLU D 99 22.57 -41.32 -6.37
C GLU D 99 23.77 -42.18 -5.99
N GLU D 100 24.91 -41.58 -5.68
CA GLU D 100 26.06 -42.33 -5.19
C GLU D 100 26.45 -42.01 -3.77
N HIS D 101 25.82 -41.01 -3.14
CA HIS D 101 26.11 -40.66 -1.77
C HIS D 101 24.86 -40.76 -0.92
N PRO D 102 24.90 -41.50 0.19
CA PRO D 102 23.77 -41.46 1.12
C PRO D 102 23.61 -40.06 1.70
N THR D 103 22.37 -39.67 1.93
CA THR D 103 22.03 -38.31 2.35
C THR D 103 21.44 -38.35 3.75
N LEU D 104 21.97 -37.49 4.63
CA LEU D 104 21.43 -37.33 5.97
C LEU D 104 20.68 -36.01 6.02
N LEU D 105 19.40 -36.07 6.35
CA LEU D 105 18.56 -34.89 6.48
C LEU D 105 18.18 -34.68 7.94
N THR D 106 17.79 -33.44 8.25
CA THR D 106 17.42 -33.06 9.60
C THR D 106 15.97 -32.62 9.65
N GLU D 107 15.41 -32.66 10.85
CA GLU D 107 14.01 -32.28 11.03
C GLU D 107 13.80 -31.86 12.47
N ALA D 108 12.91 -30.90 12.67
CA ALA D 108 12.54 -30.50 14.02
C ALA D 108 11.66 -31.57 14.64
N PRO D 109 11.72 -31.73 15.96
CA PRO D 109 10.84 -32.69 16.63
C PRO D 109 9.39 -32.23 16.58
N LEU D 110 8.49 -33.20 16.75
CA LEU D 110 7.05 -32.96 16.73
C LEU D 110 6.58 -32.38 15.41
N ASN D 111 7.21 -32.78 14.32
CA ASN D 111 6.77 -32.36 13.00
C ASN D 111 5.70 -33.33 12.48
N PRO D 112 4.87 -32.87 11.54
CA PRO D 112 3.88 -33.78 10.95
C PRO D 112 4.54 -34.97 10.28
N LYS D 113 3.87 -36.13 10.37
CA LYS D 113 4.40 -37.34 9.77
C LYS D 113 4.47 -37.24 8.26
N ALA D 114 3.47 -36.61 7.63
CA ALA D 114 3.46 -36.49 6.18
C ALA D 114 4.66 -35.73 5.66
N ASN D 115 5.15 -34.74 6.40
CA ASN D 115 6.35 -34.02 5.99
C ASN D 115 7.53 -34.97 5.85
N ARG D 116 7.76 -35.81 6.85
CA ARG D 116 8.86 -36.76 6.81
C ARG D 116 8.67 -37.81 5.73
N GLU D 117 7.44 -38.31 5.56
CA GLU D 117 7.17 -39.28 4.50
C GLU D 117 7.43 -38.68 3.12
N LYS D 118 6.97 -37.45 2.88
CA LYS D 118 7.22 -36.82 1.59
C LYS D 118 8.70 -36.55 1.39
N MET D 119 9.42 -36.17 2.45
CA MET D 119 10.86 -36.01 2.32
C MET D 119 11.52 -37.31 1.88
N THR D 120 11.13 -38.43 2.51
CA THR D 120 11.69 -39.72 2.12
C THR D 120 11.34 -40.07 0.68
N GLN D 121 10.08 -39.87 0.29
CA GLN D 121 9.64 -40.23 -1.05
C GLN D 121 10.37 -39.42 -2.11
N ILE D 122 10.55 -38.12 -1.87
CA ILE D 122 11.28 -37.29 -2.81
C ILE D 122 12.75 -37.71 -2.86
N MET D 123 13.36 -37.97 -1.71
CA MET D 123 14.76 -38.34 -1.70
C MET D 123 15.00 -39.67 -2.40
N PHE D 124 14.01 -40.56 -2.40
CA PHE D 124 14.20 -41.87 -3.00
C PHE D 124 13.70 -41.97 -4.43
N GLU D 125 12.62 -41.27 -4.78
CA GLU D 125 12.03 -41.42 -6.10
C GLU D 125 12.44 -40.34 -7.08
N THR D 126 12.85 -39.16 -6.61
CA THR D 126 13.29 -38.09 -7.49
C THR D 126 14.80 -38.04 -7.63
N PHE D 127 15.54 -38.24 -6.54
CA PHE D 127 16.99 -38.20 -6.58
C PHE D 127 17.63 -39.58 -6.54
N ASN D 128 16.89 -40.61 -6.13
CA ASN D 128 17.37 -41.99 -6.13
C ASN D 128 18.68 -42.15 -5.35
N VAL D 129 18.70 -41.60 -4.15
CA VAL D 129 19.86 -41.77 -3.27
C VAL D 129 19.94 -43.23 -2.84
N PRO D 130 21.14 -43.77 -2.62
CA PRO D 130 21.23 -45.16 -2.15
C PRO D 130 20.55 -45.35 -0.81
N ALA D 131 20.63 -44.37 0.08
CA ALA D 131 20.01 -44.46 1.39
C ALA D 131 19.83 -43.05 1.94
N MET D 132 19.01 -42.94 2.97
CA MET D 132 18.73 -41.65 3.59
C MET D 132 18.40 -41.87 5.05
N TYR D 133 18.47 -40.79 5.82
CA TYR D 133 18.16 -40.84 7.23
C TYR D 133 17.73 -39.44 7.68
N VAL D 134 16.68 -39.38 8.49
CA VAL D 134 16.16 -38.13 9.00
C VAL D 134 16.45 -38.10 10.49
N ALA D 135 17.30 -37.18 10.92
CA ALA D 135 17.69 -37.05 12.31
C ALA D 135 17.02 -35.85 12.95
N ILE D 136 17.00 -35.85 14.27
CA ILE D 136 16.46 -34.74 15.05
C ILE D 136 17.58 -33.75 15.28
N GLN D 137 17.31 -32.47 14.99
CA GLN D 137 18.37 -31.47 14.98
C GLN D 137 19.03 -31.33 16.35
N ALA D 138 18.26 -31.46 17.43
CA ALA D 138 18.83 -31.31 18.76
C ALA D 138 19.82 -32.42 19.08
N VAL D 139 19.54 -33.65 18.64
CA VAL D 139 20.48 -34.74 18.87
C VAL D 139 21.79 -34.47 18.15
N LEU D 140 21.73 -33.99 16.91
CA LEU D 140 22.93 -33.63 16.19
C LEU D 140 23.67 -32.49 16.89
N SER D 141 22.94 -31.51 17.40
CA SER D 141 23.56 -30.42 18.12
C SER D 141 24.31 -30.93 19.35
N LEU D 142 23.73 -31.89 20.06
CA LEU D 142 24.45 -32.52 21.17
C LEU D 142 25.68 -33.28 20.69
N TYR D 143 25.58 -33.97 19.56
CA TYR D 143 26.74 -34.65 18.99
C TYR D 143 27.87 -33.65 18.74
N ALA D 144 27.53 -32.46 18.26
CA ALA D 144 28.54 -31.48 17.89
C ALA D 144 29.35 -31.01 19.10
N SER D 145 28.73 -30.97 20.27
CA SER D 145 29.40 -30.48 21.47
C SER D 145 30.20 -31.55 22.19
N GLY D 146 30.25 -32.77 21.66
CA GLY D 146 30.98 -33.83 22.32
C GLY D 146 30.40 -34.21 23.67
N ARG D 147 29.08 -34.32 23.75
CA ARG D 147 28.40 -34.65 24.99
C ARG D 147 27.38 -35.74 24.74
N THR D 148 27.04 -36.46 25.81
CA THR D 148 25.93 -37.40 25.80
C THR D 148 24.81 -37.00 26.72
N THR D 149 25.01 -35.99 27.56
CA THR D 149 24.01 -35.53 28.51
C THR D 149 23.87 -34.02 28.40
N GLY D 150 22.62 -33.56 28.31
CA GLY D 150 22.36 -32.15 28.24
C GLY D 150 21.02 -31.88 27.60
N ILE D 151 20.49 -30.70 27.86
CA ILE D 151 19.24 -30.25 27.27
C ILE D 151 19.57 -29.24 26.18
N VAL D 152 19.15 -29.54 24.96
CA VAL D 152 19.53 -28.74 23.80
C VAL D 152 18.41 -27.75 23.50
N LEU D 153 18.76 -26.48 23.45
CA LEU D 153 17.88 -25.41 22.98
C LEU D 153 18.32 -25.04 21.58
N ASP D 154 17.59 -25.50 20.58
CA ASP D 154 17.90 -25.22 19.19
C ASP D 154 16.90 -24.20 18.68
N SER D 155 17.39 -23.02 18.32
CA SER D 155 16.53 -21.93 17.86
C SER D 155 16.95 -21.58 16.44
N GLY D 156 16.22 -22.10 15.46
CA GLY D 156 16.50 -21.84 14.07
C GLY D 156 15.80 -20.60 13.56
N ASP D 157 15.50 -20.61 12.26
CA ASP D 157 14.78 -19.50 11.67
C ASP D 157 13.27 -19.63 11.89
N GLY D 158 12.78 -20.87 12.02
CA GLY D 158 11.35 -21.07 12.11
C GLY D 158 10.86 -21.85 13.31
N VAL D 159 11.74 -22.58 13.99
CA VAL D 159 11.35 -23.42 15.11
C VAL D 159 12.37 -23.30 16.22
N THR D 160 11.89 -23.20 17.45
CA THR D 160 12.74 -23.21 18.64
C THR D 160 12.30 -24.36 19.52
N HIS D 161 13.16 -25.35 19.71
CA HIS D 161 12.78 -26.54 20.44
C HIS D 161 13.82 -26.88 21.49
N ASN D 162 13.32 -27.40 22.61
CA ASN D 162 14.13 -27.89 23.72
C ASN D 162 13.99 -29.40 23.78
N VAL D 163 15.12 -30.10 23.75
CA VAL D 163 15.15 -31.55 23.84
C VAL D 163 16.13 -31.98 24.92
N PRO D 164 15.67 -32.54 26.04
CA PRO D 164 16.60 -33.00 27.07
C PRO D 164 17.07 -34.42 26.77
N ILE D 165 18.36 -34.65 26.91
CA ILE D 165 18.97 -35.95 26.69
C ILE D 165 19.89 -36.27 27.85
N TYR D 166 19.79 -37.49 28.36
CA TYR D 166 20.60 -37.95 29.48
C TYR D 166 21.22 -39.28 29.14
N GLU D 167 22.56 -39.33 29.07
CA GLU D 167 23.31 -40.55 28.78
C GLU D 167 22.84 -41.19 27.48
N GLY D 168 22.60 -40.37 26.47
CA GLY D 168 22.18 -40.87 25.18
C GLY D 168 20.73 -41.27 25.07
N TYR D 169 19.94 -41.06 26.13
CA TYR D 169 18.53 -41.37 26.10
C TYR D 169 17.73 -40.07 26.03
N ALA D 170 16.84 -39.99 25.05
CA ALA D 170 15.95 -38.84 24.93
C ALA D 170 14.69 -39.08 25.74
N LEU D 171 14.07 -37.98 26.17
CA LEU D 171 12.84 -38.02 26.97
C LEU D 171 11.75 -37.35 26.15
N PRO D 172 11.06 -38.11 25.29
CA PRO D 172 10.11 -37.48 24.37
C PRO D 172 9.00 -36.71 25.05
N HIS D 173 8.57 -37.14 26.24
CA HIS D 173 7.50 -36.42 26.92
C HIS D 173 7.93 -35.04 27.38
N ALA D 174 9.24 -34.80 27.51
CA ALA D 174 9.76 -33.51 27.95
C ALA D 174 10.19 -32.62 26.80
N ILE D 175 9.96 -33.04 25.56
CA ILE D 175 10.34 -32.23 24.42
C ILE D 175 9.39 -31.05 24.30
N MET D 176 9.94 -29.84 24.19
CA MET D 176 9.15 -28.64 24.04
C MET D 176 9.41 -28.02 22.68
N ARG D 177 8.37 -27.50 22.05
CA ARG D 177 8.50 -26.87 20.75
C ARG D 177 7.75 -25.54 20.77
N LEU D 178 8.32 -24.54 20.09
CA LEU D 178 7.77 -23.19 20.08
C LEU D 178 8.02 -22.59 18.71
N ASP D 179 6.96 -22.04 18.11
CA ASP D 179 7.08 -21.51 16.75
C ASP D 179 7.86 -20.20 16.74
N LEU D 180 7.91 -19.51 17.87
CA LEU D 180 8.68 -18.28 17.98
C LEU D 180 10.14 -18.53 17.62
N ALA D 181 10.62 -17.85 16.59
CA ALA D 181 11.97 -18.09 16.09
C ALA D 181 12.44 -16.86 15.32
N GLY D 182 13.50 -17.02 14.53
CA GLY D 182 14.14 -15.87 13.92
C GLY D 182 13.23 -15.09 12.98
N ARG D 183 12.43 -15.80 12.19
CA ARG D 183 11.56 -15.12 11.24
C ARG D 183 10.54 -14.25 11.95
N ASP D 184 9.98 -14.74 13.05
CA ASP D 184 9.07 -13.94 13.84
C ASP D 184 9.76 -12.72 14.43
N LEU D 185 11.03 -12.89 14.82
CA LEU D 185 11.80 -11.74 15.30
C LEU D 185 11.99 -10.72 14.20
N THR D 186 12.23 -11.17 12.97
CA THR D 186 12.37 -10.25 11.84
C THR D 186 11.06 -9.50 11.59
N ASP D 187 9.93 -10.21 11.64
CA ASP D 187 8.65 -9.55 11.45
C ASP D 187 8.37 -8.53 12.55
N TYR D 188 8.67 -8.88 13.80
CA TYR D 188 8.50 -7.92 14.88
C TYR D 188 9.43 -6.73 14.72
N LEU D 189 10.64 -6.96 14.22
CA LEU D 189 11.55 -5.85 13.98
C LEU D 189 11.01 -4.93 12.90
N MET D 190 10.41 -5.48 11.86
CA MET D 190 9.75 -4.64 10.86
C MET D 190 8.64 -3.82 11.49
N LYS D 191 7.82 -4.47 12.32
CA LYS D 191 6.70 -3.78 12.95
C LYS D 191 7.17 -2.63 13.82
N ILE D 192 8.25 -2.85 14.59
CA ILE D 192 8.74 -1.78 15.47
C ILE D 192 9.65 -0.80 14.77
N LEU D 193 10.14 -1.13 13.57
CA LEU D 193 10.85 -0.14 12.77
C LEU D 193 9.88 0.80 12.07
N THR D 194 8.66 0.36 11.79
CA THR D 194 7.64 1.31 11.35
C THR D 194 7.38 2.38 12.40
N GLU D 195 7.74 2.10 13.65
CA GLU D 195 7.54 3.05 14.74
C GLU D 195 8.45 4.27 14.64
N ARG D 196 9.61 4.14 14.01
CA ARG D 196 10.49 5.27 13.77
C ARG D 196 10.31 5.88 12.38
N GLY D 197 9.34 5.41 11.61
CA GLY D 197 9.09 5.94 10.29
C GLY D 197 9.74 5.21 9.15
N TYR D 198 10.41 4.09 9.41
CA TYR D 198 10.99 3.27 8.36
C TYR D 198 9.98 2.21 7.96
N SER D 199 9.58 2.22 6.69
CA SER D 199 8.53 1.32 6.20
C SER D 199 9.17 0.26 5.33
N PHE D 200 9.24 -0.96 5.84
CA PHE D 200 9.68 -2.12 5.08
C PHE D 200 8.48 -3.04 4.89
N VAL D 201 8.13 -3.32 3.64
CA VAL D 201 6.93 -4.09 3.31
C VAL D 201 7.27 -5.30 2.45
N THR D 202 7.98 -5.08 1.34
CA THR D 202 8.25 -6.16 0.40
C THR D 202 9.18 -7.20 1.03
N THR D 203 9.23 -8.37 0.38
CA THR D 203 10.07 -9.44 0.87
C THR D 203 11.55 -9.06 0.82
N ALA D 204 11.95 -8.29 -0.18
CA ALA D 204 13.32 -7.80 -0.23
C ALA D 204 13.61 -6.90 0.97
N GLU D 205 12.66 -6.05 1.34
CA GLU D 205 12.82 -5.25 2.54
C GLU D 205 12.82 -6.13 3.79
N ARG D 206 12.12 -7.26 3.74
CA ARG D 206 12.23 -8.22 4.84
C ARG D 206 13.64 -8.77 4.96
N GLU D 207 14.29 -9.07 3.84
CA GLU D 207 15.68 -9.50 3.90
C GLU D 207 16.59 -8.40 4.41
N ILE D 208 16.33 -7.16 4.03
CA ILE D 208 17.10 -6.04 4.56
C ILE D 208 16.96 -5.95 6.07
N VAL D 209 15.73 -6.09 6.56
CA VAL D 209 15.50 -6.03 8.01
C VAL D 209 16.17 -7.21 8.71
N ARG D 210 16.18 -8.39 8.06
CA ARG D 210 16.88 -9.52 8.65
C ARG D 210 18.36 -9.23 8.78
N ASP D 211 18.95 -8.60 7.77
CA ASP D 211 20.35 -8.19 7.86
C ASP D 211 20.56 -7.19 8.99
N ILE D 212 19.65 -6.23 9.12
CA ILE D 212 19.74 -5.27 10.21
C ILE D 212 19.74 -5.99 11.55
N LYS D 213 18.84 -6.97 11.70
CA LYS D 213 18.75 -7.75 12.92
C LYS D 213 20.05 -8.48 13.20
N GLU D 214 20.63 -9.10 12.18
CA GLU D 214 21.87 -9.82 12.37
C GLU D 214 23.07 -8.92 12.64
N LYS D 215 22.99 -7.64 12.30
CA LYS D 215 24.14 -6.75 12.48
C LYS D 215 24.09 -5.90 13.75
N LEU D 216 22.91 -5.54 14.24
CA LEU D 216 22.82 -4.56 15.32
C LEU D 216 22.07 -5.03 16.55
N CYS D 217 21.27 -6.08 16.47
CA CYS D 217 20.47 -6.50 17.61
C CYS D 217 21.30 -7.25 18.64
N TYR D 218 20.93 -7.10 19.91
CA TYR D 218 21.56 -7.83 20.99
C TYR D 218 20.55 -8.03 22.10
N VAL D 219 20.86 -8.96 23.00
CA VAL D 219 19.98 -9.29 24.12
C VAL D 219 20.45 -8.49 25.33
N ALA D 220 19.53 -7.76 25.95
CA ALA D 220 19.86 -6.98 27.13
C ALA D 220 19.91 -7.87 28.37
N LEU D 221 20.89 -7.62 29.22
CA LEU D 221 20.99 -8.39 30.46
C LEU D 221 19.78 -8.10 31.36
N ASP D 222 19.40 -6.84 31.48
CA ASP D 222 18.20 -6.45 32.23
C ASP D 222 17.37 -5.54 31.34
N PHE D 223 16.16 -6.00 30.99
CA PHE D 223 15.37 -5.28 29.98
C PHE D 223 14.93 -3.91 30.47
N GLU D 224 14.48 -3.81 31.71
CA GLU D 224 13.97 -2.53 32.21
C GLU D 224 15.08 -1.50 32.34
N ASN D 225 16.23 -1.90 32.89
CA ASN D 225 17.34 -0.96 33.00
C ASN D 225 17.85 -0.55 31.63
N GLU D 226 17.88 -1.48 30.68
CA GLU D 226 18.30 -1.13 29.33
C GLU D 226 17.32 -0.16 28.69
N MET D 227 16.02 -0.35 28.90
CA MET D 227 15.04 0.58 28.38
C MET D 227 15.20 1.97 29.00
N ALA D 228 15.44 2.02 30.31
CA ALA D 228 15.67 3.32 30.96
C ALA D 228 16.91 4.00 30.40
N THR D 229 17.99 3.23 30.21
CA THR D 229 19.22 3.80 29.65
C THR D 229 18.99 4.33 28.24
N ALA D 230 18.28 3.57 27.42
CA ALA D 230 18.00 4.02 26.07
C ALA D 230 17.11 5.25 26.06
N ALA D 231 16.17 5.34 27.00
CA ALA D 231 15.30 6.51 27.07
C ALA D 231 16.00 7.74 27.60
N SER D 232 17.05 7.58 28.42
CA SER D 232 17.75 8.73 28.97
C SER D 232 18.92 9.13 28.09
N SER D 233 19.88 8.22 27.91
CA SER D 233 21.04 8.50 27.09
C SER D 233 20.80 8.07 25.65
N SER D 234 21.69 8.52 24.76
CA SER D 234 21.64 8.17 23.36
C SER D 234 22.82 7.29 22.94
N SER D 235 23.49 6.64 23.90
CA SER D 235 24.65 5.82 23.58
C SER D 235 24.24 4.57 22.81
N LEU D 236 23.06 4.03 23.11
CA LEU D 236 22.62 2.80 22.46
C LEU D 236 22.26 3.02 20.99
N GLU D 237 21.99 4.25 20.59
CA GLU D 237 21.59 4.52 19.22
C GLU D 237 22.71 4.14 18.26
N LYS D 238 22.36 3.39 17.22
CA LYS D 238 23.33 2.91 16.24
C LYS D 238 22.79 3.12 14.84
N SER D 239 23.69 3.42 13.90
CA SER D 239 23.31 3.73 12.53
C SER D 239 23.60 2.55 11.61
N TYR D 240 22.92 2.55 10.47
CA TYR D 240 23.02 1.47 9.49
C TYR D 240 22.70 2.03 8.12
N GLU D 241 23.46 1.64 7.11
CA GLU D 241 23.29 2.16 5.76
C GLU D 241 22.47 1.18 4.93
N LEU D 242 21.35 1.66 4.40
CA LEU D 242 20.48 0.86 3.54
C LEU D 242 21.13 0.64 2.18
N PRO D 243 20.64 -0.35 1.42
CA PRO D 243 21.21 -0.59 0.08
C PRO D 243 21.09 0.60 -0.86
N ASP D 244 20.15 1.52 -0.63
CA ASP D 244 20.00 2.69 -1.48
C ASP D 244 20.79 3.90 -0.97
N GLY D 245 21.53 3.76 0.12
CA GLY D 245 22.32 4.86 0.63
C GLY D 245 21.69 5.60 1.79
N GLN D 246 20.39 5.41 2.04
CA GLN D 246 19.78 6.05 3.19
C GLN D 246 20.38 5.47 4.47
N VAL D 247 20.54 6.32 5.49
CA VAL D 247 21.09 5.92 6.78
C VAL D 247 19.97 5.95 7.80
N ILE D 248 19.73 4.83 8.47
CA ILE D 248 18.72 4.75 9.51
C ILE D 248 19.44 4.62 10.84
N THR D 249 18.75 5.03 11.91
CA THR D 249 19.30 4.98 13.25
C THR D 249 18.28 4.33 14.17
N ILE D 250 18.71 3.31 14.90
CA ILE D 250 17.82 2.55 15.77
C ILE D 250 18.36 2.60 17.19
N GLY D 251 17.46 2.75 18.15
CA GLY D 251 17.84 2.85 19.55
C GLY D 251 17.50 1.62 20.35
N ASN D 252 16.42 1.68 21.13
CA ASN D 252 16.02 0.53 21.93
C ASN D 252 15.59 -0.65 21.08
N GLU D 253 15.24 -0.43 19.82
CA GLU D 253 14.85 -1.54 18.95
C GLU D 253 15.96 -2.56 18.80
N ARG D 254 17.21 -2.19 19.14
CA ARG D 254 18.29 -3.16 19.08
C ARG D 254 18.08 -4.30 20.07
N PHE D 255 17.49 -4.02 21.24
CA PHE D 255 17.26 -5.07 22.20
C PHE D 255 15.80 -5.41 22.42
N ARG D 256 14.87 -4.63 21.88
CA ARG D 256 13.46 -5.01 21.98
C ARG D 256 13.13 -6.17 21.07
N CYS D 257 13.79 -6.25 19.90
CA CYS D 257 13.53 -7.38 19.00
C CYS D 257 13.93 -8.72 19.62
N PRO D 258 15.15 -8.91 20.13
CA PRO D 258 15.46 -10.22 20.74
C PRO D 258 14.73 -10.47 22.03
N GLU D 259 14.21 -9.43 22.70
CA GLU D 259 13.47 -9.64 23.93
C GLU D 259 12.22 -10.47 23.72
N THR D 260 11.71 -10.53 22.49
CA THR D 260 10.58 -11.40 22.19
C THR D 260 10.90 -12.86 22.50
N LEU D 261 12.18 -13.23 22.43
CA LEU D 261 12.58 -14.58 22.80
C LEU D 261 12.21 -14.90 24.23
N PHE D 262 12.26 -13.90 25.11
CA PHE D 262 11.97 -14.11 26.53
C PHE D 262 10.59 -13.62 26.94
N GLN D 263 9.96 -12.79 26.13
CA GLN D 263 8.60 -12.31 26.38
C GLN D 263 7.80 -12.47 25.09
N PRO D 264 7.34 -13.69 24.79
CA PRO D 264 6.60 -13.91 23.55
C PRO D 264 5.31 -13.14 23.46
N SER D 265 4.83 -12.54 24.56
CA SER D 265 3.62 -11.73 24.50
C SER D 265 3.80 -10.49 23.64
N PHE D 266 5.05 -10.13 23.31
CA PHE D 266 5.29 -8.97 22.46
C PHE D 266 4.66 -9.15 21.08
N ILE D 267 4.65 -10.37 20.58
CA ILE D 267 3.99 -10.67 19.31
C ILE D 267 2.63 -11.32 19.54
N GLY D 268 2.07 -11.17 20.73
CA GLY D 268 0.74 -11.68 21.01
C GLY D 268 0.64 -13.17 21.23
N MET D 269 1.77 -13.85 21.44
CA MET D 269 1.74 -15.27 21.74
C MET D 269 1.62 -15.49 23.24
N GLU D 270 0.87 -16.51 23.61
CA GLU D 270 0.62 -16.80 25.02
C GLU D 270 1.74 -17.61 25.66
N SER D 271 2.59 -18.24 24.87
CA SER D 271 3.60 -19.14 25.41
C SER D 271 4.62 -18.36 26.23
N ALA D 272 5.36 -19.11 27.07
CA ALA D 272 6.38 -18.51 27.91
C ALA D 272 7.69 -18.39 27.14
N GLY D 273 8.60 -17.60 27.70
CA GLY D 273 9.88 -17.36 27.06
C GLY D 273 10.73 -18.62 26.99
N ILE D 274 11.85 -18.52 26.29
CA ILE D 274 12.72 -19.67 26.10
C ILE D 274 13.30 -20.16 27.42
N HIS D 275 13.61 -19.25 28.34
CA HIS D 275 14.11 -19.67 29.64
C HIS D 275 13.07 -20.49 30.41
N GLU D 276 11.81 -20.04 30.39
CA GLU D 276 10.77 -20.78 31.10
C GLU D 276 10.48 -22.11 30.42
N THR D 277 10.53 -22.16 29.09
CA THR D 277 10.34 -23.43 28.41
C THR D 277 11.47 -24.40 28.75
N THR D 278 12.71 -23.91 28.81
CA THR D 278 13.82 -24.76 29.20
C THR D 278 13.64 -25.28 30.62
N TYR D 279 13.25 -24.39 31.54
CA TYR D 279 13.06 -24.81 32.92
C TYR D 279 11.92 -25.84 33.03
N ASN D 280 10.82 -25.61 32.31
CA ASN D 280 9.72 -26.56 32.34
C ASN D 280 10.13 -27.91 31.75
N SER D 281 10.91 -27.89 30.68
CA SER D 281 11.40 -29.14 30.10
C SER D 281 12.28 -29.88 31.09
N ILE D 282 13.13 -29.16 31.82
CA ILE D 282 13.95 -29.81 32.83
C ILE D 282 13.08 -30.39 33.93
N MET D 283 12.08 -29.64 34.39
CA MET D 283 11.24 -30.10 35.47
C MET D 283 10.34 -31.26 35.06
N LYS D 284 10.10 -31.44 33.76
CA LYS D 284 9.34 -32.60 33.30
C LYS D 284 10.17 -33.87 33.31
N CYS D 285 11.49 -33.77 33.47
CA CYS D 285 12.36 -34.94 33.50
C CYS D 285 12.40 -35.52 34.91
N ASP D 286 13.02 -36.69 35.01
CA ASP D 286 13.19 -37.33 36.31
C ASP D 286 14.06 -36.47 37.21
N ILE D 287 13.76 -36.52 38.51
CA ILE D 287 14.43 -35.63 39.45
C ILE D 287 15.93 -35.90 39.52
N ASP D 288 16.34 -37.14 39.26
CA ASP D 288 17.74 -37.52 39.42
C ASP D 288 18.66 -36.95 38.34
N ILE D 289 18.12 -36.52 37.20
CA ILE D 289 18.93 -36.02 36.11
C ILE D 289 18.86 -34.52 35.95
N ARG D 290 18.07 -33.84 36.80
CA ARG D 290 17.91 -32.41 36.67
C ARG D 290 19.21 -31.67 36.95
N LYS D 291 20.05 -32.19 37.84
CA LYS D 291 21.33 -31.54 38.10
C LYS D 291 22.21 -31.51 36.86
N ASP D 292 22.34 -32.66 36.19
CA ASP D 292 23.13 -32.70 34.97
C ASP D 292 22.52 -31.85 33.87
N LEU D 293 21.19 -31.88 33.73
CA LEU D 293 20.56 -31.04 32.73
C LEU D 293 20.80 -29.56 33.00
N TYR D 294 20.75 -29.16 34.27
CA TYR D 294 21.09 -27.79 34.62
C TYR D 294 22.53 -27.46 34.25
N ALA D 295 23.44 -28.40 34.48
CA ALA D 295 24.85 -28.15 34.24
C ALA D 295 25.26 -28.29 32.78
N ASN D 296 24.36 -28.71 31.89
CA ASN D 296 24.72 -28.95 30.49
C ASN D 296 23.72 -28.33 29.52
N ASN D 297 23.39 -27.06 29.73
CA ASN D 297 22.54 -26.33 28.78
C ASN D 297 23.34 -26.03 27.53
N VAL D 298 22.92 -26.59 26.40
CA VAL D 298 23.61 -26.41 25.12
C VAL D 298 22.69 -25.64 24.18
N MET D 299 23.16 -24.49 23.70
CA MET D 299 22.40 -23.68 22.76
C MET D 299 22.93 -23.86 21.35
N SER D 300 22.03 -23.86 20.38
CA SER D 300 22.43 -23.98 18.98
C SER D 300 21.42 -23.27 18.11
N GLY D 301 21.83 -22.98 16.88
CA GLY D 301 20.99 -22.30 15.92
C GLY D 301 21.36 -20.84 15.79
N GLY D 302 20.99 -20.27 14.64
CA GLY D 302 21.34 -18.89 14.36
C GLY D 302 20.73 -17.90 15.34
N THR D 303 19.49 -18.15 15.76
CA THR D 303 18.82 -17.22 16.65
C THR D 303 19.49 -17.13 18.01
N THR D 304 20.35 -18.08 18.34
CA THR D 304 21.09 -18.05 19.59
C THR D 304 22.44 -17.35 19.46
N MET D 305 22.69 -16.69 18.35
CA MET D 305 23.95 -15.99 18.13
C MET D 305 23.90 -14.54 18.57
N TYR D 306 22.82 -14.12 19.20
CA TYR D 306 22.72 -12.75 19.68
C TYR D 306 23.79 -12.49 20.73
N PRO D 307 24.43 -11.33 20.71
CA PRO D 307 25.40 -11.01 21.77
C PRO D 307 24.70 -10.89 23.12
N GLY D 308 25.27 -11.54 24.12
CA GLY D 308 24.74 -11.46 25.47
C GLY D 308 23.53 -12.33 25.74
N ILE D 309 23.17 -13.22 24.82
CA ILE D 309 22.02 -14.09 25.07
C ILE D 309 22.36 -15.15 26.11
N ALA D 310 23.60 -15.64 26.12
CA ALA D 310 23.99 -16.66 27.08
C ALA D 310 23.90 -16.14 28.51
N ASP D 311 24.38 -14.91 28.74
CA ASP D 311 24.32 -14.34 30.08
C ASP D 311 22.89 -14.16 30.54
N ARG D 312 22.01 -13.68 29.65
CA ARG D 312 20.61 -13.51 30.02
C ARG D 312 19.96 -14.84 30.34
N MET D 313 20.21 -15.86 29.52
CA MET D 313 19.64 -17.18 29.78
C MET D 313 20.14 -17.74 31.10
N GLN D 314 21.44 -17.59 31.37
CA GLN D 314 21.98 -18.05 32.64
C GLN D 314 21.32 -17.36 33.82
N LYS D 315 21.17 -16.04 33.73
CA LYS D 315 20.56 -15.30 34.84
C LYS D 315 19.12 -15.73 35.05
N GLU D 316 18.35 -15.88 33.97
CA GLU D 316 16.94 -16.26 34.11
C GLU D 316 16.81 -17.66 34.71
N ILE D 317 17.55 -18.63 34.19
CA ILE D 317 17.44 -19.98 34.72
C ILE D 317 17.94 -20.06 36.14
N THR D 318 18.97 -19.27 36.48
CA THR D 318 19.41 -19.18 37.87
C THR D 318 18.30 -18.65 38.76
N ALA D 319 17.59 -17.64 38.30
CA ALA D 319 16.45 -17.13 39.05
C ALA D 319 15.35 -18.17 39.19
N LEU D 320 15.21 -19.06 38.21
CA LEU D 320 14.16 -20.08 38.29
C LEU D 320 14.59 -21.31 39.08
N ALA D 321 15.80 -21.82 38.83
CA ALA D 321 16.25 -23.05 39.45
C ALA D 321 16.65 -22.82 40.91
N PRO D 322 16.70 -23.88 41.71
CA PRO D 322 17.16 -23.74 43.09
C PRO D 322 18.59 -23.23 43.15
N SER D 323 18.89 -22.45 44.19
CA SER D 323 20.18 -21.79 44.29
C SER D 323 21.34 -22.78 44.44
N THR D 324 21.07 -24.01 44.86
CA THR D 324 22.14 -24.98 45.04
C THR D 324 22.66 -25.54 43.73
N MET D 325 21.82 -25.61 42.70
CA MET D 325 22.25 -26.19 41.44
C MET D 325 23.22 -25.26 40.71
N LYS D 326 24.14 -25.87 39.97
CA LYS D 326 25.14 -25.15 39.18
C LYS D 326 24.66 -25.10 37.75
N ILE D 327 24.43 -23.89 37.24
CA ILE D 327 23.89 -23.70 35.90
C ILE D 327 24.99 -23.20 34.99
N LYS D 328 25.18 -23.90 33.86
CA LYS D 328 26.21 -23.58 32.90
C LYS D 328 25.59 -23.59 31.51
N ILE D 329 25.65 -22.45 30.82
CA ILE D 329 25.17 -22.35 29.45
C ILE D 329 26.34 -22.58 28.52
N ILE D 330 26.26 -23.62 27.71
CA ILE D 330 27.30 -23.95 26.74
C ILE D 330 26.93 -23.31 25.42
N ALA D 331 27.67 -22.28 25.03
CA ALA D 331 27.40 -21.53 23.79
C ALA D 331 28.69 -21.46 22.99
N PRO D 332 29.01 -22.50 22.23
CA PRO D 332 30.22 -22.49 21.42
C PRO D 332 30.14 -21.41 20.36
N PRO D 333 31.28 -20.81 19.97
CA PRO D 333 31.25 -19.73 18.98
C PRO D 333 30.76 -20.16 17.62
N GLU D 334 30.81 -21.45 17.29
CA GLU D 334 30.39 -21.94 15.99
C GLU D 334 29.01 -22.59 16.05
N ARG D 335 28.19 -22.23 17.03
CA ARG D 335 26.92 -22.91 17.22
C ARG D 335 25.94 -22.72 16.06
N LYS D 336 26.12 -21.68 15.25
CA LYS D 336 25.22 -21.47 14.12
C LYS D 336 25.27 -22.63 13.15
N TYR D 337 26.35 -23.40 13.16
CA TYR D 337 26.48 -24.58 12.31
C TYR D 337 26.46 -25.86 13.12
N SER D 338 26.24 -25.77 14.44
CA SER D 338 26.40 -26.93 15.32
C SER D 338 25.63 -28.13 14.80
N VAL D 339 24.35 -27.95 14.50
CA VAL D 339 23.54 -29.05 13.98
C VAL D 339 24.26 -29.73 12.83
N TRP D 340 24.62 -28.96 11.80
CA TRP D 340 25.30 -29.56 10.66
C TRP D 340 26.55 -30.29 11.10
N ILE D 341 27.37 -29.65 11.95
CA ILE D 341 28.58 -30.30 12.41
C ILE D 341 28.25 -31.63 13.05
N GLY D 342 27.25 -31.64 13.93
CA GLY D 342 26.84 -32.89 14.55
C GLY D 342 26.47 -33.92 13.52
N GLY D 343 25.69 -33.53 12.52
CA GLY D 343 25.35 -34.46 11.45
C GLY D 343 26.58 -35.04 10.80
N SER D 344 27.56 -34.19 10.49
CA SER D 344 28.80 -34.69 9.94
C SER D 344 29.39 -35.77 10.82
N ILE D 345 29.49 -35.51 12.12
CA ILE D 345 30.01 -36.52 13.04
C ILE D 345 29.17 -37.79 12.95
N LEU D 346 27.84 -37.64 12.98
CA LEU D 346 26.99 -38.81 12.95
C LEU D 346 27.12 -39.53 11.62
N ALA D 347 27.44 -38.80 10.56
CA ALA D 347 27.59 -39.45 9.26
C ALA D 347 28.95 -40.12 9.10
N SER D 348 29.89 -39.86 10.00
CA SER D 348 31.20 -40.47 9.93
C SER D 348 31.36 -41.67 10.85
N LEU D 349 30.40 -41.92 11.73
CA LEU D 349 30.50 -43.02 12.67
C LEU D 349 30.29 -44.36 11.96
N SER D 350 31.09 -45.35 12.33
CA SER D 350 30.93 -46.68 11.74
C SER D 350 29.64 -47.34 12.17
N THR D 351 29.22 -47.13 13.43
CA THR D 351 27.97 -47.72 13.89
C THR D 351 26.77 -47.18 13.13
N PHE D 352 26.74 -45.86 12.89
CA PHE D 352 25.61 -45.25 12.20
C PHE D 352 25.43 -45.82 10.79
N GLN D 353 26.46 -46.44 10.23
CA GLN D 353 26.33 -47.06 8.92
C GLN D 353 25.29 -48.18 8.91
N GLN D 354 24.89 -48.69 10.07
CA GLN D 354 23.80 -49.65 10.11
C GLN D 354 22.43 -49.01 10.27
N MET D 355 22.38 -47.69 10.47
CA MET D 355 21.12 -47.00 10.70
C MET D 355 20.51 -46.45 9.42
N TRP D 356 21.18 -46.58 8.28
CA TRP D 356 20.66 -46.03 7.04
C TRP D 356 19.35 -46.70 6.65
N ILE D 357 18.47 -45.94 6.01
CA ILE D 357 17.27 -46.49 5.39
C ILE D 357 17.61 -46.75 3.93
N THR D 358 17.97 -47.99 3.63
CA THR D 358 18.33 -48.33 2.26
C THR D 358 17.08 -48.38 1.39
N LYS D 359 17.27 -48.14 0.08
CA LYS D 359 16.12 -48.09 -0.80
C LYS D 359 15.48 -49.46 -0.99
N GLN D 360 16.17 -50.54 -0.61
CA GLN D 360 15.51 -51.83 -0.57
C GLN D 360 14.35 -51.81 0.42
N GLU D 361 14.61 -51.30 1.62
CA GLU D 361 13.54 -51.19 2.62
C GLU D 361 12.45 -50.23 2.16
N TYR D 362 12.83 -49.13 1.49
CA TYR D 362 11.82 -48.22 0.98
C TYR D 362 10.94 -48.88 -0.07
N ASP D 363 11.54 -49.68 -0.95
CA ASP D 363 10.76 -50.34 -1.98
C ASP D 363 9.86 -51.43 -1.42
N GLU D 364 10.31 -52.14 -0.39
CA GLU D 364 9.50 -53.23 0.15
C GLU D 364 8.46 -52.75 1.15
N ALA D 365 8.71 -51.64 1.85
CA ALA D 365 7.82 -51.19 2.92
C ALA D 365 7.14 -49.87 2.64
N GLY D 366 7.55 -49.15 1.60
CA GLY D 366 6.96 -47.88 1.27
C GLY D 366 7.49 -46.74 2.13
N PRO D 367 6.95 -45.53 1.95
CA PRO D 367 7.43 -44.38 2.70
C PRO D 367 7.24 -44.49 4.21
N SER D 368 6.34 -45.36 4.67
CA SER D 368 6.10 -45.50 6.10
C SER D 368 7.32 -46.03 6.86
N ILE D 369 8.30 -46.61 6.16
CA ILE D 369 9.47 -47.15 6.83
C ILE D 369 10.21 -46.10 7.62
N VAL D 370 10.10 -44.83 7.22
CA VAL D 370 10.78 -43.76 7.95
C VAL D 370 10.25 -43.57 9.35
N HIS D 371 9.11 -44.16 9.69
CA HIS D 371 8.57 -44.09 11.04
C HIS D 371 8.95 -45.31 11.87
N ARG D 372 9.67 -46.26 11.29
CA ARG D 372 10.15 -47.42 12.02
C ARG D 372 11.65 -47.43 12.20
N LYS D 373 12.38 -46.51 11.56
CA LYS D 373 13.83 -46.49 11.65
C LYS D 373 14.40 -45.16 12.11
N CYS D 374 13.61 -44.10 12.16
CA CYS D 374 14.08 -42.79 12.60
C CYS D 374 13.25 -42.34 13.80
N PHE D 375 13.94 -41.79 14.80
CA PHE D 375 13.26 -41.25 15.97
C PHE D 375 12.41 -40.05 15.61
N ASP E 3 -38.61 -28.61 56.20
CA ASP E 3 -38.27 -28.73 57.61
C ASP E 3 -36.82 -28.32 57.86
N GLU E 4 -35.93 -29.30 57.97
CA GLU E 4 -34.52 -29.02 58.17
C GLU E 4 -33.93 -28.37 56.92
N THR E 5 -33.00 -27.45 57.12
CA THR E 5 -32.34 -26.79 56.01
C THR E 5 -31.52 -27.79 55.22
N THR E 6 -31.71 -27.80 53.90
CA THR E 6 -30.97 -28.71 53.05
C THR E 6 -29.49 -28.33 53.02
N ALA E 7 -28.65 -29.34 52.86
CA ALA E 7 -27.21 -29.15 52.81
C ALA E 7 -26.74 -28.93 51.38
N LEU E 8 -25.59 -28.28 51.25
CA LEU E 8 -24.99 -28.06 49.94
C LEU E 8 -23.94 -29.13 49.67
N VAL E 9 -24.00 -29.70 48.48
CA VAL E 9 -23.03 -30.69 48.03
C VAL E 9 -22.25 -30.06 46.89
N CYS E 10 -20.96 -29.81 47.11
CA CYS E 10 -20.10 -29.15 46.14
C CYS E 10 -18.91 -30.05 45.86
N ASP E 11 -18.94 -30.73 44.70
CA ASP E 11 -17.82 -31.53 44.24
C ASP E 11 -16.99 -30.64 43.32
N ASN E 12 -15.89 -30.13 43.87
CA ASN E 12 -14.96 -29.29 43.13
C ASN E 12 -13.85 -30.18 42.59
N GLY E 13 -14.07 -30.73 41.41
CA GLY E 13 -13.08 -31.56 40.79
C GLY E 13 -11.96 -30.74 40.17
N SER E 14 -11.00 -31.45 39.59
CA SER E 14 -9.86 -30.77 38.96
C SER E 14 -10.31 -29.95 37.76
N GLY E 15 -11.36 -30.37 37.08
CA GLY E 15 -11.77 -29.70 35.87
C GLY E 15 -13.22 -29.27 35.80
N LEU E 16 -14.03 -29.70 36.78
CA LEU E 16 -15.45 -29.38 36.78
C LEU E 16 -15.92 -29.14 38.20
N VAL E 17 -16.75 -28.12 38.40
CA VAL E 17 -17.44 -27.89 39.65
C VAL E 17 -18.88 -28.32 39.48
N LYS E 18 -19.33 -29.21 40.35
CA LYS E 18 -20.70 -29.72 40.35
C LYS E 18 -21.32 -29.40 41.71
N ALA E 19 -22.32 -28.53 41.71
CA ALA E 19 -22.95 -28.10 42.93
C ALA E 19 -24.45 -28.30 42.85
N GLY E 20 -25.07 -28.51 44.01
CA GLY E 20 -26.50 -28.69 44.09
C GLY E 20 -26.97 -28.72 45.53
N PHE E 21 -28.16 -29.26 45.77
CA PHE E 21 -28.72 -29.34 47.11
C PHE E 21 -28.94 -30.80 47.47
N ALA E 22 -28.84 -31.09 48.76
CA ALA E 22 -29.06 -32.44 49.25
C ALA E 22 -30.47 -32.90 48.91
N GLY E 23 -30.58 -34.15 48.44
CA GLY E 23 -31.85 -34.75 48.09
C GLY E 23 -32.13 -34.75 46.60
N ASP E 24 -31.52 -33.84 45.85
CA ASP E 24 -31.69 -33.81 44.42
C ASP E 24 -30.93 -34.97 43.77
N ASP E 25 -31.39 -35.38 42.60
CA ASP E 25 -30.81 -36.50 41.88
C ASP E 25 -29.81 -36.06 40.81
N ALA E 26 -29.55 -34.76 40.69
CA ALA E 26 -28.60 -34.27 39.70
C ALA E 26 -28.07 -32.93 40.16
N PRO E 27 -26.81 -32.62 39.87
CA PRO E 27 -26.27 -31.31 40.27
C PRO E 27 -27.02 -30.20 39.58
N ARG E 28 -27.23 -29.10 40.31
CA ARG E 28 -27.94 -27.97 39.73
C ARG E 28 -27.03 -27.11 38.86
N ALA E 29 -25.73 -27.06 39.20
CA ALA E 29 -24.78 -26.23 38.46
C ALA E 29 -23.53 -27.05 38.18
N VAL E 30 -23.26 -27.30 36.90
CA VAL E 30 -22.06 -27.99 36.46
C VAL E 30 -21.34 -27.06 35.51
N PHE E 31 -20.15 -26.60 35.90
CA PHE E 31 -19.43 -25.67 35.05
C PHE E 31 -17.94 -25.88 35.23
N PRO E 32 -17.13 -25.58 34.22
CA PRO E 32 -15.69 -25.76 34.35
C PRO E 32 -15.10 -24.88 35.44
N SER E 33 -14.12 -25.43 36.16
CA SER E 33 -13.44 -24.69 37.22
C SER E 33 -12.21 -24.01 36.65
N ILE E 34 -12.46 -22.96 35.88
CA ILE E 34 -11.39 -22.19 35.25
C ILE E 34 -11.55 -20.73 35.63
N VAL E 35 -10.42 -20.04 35.71
CA VAL E 35 -10.39 -18.60 35.92
C VAL E 35 -9.66 -17.99 34.73
N GLY E 36 -10.32 -17.07 34.03
CA GLY E 36 -9.77 -16.46 32.83
C GLY E 36 -9.42 -15.01 33.10
N ARG E 37 -8.26 -14.59 32.61
CA ARG E 37 -7.88 -13.19 32.72
C ARG E 37 -7.49 -12.65 31.35
N PRO E 38 -7.91 -11.44 31.02
CA PRO E 38 -7.61 -10.88 29.69
C PRO E 38 -6.11 -10.76 29.49
N ARG E 39 -5.65 -11.11 28.29
CA ARG E 39 -4.23 -11.07 27.94
C ARG E 39 -3.94 -10.08 26.83
N HIS E 40 -4.89 -9.20 26.51
CA HIS E 40 -4.71 -8.20 25.47
C HIS E 40 -4.98 -6.82 26.07
N GLN E 41 -4.97 -5.81 25.21
CA GLN E 41 -5.16 -4.43 25.62
C GLN E 41 -6.59 -3.99 25.31
N GLY E 42 -7.29 -3.50 26.33
CA GLY E 42 -8.63 -2.99 26.11
C GLY E 42 -8.60 -1.60 25.51
N VAL E 43 -9.25 -1.45 24.36
CA VAL E 43 -9.23 -0.19 23.64
C VAL E 43 -10.58 0.50 23.58
N MET E 44 -11.69 -0.20 23.66
CA MET E 44 -13.01 0.42 23.68
C MET E 44 -13.43 0.54 25.13
N VAL E 45 -13.72 1.78 25.56
CA VAL E 45 -14.04 2.01 26.95
C VAL E 45 -15.29 1.27 27.37
N GLY E 46 -16.25 1.08 26.46
CA GLY E 46 -17.53 0.47 26.81
C GLY E 46 -17.41 -0.95 27.32
N MET E 47 -16.42 -1.70 26.86
CA MET E 47 -16.23 -3.09 27.29
C MET E 47 -14.84 -3.20 27.91
N GLY E 48 -14.48 -4.42 28.27
CA GLY E 48 -13.14 -4.68 28.76
C GLY E 48 -12.78 -3.97 30.05
N GLN E 49 -13.67 -4.00 31.04
CA GLN E 49 -13.35 -3.45 32.35
C GLN E 49 -13.28 -4.50 33.44
N LYS E 50 -13.97 -5.63 33.27
CA LYS E 50 -13.88 -6.70 34.26
C LYS E 50 -12.49 -7.31 34.26
N ASP E 51 -12.05 -7.74 35.45
CA ASP E 51 -10.70 -8.22 35.64
C ASP E 51 -10.56 -9.73 35.46
N SER E 52 -11.60 -10.50 35.74
CA SER E 52 -11.49 -11.94 35.64
C SER E 52 -12.86 -12.53 35.35
N TYR E 53 -12.86 -13.65 34.63
CA TYR E 53 -14.08 -14.36 34.29
C TYR E 53 -14.00 -15.78 34.81
N VAL E 54 -15.10 -16.27 35.36
CA VAL E 54 -15.13 -17.56 36.05
C VAL E 54 -16.21 -18.43 35.43
N GLY E 55 -15.88 -19.68 35.17
CA GLY E 55 -16.90 -20.64 34.76
C GLY E 55 -17.24 -20.53 33.31
N ASP E 56 -18.54 -20.63 33.00
CA ASP E 56 -18.98 -20.67 31.61
C ASP E 56 -18.67 -19.37 30.86
N GLU E 57 -18.59 -18.25 31.57
CA GLU E 57 -18.24 -17.00 30.91
C GLU E 57 -16.83 -17.07 30.34
N ALA E 58 -15.88 -17.61 31.11
CA ALA E 58 -14.54 -17.82 30.59
C ALA E 58 -14.53 -18.83 29.46
N GLN E 59 -15.44 -19.80 29.50
CA GLN E 59 -15.53 -20.77 28.41
C GLN E 59 -16.12 -20.15 27.16
N SER E 60 -16.84 -19.04 27.30
CA SER E 60 -17.39 -18.35 26.14
C SER E 60 -16.47 -17.26 25.62
N LYS E 61 -15.55 -16.76 26.44
CA LYS E 61 -14.65 -15.70 26.04
C LYS E 61 -13.20 -16.16 25.96
N ARG E 62 -12.96 -17.44 25.65
CA ARG E 62 -11.60 -17.96 25.69
C ARG E 62 -10.67 -17.32 24.67
N GLY E 63 -11.20 -16.68 23.64
CA GLY E 63 -10.34 -16.12 22.62
C GLY E 63 -9.43 -15.03 23.12
N ILE E 64 -9.87 -14.28 24.12
CA ILE E 64 -9.13 -13.14 24.62
C ILE E 64 -8.67 -13.36 26.05
N LEU E 65 -8.66 -14.60 26.52
CA LEU E 65 -8.36 -14.90 27.91
C LEU E 65 -7.24 -15.91 28.02
N THR E 66 -6.48 -15.79 29.10
CA THR E 66 -5.60 -16.84 29.59
C THR E 66 -6.38 -17.59 30.65
N LEU E 67 -6.57 -18.89 30.45
CA LEU E 67 -7.35 -19.71 31.36
C LEU E 67 -6.42 -20.48 32.28
N LYS E 68 -6.72 -20.47 33.57
CA LYS E 68 -5.94 -21.21 34.55
C LYS E 68 -6.87 -22.03 35.42
N TYR E 69 -6.46 -23.27 35.67
CA TYR E 69 -7.20 -24.13 36.58
C TYR E 69 -6.63 -23.97 37.98
N PRO E 70 -7.42 -23.50 38.96
CA PRO E 70 -6.89 -23.37 40.32
C PRO E 70 -6.56 -24.70 40.97
N ILE E 71 -7.12 -25.80 40.47
CA ILE E 71 -6.88 -27.13 41.02
C ILE E 71 -6.04 -27.91 40.03
N GLU E 72 -4.90 -28.41 40.48
CA GLU E 72 -4.03 -29.21 39.64
C GLU E 72 -3.68 -30.51 40.35
N HIC E 73 -4.02 -31.63 39.72
CA HIC E 73 -3.82 -32.95 40.31
C HIC E 73 -4.53 -33.07 41.64
O HIC E 73 -3.98 -33.62 42.60
CB HIC E 73 -2.34 -33.27 40.46
CG HIC E 73 -1.67 -33.49 39.14
ND1 HIC E 73 -2.13 -34.41 38.26
CD2 HIC E 73 -0.56 -32.86 38.65
CE1 HIC E 73 -1.31 -34.33 37.23
NE2 HIC E 73 -0.35 -33.40 37.42
CZ HIC E 73 0.70 -33.07 36.50
N GLY E 74 -5.75 -32.54 41.72
CA GLY E 74 -6.54 -32.64 42.92
C GLY E 74 -6.07 -31.79 44.09
N ILE E 75 -5.02 -31.02 43.86
CA ILE E 75 -4.44 -30.15 44.88
C ILE E 75 -4.67 -28.71 44.46
N ILE E 76 -5.26 -27.93 45.36
CA ILE E 76 -5.54 -26.52 45.05
C ILE E 76 -4.24 -25.75 45.14
N THR E 77 -3.84 -25.13 44.03
CA THR E 77 -2.58 -24.40 43.97
C THR E 77 -2.76 -22.89 44.05
N ASN E 78 -3.88 -22.36 43.57
CA ASN E 78 -4.16 -20.93 43.60
C ASN E 78 -5.38 -20.71 44.48
N TRP E 79 -5.16 -20.29 45.72
CA TRP E 79 -6.25 -20.18 46.67
C TRP E 79 -7.15 -18.99 46.39
N ASP E 80 -6.58 -17.90 45.87
CA ASP E 80 -7.43 -16.76 45.47
C ASP E 80 -8.39 -17.17 44.36
N ASP E 81 -7.89 -17.90 43.36
CA ASP E 81 -8.75 -18.35 42.28
C ASP E 81 -9.79 -19.35 42.77
N MET E 82 -9.41 -20.26 43.67
CA MET E 82 -10.38 -21.21 44.21
C MET E 82 -11.46 -20.49 44.99
N GLU E 83 -11.08 -19.48 45.79
CA GLU E 83 -12.08 -18.69 46.51
C GLU E 83 -12.99 -17.95 45.55
N LYS E 84 -12.44 -17.42 44.46
CA LYS E 84 -13.27 -16.77 43.46
C LYS E 84 -14.27 -17.75 42.85
N ILE E 85 -13.82 -18.97 42.57
CA ILE E 85 -14.71 -19.97 41.99
C ILE E 85 -15.82 -20.34 42.97
N TRP E 86 -15.46 -20.49 44.25
CA TRP E 86 -16.49 -20.78 45.25
C TRP E 86 -17.48 -19.64 45.38
N HIS E 87 -17.00 -18.40 45.35
CA HIS E 87 -17.89 -17.25 45.35
C HIS E 87 -18.86 -17.31 44.18
N HIS E 88 -18.34 -17.59 42.98
CA HIS E 88 -19.20 -17.70 41.81
C HIS E 88 -20.22 -18.81 41.99
N THR E 89 -19.79 -19.96 42.50
CA THR E 89 -20.70 -21.09 42.69
C THR E 89 -21.83 -20.73 43.64
N PHE E 90 -21.49 -20.10 44.76
CA PHE E 90 -22.50 -19.85 45.79
C PHE E 90 -23.46 -18.74 45.36
N TYR E 91 -22.94 -17.65 44.82
CA TYR E 91 -23.78 -16.47 44.62
C TYR E 91 -24.34 -16.34 43.21
N ASN E 92 -23.69 -16.92 42.20
CA ASN E 92 -24.17 -16.80 40.83
C ASN E 92 -24.89 -18.04 40.34
N GLU E 93 -24.28 -19.21 40.52
CA GLU E 93 -24.89 -20.44 40.01
C GLU E 93 -25.99 -20.95 40.95
N LEU E 94 -25.64 -21.25 42.19
CA LEU E 94 -26.63 -21.71 43.15
C LEU E 94 -27.49 -20.58 43.69
N ARG E 95 -26.92 -19.38 43.79
CA ARG E 95 -27.65 -18.19 44.26
C ARG E 95 -28.27 -18.44 45.63
N VAL E 96 -27.44 -18.91 46.55
CA VAL E 96 -27.86 -19.14 47.93
C VAL E 96 -26.81 -18.55 48.87
N ALA E 97 -27.24 -18.23 50.07
CA ALA E 97 -26.31 -17.75 51.08
C ALA E 97 -25.69 -18.95 51.79
N PRO E 98 -24.36 -19.13 51.71
CA PRO E 98 -23.74 -20.32 52.29
C PRO E 98 -23.85 -20.40 53.81
N GLU E 99 -24.11 -19.30 54.49
CA GLU E 99 -24.11 -19.29 55.95
C GLU E 99 -25.38 -19.88 56.55
N GLU E 100 -26.26 -20.47 55.75
CA GLU E 100 -27.43 -21.16 56.27
C GLU E 100 -27.45 -22.65 55.95
N HIS E 101 -26.51 -23.15 55.16
CA HIS E 101 -26.52 -24.54 54.74
C HIS E 101 -25.19 -25.18 55.09
N PRO E 102 -25.18 -26.33 55.77
CA PRO E 102 -23.94 -27.09 55.91
C PRO E 102 -23.42 -27.52 54.54
N THR E 103 -22.11 -27.52 54.39
CA THR E 103 -21.47 -27.74 53.11
C THR E 103 -20.70 -29.05 53.14
N LEU E 104 -20.96 -29.91 52.15
CA LEU E 104 -20.22 -31.15 51.98
C LEU E 104 -19.27 -30.99 50.80
N LEU E 105 -17.98 -30.99 51.08
CA LEU E 105 -16.95 -30.90 50.07
C LEU E 105 -16.30 -32.26 49.87
N THR E 106 -15.61 -32.41 48.75
CA THR E 106 -14.97 -33.66 48.39
C THR E 106 -13.47 -33.46 48.22
N GLU E 107 -12.73 -34.54 48.38
CA GLU E 107 -11.28 -34.50 48.25
C GLU E 107 -10.78 -35.88 47.87
N ALA E 108 -9.76 -35.91 47.02
CA ALA E 108 -9.14 -37.17 46.66
C ALA E 108 -8.34 -37.72 47.84
N PRO E 109 -8.22 -39.04 47.95
CA PRO E 109 -7.41 -39.62 49.01
C PRO E 109 -5.93 -39.31 48.82
N LEU E 110 -5.20 -39.36 49.94
CA LEU E 110 -3.76 -39.11 49.96
C LEU E 110 -3.42 -37.71 49.47
N ASN E 111 -4.31 -36.76 49.71
CA ASN E 111 -4.03 -35.38 49.39
C ASN E 111 -3.22 -34.73 50.50
N PRO E 112 -2.52 -33.63 50.20
CA PRO E 112 -1.80 -32.92 51.26
C PRO E 112 -2.75 -32.44 52.35
N LYS E 113 -2.26 -32.48 53.59
CA LYS E 113 -3.08 -32.09 54.73
C LYS E 113 -3.40 -30.60 54.70
N ALA E 114 -2.44 -29.77 54.30
CA ALA E 114 -2.66 -28.33 54.27
C ALA E 114 -3.77 -27.94 53.31
N ASN E 115 -3.97 -28.71 52.23
CA ASN E 115 -5.08 -28.44 51.33
C ASN E 115 -6.41 -28.54 52.06
N ARG E 116 -6.61 -29.62 52.80
CA ARG E 116 -7.85 -29.81 53.54
C ARG E 116 -8.00 -28.76 54.65
N GLU E 117 -6.91 -28.45 55.35
CA GLU E 117 -6.97 -27.43 56.39
C GLU E 117 -7.35 -26.06 55.82
N LYS E 118 -6.75 -25.68 54.70
CA LYS E 118 -7.09 -24.41 54.08
C LYS E 118 -8.52 -24.40 53.57
N MET E 119 -9.00 -25.53 53.04
CA MET E 119 -10.39 -25.62 52.65
C MET E 119 -11.31 -25.35 53.83
N THR E 120 -11.02 -25.97 54.97
CA THR E 120 -11.83 -25.75 56.17
C THR E 120 -11.77 -24.29 56.62
N GLN E 121 -10.57 -23.72 56.64
CA GLN E 121 -10.42 -22.35 57.10
C GLN E 121 -11.16 -21.38 56.19
N ILE E 122 -11.11 -21.59 54.88
CA ILE E 122 -11.83 -20.71 53.96
C ILE E 122 -13.33 -20.87 54.14
N MET E 123 -13.82 -22.11 54.22
CA MET E 123 -15.25 -22.31 54.37
C MET E 123 -15.79 -21.73 55.66
N PHE E 124 -14.97 -21.71 56.71
CA PHE E 124 -15.46 -21.24 58.01
C PHE E 124 -15.21 -19.77 58.25
N GLU E 125 -14.13 -19.19 57.71
CA GLU E 125 -13.79 -17.81 57.99
C GLU E 125 -14.11 -16.84 56.86
N THR E 126 -14.29 -17.33 55.63
CA THR E 126 -14.65 -16.48 54.51
C THR E 126 -16.12 -16.59 54.16
N PHE E 127 -16.68 -17.81 54.15
CA PHE E 127 -18.08 -18.00 53.86
C PHE E 127 -18.93 -18.17 55.12
N ASN E 128 -18.31 -18.47 56.26
CA ASN E 128 -19.01 -18.59 57.55
C ASN E 128 -20.15 -19.61 57.47
N VAL E 129 -19.83 -20.77 56.90
CA VAL E 129 -20.81 -21.85 56.80
C VAL E 129 -21.14 -22.34 58.21
N PRO E 130 -22.39 -22.75 58.47
CA PRO E 130 -22.69 -23.29 59.81
C PRO E 130 -21.88 -24.53 60.12
N ALA E 131 -21.63 -25.38 59.13
CA ALA E 131 -20.84 -26.59 59.32
C ALA E 131 -20.32 -27.06 57.98
N MET E 132 -19.40 -28.00 58.03
CA MET E 132 -18.82 -28.59 56.82
C MET E 132 -18.47 -30.04 57.07
N TYR E 133 -18.26 -30.75 55.97
CA TYR E 133 -17.69 -32.09 56.05
C TYR E 133 -16.98 -32.40 54.74
N VAL E 134 -15.74 -32.88 54.85
CA VAL E 134 -14.92 -33.22 53.69
C VAL E 134 -14.92 -34.73 53.56
N ALA E 135 -15.51 -35.24 52.49
CA ALA E 135 -15.64 -36.67 52.25
C ALA E 135 -14.69 -37.14 51.17
N ILE E 136 -14.48 -38.45 51.14
CA ILE E 136 -13.64 -39.08 50.13
C ILE E 136 -14.53 -39.44 48.95
N GLN E 137 -14.06 -39.08 47.75
CA GLN E 137 -14.90 -39.19 46.56
C GLN E 137 -15.31 -40.64 46.28
N ALA E 138 -14.41 -41.59 46.53
CA ALA E 138 -14.72 -42.99 46.26
C ALA E 138 -15.84 -43.50 47.16
N VAL E 139 -15.85 -43.08 48.42
CA VAL E 139 -16.93 -43.48 49.32
C VAL E 139 -18.26 -42.93 48.82
N LEU E 140 -18.27 -41.68 48.34
CA LEU E 140 -19.48 -41.11 47.79
C LEU E 140 -19.93 -41.88 46.56
N SER E 141 -18.98 -42.28 45.71
CA SER E 141 -19.34 -43.08 44.54
C SER E 141 -19.98 -44.40 44.94
N LEU E 142 -19.43 -45.05 45.97
CA LEU E 142 -20.03 -46.27 46.47
C LEU E 142 -21.42 -46.04 47.02
N TYR E 143 -21.63 -44.93 47.74
CA TYR E 143 -22.97 -44.58 48.20
C TYR E 143 -23.92 -44.44 47.02
N ALA E 144 -23.48 -43.75 45.96
CA ALA E 144 -24.34 -43.55 44.80
C ALA E 144 -24.65 -44.85 44.09
N SER E 145 -23.73 -45.81 44.14
CA SER E 145 -23.97 -47.11 43.54
C SER E 145 -24.95 -47.95 44.34
N GLY E 146 -25.37 -47.49 45.51
CA GLY E 146 -26.24 -48.29 46.35
C GLY E 146 -25.60 -49.57 46.82
N ARG E 147 -24.33 -49.51 47.23
CA ARG E 147 -23.57 -50.68 47.61
C ARG E 147 -22.79 -50.39 48.89
N THR E 148 -22.40 -51.46 49.56
CA THR E 148 -21.52 -51.36 50.71
C THR E 148 -20.18 -52.06 50.50
N THR E 149 -20.03 -52.82 49.42
CA THR E 149 -18.79 -53.54 49.13
C THR E 149 -18.43 -53.35 47.66
N GLY E 150 -17.17 -53.07 47.42
CA GLY E 150 -16.66 -52.88 46.08
C GLY E 150 -15.41 -52.04 46.09
N ILE E 151 -14.69 -52.09 44.96
CA ILE E 151 -13.50 -51.29 44.78
C ILE E 151 -13.83 -50.20 43.76
N VAL E 152 -13.79 -48.95 44.21
CA VAL E 152 -14.17 -47.82 43.38
C VAL E 152 -12.94 -47.32 42.63
N LEU E 153 -13.06 -47.20 41.31
CA LEU E 153 -12.04 -46.60 40.46
C LEU E 153 -12.62 -45.25 40.01
N ASP E 154 -12.21 -44.19 40.68
CA ASP E 154 -12.68 -42.85 40.36
C ASP E 154 -11.59 -42.14 39.57
N SER E 155 -11.88 -41.80 38.32
CA SER E 155 -10.93 -41.14 37.44
C SER E 155 -11.50 -39.79 37.05
N GLY E 156 -11.02 -38.74 37.70
CA GLY E 156 -11.48 -37.39 37.44
C GLY E 156 -10.65 -36.72 36.37
N ASP E 157 -10.63 -35.38 36.45
CA ASP E 157 -9.84 -34.61 35.49
C ASP E 157 -8.35 -34.65 35.83
N GLY E 158 -8.02 -34.73 37.12
CA GLY E 158 -6.63 -34.66 37.52
C GLY E 158 -6.12 -35.77 38.41
N VAL E 159 -7.01 -36.61 38.93
CA VAL E 159 -6.62 -37.68 39.85
C VAL E 159 -7.40 -38.94 39.49
N THR E 160 -6.71 -40.09 39.51
CA THR E 160 -7.34 -41.39 39.34
C THR E 160 -6.99 -42.25 40.53
N HIS E 161 -7.98 -42.62 41.33
CA HIS E 161 -7.72 -43.35 42.56
C HIS E 161 -8.62 -44.58 42.66
N ASN E 162 -8.03 -45.65 43.19
CA ASN E 162 -8.72 -46.89 43.50
C ASN E 162 -8.83 -47.00 45.02
N VAL E 163 -10.06 -47.20 45.50
CA VAL E 163 -10.30 -47.38 46.92
C VAL E 163 -11.17 -48.62 47.14
N PRO E 164 -10.67 -49.66 47.79
CA PRO E 164 -11.52 -50.81 48.10
C PRO E 164 -12.22 -50.63 49.44
N ILE E 165 -13.49 -50.97 49.47
CA ILE E 165 -14.31 -50.90 50.68
C ILE E 165 -15.07 -52.21 50.81
N TYR E 166 -15.06 -52.77 52.01
CA TYR E 166 -15.74 -54.04 52.28
C TYR E 166 -16.69 -53.85 53.45
N GLU E 167 -17.99 -53.99 53.17
CA GLU E 167 -19.02 -53.87 54.20
C GLU E 167 -18.90 -52.56 54.97
N GLY E 168 -18.66 -51.48 54.25
CA GLY E 168 -18.55 -50.17 54.86
C GLY E 168 -17.22 -49.88 55.52
N TYR E 169 -16.25 -50.78 55.42
CA TYR E 169 -14.93 -50.57 55.97
C TYR E 169 -13.93 -50.32 54.86
N ALA E 170 -13.20 -49.23 54.96
CA ALA E 170 -12.17 -48.89 53.98
C ALA E 170 -10.84 -49.50 54.42
N LEU E 171 -9.99 -49.77 53.42
CA LEU E 171 -8.68 -50.36 53.64
C LEU E 171 -7.63 -49.36 53.20
N PRO E 172 -7.21 -48.45 54.08
CA PRO E 172 -6.33 -47.36 53.65
C PRO E 172 -5.02 -47.82 53.04
N HIS E 173 -4.45 -48.92 53.52
CA HIS E 173 -3.19 -49.40 52.98
C HIS E 173 -3.31 -49.84 51.53
N ALA E 174 -4.53 -50.18 51.08
CA ALA E 174 -4.74 -50.64 49.72
C ALA E 174 -5.20 -49.53 48.79
N ILE E 175 -5.26 -48.29 49.28
CA ILE E 175 -5.70 -47.18 48.45
C ILE E 175 -4.59 -46.82 47.47
N MET E 176 -4.92 -46.79 46.19
CA MET E 176 -3.96 -46.47 45.14
C MET E 176 -4.31 -45.14 44.50
N ARG E 177 -3.30 -44.32 44.23
CA ARG E 177 -3.49 -43.01 43.63
C ARG E 177 -2.55 -42.88 42.44
N LEU E 178 -3.04 -42.25 41.37
CA LEU E 178 -2.29 -42.12 40.13
C LEU E 178 -2.65 -40.80 39.50
N ASP E 179 -1.64 -39.97 39.24
CA ASP E 179 -1.89 -38.61 38.75
C ASP E 179 -2.40 -38.63 37.31
N LEU E 180 -2.11 -39.69 36.57
CA LEU E 180 -2.61 -39.84 35.21
C LEU E 180 -4.13 -39.77 35.18
N ALA E 181 -4.66 -38.78 34.47
CA ALA E 181 -6.10 -38.54 34.48
C ALA E 181 -6.46 -37.78 33.20
N GLY E 182 -7.66 -37.18 33.19
CA GLY E 182 -8.21 -36.63 31.96
C GLY E 182 -7.37 -35.52 31.36
N ARG E 183 -6.85 -34.62 32.21
CA ARG E 183 -6.07 -33.50 31.69
C ARG E 183 -4.78 -33.99 31.03
N ASP E 184 -4.15 -35.01 31.61
CA ASP E 184 -2.98 -35.60 30.96
C ASP E 184 -3.35 -36.22 29.63
N LEU E 185 -4.53 -36.83 29.55
CA LEU E 185 -5.00 -37.37 28.28
C LEU E 185 -5.19 -36.25 27.26
N THR E 186 -5.71 -35.11 27.69
CA THR E 186 -5.87 -33.98 26.78
C THR E 186 -4.53 -33.49 26.27
N ASP E 187 -3.55 -33.39 27.16
CA ASP E 187 -2.21 -32.97 26.74
C ASP E 187 -1.59 -33.95 25.77
N TYR E 188 -1.74 -35.24 26.03
CA TYR E 188 -1.23 -36.25 25.11
C TYR E 188 -1.95 -36.19 23.77
N LEU E 189 -3.25 -35.91 23.79
CA LEU E 189 -4.00 -35.77 22.54
C LEU E 189 -3.50 -34.58 21.74
N MET E 190 -3.18 -33.47 22.42
CA MET E 190 -2.57 -32.34 21.72
C MET E 190 -1.24 -32.75 21.10
N LYS E 191 -0.42 -33.45 21.86
CA LYS E 191 0.90 -33.84 21.38
C LYS E 191 0.79 -34.73 20.15
N ILE E 192 -0.16 -35.67 20.15
CA ILE E 192 -0.28 -36.57 19.01
C ILE E 192 -1.09 -35.96 17.88
N LEU E 193 -1.89 -34.93 18.15
CA LEU E 193 -2.54 -34.20 17.07
C LEU E 193 -1.56 -33.32 16.34
N THR E 194 -0.45 -32.95 16.97
CA THR E 194 0.61 -32.31 16.21
C THR E 194 1.15 -33.19 15.11
N GLU E 195 0.92 -34.51 15.17
CA GLU E 195 1.44 -35.42 14.16
C GLU E 195 0.74 -35.27 12.82
N ARG E 196 -0.51 -34.83 12.81
CA ARG E 196 -1.24 -34.64 11.56
C ARG E 196 -1.19 -33.20 11.06
N GLY E 197 -0.40 -32.36 11.70
CA GLY E 197 -0.29 -30.97 11.31
C GLY E 197 -1.22 -30.02 12.03
N TYR E 198 -2.00 -30.51 12.98
CA TYR E 198 -2.89 -29.66 13.77
C TYR E 198 -2.11 -29.15 14.98
N SER E 199 -1.98 -27.84 15.09
CA SER E 199 -1.18 -27.22 16.15
C SER E 199 -2.12 -26.53 17.13
N PHE E 200 -2.25 -27.09 18.32
CA PHE E 200 -2.99 -26.49 19.42
C PHE E 200 -1.99 -26.16 20.52
N VAL E 201 -1.91 -24.88 20.87
CA VAL E 201 -0.91 -24.38 21.82
C VAL E 201 -1.56 -23.64 22.97
N THR E 202 -2.42 -22.68 22.68
CA THR E 202 -3.01 -21.84 23.72
C THR E 202 -3.97 -22.66 24.58
N THR E 203 -4.34 -22.06 25.72
CA THR E 203 -5.27 -22.73 26.62
C THR E 203 -6.66 -22.90 26.00
N ALA E 204 -7.10 -21.93 25.20
CA ALA E 204 -8.36 -22.11 24.48
C ALA E 204 -8.28 -23.29 23.52
N GLU E 205 -7.14 -23.44 22.84
CA GLU E 205 -6.95 -24.62 22.01
C GLU E 205 -6.92 -25.89 22.85
N ARG E 206 -6.44 -25.80 24.09
CA ARG E 206 -6.54 -26.95 24.99
C ARG E 206 -7.98 -27.32 25.27
N GLU E 207 -8.84 -26.31 25.47
CA GLU E 207 -10.27 -26.60 25.66
C GLU E 207 -10.87 -27.22 24.41
N ILE E 208 -10.48 -26.73 23.23
CA ILE E 208 -10.98 -27.31 21.99
C ILE E 208 -10.57 -28.78 21.89
N VAL E 209 -9.32 -29.09 22.23
CA VAL E 209 -8.84 -30.47 22.18
C VAL E 209 -9.56 -31.31 23.21
N ARG E 210 -9.88 -30.74 24.37
CA ARG E 210 -10.66 -31.49 25.35
C ARG E 210 -12.03 -31.85 24.81
N ASP E 211 -12.67 -30.91 24.11
CA ASP E 211 -13.95 -31.21 23.48
C ASP E 211 -13.80 -32.29 22.41
N ILE E 212 -12.73 -32.23 21.62
CA ILE E 212 -12.48 -33.28 20.63
C ILE E 212 -12.37 -34.64 21.32
N LYS E 213 -11.62 -34.69 22.42
CA LYS E 213 -11.45 -35.93 23.16
C LYS E 213 -12.80 -36.44 23.68
N GLU E 214 -13.61 -35.56 24.23
CA GLU E 214 -14.91 -35.97 24.76
C GLU E 214 -15.86 -36.44 23.68
N LYS E 215 -15.75 -35.92 22.46
CA LYS E 215 -16.71 -36.25 21.43
C LYS E 215 -16.25 -37.29 20.42
N LEU E 216 -14.96 -37.66 20.42
CA LEU E 216 -14.47 -38.55 19.37
C LEU E 216 -13.63 -39.71 19.85
N CYS E 217 -13.20 -39.76 21.10
CA CYS E 217 -12.28 -40.78 21.57
C CYS E 217 -13.03 -41.95 22.19
N TYR E 218 -12.44 -43.14 22.07
CA TYR E 218 -12.99 -44.35 22.65
C TYR E 218 -11.85 -45.30 22.99
N VAL E 219 -12.15 -46.28 23.84
CA VAL E 219 -11.16 -47.25 24.28
C VAL E 219 -11.28 -48.48 23.40
N ALA E 220 -10.19 -48.87 22.77
CA ALA E 220 -10.17 -50.05 21.92
C ALA E 220 -10.20 -51.31 22.76
N LEU E 221 -10.92 -52.33 22.27
CA LEU E 221 -10.94 -53.61 22.96
C LEU E 221 -9.56 -54.26 22.91
N ASP E 222 -8.96 -54.31 21.73
CA ASP E 222 -7.60 -54.81 21.56
C ASP E 222 -6.79 -53.75 20.83
N PHE E 223 -5.72 -53.28 21.47
CA PHE E 223 -5.01 -52.12 20.93
C PHE E 223 -4.29 -52.45 19.63
N GLU E 224 -3.60 -53.60 19.58
CA GLU E 224 -2.86 -53.95 18.36
C GLU E 224 -3.79 -54.19 17.18
N ASN E 225 -4.91 -54.88 17.42
CA ASN E 225 -5.88 -55.11 16.36
C ASN E 225 -6.47 -53.80 15.87
N GLU E 226 -6.74 -52.87 16.79
CA GLU E 226 -7.26 -51.57 16.39
C GLU E 226 -6.24 -50.80 15.58
N MET E 227 -4.95 -50.87 15.96
CA MET E 227 -3.91 -50.22 15.17
C MET E 227 -3.85 -50.80 13.77
N ALA E 228 -3.90 -52.12 13.66
CA ALA E 228 -3.87 -52.76 12.35
C ALA E 228 -5.08 -52.36 11.51
N THR E 229 -6.26 -52.31 12.12
CA THR E 229 -7.46 -51.92 11.40
C THR E 229 -7.36 -50.48 10.91
N ALA E 230 -6.89 -49.58 11.78
CA ALA E 230 -6.76 -48.19 11.39
C ALA E 230 -5.76 -48.02 10.26
N ALA E 231 -4.65 -48.76 10.30
CA ALA E 231 -3.69 -48.71 9.21
C ALA E 231 -4.30 -49.24 7.92
N SER E 232 -5.06 -50.34 8.00
CA SER E 232 -5.59 -50.97 6.79
C SER E 232 -6.72 -50.15 6.18
N SER E 233 -7.65 -49.69 7.00
CA SER E 233 -8.89 -49.07 6.52
C SER E 233 -9.05 -47.69 7.14
N SER E 234 -9.80 -46.83 6.44
CA SER E 234 -10.10 -45.49 6.90
C SER E 234 -11.45 -45.41 7.61
N SER E 235 -12.03 -46.54 7.99
CA SER E 235 -13.33 -46.51 8.66
C SER E 235 -13.26 -45.81 10.01
N LEU E 236 -12.17 -46.01 10.74
CA LEU E 236 -12.04 -45.41 12.06
C LEU E 236 -11.89 -43.90 11.97
N GLU E 237 -11.42 -43.38 10.84
CA GLU E 237 -11.23 -41.95 10.69
C GLU E 237 -12.55 -41.21 10.83
N LYS E 238 -12.53 -40.13 11.60
CA LYS E 238 -13.72 -39.33 11.84
C LYS E 238 -13.35 -37.86 11.79
N SER E 239 -14.32 -37.03 11.41
CA SER E 239 -14.11 -35.61 11.19
C SER E 239 -14.80 -34.79 12.27
N TYR E 240 -14.16 -33.68 12.64
CA TYR E 240 -14.68 -32.76 13.64
C TYR E 240 -14.48 -31.34 13.15
N GLU E 241 -15.44 -30.47 13.42
CA GLU E 241 -15.40 -29.09 12.94
C GLU E 241 -14.90 -28.18 14.04
N LEU E 242 -13.83 -27.45 13.75
CA LEU E 242 -13.27 -26.49 14.70
C LEU E 242 -14.19 -25.27 14.81
N PRO E 243 -14.04 -24.48 15.87
CA PRO E 243 -14.90 -23.29 16.01
C PRO E 243 -14.71 -22.27 14.90
N ASP E 244 -13.60 -22.31 14.18
CA ASP E 244 -13.36 -21.37 13.10
C ASP E 244 -13.79 -21.90 11.74
N GLY E 245 -14.41 -23.08 11.70
CA GLY E 245 -14.93 -23.66 10.49
C GLY E 245 -14.04 -24.72 9.86
N GLN E 246 -12.77 -24.76 10.21
CA GLN E 246 -11.88 -25.79 9.69
C GLN E 246 -12.32 -27.16 10.16
N VAL E 247 -12.14 -28.16 9.30
CA VAL E 247 -12.52 -29.53 9.58
C VAL E 247 -11.24 -30.36 9.70
N ILE E 248 -11.11 -31.09 10.81
CA ILE E 248 -9.95 -31.93 11.05
C ILE E 248 -10.40 -33.38 11.10
N THR E 249 -9.60 -34.26 10.51
CA THR E 249 -9.89 -35.69 10.49
C THR E 249 -8.85 -36.42 11.33
N ILE E 250 -9.31 -37.26 12.24
CA ILE E 250 -8.43 -38.02 13.13
C ILE E 250 -8.73 -39.50 12.96
N GLY E 251 -7.67 -40.31 12.99
CA GLY E 251 -7.79 -41.73 12.78
C GLY E 251 -7.50 -42.56 14.01
N ASN E 252 -6.30 -43.13 14.09
CA ASN E 252 -5.97 -43.98 15.23
C ASN E 252 -5.96 -43.20 16.53
N GLU E 253 -5.74 -41.88 16.46
CA GLU E 253 -5.69 -41.07 17.67
C GLU E 253 -6.93 -41.25 18.52
N ARG E 254 -8.08 -41.48 17.89
CA ARG E 254 -9.33 -41.64 18.63
C ARG E 254 -9.19 -42.68 19.74
N PHE E 255 -8.48 -43.77 19.47
CA PHE E 255 -8.24 -44.75 20.51
C PHE E 255 -6.83 -44.72 21.06
N ARG E 256 -5.94 -43.92 20.48
CA ARG E 256 -4.58 -43.85 21.01
C ARG E 256 -4.53 -43.02 22.28
N CYS E 257 -5.33 -41.95 22.35
CA CYS E 257 -5.36 -41.11 23.54
C CYS E 257 -5.85 -41.86 24.77
N PRO E 258 -7.01 -42.52 24.75
CA PRO E 258 -7.46 -43.22 25.98
C PRO E 258 -6.58 -44.40 26.35
N GLU E 259 -5.80 -44.94 25.42
CA GLU E 259 -4.94 -46.07 25.75
C GLU E 259 -3.92 -45.71 26.81
N THR E 260 -3.59 -44.42 26.93
CA THR E 260 -2.68 -43.97 27.97
C THR E 260 -3.19 -44.35 29.35
N LEU E 261 -4.51 -44.50 29.51
CA LEU E 261 -5.06 -44.98 30.76
C LEU E 261 -4.51 -46.35 31.13
N PHE E 262 -4.28 -47.21 30.14
CA PHE E 262 -3.79 -48.55 30.38
C PHE E 262 -2.31 -48.70 30.12
N GLN E 263 -1.69 -47.78 29.40
CA GLN E 263 -0.25 -47.78 29.16
C GLN E 263 0.28 -46.39 29.46
N PRO E 264 0.50 -46.06 30.73
CA PRO E 264 0.99 -44.72 31.08
C PRO E 264 2.34 -44.39 30.48
N SER E 265 3.10 -45.39 30.05
CA SER E 265 4.41 -45.13 29.46
C SER E 265 4.31 -44.27 28.20
N PHE E 266 3.11 -44.17 27.61
CA PHE E 266 2.93 -43.29 26.47
C PHE E 266 3.27 -41.86 26.81
N ILE E 267 3.07 -41.45 28.06
CA ILE E 267 3.44 -40.10 28.49
C ILE E 267 4.65 -40.14 29.42
N GLY E 268 5.45 -41.20 29.35
CA GLY E 268 6.68 -41.25 30.10
C GLY E 268 6.52 -41.56 31.57
N MET E 269 5.34 -41.99 32.00
CA MET E 269 5.12 -42.33 33.40
C MET E 269 5.46 -43.80 33.64
N GLU E 270 6.13 -44.05 34.76
CA GLU E 270 6.57 -45.40 35.10
C GLU E 270 5.46 -46.26 35.67
N SER E 271 4.37 -45.67 36.13
CA SER E 271 3.32 -46.42 36.80
C SER E 271 2.59 -47.34 35.82
N ALA E 272 1.88 -48.31 36.39
CA ALA E 272 1.12 -49.25 35.60
C ALA E 272 -0.26 -48.69 35.26
N GLY E 273 -0.92 -49.33 34.31
CA GLY E 273 -2.23 -48.89 33.89
C GLY E 273 -3.27 -49.05 34.97
N ILE E 274 -4.45 -48.50 34.70
CA ILE E 274 -5.53 -48.51 35.69
C ILE E 274 -5.96 -49.94 36.02
N HIS E 275 -5.97 -50.84 35.05
CA HIS E 275 -6.33 -52.22 35.33
C HIS E 275 -5.34 -52.87 36.28
N GLU E 276 -4.04 -52.65 36.07
CA GLU E 276 -3.04 -53.24 36.95
C GLU E 276 -3.08 -52.61 38.33
N THR E 277 -3.33 -51.30 38.41
CA THR E 277 -3.46 -50.68 39.72
C THR E 277 -4.66 -51.23 40.47
N THR E 278 -5.79 -51.43 39.78
CA THR E 278 -6.95 -52.03 40.42
C THR E 278 -6.66 -53.44 40.90
N TYR E 279 -5.98 -54.23 40.07
CA TYR E 279 -5.65 -55.59 40.47
C TYR E 279 -4.70 -55.61 41.66
N ASN E 280 -3.72 -54.70 41.67
CA ASN E 280 -2.81 -54.61 42.81
C ASN E 280 -3.54 -54.18 44.07
N SER E 281 -4.48 -53.24 43.95
CA SER E 281 -5.26 -52.83 45.11
C SER E 281 -6.08 -53.98 45.66
N ILE E 282 -6.67 -54.79 44.78
CA ILE E 282 -7.40 -55.97 45.23
C ILE E 282 -6.44 -56.95 45.91
N MET E 283 -5.27 -57.16 45.32
CA MET E 283 -4.31 -58.11 45.89
C MET E 283 -3.76 -57.64 47.22
N LYS E 284 -3.75 -56.35 47.49
CA LYS E 284 -3.31 -55.85 48.79
C LYS E 284 -4.34 -56.08 49.88
N CYS E 285 -5.57 -56.43 49.53
CA CYS E 285 -6.62 -56.67 50.50
C CYS E 285 -6.54 -58.10 51.01
N ASP E 286 -7.31 -58.37 52.07
CA ASP E 286 -7.35 -59.71 52.63
C ASP E 286 -7.93 -60.69 51.63
N ILE E 287 -7.42 -61.92 51.67
CA ILE E 287 -7.81 -62.93 50.69
C ILE E 287 -9.29 -63.25 50.80
N ASP E 288 -9.86 -63.14 51.99
CA ASP E 288 -11.26 -63.50 52.21
C ASP E 288 -12.24 -62.54 51.54
N ILE E 289 -11.81 -61.33 51.18
CA ILE E 289 -12.69 -60.33 50.62
C ILE E 289 -12.42 -60.06 49.15
N ARG E 290 -11.46 -60.75 48.55
CA ARG E 290 -11.09 -60.47 47.16
C ARG E 290 -12.19 -60.85 46.20
N LYS E 291 -12.97 -61.88 46.51
CA LYS E 291 -14.03 -62.31 45.60
C LYS E 291 -15.09 -61.22 45.42
N ASP E 292 -15.53 -60.62 46.52
CA ASP E 292 -16.54 -59.57 46.42
C ASP E 292 -16.00 -58.35 45.69
N LEU E 293 -14.74 -57.98 45.94
CA LEU E 293 -14.15 -56.86 45.21
C LEU E 293 -14.06 -57.16 43.72
N TYR E 294 -13.70 -58.39 43.36
CA TYR E 294 -13.70 -58.78 41.96
C TYR E 294 -15.09 -58.65 41.36
N ALA E 295 -16.12 -59.01 42.12
CA ALA E 295 -17.49 -58.99 41.61
C ALA E 295 -18.14 -57.62 41.70
N ASN E 296 -17.49 -56.63 42.29
CA ASN E 296 -18.12 -55.33 42.52
C ASN E 296 -17.20 -54.18 42.10
N ASN E 297 -16.64 -54.27 40.90
CA ASN E 297 -15.83 -53.17 40.35
C ASN E 297 -16.75 -52.03 39.97
N VAL E 298 -16.61 -50.90 40.65
CA VAL E 298 -17.42 -49.72 40.41
C VAL E 298 -16.55 -48.65 39.77
N MET E 299 -16.99 -48.11 38.65
CA MET E 299 -16.27 -47.06 37.94
C MET E 299 -17.06 -45.77 37.98
N SER E 300 -16.40 -44.67 38.34
CA SER E 300 -17.03 -43.36 38.38
C SER E 300 -16.05 -42.33 37.83
N GLY E 301 -16.56 -41.15 37.57
CA GLY E 301 -15.72 -40.08 37.07
C GLY E 301 -15.88 -39.87 35.58
N GLY E 302 -15.60 -38.65 35.13
CA GLY E 302 -15.76 -38.33 33.73
C GLY E 302 -14.82 -39.11 32.82
N THR E 303 -13.61 -39.39 33.29
CA THR E 303 -12.64 -40.10 32.47
C THR E 303 -13.04 -41.54 32.19
N THR E 304 -14.00 -42.08 32.93
CA THR E 304 -14.49 -43.43 32.69
C THR E 304 -15.71 -43.46 31.77
N MET E 305 -15.98 -42.37 31.06
CA MET E 305 -17.11 -42.28 30.15
C MET E 305 -16.74 -42.65 28.73
N TYR E 306 -15.52 -43.12 28.50
CA TYR E 306 -15.12 -43.51 27.16
C TYR E 306 -15.93 -44.72 26.70
N PRO E 307 -16.42 -44.72 25.46
CA PRO E 307 -17.11 -45.92 24.95
C PRO E 307 -16.18 -47.12 24.96
N GLY E 308 -16.67 -48.22 25.52
CA GLY E 308 -15.92 -49.46 25.55
C GLY E 308 -14.87 -49.58 26.63
N ILE E 309 -14.79 -48.62 27.55
CA ILE E 309 -13.81 -48.72 28.62
C ILE E 309 -14.15 -49.86 29.57
N ALA E 310 -15.44 -50.09 29.83
CA ALA E 310 -15.82 -51.17 30.74
C ALA E 310 -15.43 -52.52 30.20
N ASP E 311 -15.63 -52.76 28.90
CA ASP E 311 -15.26 -54.04 28.30
C ASP E 311 -13.76 -54.27 28.37
N ARG E 312 -12.98 -53.23 28.07
CA ARG E 312 -11.52 -53.37 28.14
C ARG E 312 -11.06 -53.64 29.55
N MET E 313 -11.63 -52.92 30.54
CA MET E 313 -11.27 -53.17 31.93
C MET E 313 -11.62 -54.59 32.34
N GLN E 314 -12.81 -55.06 31.94
CA GLN E 314 -13.20 -56.42 32.27
C GLN E 314 -12.24 -57.43 31.66
N LYS E 315 -11.87 -57.25 30.40
CA LYS E 315 -10.95 -58.18 29.76
C LYS E 315 -9.59 -58.19 30.44
N GLU E 316 -9.06 -57.01 30.76
CA GLU E 316 -7.74 -56.94 31.38
C GLU E 316 -7.75 -57.59 32.76
N ILE E 317 -8.75 -57.26 33.58
CA ILE E 317 -8.80 -57.83 34.92
C ILE E 317 -9.05 -59.33 34.87
N THR E 318 -9.86 -59.79 33.91
CA THR E 318 -10.05 -61.23 33.73
C THR E 318 -8.75 -61.91 33.37
N ALA E 319 -7.96 -61.29 32.49
CA ALA E 319 -6.65 -61.83 32.16
C ALA E 319 -5.72 -61.82 33.36
N LEU E 320 -5.91 -60.88 34.29
CA LEU E 320 -5.06 -60.84 35.48
C LEU E 320 -5.56 -61.75 36.60
N ALA E 321 -6.86 -61.71 36.87
CA ALA E 321 -7.42 -62.47 37.97
C ALA E 321 -7.52 -63.95 37.64
N PRO E 322 -7.62 -64.82 38.66
CA PRO E 322 -7.84 -66.24 38.39
C PRO E 322 -9.14 -66.48 37.65
N SER E 323 -9.14 -67.52 36.82
CA SER E 323 -10.28 -67.79 35.95
C SER E 323 -11.54 -68.16 36.73
N THR E 324 -11.42 -68.59 37.98
CA THR E 324 -12.59 -68.98 38.75
C THR E 324 -13.40 -67.77 39.23
N MET E 325 -12.75 -66.63 39.45
CA MET E 325 -13.45 -65.46 39.97
C MET E 325 -14.39 -64.88 38.91
N LYS E 326 -15.52 -64.36 39.37
CA LYS E 326 -16.50 -63.72 38.51
C LYS E 326 -16.30 -62.21 38.60
N ILE E 327 -15.92 -61.60 37.47
CA ILE E 327 -15.58 -60.19 37.45
C ILE E 327 -16.72 -59.41 36.80
N LYS E 328 -17.16 -58.36 37.47
CA LYS E 328 -18.28 -57.54 37.01
C LYS E 328 -17.88 -56.07 37.14
N ILE E 329 -17.90 -55.36 36.02
CA ILE E 329 -17.63 -53.92 36.02
C ILE E 329 -18.97 -53.20 36.06
N ILE E 330 -19.20 -52.44 37.12
CA ILE E 330 -20.43 -51.67 37.28
C ILE E 330 -20.15 -50.27 36.75
N ALA E 331 -20.73 -49.94 35.60
CA ALA E 331 -20.54 -48.66 34.94
C ALA E 331 -21.90 -48.05 34.63
N PRO E 332 -22.54 -47.42 35.60
CA PRO E 332 -23.83 -46.79 35.35
C PRO E 332 -23.70 -45.67 34.34
N PRO E 333 -24.73 -45.43 33.53
CA PRO E 333 -24.64 -44.36 32.52
C PRO E 333 -24.51 -42.97 33.12
N GLU E 334 -24.86 -42.77 34.39
CA GLU E 334 -24.75 -41.49 35.05
C GLU E 334 -23.53 -41.40 35.94
N ARG E 335 -22.48 -42.19 35.65
CA ARG E 335 -21.33 -42.24 36.54
C ARG E 335 -20.57 -40.93 36.62
N LYS E 336 -20.66 -40.08 35.60
CA LYS E 336 -19.92 -38.82 35.61
C LYS E 336 -20.37 -37.91 36.74
N TYR E 337 -21.56 -38.12 37.29
CA TYR E 337 -22.04 -37.36 38.45
C TYR E 337 -22.10 -38.22 39.70
N SER E 338 -21.67 -39.48 39.62
CA SER E 338 -21.91 -40.43 40.70
C SER E 338 -21.43 -39.88 42.03
N VAL E 339 -20.19 -39.39 42.07
CA VAL E 339 -19.65 -38.82 43.32
C VAL E 339 -20.64 -37.82 43.90
N TRP E 340 -21.01 -36.80 43.11
CA TRP E 340 -21.95 -35.81 43.62
C TRP E 340 -23.23 -36.47 44.10
N ILE E 341 -23.78 -37.40 43.30
CA ILE E 341 -25.00 -38.08 43.70
C ILE E 341 -24.82 -38.72 45.05
N GLY E 342 -23.71 -39.44 45.23
CA GLY E 342 -23.45 -40.06 46.52
C GLY E 342 -23.42 -39.03 47.63
N GLY E 343 -22.74 -37.92 47.38
CA GLY E 343 -22.73 -36.85 48.37
C GLY E 343 -24.13 -36.41 48.74
N SER E 344 -24.99 -36.22 47.74
CA SER E 344 -26.37 -35.89 48.03
C SER E 344 -26.98 -36.91 48.97
N ILE E 345 -26.83 -38.20 48.66
CA ILE E 345 -27.36 -39.23 49.54
C ILE E 345 -26.76 -39.09 50.93
N LEU E 346 -25.44 -38.91 51.01
CA LEU E 346 -24.80 -38.82 52.31
C LEU E 346 -25.25 -37.56 53.03
N ALA E 347 -25.61 -36.52 52.28
CA ALA E 347 -26.09 -35.31 52.92
C ALA E 347 -27.55 -35.41 53.36
N SER E 348 -28.26 -36.45 52.92
CA SER E 348 -29.66 -36.61 53.30
C SER E 348 -29.87 -37.62 54.41
N LEU E 349 -28.83 -38.36 54.78
CA LEU E 349 -28.98 -39.37 55.82
C LEU E 349 -29.11 -38.71 57.19
N SER E 350 -30.06 -39.20 57.99
CA SER E 350 -30.23 -38.68 59.33
C SER E 350 -29.03 -39.02 60.21
N THR E 351 -28.44 -40.20 60.02
CA THR E 351 -27.27 -40.59 60.80
C THR E 351 -26.08 -39.67 60.53
N PHE E 352 -25.94 -39.19 59.30
CA PHE E 352 -24.83 -38.32 58.95
C PHE E 352 -24.90 -36.96 59.63
N GLN E 353 -26.09 -36.57 60.11
CA GLN E 353 -26.25 -35.24 60.67
C GLN E 353 -25.41 -35.01 61.92
N GLN E 354 -24.90 -36.07 62.54
CA GLN E 354 -24.01 -35.92 63.68
C GLN E 354 -22.54 -35.86 63.29
N MET E 355 -22.22 -36.07 62.01
CA MET E 355 -20.83 -36.08 61.56
C MET E 355 -20.35 -34.70 61.10
N TRP E 356 -21.22 -33.69 61.09
CA TRP E 356 -20.82 -32.37 60.63
C TRP E 356 -19.74 -31.79 61.53
N ILE E 357 -18.81 -31.05 60.92
CA ILE E 357 -17.84 -30.27 61.66
C ILE E 357 -18.44 -28.88 61.85
N THR E 358 -18.94 -28.62 63.04
CA THR E 358 -19.62 -27.36 63.30
C THR E 358 -18.63 -26.24 63.56
N LYS E 359 -19.13 -25.01 63.51
CA LYS E 359 -18.28 -23.85 63.72
C LYS E 359 -17.77 -23.80 65.16
N GLN E 360 -18.53 -24.36 66.11
CA GLN E 360 -18.07 -24.41 67.49
C GLN E 360 -16.79 -25.22 67.60
N GLU E 361 -16.77 -26.41 66.99
CA GLU E 361 -15.59 -27.25 67.04
C GLU E 361 -14.42 -26.59 66.34
N TYR E 362 -14.67 -25.92 65.21
CA TYR E 362 -13.60 -25.23 64.52
C TYR E 362 -13.03 -24.10 65.36
N ASP E 363 -13.88 -23.36 66.08
CA ASP E 363 -13.39 -22.26 66.88
C ASP E 363 -12.62 -22.75 68.10
N GLU E 364 -13.04 -23.86 68.69
CA GLU E 364 -12.35 -24.35 69.88
C GLU E 364 -11.12 -25.17 69.57
N ALA E 365 -11.05 -25.79 68.38
CA ALA E 365 -9.95 -26.69 68.06
C ALA E 365 -9.08 -26.21 66.90
N GLY E 366 -9.56 -25.26 66.10
CA GLY E 366 -8.82 -24.81 64.95
C GLY E 366 -9.01 -25.73 63.75
N PRO E 367 -8.32 -25.44 62.65
CA PRO E 367 -8.47 -26.27 61.44
C PRO E 367 -8.07 -27.72 61.64
N SER E 368 -7.21 -28.01 62.62
CA SER E 368 -6.74 -29.38 62.81
C SER E 368 -7.88 -30.34 63.12
N ILE E 369 -9.03 -29.83 63.55
CA ILE E 369 -10.16 -30.70 63.82
C ILE E 369 -10.57 -31.47 62.58
N VAL E 370 -10.28 -30.93 61.38
CA VAL E 370 -10.64 -31.62 60.16
C VAL E 370 -9.88 -32.92 60.00
N HIS E 371 -8.80 -33.11 60.74
CA HIS E 371 -8.05 -34.35 60.72
C HIS E 371 -8.51 -35.34 61.78
N ARG E 372 -9.51 -34.96 62.59
CA ARG E 372 -10.03 -35.84 63.61
C ARG E 372 -11.46 -36.27 63.38
N LYS E 373 -12.17 -35.63 62.46
CA LYS E 373 -13.56 -35.96 62.19
C LYS E 373 -13.82 -36.46 60.77
N CYS E 374 -12.89 -36.26 59.85
CA CYS E 374 -13.03 -36.72 58.47
C CYS E 374 -11.92 -37.72 58.15
N PHE E 375 -12.30 -38.82 57.52
CA PHE E 375 -11.35 -39.83 57.08
C PHE E 375 -10.36 -39.25 56.06
N PHE F 46 15.89 -17.17 -75.01
CA PHE F 46 14.81 -16.21 -75.22
C PHE F 46 13.58 -16.81 -74.54
N GLU F 47 12.75 -17.53 -75.31
CA GLU F 47 11.60 -18.20 -74.72
C GLU F 47 12.01 -19.49 -74.02
N GLU F 48 13.02 -20.19 -74.54
CA GLU F 48 13.46 -21.42 -73.91
C GLU F 48 14.09 -21.14 -72.54
N GLN F 49 14.85 -20.05 -72.43
CA GLN F 49 15.47 -19.71 -71.15
C GLN F 49 14.42 -19.37 -70.10
N ILE F 50 13.43 -18.56 -70.47
CA ILE F 50 12.38 -18.22 -69.52
C ILE F 50 11.53 -19.44 -69.19
N LEU F 51 11.36 -20.36 -70.15
CA LEU F 51 10.64 -21.60 -69.85
C LEU F 51 11.39 -22.45 -68.85
N GLU F 52 12.71 -22.59 -69.01
CA GLU F 52 13.51 -23.34 -68.04
C GLU F 52 13.46 -22.68 -66.66
N ALA F 53 13.57 -21.35 -66.63
CA ALA F 53 13.49 -20.66 -65.35
C ALA F 53 12.11 -20.79 -64.73
N ALA F 54 11.06 -20.86 -65.57
CA ALA F 54 9.71 -21.06 -65.06
C ALA F 54 9.55 -22.46 -64.48
N LYS F 55 10.18 -23.46 -65.11
CA LYS F 55 10.21 -24.79 -64.51
C LYS F 55 10.94 -24.77 -63.18
N SER F 56 12.01 -23.98 -63.08
CA SER F 56 12.67 -23.78 -61.79
C SER F 56 11.73 -23.16 -60.78
N ILE F 57 10.93 -22.18 -61.22
CA ILE F 57 9.92 -21.58 -60.34
C ILE F 57 8.95 -22.65 -59.86
N ALA F 58 8.49 -23.50 -60.77
CA ALA F 58 7.52 -24.53 -60.41
C ALA F 58 8.10 -25.50 -59.39
N ALA F 59 9.35 -25.91 -59.60
CA ALA F 59 10.01 -26.81 -58.66
C ALA F 59 10.17 -26.14 -57.30
N ALA F 60 10.57 -24.87 -57.30
CA ALA F 60 10.74 -24.15 -56.04
C ALA F 60 9.42 -24.01 -55.30
N THR F 61 8.34 -23.73 -56.04
CA THR F 61 7.03 -23.61 -55.41
C THR F 61 6.54 -24.94 -54.88
N SER F 62 6.82 -26.04 -55.59
CA SER F 62 6.46 -27.36 -55.09
C SER F 62 7.19 -27.67 -53.79
N ALA F 63 8.48 -27.37 -53.75
CA ALA F 63 9.25 -27.54 -52.51
C ALA F 63 8.70 -26.66 -51.40
N LEU F 64 8.30 -25.43 -51.76
CA LEU F 64 7.71 -24.52 -50.78
C LEU F 64 6.41 -25.07 -50.22
N VAL F 65 5.59 -25.66 -51.09
CA VAL F 65 4.32 -26.23 -50.64
C VAL F 65 4.57 -27.41 -49.71
N LYS F 66 5.54 -28.26 -50.06
CA LYS F 66 5.86 -29.39 -49.19
C LYS F 66 6.37 -28.91 -47.84
N ALA F 67 7.23 -27.89 -47.84
CA ALA F 67 7.74 -27.34 -46.59
C ALA F 67 6.62 -26.74 -45.75
N ALA F 68 5.70 -26.02 -46.40
CA ALA F 68 4.57 -25.44 -45.68
C ALA F 68 3.68 -26.51 -45.08
N SER F 69 3.44 -27.59 -45.82
CA SER F 69 2.64 -28.70 -45.29
C SER F 69 3.33 -29.32 -44.09
N ALA F 70 4.63 -29.58 -44.19
CA ALA F 70 5.37 -30.15 -43.06
C ALA F 70 5.31 -29.22 -41.86
N ALA F 71 5.41 -27.91 -42.11
CA ALA F 71 5.30 -26.94 -41.04
C ALA F 71 3.94 -27.00 -40.39
N GLN F 72 2.88 -27.16 -41.18
CA GLN F 72 1.54 -27.27 -40.62
C GLN F 72 1.40 -28.51 -39.75
N ARG F 73 1.94 -29.65 -40.21
CA ARG F 73 1.93 -30.84 -39.36
C ARG F 73 2.66 -30.60 -38.05
N GLU F 74 3.83 -29.93 -38.10
CA GLU F 74 4.55 -29.64 -36.87
C GLU F 74 3.76 -28.70 -35.97
N LEU F 75 3.13 -27.67 -36.55
CA LEU F 75 2.38 -26.70 -35.77
C LEU F 75 1.18 -27.34 -35.08
N VAL F 76 0.47 -28.23 -35.78
CA VAL F 76 -0.72 -28.84 -35.18
C VAL F 76 -0.31 -29.94 -34.21
N ALA F 77 0.80 -30.63 -34.47
CA ALA F 77 1.26 -31.65 -33.53
C ALA F 77 1.68 -31.02 -32.21
N GLN F 78 2.36 -29.87 -32.26
CA GLN F 78 2.79 -29.19 -31.06
C GLN F 78 1.69 -28.35 -30.42
N GLY F 79 0.54 -28.24 -31.06
CA GLY F 79 -0.59 -27.54 -30.47
C GLY F 79 -0.46 -26.05 -30.41
N LYS F 80 0.47 -25.47 -31.18
CA LYS F 80 0.63 -24.02 -31.17
C LYS F 80 -0.57 -23.32 -31.80
N VAL F 81 -1.16 -23.91 -32.84
CA VAL F 81 -2.32 -23.34 -33.51
C VAL F 81 -3.34 -24.45 -33.73
N GLY F 82 -4.60 -24.15 -33.46
CA GLY F 82 -5.64 -25.13 -33.68
C GLY F 82 -5.81 -25.46 -35.14
N ALA F 83 -6.13 -26.72 -35.43
CA ALA F 83 -6.30 -27.20 -36.80
C ALA F 83 -7.80 -27.20 -37.12
N ILE F 84 -8.24 -26.21 -37.89
CA ILE F 84 -9.62 -26.10 -38.33
C ILE F 84 -9.64 -26.33 -39.84
N PRO F 85 -10.07 -27.51 -40.32
CA PRO F 85 -10.12 -27.78 -41.76
C PRO F 85 -11.33 -27.16 -42.46
N ALA F 86 -11.54 -25.87 -42.24
CA ALA F 86 -12.66 -25.13 -42.83
C ALA F 86 -12.09 -24.15 -43.85
N ASN F 87 -12.56 -24.24 -45.09
CA ASN F 87 -12.08 -23.37 -46.18
C ASN F 87 -12.88 -22.07 -46.17
N ALA F 88 -12.65 -21.27 -45.13
CA ALA F 88 -13.29 -19.98 -45.02
C ALA F 88 -12.88 -19.07 -46.18
N LEU F 89 -13.88 -18.44 -46.80
CA LEU F 89 -13.67 -17.61 -47.99
C LEU F 89 -12.93 -18.40 -49.06
N ASP F 90 -13.35 -19.64 -49.25
CA ASP F 90 -12.72 -20.60 -50.19
C ASP F 90 -11.26 -20.71 -49.76
N ASP F 91 -10.29 -20.49 -50.65
CA ASP F 91 -8.89 -20.51 -50.25
C ASP F 91 -8.61 -19.40 -49.24
N GLY F 92 -9.14 -18.21 -49.48
CA GLY F 92 -8.88 -17.09 -48.58
C GLY F 92 -7.40 -16.79 -48.51
N GLN F 93 -6.93 -16.50 -47.32
CA GLN F 93 -5.51 -16.26 -47.10
C GLN F 93 -4.92 -17.12 -45.98
N TRP F 94 -5.70 -17.39 -44.92
CA TRP F 94 -5.25 -18.29 -43.87
C TRP F 94 -6.34 -19.27 -43.48
N SER F 95 -7.21 -19.63 -44.43
CA SER F 95 -8.16 -20.71 -44.21
C SER F 95 -7.41 -22.03 -44.12
N GLN F 96 -7.78 -22.85 -43.13
CA GLN F 96 -7.11 -24.11 -42.85
C GLN F 96 -5.62 -23.94 -42.56
N GLY F 97 -5.20 -22.72 -42.24
CA GLY F 97 -3.83 -22.47 -41.86
C GLY F 97 -2.97 -21.95 -42.99
N LEU F 98 -1.67 -21.89 -42.71
CA LEU F 98 -0.72 -21.21 -43.59
C LEU F 98 -0.63 -21.84 -44.97
N ILE F 99 -1.10 -23.09 -45.13
CA ILE F 99 -1.12 -23.68 -46.46
C ILE F 99 -1.88 -22.80 -47.43
N SER F 100 -2.98 -22.18 -46.96
CA SER F 100 -3.71 -21.26 -47.81
C SER F 100 -2.81 -20.16 -48.33
N ALA F 101 -2.03 -19.54 -47.43
CA ALA F 101 -1.04 -18.56 -47.86
C ALA F 101 -0.14 -19.16 -48.92
N ALA F 102 0.43 -20.34 -48.63
CA ALA F 102 1.29 -21.00 -49.60
C ALA F 102 0.59 -21.11 -50.94
N ARG F 103 -0.71 -21.47 -50.92
CA ARG F 103 -1.44 -21.63 -52.17
C ARG F 103 -1.34 -20.36 -53.02
N MET F 104 -1.68 -19.21 -52.44
CA MET F 104 -1.66 -18.00 -53.26
C MET F 104 -0.25 -17.72 -53.74
N VAL F 105 0.75 -18.03 -52.91
CA VAL F 105 2.14 -17.86 -53.32
C VAL F 105 2.36 -18.60 -54.63
N ALA F 106 1.97 -19.88 -54.66
CA ALA F 106 2.04 -20.64 -55.89
C ALA F 106 1.28 -19.91 -57.00
N ALA F 107 0.03 -19.56 -56.72
CA ALA F 107 -0.77 -18.82 -57.69
C ALA F 107 -0.04 -17.56 -58.13
N ALA F 108 0.54 -16.84 -57.18
CA ALA F 108 1.31 -15.65 -57.53
C ALA F 108 2.39 -15.99 -58.54
N THR F 109 3.22 -16.98 -58.24
CA THR F 109 4.25 -17.39 -59.19
C THR F 109 3.62 -17.86 -60.49
N ASN F 110 2.48 -18.54 -60.41
CA ASN F 110 1.76 -18.91 -61.63
C ASN F 110 1.50 -17.67 -62.46
N ASN F 111 0.93 -16.63 -61.85
CA ASN F 111 0.74 -15.36 -62.55
C ASN F 111 2.07 -14.87 -63.10
N LEU F 112 3.11 -14.93 -62.26
CA LEU F 112 4.45 -14.55 -62.70
C LEU F 112 4.81 -15.28 -63.99
N CYS F 113 4.63 -16.60 -64.00
CA CYS F 113 4.99 -17.37 -65.20
C CYS F 113 4.22 -16.85 -66.41
N GLU F 114 2.93 -16.62 -66.24
CA GLU F 114 2.13 -16.10 -67.35
C GLU F 114 2.73 -14.78 -67.85
N ALA F 115 3.07 -13.88 -66.93
CA ALA F 115 3.67 -12.62 -67.33
C ALA F 115 4.93 -12.87 -68.14
N ALA F 116 5.76 -13.83 -67.70
CA ALA F 116 6.96 -14.18 -68.44
C ALA F 116 6.62 -14.52 -69.87
N ASN F 117 5.62 -15.39 -70.07
CA ASN F 117 5.20 -15.71 -71.42
C ASN F 117 4.68 -14.47 -72.13
N ALA F 118 3.87 -13.66 -71.44
CA ALA F 118 3.39 -12.44 -72.05
C ALA F 118 4.53 -11.47 -72.32
N ALA F 119 5.67 -11.64 -71.66
CA ALA F 119 6.84 -10.84 -71.97
C ALA F 119 7.52 -11.31 -73.24
N VAL F 120 7.52 -12.62 -73.50
CA VAL F 120 8.27 -13.14 -74.66
C VAL F 120 7.45 -13.14 -75.93
N GLN F 121 6.14 -12.96 -75.84
CA GLN F 121 5.30 -12.80 -77.02
C GLN F 121 5.05 -11.33 -77.35
N GLY F 122 5.63 -10.41 -76.59
CA GLY F 122 5.46 -8.99 -76.86
C GLY F 122 4.15 -8.40 -76.40
N HIS F 123 3.52 -8.98 -75.38
CA HIS F 123 2.24 -8.49 -74.89
C HIS F 123 2.31 -7.85 -73.51
N ALA F 124 3.40 -8.05 -72.77
CA ALA F 124 3.58 -7.46 -71.45
C ALA F 124 4.93 -6.80 -71.35
N SER F 125 5.00 -5.75 -70.55
CA SER F 125 6.27 -5.04 -70.38
C SER F 125 6.98 -5.50 -69.11
N GLN F 126 8.26 -5.11 -69.00
CA GLN F 126 9.07 -5.49 -67.85
C GLN F 126 8.49 -4.91 -66.56
N GLU F 127 7.72 -3.83 -66.66
CA GLU F 127 7.05 -3.29 -65.49
C GLU F 127 6.05 -4.29 -64.92
N LYS F 128 5.32 -4.99 -65.79
CA LYS F 128 4.43 -6.04 -65.33
C LYS F 128 5.21 -7.16 -64.66
N LEU F 129 6.34 -7.54 -65.23
CA LEU F 129 7.15 -8.60 -64.65
C LEU F 129 7.61 -8.23 -63.25
N ILE F 130 8.13 -7.00 -63.08
CA ILE F 130 8.65 -6.61 -61.78
C ILE F 130 7.51 -6.42 -60.78
N SER F 131 6.34 -5.97 -61.23
CA SER F 131 5.21 -5.86 -60.33
C SER F 131 4.75 -7.24 -59.84
N SER F 132 4.65 -8.20 -60.75
CA SER F 132 4.25 -9.55 -60.37
C SER F 132 5.29 -10.18 -59.44
N ALA F 133 6.57 -9.93 -59.72
CA ALA F 133 7.63 -10.41 -58.83
C ALA F 133 7.53 -9.76 -57.46
N LYS F 134 7.16 -8.48 -57.41
CA LYS F 134 6.96 -7.82 -56.13
C LYS F 134 5.83 -8.46 -55.34
N GLN F 135 4.73 -8.79 -56.03
CA GLN F 135 3.64 -9.50 -55.36
C GLN F 135 4.08 -10.86 -54.85
N VAL F 136 4.86 -11.59 -55.65
CA VAL F 136 5.36 -12.90 -55.23
C VAL F 136 6.24 -12.75 -54.00
N ALA F 137 7.13 -11.76 -54.01
CA ALA F 137 8.02 -11.54 -52.88
C ALA F 137 7.23 -11.16 -51.63
N ALA F 138 6.21 -10.32 -51.77
CA ALA F 138 5.39 -9.96 -50.62
C ALA F 138 4.70 -11.19 -50.04
N SER F 139 4.12 -12.02 -50.91
CA SER F 139 3.42 -13.21 -50.43
C SER F 139 4.37 -14.17 -49.72
N THR F 140 5.54 -14.43 -50.31
CA THR F 140 6.46 -15.38 -49.72
C THR F 140 7.05 -14.84 -48.41
N ALA F 141 7.31 -13.53 -48.35
CA ALA F 141 7.79 -12.95 -47.10
C ALA F 141 6.73 -13.04 -46.02
N GLN F 142 5.47 -12.77 -46.37
CA GLN F 142 4.39 -12.89 -45.40
C GLN F 142 4.31 -14.31 -44.86
N LEU F 143 4.35 -15.30 -45.75
CA LEU F 143 4.27 -16.69 -45.31
C LEU F 143 5.46 -17.07 -44.43
N LEU F 144 6.66 -16.65 -44.82
CA LEU F 144 7.86 -17.00 -44.06
C LEU F 144 7.82 -16.40 -42.66
N VAL F 145 7.45 -15.13 -42.55
CA VAL F 145 7.40 -14.50 -41.24
C VAL F 145 6.28 -15.11 -40.40
N ALA F 146 5.14 -15.42 -41.02
CA ALA F 146 4.04 -16.03 -40.29
C ALA F 146 4.46 -17.37 -39.71
N CYS F 147 5.17 -18.18 -40.49
CA CYS F 147 5.65 -19.46 -39.97
C CYS F 147 6.70 -19.25 -38.88
N LYS F 148 7.60 -18.28 -39.08
CA LYS F 148 8.73 -18.14 -38.17
C LYS F 148 8.31 -17.63 -36.80
N VAL F 149 7.40 -16.67 -36.74
CA VAL F 149 7.04 -16.11 -35.44
C VAL F 149 6.33 -17.14 -34.58
N LYS F 150 5.66 -18.11 -35.19
CA LYS F 150 4.82 -19.04 -34.45
C LYS F 150 5.49 -20.38 -34.19
N ALA F 151 6.45 -20.78 -35.01
CA ALA F 151 7.11 -22.06 -34.86
C ALA F 151 8.17 -22.00 -33.76
N ASP F 152 8.79 -23.15 -33.52
CA ASP F 152 9.84 -23.26 -32.52
C ASP F 152 11.10 -22.53 -32.99
N GLN F 153 11.94 -22.14 -32.02
CA GLN F 153 13.13 -21.36 -32.32
C GLN F 153 14.04 -22.08 -33.31
N ASP F 154 14.22 -23.38 -33.15
CA ASP F 154 15.10 -24.15 -34.01
C ASP F 154 14.35 -25.29 -34.71
N SER F 155 13.06 -25.08 -34.97
CA SER F 155 12.27 -26.11 -35.62
C SER F 155 12.80 -26.40 -37.03
N GLU F 156 12.94 -27.68 -37.35
CA GLU F 156 13.43 -28.07 -38.66
C GLU F 156 12.49 -27.61 -39.76
N ALA F 157 11.18 -27.73 -39.54
CA ALA F 157 10.20 -27.38 -40.57
C ALA F 157 10.30 -25.91 -40.95
N MET F 158 10.49 -25.03 -39.96
CA MET F 158 10.63 -23.61 -40.28
C MET F 158 11.92 -23.35 -41.04
N LYS F 159 12.99 -24.09 -40.73
CA LYS F 159 14.23 -23.96 -41.48
C LYS F 159 14.03 -24.34 -42.95
N ARG F 160 13.35 -25.46 -43.18
CA ARG F 160 13.07 -25.87 -44.56
C ARG F 160 12.18 -24.87 -45.27
N LEU F 161 11.19 -24.32 -44.55
CA LEU F 161 10.32 -23.31 -45.15
C LEU F 161 11.10 -22.07 -45.54
N GLN F 162 12.00 -21.61 -44.67
CA GLN F 162 12.80 -20.43 -44.98
C GLN F 162 13.72 -20.69 -46.17
N ALA F 163 14.33 -21.89 -46.21
CA ALA F 163 15.18 -22.23 -47.35
C ALA F 163 14.39 -22.25 -48.65
N ALA F 164 13.19 -22.84 -48.61
CA ALA F 164 12.35 -22.88 -49.81
C ALA F 164 11.94 -21.48 -50.22
N GLY F 165 11.61 -20.61 -49.26
CA GLY F 165 11.25 -19.24 -49.59
C GLY F 165 12.40 -18.48 -50.23
N ASN F 166 13.60 -18.66 -49.70
CA ASN F 166 14.77 -18.02 -50.29
C ASN F 166 15.01 -18.54 -51.71
N ALA F 167 14.83 -19.85 -51.91
CA ALA F 167 14.99 -20.42 -53.24
C ALA F 167 13.96 -19.84 -54.19
N VAL F 168 12.72 -19.69 -53.74
CA VAL F 168 11.67 -19.12 -54.59
C VAL F 168 12.00 -17.68 -54.95
N LYS F 169 12.47 -16.91 -53.97
CA LYS F 169 12.82 -15.51 -54.23
C LYS F 169 13.95 -15.41 -55.25
N ARG F 170 15.00 -16.21 -55.08
CA ARG F 170 16.13 -16.14 -55.99
C ARG F 170 15.74 -16.63 -57.39
N ALA F 171 14.88 -17.65 -57.47
CA ALA F 171 14.42 -18.12 -58.77
C ALA F 171 13.55 -17.07 -59.46
N SER F 172 12.70 -16.39 -58.70
CA SER F 172 11.90 -15.32 -59.28
C SER F 172 12.78 -14.19 -59.79
N ASP F 173 13.82 -13.84 -59.04
CA ASP F 173 14.75 -12.82 -59.50
C ASP F 173 15.44 -13.25 -60.79
N ASN F 174 15.86 -14.52 -60.86
CA ASN F 174 16.52 -15.02 -62.06
C ASN F 174 15.57 -14.98 -63.26
N LEU F 175 14.31 -15.41 -63.07
CA LEU F 175 13.36 -15.36 -64.18
C LEU F 175 13.10 -13.93 -64.60
N VAL F 176 12.99 -13.01 -63.66
CA VAL F 176 12.72 -11.61 -64.00
C VAL F 176 13.87 -11.04 -64.81
N LYS F 177 15.10 -11.26 -64.37
CA LYS F 177 16.24 -10.73 -65.11
C LYS F 177 16.36 -11.39 -66.48
N ALA F 178 16.09 -12.69 -66.56
CA ALA F 178 16.15 -13.38 -67.84
C ALA F 178 15.10 -12.84 -68.82
N ALA F 179 13.88 -12.62 -68.33
CA ALA F 179 12.84 -12.07 -69.20
C ALA F 179 13.16 -10.64 -69.61
N GLN F 180 13.75 -9.86 -68.71
CA GLN F 180 14.13 -8.49 -69.06
C GLN F 180 15.19 -8.48 -70.15
N LYS F 181 16.25 -9.29 -69.98
CA LYS F 181 17.32 -9.29 -70.97
C LYS F 181 16.88 -9.94 -72.28
N ALA F 182 16.07 -11.00 -72.20
CA ALA F 182 15.62 -11.66 -73.43
C ALA F 182 14.73 -10.74 -74.25
N ALA F 183 13.86 -9.98 -73.60
CA ALA F 183 12.98 -9.08 -74.32
C ALA F 183 13.79 -7.97 -74.99
N ALA F 184 13.47 -7.70 -76.26
CA ALA F 184 14.23 -6.73 -77.03
C ALA F 184 14.00 -5.29 -76.58
N PHE F 185 12.86 -5.00 -75.97
CA PHE F 185 12.54 -3.65 -75.53
C PHE F 185 13.13 -3.31 -74.16
N GLU F 186 14.13 -4.07 -73.72
CA GLU F 186 14.74 -3.84 -72.40
C GLU F 186 15.15 -2.38 -72.22
N ASP F 187 15.72 -1.78 -73.27
CA ASP F 187 16.06 -0.36 -73.26
C ASP F 187 15.90 0.15 -74.69
N GLN F 188 14.72 0.71 -74.98
CA GLN F 188 14.41 1.27 -76.29
C GLN F 188 13.98 2.73 -76.17
N GLU F 189 14.61 3.48 -75.27
CA GLU F 189 14.27 4.89 -75.08
C GLU F 189 14.66 5.67 -76.33
N ASN F 190 13.67 6.26 -76.99
CA ASN F 190 13.88 7.00 -78.22
C ASN F 190 14.14 8.49 -77.96
N GLU F 191 14.04 8.92 -76.71
CA GLU F 191 14.34 10.31 -76.37
C GLU F 191 15.82 10.60 -76.60
N THR F 192 16.11 11.82 -77.02
CA THR F 192 17.47 12.20 -77.36
C THR F 192 17.63 13.70 -77.11
N VAL F 193 18.78 14.23 -77.55
CA VAL F 193 19.06 15.65 -77.36
C VAL F 193 18.12 16.46 -78.23
N VAL F 194 17.58 17.55 -77.67
CA VAL F 194 16.62 18.41 -78.35
C VAL F 194 16.99 19.86 -78.07
N VAL F 195 16.98 20.68 -79.11
CA VAL F 195 17.26 22.11 -78.97
C VAL F 195 16.54 22.85 -80.10
N LYS F 196 15.94 23.98 -79.76
CA LYS F 196 15.21 24.80 -80.72
C LYS F 196 16.08 25.98 -81.14
N GLU F 197 16.09 26.25 -82.45
CA GLU F 197 16.91 27.34 -82.98
C GLU F 197 16.40 28.69 -82.46
N LYS F 198 15.08 28.89 -82.47
CA LYS F 198 14.50 30.11 -81.93
C LYS F 198 14.71 30.16 -80.42
N MET F 199 15.12 31.33 -79.92
CA MET F 199 15.39 31.45 -78.49
C MET F 199 14.11 31.30 -77.68
N VAL F 200 13.03 32.01 -78.08
CA VAL F 200 11.77 31.92 -77.34
C VAL F 200 11.29 30.48 -77.31
N GLY F 201 11.23 29.83 -78.47
CA GLY F 201 10.84 28.43 -78.52
C GLY F 201 11.73 27.59 -77.65
N GLY F 202 13.04 27.88 -77.64
CA GLY F 202 13.94 27.16 -76.77
C GLY F 202 13.52 27.25 -75.32
N ILE F 203 13.21 28.47 -74.86
CA ILE F 203 12.71 28.63 -73.50
C ILE F 203 11.42 27.85 -73.34
N ALA F 204 10.54 27.92 -74.33
CA ALA F 204 9.32 27.13 -74.31
C ALA F 204 9.62 25.67 -74.04
N GLN F 205 10.65 25.14 -74.73
CA GLN F 205 11.01 23.73 -74.53
C GLN F 205 11.24 23.45 -73.05
N ILE F 206 12.02 24.31 -72.38
CA ILE F 206 12.28 24.09 -70.96
C ILE F 206 10.96 24.04 -70.20
N ILE F 207 10.10 25.04 -70.42
CA ILE F 207 8.80 25.03 -69.78
C ILE F 207 8.03 23.77 -70.18
N ALA F 208 8.07 23.44 -71.47
CA ALA F 208 7.37 22.25 -71.95
C ALA F 208 7.84 21.02 -71.20
N ALA F 209 9.13 20.96 -70.87
CA ALA F 209 9.60 19.86 -70.04
C ALA F 209 9.19 20.06 -68.59
N GLN F 210 9.41 21.25 -68.06
CA GLN F 210 9.37 21.43 -66.60
C GLN F 210 7.97 21.18 -66.07
N GLU F 211 6.95 21.82 -66.67
CA GLU F 211 5.59 21.55 -66.23
C GLU F 211 5.25 20.08 -66.40
N GLU F 212 5.71 19.45 -67.48
CA GLU F 212 5.50 18.02 -67.65
C GLU F 212 5.98 17.27 -66.42
N MET F 213 7.17 17.64 -65.93
CA MET F 213 7.67 17.12 -64.66
C MET F 213 6.56 17.05 -63.63
N LEU F 214 6.02 18.21 -63.26
CA LEU F 214 5.06 18.27 -62.18
C LEU F 214 3.84 17.43 -62.53
N ARG F 215 3.39 17.51 -63.78
CA ARG F 215 2.23 16.73 -64.19
C ARG F 215 2.47 15.26 -63.90
N LYS F 216 3.60 14.72 -64.39
CA LYS F 216 3.89 13.32 -64.10
C LYS F 216 4.01 13.11 -62.60
N GLU F 217 4.73 14.01 -61.92
CA GLU F 217 4.90 13.88 -60.48
C GLU F 217 3.55 13.89 -59.79
N ARG F 218 2.59 14.61 -60.34
CA ARG F 218 1.27 14.62 -59.73
C ARG F 218 0.63 13.24 -59.80
N GLU F 219 0.65 12.62 -60.99
CA GLU F 219 0.03 11.31 -61.14
C GLU F 219 0.58 10.34 -60.12
N LEU F 220 1.91 10.36 -59.93
CA LEU F 220 2.55 9.60 -58.87
C LEU F 220 1.71 9.59 -57.61
N GLU F 221 1.56 10.75 -56.97
CA GLU F 221 0.85 10.80 -55.70
C GLU F 221 -0.56 10.26 -55.88
N GLU F 222 -1.26 10.74 -56.92
CA GLU F 222 -2.61 10.25 -57.17
C GLU F 222 -2.61 8.74 -57.31
N ALA F 223 -1.74 8.22 -58.19
CA ALA F 223 -1.69 6.78 -58.40
C ALA F 223 -1.48 6.07 -57.08
N ARG F 224 -0.56 6.59 -56.26
CA ARG F 224 -0.27 5.95 -54.99
C ARG F 224 -1.53 5.82 -54.17
N LYS F 225 -2.26 6.93 -54.00
CA LYS F 225 -3.50 6.86 -53.24
C LYS F 225 -4.39 5.76 -53.77
N LYS F 226 -4.58 5.74 -55.09
CA LYS F 226 -5.43 4.71 -55.69
C LYS F 226 -4.95 3.33 -55.26
N LEU F 227 -3.65 3.06 -55.45
CA LEU F 227 -3.12 1.76 -55.02
C LEU F 227 -3.38 1.56 -53.53
N ALA F 228 -3.05 2.55 -52.71
CA ALA F 228 -3.34 2.45 -51.29
C ALA F 228 -4.80 2.11 -51.08
N GLN F 229 -5.69 2.85 -51.74
CA GLN F 229 -7.12 2.62 -51.57
C GLN F 229 -7.45 1.16 -51.87
N ILE F 230 -6.96 0.65 -53.00
CA ILE F 230 -7.37 -0.70 -53.39
C ILE F 230 -6.90 -1.71 -52.36
N ARG F 231 -5.72 -1.47 -51.77
CA ARG F 231 -5.24 -2.38 -50.74
C ARG F 231 -6.20 -2.40 -49.57
N GLN F 232 -6.65 -1.22 -49.13
CA GLN F 232 -7.69 -1.18 -48.12
C GLN F 232 -8.96 -1.83 -48.64
N GLN F 233 -9.32 -1.53 -49.90
CA GLN F 233 -10.48 -2.17 -50.50
C GLN F 233 -10.26 -3.68 -50.63
N GLN F 234 -9.00 -4.10 -50.66
CA GLN F 234 -8.71 -5.53 -50.67
C GLN F 234 -9.19 -6.17 -49.37
N TYR F 235 -8.98 -5.49 -48.25
CA TYR F 235 -9.42 -5.99 -46.96
C TYR F 235 -9.40 -4.84 -45.97
N LYS F 236 -10.54 -4.59 -45.31
CA LYS F 236 -10.65 -3.55 -44.30
C LYS F 236 -11.54 -4.02 -43.14
N PHE F 237 -11.58 -5.33 -42.91
CA PHE F 237 -12.41 -5.92 -41.86
C PHE F 237 -13.88 -5.55 -42.03
N VAL G 200 -7.90 -13.72 -55.22
CA VAL G 200 -7.04 -13.46 -56.36
C VAL G 200 -7.51 -12.19 -57.08
N GLY G 201 -8.82 -11.94 -57.03
CA GLY G 201 -9.36 -10.75 -57.65
C GLY G 201 -8.80 -9.48 -57.03
N GLY G 202 -8.79 -9.40 -55.70
CA GLY G 202 -8.13 -8.29 -55.04
C GLY G 202 -6.65 -8.23 -55.38
N ILE G 203 -6.01 -9.40 -55.48
CA ILE G 203 -4.63 -9.45 -55.94
C ILE G 203 -4.53 -8.92 -57.36
N ALA G 204 -5.53 -9.19 -58.19
CA ALA G 204 -5.51 -8.69 -59.57
C ALA G 204 -5.60 -7.16 -59.60
N GLN G 205 -6.48 -6.58 -58.79
CA GLN G 205 -6.55 -5.11 -58.75
C GLN G 205 -5.27 -4.52 -58.17
N ILE G 206 -4.69 -5.16 -57.15
CA ILE G 206 -3.44 -4.66 -56.57
C ILE G 206 -2.33 -4.70 -57.61
N ILE G 207 -2.24 -5.79 -58.37
CA ILE G 207 -1.17 -5.89 -59.36
C ILE G 207 -1.42 -4.93 -60.51
N ALA G 208 -2.69 -4.64 -60.84
CA ALA G 208 -2.97 -3.62 -61.84
C ALA G 208 -2.52 -2.24 -61.37
N ALA G 209 -2.79 -1.91 -60.11
CA ALA G 209 -2.29 -0.65 -59.56
C ALA G 209 -0.77 -0.61 -59.59
N GLN G 210 -0.13 -1.75 -59.35
CA GLN G 210 1.32 -1.83 -59.50
C GLN G 210 1.74 -1.59 -60.93
N GLU G 211 0.97 -2.10 -61.89
CA GLU G 211 1.23 -1.84 -63.31
C GLU G 211 1.28 -0.35 -63.57
N GLU G 212 0.23 0.35 -63.15
CA GLU G 212 0.19 1.80 -63.34
C GLU G 212 1.36 2.47 -62.63
N MET G 213 1.64 2.06 -61.40
CA MET G 213 2.81 2.58 -60.69
C MET G 213 4.08 2.47 -61.52
N LEU G 214 4.35 1.29 -62.06
CA LEU G 214 5.64 1.05 -62.70
C LEU G 214 5.73 1.77 -64.04
N ARG G 215 4.67 1.68 -64.86
CA ARG G 215 4.65 2.44 -66.11
C ARG G 215 4.90 3.91 -65.84
N LYS G 216 4.25 4.44 -64.81
CA LYS G 216 4.31 5.86 -64.54
C LYS G 216 5.68 6.27 -63.98
N GLU G 217 6.28 5.41 -63.15
CA GLU G 217 7.65 5.65 -62.71
C GLU G 217 8.60 5.72 -63.89
N ARG G 218 8.45 4.77 -64.82
CA ARG G 218 9.31 4.74 -65.98
C ARG G 218 9.19 6.02 -66.80
N GLU G 219 7.97 6.44 -67.12
CA GLU G 219 7.84 7.61 -67.99
C GLU G 219 8.25 8.88 -67.24
N LEU G 220 8.11 8.88 -65.91
CA LEU G 220 8.65 9.98 -65.12
C LEU G 220 10.17 10.04 -65.22
N GLU G 221 10.83 8.88 -65.21
CA GLU G 221 12.29 8.88 -65.33
C GLU G 221 12.71 9.38 -66.71
N GLU G 222 11.96 8.99 -67.75
CA GLU G 222 12.20 9.59 -69.07
C GLU G 222 12.00 11.10 -69.04
N ALA G 223 10.98 11.58 -68.32
CA ALA G 223 10.80 13.03 -68.21
C ALA G 223 11.99 13.67 -67.50
N ARG G 224 12.53 12.98 -66.50
CA ARG G 224 13.74 13.46 -65.82
C ARG G 224 14.88 13.62 -66.81
N LYS G 225 15.10 12.60 -67.64
CA LYS G 225 16.19 12.65 -68.60
C LYS G 225 15.94 13.75 -69.62
N LYS G 226 14.69 13.95 -70.03
CA LYS G 226 14.35 15.01 -70.96
C LYS G 226 14.70 16.38 -70.39
N LEU G 227 14.29 16.65 -69.15
CA LEU G 227 14.61 17.94 -68.55
C LEU G 227 16.12 18.09 -68.41
N ALA G 228 16.81 17.02 -68.02
CA ALA G 228 18.26 17.10 -67.86
C ALA G 228 18.95 17.46 -69.17
N GLN G 229 18.54 16.82 -70.27
CA GLN G 229 19.21 17.09 -71.54
C GLN G 229 18.85 18.47 -72.07
N ILE G 230 17.62 18.93 -71.82
CA ILE G 230 17.26 20.30 -72.22
C ILE G 230 18.08 21.31 -71.43
N ARG G 231 18.23 21.10 -70.12
CA ARG G 231 19.01 22.00 -69.28
C ARG G 231 20.50 21.92 -69.64
N GLN G 232 20.94 20.81 -70.21
CA GLN G 232 22.34 20.67 -70.58
C GLN G 232 22.74 21.66 -71.67
N GLN G 233 21.78 22.07 -72.51
CA GLN G 233 22.07 22.96 -73.63
C GLN G 233 21.33 24.29 -73.54
N GLN G 234 20.87 24.68 -72.35
CA GLN G 234 20.16 25.95 -72.23
C GLN G 234 21.06 27.14 -72.50
N TYR G 235 22.38 26.95 -72.43
CA TYR G 235 23.33 28.03 -72.71
C TYR G 235 23.24 28.52 -74.14
N LYS G 236 22.73 27.69 -75.05
CA LYS G 236 22.72 28.06 -76.46
C LYS G 236 21.77 29.24 -76.72
N PHE G 237 20.54 29.15 -76.22
CA PHE G 237 19.53 30.17 -76.48
C PHE G 237 19.42 31.20 -75.37
N LEU G 238 20.15 31.02 -74.28
CA LEU G 238 20.17 32.06 -73.25
C LEU G 238 21.31 33.03 -73.54
N PRO G 239 21.03 34.33 -73.68
CA PRO G 239 22.11 35.27 -74.03
C PRO G 239 23.13 35.45 -72.92
N SER G 240 24.12 36.32 -73.16
CA SER G 240 25.20 36.51 -72.20
C SER G 240 24.68 37.01 -70.86
N GLU G 241 23.73 37.95 -70.89
CA GLU G 241 23.17 38.47 -69.63
C GLU G 241 22.39 37.39 -68.88
N LEU G 242 22.05 36.28 -69.54
CA LEU G 242 21.39 35.16 -68.88
C LEU G 242 22.22 33.88 -68.91
N ARG G 243 23.38 33.88 -69.57
CA ARG G 243 24.24 32.70 -69.71
C ARG G 243 23.49 31.54 -70.34
N PHE H 46 -24.22 51.04 35.07
CA PHE H 46 -22.90 51.15 34.47
C PHE H 46 -21.83 50.63 35.42
N GLU H 47 -21.20 51.54 36.16
CA GLU H 47 -20.16 51.15 37.11
C GLU H 47 -20.74 50.32 38.25
N GLU H 48 -21.93 50.69 38.73
CA GLU H 48 -22.53 49.95 39.84
C GLU H 48 -22.86 48.51 39.46
N GLN H 49 -23.40 48.30 38.25
CA GLN H 49 -23.77 46.94 37.85
C GLN H 49 -22.54 46.09 37.58
N ILE H 50 -21.50 46.67 36.97
CA ILE H 50 -20.28 45.90 36.77
C ILE H 50 -19.60 45.63 38.11
N LEU H 51 -19.75 46.52 39.08
CA LEU H 51 -19.18 46.26 40.40
C LEU H 51 -19.91 45.14 41.11
N GLU H 52 -21.24 45.11 41.04
CA GLU H 52 -21.97 44.00 41.64
C GLU H 52 -21.66 42.69 40.93
N ALA H 53 -21.50 42.74 39.60
CA ALA H 53 -21.09 41.54 38.87
C ALA H 53 -19.68 41.11 39.26
N ALA H 54 -18.80 42.07 39.53
CA ALA H 54 -17.46 41.73 40.00
C ALA H 54 -17.50 41.10 41.39
N LYS H 55 -18.43 41.55 42.24
CA LYS H 55 -18.62 40.89 43.53
C LYS H 55 -19.11 39.46 43.34
N SER H 56 -20.00 39.25 42.38
CA SER H 56 -20.42 37.89 42.05
C SER H 56 -19.23 37.06 41.56
N ILE H 57 -18.37 37.67 40.74
CA ILE H 57 -17.16 36.98 40.28
C ILE H 57 -16.30 36.58 41.47
N ALA H 58 -16.14 37.50 42.43
CA ALA H 58 -15.31 37.22 43.60
C ALA H 58 -15.89 36.09 44.42
N ALA H 59 -17.21 36.08 44.62
CA ALA H 59 -17.84 34.99 45.36
C ALA H 59 -17.66 33.66 44.64
N ALA H 60 -17.85 33.65 43.32
CA ALA H 60 -17.68 32.43 42.55
C ALA H 60 -16.24 31.93 42.62
N THR H 61 -15.27 32.85 42.56
CA THR H 61 -13.87 32.45 42.64
C THR H 61 -13.51 31.94 44.02
N SER H 62 -14.09 32.53 45.07
CA SER H 62 -13.86 32.01 46.42
C SER H 62 -14.41 30.60 46.56
N ALA H 63 -15.61 30.36 46.02
CA ALA H 63 -16.16 29.01 46.02
C ALA H 63 -15.27 28.05 45.23
N LEU H 64 -14.76 28.51 44.08
CA LEU H 64 -13.88 27.69 43.27
C LEU H 64 -12.59 27.35 44.04
N VAL H 65 -12.03 28.32 44.75
CA VAL H 65 -10.81 28.09 45.52
C VAL H 65 -11.07 27.08 46.62
N LYS H 66 -12.19 27.23 47.34
CA LYS H 66 -12.51 26.29 48.40
C LYS H 66 -12.68 24.88 47.84
N ALA H 67 -13.39 24.76 46.72
CA ALA H 67 -13.62 23.45 46.14
C ALA H 67 -12.32 22.84 45.61
N ALA H 68 -11.42 23.66 45.07
CA ALA H 68 -10.14 23.16 44.59
C ALA H 68 -9.28 22.68 45.76
N SER H 69 -9.30 23.42 46.87
CA SER H 69 -8.58 22.97 48.06
C SER H 69 -9.13 21.65 48.55
N ALA H 70 -10.46 21.51 48.57
CA ALA H 70 -11.07 20.24 48.96
C ALA H 70 -10.67 19.12 48.01
N ALA H 71 -10.62 19.42 46.70
CA ALA H 71 -10.24 18.41 45.72
C ALA H 71 -8.80 17.94 45.95
N GLN H 72 -7.89 18.88 46.19
CA GLN H 72 -6.50 18.49 46.46
C GLN H 72 -6.39 17.71 47.76
N ARG H 73 -7.17 18.10 48.77
CA ARG H 73 -7.20 17.33 50.01
C ARG H 73 -7.64 15.89 49.75
N GLU H 74 -8.68 15.72 48.93
CA GLU H 74 -9.13 14.37 48.59
C GLU H 74 -8.03 13.61 47.84
N LEU H 75 -7.37 14.29 46.89
CA LEU H 75 -6.34 13.64 46.08
C LEU H 75 -5.19 13.15 46.96
N VAL H 76 -4.72 14.00 47.88
CA VAL H 76 -3.63 13.58 48.75
C VAL H 76 -4.10 12.52 49.74
N ALA H 77 -5.34 12.62 50.23
CA ALA H 77 -5.85 11.64 51.18
C ALA H 77 -5.91 10.26 50.57
N GLN H 78 -6.37 10.16 49.32
CA GLN H 78 -6.36 8.88 48.63
C GLN H 78 -4.97 8.54 48.12
N GLY H 79 -4.15 9.54 47.81
CA GLY H 79 -2.86 9.30 47.20
C GLY H 79 -2.87 9.29 45.70
N LYS H 80 -3.78 10.05 45.08
CA LYS H 80 -3.81 10.14 43.62
C LYS H 80 -2.51 10.75 43.09
N VAL H 81 -2.07 11.85 43.69
CA VAL H 81 -0.84 12.53 43.30
C VAL H 81 -0.09 12.92 44.56
N GLY H 82 1.23 12.69 44.56
CA GLY H 82 2.03 13.07 45.71
C GLY H 82 1.96 14.56 45.97
N ALA H 83 1.77 14.92 47.23
CA ALA H 83 1.63 16.31 47.64
C ALA H 83 3.02 16.89 47.93
N ILE H 84 3.45 17.83 47.10
CA ILE H 84 4.74 18.49 47.27
C ILE H 84 4.50 19.96 47.58
N PRO H 85 4.60 20.40 48.84
CA PRO H 85 4.36 21.79 49.21
C PRO H 85 5.53 22.73 48.86
N ALA H 86 5.94 22.70 47.60
CA ALA H 86 7.02 23.54 47.10
C ALA H 86 6.48 24.46 46.02
N ASN H 87 6.79 25.75 46.12
CA ASN H 87 6.32 26.74 45.16
C ASN H 87 7.30 26.82 43.98
N ALA H 88 7.28 25.77 43.18
CA ALA H 88 8.12 25.72 41.98
C ALA H 88 7.73 26.84 41.02
N LEU H 89 8.72 27.65 40.66
CA LEU H 89 8.50 28.86 39.86
C LEU H 89 7.43 29.74 40.49
N ASP H 90 7.57 29.94 41.81
CA ASP H 90 6.56 30.62 42.63
C ASP H 90 5.21 29.96 42.43
N ASP H 91 4.22 30.73 41.94
CA ASP H 91 2.93 30.14 41.64
C ASP H 91 3.05 29.09 40.55
N GLY H 92 3.80 29.38 39.49
CA GLY H 92 3.86 28.47 38.35
C GLY H 92 2.47 28.28 37.79
N GLN H 93 2.16 27.04 37.42
CA GLN H 93 0.80 26.71 37.00
C GLN H 93 0.25 25.51 37.76
N TRP H 94 1.08 24.52 38.08
CA TRP H 94 0.64 23.36 38.85
C TRP H 94 1.56 23.10 40.04
N SER H 95 2.16 24.16 40.58
CA SER H 95 2.85 24.04 41.86
C SER H 95 1.81 23.77 42.96
N GLN H 96 2.12 22.79 43.81
CA GLN H 96 1.14 22.21 44.74
C GLN H 96 -0.13 21.78 44.02
N GLY H 97 -0.01 21.36 42.77
CA GLY H 97 -1.17 20.86 42.05
C GLY H 97 -2.20 21.93 41.79
N LEU H 98 -3.45 21.63 42.17
CA LEU H 98 -4.59 22.46 41.78
C LEU H 98 -4.64 23.78 42.52
N ILE H 99 -3.86 23.95 43.60
CA ILE H 99 -3.88 25.23 44.31
C ILE H 99 -3.42 26.37 43.40
N SER H 100 -2.34 26.14 42.66
CA SER H 100 -1.82 27.19 41.79
C SER H 100 -2.68 27.38 40.54
N ALA H 101 -3.33 26.32 40.07
CA ALA H 101 -4.27 26.48 38.96
C ALA H 101 -5.44 27.36 39.38
N ALA H 102 -5.97 27.12 40.59
CA ALA H 102 -7.02 27.98 41.12
C ALA H 102 -6.51 29.40 41.34
N ARG H 103 -5.24 29.54 41.75
CA ARG H 103 -4.66 30.87 41.94
C ARG H 103 -4.60 31.62 40.62
N MET H 104 -4.18 30.94 39.55
CA MET H 104 -4.15 31.58 38.23
C MET H 104 -5.56 31.92 37.76
N VAL H 105 -6.53 31.06 38.03
CA VAL H 105 -7.91 31.37 37.67
C VAL H 105 -8.38 32.62 38.40
N ALA H 106 -8.09 32.70 39.70
CA ALA H 106 -8.49 33.86 40.48
C ALA H 106 -7.81 35.12 40.00
N ALA H 107 -6.52 35.03 39.65
CA ALA H 107 -5.81 36.18 39.10
C ALA H 107 -6.42 36.61 37.77
N ALA H 108 -6.84 35.64 36.95
CA ALA H 108 -7.46 35.97 35.67
C ALA H 108 -8.78 36.70 35.88
N THR H 109 -9.60 36.24 36.84
CA THR H 109 -10.83 36.98 37.12
C THR H 109 -10.56 38.34 37.76
N ASN H 110 -9.48 38.47 38.52
CA ASN H 110 -9.08 39.79 39.00
C ASN H 110 -8.75 40.71 37.84
N ASN H 111 -8.04 40.17 36.83
CA ASN H 111 -7.80 40.92 35.61
C ASN H 111 -9.11 41.26 34.90
N LEU H 112 -10.08 40.35 34.95
CA LEU H 112 -11.40 40.64 34.40
C LEU H 112 -12.03 41.84 35.08
N CYS H 113 -11.99 41.87 36.41
CA CYS H 113 -12.55 42.99 37.16
C CYS H 113 -11.83 44.29 36.83
N GLU H 114 -10.50 44.24 36.73
CA GLU H 114 -9.74 45.43 36.37
C GLU H 114 -10.09 45.91 34.96
N ALA H 115 -10.22 44.99 34.01
CA ALA H 115 -10.58 45.37 32.65
C ALA H 115 -11.97 45.97 32.59
N ALA H 116 -12.92 45.40 33.33
CA ALA H 116 -14.27 45.97 33.37
C ALA H 116 -14.26 47.35 34.00
N ASN H 117 -13.49 47.54 35.07
CA ASN H 117 -13.39 48.84 35.70
C ASN H 117 -12.82 49.87 34.74
N ALA H 118 -11.77 49.49 33.99
CA ALA H 118 -11.21 50.39 32.99
C ALA H 118 -12.21 50.69 31.89
N ALA H 119 -12.98 49.68 31.47
CA ALA H 119 -13.94 49.87 30.39
C ALA H 119 -15.05 50.83 30.79
N VAL H 120 -15.57 50.71 32.02
CA VAL H 120 -16.66 51.59 32.42
C VAL H 120 -16.19 53.01 32.65
N GLN H 121 -14.87 53.24 32.76
CA GLN H 121 -14.32 54.58 32.76
C GLN H 121 -13.92 55.05 31.37
N GLY H 122 -14.10 54.22 30.36
CA GLY H 122 -13.73 54.61 29.01
C GLY H 122 -12.29 54.35 28.64
N HIS H 123 -11.57 53.50 29.39
CA HIS H 123 -10.18 53.20 29.09
C HIS H 123 -9.98 51.82 28.47
N ALA H 124 -10.94 50.92 28.59
CA ALA H 124 -10.86 49.59 28.02
C ALA H 124 -12.05 49.34 27.11
N SER H 125 -11.83 48.55 26.06
CA SER H 125 -12.86 48.29 25.06
C SER H 125 -13.52 46.93 25.27
N GLN H 126 -14.59 46.69 24.50
CA GLN H 126 -15.39 45.48 24.66
C GLN H 126 -14.60 44.23 24.27
N GLU H 127 -13.87 44.28 23.16
CA GLU H 127 -13.11 43.10 22.75
C GLU H 127 -12.01 42.79 23.75
N LYS H 128 -11.48 43.80 24.44
CA LYS H 128 -10.56 43.53 25.54
C LYS H 128 -11.24 42.71 26.63
N LEU H 129 -12.48 43.09 26.97
CA LEU H 129 -13.23 42.36 27.97
C LEU H 129 -13.45 40.91 27.55
N ILE H 130 -13.82 40.70 26.28
CA ILE H 130 -14.15 39.35 25.86
C ILE H 130 -12.88 38.51 25.72
N SER H 131 -11.75 39.16 25.41
CA SER H 131 -10.47 38.45 25.38
C SER H 131 -10.05 38.02 26.78
N SER H 132 -10.22 38.90 27.75
CA SER H 132 -9.92 38.53 29.14
C SER H 132 -10.82 37.40 29.59
N ALA H 133 -12.11 37.46 29.24
CA ALA H 133 -13.03 36.38 29.57
C ALA H 133 -12.62 35.09 28.87
N LYS H 134 -12.09 35.19 27.65
CA LYS H 134 -11.57 34.02 26.96
C LYS H 134 -10.41 33.40 27.73
N GLN H 135 -9.52 34.24 28.25
CA GLN H 135 -8.42 33.73 29.07
C GLN H 135 -8.94 33.05 30.33
N VAL H 136 -9.93 33.66 30.98
CA VAL H 136 -10.54 33.06 32.17
C VAL H 136 -11.14 31.70 31.83
N ALA H 137 -11.84 31.62 30.71
CA ALA H 137 -12.48 30.37 30.30
C ALA H 137 -11.44 29.31 30.02
N ALA H 138 -10.34 29.68 29.36
CA ALA H 138 -9.27 28.73 29.11
C ALA H 138 -8.70 28.19 30.42
N SER H 139 -8.43 29.09 31.37
CA SER H 139 -7.84 28.66 32.64
C SER H 139 -8.77 27.73 33.40
N THR H 140 -10.06 28.10 33.49
CA THR H 140 -10.98 27.27 34.27
C THR H 140 -11.24 25.94 33.57
N ALA H 141 -11.24 25.93 32.23
CA ALA H 141 -11.39 24.67 31.51
C ALA H 141 -10.21 23.75 31.77
N GLN H 142 -9.00 24.31 31.74
CA GLN H 142 -7.82 23.51 32.04
C GLN H 142 -7.91 22.92 33.45
N LEU H 143 -8.27 23.74 34.42
CA LEU H 143 -8.38 23.26 35.80
C LEU H 143 -9.45 22.18 35.94
N LEU H 144 -10.60 22.40 35.31
CA LEU H 144 -11.71 21.45 35.44
C LEU H 144 -11.36 20.11 34.81
N VAL H 145 -10.76 20.13 33.62
CA VAL H 145 -10.38 18.85 33.02
C VAL H 145 -9.28 18.17 33.82
N ALA H 146 -8.33 18.94 34.35
CA ALA H 146 -7.26 18.37 35.15
C ALA H 146 -7.81 17.66 36.38
N CYS H 147 -8.77 18.28 37.06
CA CYS H 147 -9.36 17.61 38.22
C CYS H 147 -10.25 16.45 37.79
N LYS H 148 -10.91 16.56 36.64
CA LYS H 148 -11.82 15.51 36.20
C LYS H 148 -11.09 14.22 35.87
N VAL H 149 -9.93 14.32 35.21
CA VAL H 149 -9.20 13.10 34.85
C VAL H 149 -8.38 12.53 35.99
N LYS H 150 -8.17 13.28 37.06
CA LYS H 150 -7.31 12.85 38.17
C LYS H 150 -8.10 12.57 39.44
N ALA H 151 -9.42 12.35 39.34
CA ALA H 151 -10.25 12.13 40.50
C ALA H 151 -11.25 11.02 40.21
N ASP H 152 -12.02 10.67 41.24
CA ASP H 152 -13.05 9.66 41.10
C ASP H 152 -14.17 10.16 40.19
N GLN H 153 -14.87 9.21 39.56
CA GLN H 153 -15.91 9.56 38.59
C GLN H 153 -16.99 10.42 39.23
N ASP H 154 -17.41 10.08 40.45
CA ASP H 154 -18.48 10.80 41.13
C ASP H 154 -18.01 11.41 42.45
N SER H 155 -16.73 11.77 42.52
CA SER H 155 -16.19 12.42 43.71
C SER H 155 -16.91 13.74 43.97
N GLU H 156 -17.27 13.97 45.23
CA GLU H 156 -18.00 15.18 45.58
C GLU H 156 -17.16 16.42 45.30
N ALA H 157 -15.87 16.36 45.60
CA ALA H 157 -14.99 17.50 45.39
C ALA H 157 -14.90 17.86 43.90
N MET H 158 -14.81 16.86 43.03
CA MET H 158 -14.71 17.15 41.60
C MET H 158 -16.02 17.71 41.06
N LYS H 159 -17.15 17.23 41.57
CA LYS H 159 -18.44 17.81 41.17
C LYS H 159 -18.55 19.25 41.63
N ARG H 160 -18.09 19.55 42.85
CA ARG H 160 -18.08 20.93 43.31
C ARG H 160 -17.17 21.79 42.44
N LEU H 161 -16.02 21.25 42.04
CA LEU H 161 -15.14 21.98 41.13
C LEU H 161 -15.83 22.28 39.80
N GLN H 162 -16.51 21.29 39.23
CA GLN H 162 -17.19 21.51 37.95
C GLN H 162 -18.30 22.54 38.09
N ALA H 163 -19.08 22.46 39.18
CA ALA H 163 -20.14 23.43 39.39
C ALA H 163 -19.59 24.83 39.58
N ALA H 164 -18.51 24.97 40.36
CA ALA H 164 -17.91 26.27 40.58
C ALA H 164 -17.32 26.83 39.28
N GLY H 165 -16.71 25.97 38.46
CA GLY H 165 -16.19 26.43 37.19
C GLY H 165 -17.27 26.90 36.24
N ASN H 166 -18.38 26.16 36.17
CA ASN H 166 -19.50 26.59 35.35
C ASN H 166 -20.08 27.90 35.85
N ALA H 167 -20.19 28.04 37.17
CA ALA H 167 -20.69 29.30 37.74
C ALA H 167 -19.75 30.46 37.42
N VAL H 168 -18.44 30.23 37.52
CA VAL H 168 -17.46 31.27 37.20
C VAL H 168 -17.58 31.66 35.73
N LYS H 169 -17.72 30.66 34.85
CA LYS H 169 -17.85 30.95 33.42
C LYS H 169 -19.09 31.79 33.15
N ARG H 170 -20.24 31.39 33.69
CA ARG H 170 -21.47 32.13 33.44
C ARG H 170 -21.41 33.53 34.04
N ALA H 171 -20.79 33.65 35.23
CA ALA H 171 -20.67 34.96 35.87
C ALA H 171 -19.78 35.89 35.06
N SER H 172 -18.65 35.39 34.58
CA SER H 172 -17.78 36.20 33.74
C SER H 172 -18.48 36.59 32.44
N ASP H 173 -19.24 35.66 31.86
CA ASP H 173 -19.94 35.97 30.61
C ASP H 173 -20.97 37.08 30.83
N ASN H 174 -21.74 36.99 31.90
CA ASN H 174 -22.75 38.03 32.12
C ASN H 174 -22.11 39.36 32.50
N LEU H 175 -21.00 39.32 33.25
CA LEU H 175 -20.28 40.55 33.53
C LEU H 175 -19.78 41.20 32.24
N VAL H 176 -19.24 40.40 31.33
CA VAL H 176 -18.71 40.93 30.08
C VAL H 176 -19.83 41.55 29.25
N LYS H 177 -20.94 40.83 29.10
CA LYS H 177 -22.02 41.35 28.28
C LYS H 177 -22.64 42.59 28.91
N ALA H 178 -22.77 42.62 30.23
CA ALA H 178 -23.33 43.78 30.90
C ALA H 178 -22.41 44.99 30.75
N ALA H 179 -21.09 44.78 30.87
CA ALA H 179 -20.14 45.87 30.69
C ALA H 179 -20.19 46.40 29.27
N GLN H 180 -20.33 45.50 28.29
CA GLN H 180 -20.44 45.94 26.90
C GLN H 180 -21.71 46.76 26.68
N LYS H 181 -22.85 46.25 27.13
CA LYS H 181 -24.11 46.93 26.87
C LYS H 181 -24.20 48.26 27.62
N ALA H 182 -23.67 48.31 28.84
CA ALA H 182 -23.72 49.54 29.62
C ALA H 182 -22.84 50.62 29.00
N ALA H 183 -21.67 50.23 28.49
CA ALA H 183 -20.78 51.19 27.87
C ALA H 183 -21.29 51.59 26.49
N ALA H 184 -20.70 52.65 25.95
CA ALA H 184 -21.10 53.20 24.67
C ALA H 184 -20.31 52.64 23.49
N PHE H 185 -19.39 51.70 23.74
CA PHE H 185 -18.58 51.12 22.68
C PHE H 185 -19.05 49.72 22.29
N GLU H 186 -20.29 49.36 22.64
CA GLU H 186 -20.80 48.03 22.29
C GLU H 186 -20.86 47.85 20.78
N ASP H 187 -21.09 48.93 20.04
CA ASP H 187 -21.10 48.89 18.58
C ASP H 187 -20.87 50.29 18.06
N GLN H 188 -19.70 50.53 17.47
CA GLN H 188 -19.37 51.84 16.91
C GLN H 188 -18.82 51.64 15.50
N GLU H 189 -19.50 52.20 14.52
CA GLU H 189 -19.11 52.10 13.12
C GLU H 189 -19.17 53.50 12.50
N ASN H 190 -18.00 54.13 12.35
CA ASN H 190 -17.93 55.39 11.64
C ASN H 190 -18.20 55.24 10.15
N GLU H 191 -18.17 54.01 9.65
CA GLU H 191 -18.39 53.75 8.24
C GLU H 191 -19.81 54.12 7.84
N THR H 192 -19.97 54.52 6.58
CA THR H 192 -21.26 54.89 6.04
C THR H 192 -21.23 54.71 4.53
N VAL H 193 -22.39 54.97 3.90
CA VAL H 193 -22.51 54.88 2.45
C VAL H 193 -21.74 56.01 1.81
N VAL H 194 -20.71 55.66 1.03
CA VAL H 194 -19.91 56.63 0.28
C VAL H 194 -19.87 56.18 -1.17
N VAL H 195 -20.25 57.08 -2.07
CA VAL H 195 -20.28 56.75 -3.49
C VAL H 195 -19.62 57.89 -4.27
N LYS H 196 -19.16 57.57 -5.48
CA LYS H 196 -18.54 58.54 -6.36
C LYS H 196 -19.15 58.40 -7.75
N GLU H 197 -19.69 59.50 -8.28
CA GLU H 197 -20.29 59.46 -9.59
C GLU H 197 -19.26 59.16 -10.67
N LYS H 198 -18.06 59.71 -10.54
CA LYS H 198 -17.01 59.49 -11.52
C LYS H 198 -16.67 58.01 -11.63
N MET H 199 -16.57 57.52 -12.86
CA MET H 199 -16.28 56.11 -13.07
C MET H 199 -14.91 55.75 -12.52
N VAL H 200 -13.92 56.60 -12.75
CA VAL H 200 -12.58 56.36 -12.20
C VAL H 200 -12.61 56.40 -10.67
N GLY H 201 -13.41 57.31 -10.11
CA GLY H 201 -13.48 57.41 -8.66
C GLY H 201 -14.08 56.18 -8.01
N GLY H 202 -15.19 55.68 -8.56
CA GLY H 202 -15.85 54.53 -7.96
C GLY H 202 -14.99 53.28 -8.02
N ILE H 203 -14.39 53.01 -9.17
CA ILE H 203 -13.52 51.85 -9.31
C ILE H 203 -12.31 52.00 -8.41
N ALA H 204 -11.80 53.23 -8.26
CA ALA H 204 -10.71 53.47 -7.33
C ALA H 204 -11.12 53.12 -5.91
N GLN H 205 -12.33 53.51 -5.51
CA GLN H 205 -12.81 53.18 -4.18
C GLN H 205 -12.92 51.68 -3.97
N ILE H 206 -13.48 50.96 -4.95
CA ILE H 206 -13.65 49.52 -4.78
C ILE H 206 -12.30 48.82 -4.73
N ILE H 207 -11.35 49.25 -5.56
CA ILE H 207 -10.03 48.62 -5.56
C ILE H 207 -9.30 48.92 -4.26
N ALA H 208 -9.40 50.15 -3.76
CA ALA H 208 -8.77 50.48 -2.49
C ALA H 208 -9.37 49.64 -1.36
N ALA H 209 -10.69 49.51 -1.36
CA ALA H 209 -11.34 48.74 -0.29
C ALA H 209 -10.95 47.27 -0.35
N GLN H 210 -10.87 46.69 -1.54
CA GLN H 210 -10.58 45.26 -1.64
C GLN H 210 -9.09 44.99 -1.39
N GLU H 211 -8.22 45.91 -1.79
CA GLU H 211 -6.82 45.80 -1.38
C GLU H 211 -6.68 45.92 0.13
N GLU H 212 -7.52 46.75 0.76
CA GLU H 212 -7.53 46.82 2.21
C GLU H 212 -7.98 45.49 2.81
N MET H 213 -8.99 44.87 2.19
CA MET H 213 -9.36 43.50 2.53
C MET H 213 -8.14 42.61 2.61
N LEU H 214 -7.42 42.49 1.48
CA LEU H 214 -6.31 41.56 1.41
C LEU H 214 -5.20 41.94 2.38
N ARG H 215 -4.94 43.24 2.53
CA ARG H 215 -3.87 43.69 3.41
C ARG H 215 -4.16 43.34 4.86
N LYS H 216 -5.37 43.66 5.32
CA LYS H 216 -5.73 43.37 6.70
C LYS H 216 -5.79 41.87 6.95
N GLU H 217 -6.17 41.10 5.92
CA GLU H 217 -6.22 39.65 6.09
C GLU H 217 -4.83 39.04 6.20
N ARG H 218 -3.88 39.53 5.39
CA ARG H 218 -2.50 39.09 5.55
C ARG H 218 -1.94 39.49 6.91
N GLU H 219 -2.21 40.72 7.34
CA GLU H 219 -1.74 41.13 8.66
C GLU H 219 -2.43 40.32 9.75
N LEU H 220 -3.65 39.83 9.48
CA LEU H 220 -4.31 38.93 10.43
C LEU H 220 -3.57 37.60 10.53
N GLU H 221 -3.16 37.05 9.39
CA GLU H 221 -2.37 35.82 9.43
C GLU H 221 -1.08 36.04 10.23
N GLU H 222 -0.42 37.18 10.00
CA GLU H 222 0.80 37.49 10.74
C GLU H 222 0.52 37.66 12.23
N ALA H 223 -0.58 38.31 12.58
CA ALA H 223 -0.92 38.51 13.99
C ALA H 223 -1.20 37.18 14.67
N ARG H 224 -1.91 36.27 13.99
CA ARG H 224 -2.13 34.95 14.54
C ARG H 224 -0.82 34.22 14.74
N LYS H 225 0.10 34.35 13.78
CA LYS H 225 1.42 33.73 13.94
C LYS H 225 2.14 34.30 15.14
N LYS H 226 2.05 35.61 15.37
CA LYS H 226 2.68 36.22 16.54
C LYS H 226 2.06 35.67 17.83
N LEU H 227 0.74 35.54 17.85
CA LEU H 227 0.09 34.98 19.03
C LEU H 227 0.52 33.54 19.28
N ALA H 228 0.64 32.74 18.23
CA ALA H 228 1.11 31.37 18.38
C ALA H 228 2.55 31.34 18.90
N GLN H 229 3.39 32.25 18.39
CA GLN H 229 4.78 32.31 18.84
C GLN H 229 4.85 32.68 20.32
N ILE H 230 4.03 33.63 20.76
CA ILE H 230 4.07 34.01 22.17
C ILE H 230 3.48 32.90 23.05
N ARG H 231 2.50 32.14 22.53
CA ARG H 231 2.02 30.98 23.25
C ARG H 231 3.13 29.94 23.43
N GLN H 232 3.88 29.67 22.37
CA GLN H 232 4.98 28.73 22.46
C GLN H 232 6.11 29.25 23.34
N GLN H 233 6.32 30.55 23.39
CA GLN H 233 7.32 31.15 24.26
C GLN H 233 6.87 31.25 25.71
N GLN H 234 5.57 31.08 25.98
CA GLN H 234 5.09 31.15 27.35
C GLN H 234 5.74 30.07 28.21
N TYR H 235 5.71 28.82 27.75
CA TYR H 235 6.38 27.73 28.43
C TYR H 235 7.17 26.92 27.41
N LYS H 236 8.16 26.16 27.90
CA LYS H 236 8.97 25.31 27.05
C LYS H 236 9.17 23.92 27.64
N PHE H 237 8.42 23.58 28.70
CA PHE H 237 8.54 22.29 29.38
C PHE H 237 9.97 22.03 29.82
N GLY I 202 4.27 36.41 31.60
CA GLY I 202 3.83 35.46 30.60
C GLY I 202 2.39 35.67 30.17
N ILE I 203 1.50 35.79 31.16
CA ILE I 203 0.08 36.00 30.87
C ILE I 203 -0.14 37.35 30.21
N ALA I 204 0.62 38.37 30.61
CA ALA I 204 0.42 39.71 30.05
C ALA I 204 0.67 39.73 28.55
N GLN I 205 1.73 39.06 28.10
CA GLN I 205 1.99 39.01 26.66
C GLN I 205 0.88 38.28 25.92
N ILE I 206 0.37 37.18 26.49
CA ILE I 206 -0.72 36.44 25.86
C ILE I 206 -1.94 37.32 25.72
N ILE I 207 -2.31 38.03 26.80
CA ILE I 207 -3.51 38.84 26.73
C ILE I 207 -3.32 40.02 25.80
N ALA I 208 -2.12 40.60 25.74
CA ALA I 208 -1.86 41.70 24.81
C ALA I 208 -1.96 41.24 23.36
N ALA I 209 -1.43 40.05 23.07
CA ALA I 209 -1.59 39.49 21.73
C ALA I 209 -3.07 39.27 21.41
N GLN I 210 -3.83 38.81 22.40
CA GLN I 210 -5.28 38.71 22.22
C GLN I 210 -5.90 40.07 21.91
N GLU I 211 -5.45 41.11 22.62
CA GLU I 211 -5.98 42.45 22.38
C GLU I 211 -5.75 42.88 20.94
N GLU I 212 -4.52 42.73 20.46
CA GLU I 212 -4.21 43.14 19.10
C GLU I 212 -5.00 42.30 18.08
N MET I 213 -5.10 41.00 18.32
CA MET I 213 -5.84 40.13 17.40
C MET I 213 -7.30 40.56 17.33
N LEU I 214 -7.88 40.94 18.46
CA LEU I 214 -9.29 41.33 18.47
C LEU I 214 -9.49 42.71 17.88
N ARG I 215 -8.56 43.65 18.16
CA ARG I 215 -8.53 44.91 17.42
C ARG I 215 -8.71 44.63 15.94
N LYS I 216 -7.86 43.75 15.41
CA LYS I 216 -7.81 43.57 13.97
C LYS I 216 -8.98 42.75 13.46
N GLU I 217 -9.51 41.84 14.28
CA GLU I 217 -10.76 41.17 13.94
C GLU I 217 -11.88 42.17 13.71
N ARG I 218 -12.10 43.07 14.67
CA ARG I 218 -13.18 44.04 14.53
C ARG I 218 -12.92 44.99 13.37
N GLU I 219 -11.66 45.40 13.19
CA GLU I 219 -11.33 46.33 12.11
C GLU I 219 -11.57 45.67 10.75
N LEU I 220 -11.17 44.41 10.61
CA LEU I 220 -11.40 43.69 9.36
C LEU I 220 -12.89 43.50 9.12
N GLU I 221 -13.66 43.26 10.19
CA GLU I 221 -15.10 43.11 10.02
C GLU I 221 -15.72 44.39 9.47
N GLU I 222 -15.40 45.53 10.07
CA GLU I 222 -15.98 46.78 9.58
C GLU I 222 -15.48 47.12 8.19
N ALA I 223 -14.23 46.79 7.89
CA ALA I 223 -13.70 46.99 6.54
C ALA I 223 -14.44 46.12 5.52
N ARG I 224 -14.77 44.87 5.88
CA ARG I 224 -15.56 44.04 5.00
C ARG I 224 -16.95 44.65 4.78
N LYS I 225 -17.53 45.22 5.83
CA LYS I 225 -18.83 45.86 5.65
C LYS I 225 -18.69 47.07 4.73
N LYS I 226 -17.57 47.79 4.83
CA LYS I 226 -17.23 48.83 3.86
C LYS I 226 -17.27 48.29 2.44
N LEU I 227 -16.55 47.19 2.20
CA LEU I 227 -16.49 46.62 0.85
C LEU I 227 -17.88 46.25 0.36
N ALA I 228 -18.69 45.65 1.23
CA ALA I 228 -20.04 45.24 0.86
C ALA I 228 -20.89 46.45 0.46
N GLN I 229 -20.85 47.51 1.27
CA GLN I 229 -21.72 48.65 0.99
C GLN I 229 -21.24 49.40 -0.25
N ILE I 230 -19.93 49.38 -0.52
CA ILE I 230 -19.46 49.95 -1.78
C ILE I 230 -19.91 49.09 -2.96
N ARG I 231 -19.89 47.77 -2.80
CA ARG I 231 -20.26 46.89 -3.89
C ARG I 231 -21.74 47.01 -4.23
N GLN I 232 -22.60 47.23 -3.22
CA GLN I 232 -24.02 47.36 -3.53
C GLN I 232 -24.35 48.70 -4.18
N GLN I 233 -23.43 49.67 -4.14
CA GLN I 233 -23.60 50.95 -4.81
C GLN I 233 -22.98 50.97 -6.20
N GLN I 234 -22.65 49.80 -6.74
CA GLN I 234 -21.93 49.70 -8.00
C GLN I 234 -22.78 50.10 -9.21
N TYR I 235 -24.08 50.30 -9.03
CA TYR I 235 -24.98 50.50 -10.16
C TYR I 235 -24.69 51.77 -10.96
N LYS I 236 -23.91 52.70 -10.41
CA LYS I 236 -23.78 54.02 -11.03
C LYS I 236 -22.48 54.19 -11.82
N PHE I 237 -21.34 53.80 -11.27
CA PHE I 237 -20.05 54.04 -11.92
C PHE I 237 -19.65 52.90 -12.87
N LEU I 238 -20.57 51.99 -13.18
CA LEU I 238 -20.35 50.96 -14.16
C LEU I 238 -21.43 51.01 -15.22
N PRO I 239 -21.08 50.94 -16.51
CA PRO I 239 -22.10 51.02 -17.56
C PRO I 239 -23.01 49.80 -17.59
N SER I 240 -23.96 49.79 -18.52
CA SER I 240 -24.95 48.72 -18.57
C SER I 240 -24.31 47.37 -18.86
N GLU I 241 -23.49 47.31 -19.91
CA GLU I 241 -22.85 46.04 -20.27
C GLU I 241 -21.76 45.63 -19.31
N LEU I 242 -21.30 46.52 -18.44
CA LEU I 242 -20.39 46.18 -17.36
C LEU I 242 -21.12 45.97 -16.04
N ARG I 243 -22.44 45.81 -16.08
CA ARG I 243 -23.28 45.69 -14.90
C ARG I 243 -23.15 46.90 -13.99
N PHE J 46 44.06 -48.64 -28.31
CA PHE J 46 42.85 -47.87 -28.50
C PHE J 46 41.69 -48.78 -28.07
N GLU J 47 41.17 -49.56 -29.02
CA GLU J 47 40.11 -50.50 -28.67
C GLU J 47 40.62 -51.64 -27.81
N GLU J 48 41.87 -52.07 -28.03
CA GLU J 48 42.43 -53.11 -27.19
C GLU J 48 42.66 -52.62 -25.76
N GLN J 49 42.91 -51.32 -25.59
CA GLN J 49 43.13 -50.78 -24.26
C GLN J 49 41.87 -50.89 -23.41
N ILE J 50 40.73 -50.48 -23.96
CA ILE J 50 39.48 -50.58 -23.21
C ILE J 50 39.07 -52.04 -23.03
N LEU J 51 39.44 -52.90 -23.97
CA LEU J 51 39.11 -54.32 -23.86
C LEU J 51 39.80 -54.96 -22.66
N GLU J 52 41.05 -54.58 -22.39
CA GLU J 52 41.70 -55.04 -21.17
C GLU J 52 40.97 -54.54 -19.93
N ALA J 53 40.61 -53.26 -19.92
CA ALA J 53 39.82 -52.73 -18.83
C ALA J 53 38.42 -53.35 -18.81
N ALA J 54 37.89 -53.72 -19.98
CA ALA J 54 36.61 -54.41 -20.01
C ALA J 54 36.70 -55.77 -19.33
N LYS J 55 37.80 -56.50 -19.56
CA LYS J 55 37.98 -57.79 -18.90
C LYS J 55 38.21 -57.61 -17.40
N SER J 56 38.89 -56.52 -17.02
CA SER J 56 39.01 -56.20 -15.60
C SER J 56 37.63 -55.94 -14.99
N ILE J 57 36.77 -55.22 -15.72
CA ILE J 57 35.39 -55.00 -15.30
C ILE J 57 34.68 -56.34 -15.11
N ALA J 58 34.83 -57.25 -16.08
CA ALA J 58 34.15 -58.52 -16.01
C ALA J 58 34.61 -59.33 -14.80
N ALA J 59 35.92 -59.36 -14.55
CA ALA J 59 36.44 -60.08 -13.39
C ALA J 59 35.92 -59.47 -12.08
N ALA J 60 35.93 -58.14 -11.99
CA ALA J 60 35.45 -57.49 -10.79
C ALA J 60 33.96 -57.76 -10.56
N THR J 61 33.17 -57.78 -11.63
CA THR J 61 31.75 -58.02 -11.48
C THR J 61 31.47 -59.49 -11.14
N SER J 62 32.28 -60.41 -11.66
CA SER J 62 32.17 -61.79 -11.23
C SER J 62 32.48 -61.92 -9.74
N ALA J 63 33.49 -61.17 -9.27
CA ALA J 63 33.77 -61.12 -7.84
C ALA J 63 32.57 -60.57 -7.07
N LEU J 64 31.91 -59.55 -7.61
CA LEU J 64 30.69 -59.05 -7.01
C LEU J 64 29.62 -60.13 -6.91
N VAL J 65 29.43 -60.89 -7.98
CA VAL J 65 28.40 -61.94 -7.98
C VAL J 65 28.71 -62.96 -6.89
N LYS J 66 29.96 -63.42 -6.82
CA LYS J 66 30.33 -64.41 -5.81
C LYS J 66 30.16 -63.84 -4.41
N ALA J 67 30.62 -62.62 -4.18
CA ALA J 67 30.53 -62.01 -2.86
C ALA J 67 29.08 -61.80 -2.45
N ALA J 68 28.24 -61.35 -3.38
CA ALA J 68 26.83 -61.15 -3.07
C ALA J 68 26.14 -62.47 -2.76
N SER J 69 26.48 -63.53 -3.51
CA SER J 69 25.93 -64.84 -3.19
C SER J 69 26.35 -65.28 -1.79
N ALA J 70 27.62 -65.11 -1.45
CA ALA J 70 28.09 -65.47 -0.11
C ALA J 70 27.37 -64.68 0.97
N ALA J 71 27.19 -63.37 0.74
CA ALA J 71 26.50 -62.54 1.70
C ALA J 71 25.05 -62.97 1.86
N GLN J 72 24.40 -63.37 0.76
CA GLN J 72 23.04 -63.89 0.85
C GLN J 72 23.00 -65.17 1.68
N ARG J 73 24.00 -66.05 1.49
CA ARG J 73 24.07 -67.24 2.33
C ARG J 73 24.20 -66.87 3.81
N GLU J 74 25.05 -65.89 4.11
CA GLU J 74 25.20 -65.48 5.50
C GLU J 74 23.90 -64.91 6.05
N LEU J 75 23.21 -64.08 5.26
CA LEU J 75 21.97 -63.48 5.73
C LEU J 75 20.89 -64.52 5.98
N VAL J 76 20.75 -65.50 5.09
CA VAL J 76 19.74 -66.53 5.30
C VAL J 76 20.14 -67.45 6.45
N ALA J 77 21.44 -67.69 6.64
CA ALA J 77 21.88 -68.55 7.74
C ALA J 77 21.63 -67.90 9.09
N GLN J 78 21.97 -66.61 9.22
CA GLN J 78 21.79 -65.92 10.48
C GLN J 78 20.37 -65.42 10.70
N GLY J 79 19.47 -65.64 9.74
CA GLY J 79 18.11 -65.18 9.89
C GLY J 79 17.92 -63.69 9.78
N LYS J 80 18.87 -63.00 9.15
CA LYS J 80 18.73 -61.55 8.97
C LYS J 80 17.54 -61.22 8.09
N VAL J 81 17.31 -62.01 7.04
CA VAL J 81 16.21 -61.76 6.11
C VAL J 81 15.66 -63.11 5.67
N GLY J 82 14.34 -63.17 5.50
CA GLY J 82 13.68 -64.38 5.05
C GLY J 82 13.75 -64.54 3.55
N ALA J 83 14.90 -64.97 3.04
CA ALA J 83 15.10 -65.10 1.60
C ALA J 83 14.10 -66.08 1.00
N ILE J 84 13.50 -65.68 -0.11
CA ILE J 84 12.50 -66.47 -0.82
C ILE J 84 13.00 -66.70 -2.24
N PRO J 85 13.11 -67.96 -2.70
CA PRO J 85 13.58 -68.23 -4.07
C PRO J 85 12.51 -68.00 -5.13
N ALA J 86 11.94 -66.79 -5.14
CA ALA J 86 10.92 -66.41 -6.10
C ALA J 86 11.33 -65.14 -6.81
N ASN J 87 11.28 -65.15 -8.14
CA ASN J 87 11.71 -64.01 -8.95
C ASN J 87 10.54 -63.05 -9.09
N ALA J 88 10.32 -62.26 -8.04
CA ALA J 88 9.26 -61.25 -8.06
C ALA J 88 9.57 -60.19 -9.10
N LEU J 89 8.58 -59.91 -9.95
CA LEU J 89 8.73 -58.97 -11.07
C LEU J 89 9.95 -59.34 -11.90
N ASP J 90 10.08 -60.64 -12.20
CA ASP J 90 11.25 -61.22 -12.87
C ASP J 90 12.48 -60.84 -12.04
N ASP J 91 13.51 -60.24 -12.64
CA ASP J 91 14.66 -59.80 -11.86
C ASP J 91 14.27 -58.72 -10.86
N GLY J 92 13.45 -57.76 -11.29
CA GLY J 92 13.10 -56.66 -10.41
C GLY J 92 14.35 -55.92 -9.98
N GLN J 93 14.44 -55.65 -8.68
CA GLN J 93 15.65 -55.07 -8.12
C GLN J 93 16.14 -55.91 -6.95
N TRP J 94 15.21 -56.47 -6.19
CA TRP J 94 15.57 -57.29 -5.02
C TRP J 94 14.77 -58.58 -4.97
N SER J 95 14.42 -59.14 -6.12
CA SER J 95 13.84 -60.47 -6.15
C SER J 95 14.86 -61.48 -5.64
N GLN J 96 14.42 -62.35 -4.73
CA GLN J 96 15.26 -63.34 -4.07
C GLN J 96 16.39 -62.71 -3.26
N GLY J 97 16.38 -61.40 -3.07
CA GLY J 97 17.34 -60.73 -2.23
C GLY J 97 18.37 -59.94 -3.01
N LEU J 98 19.55 -59.81 -2.40
CA LEU J 98 20.63 -59.00 -2.96
C LEU J 98 21.20 -59.58 -4.24
N ILE J 99 20.94 -60.84 -4.56
CA ILE J 99 21.46 -61.42 -5.78
C ILE J 99 20.88 -60.70 -7.00
N SER J 100 19.61 -60.29 -6.91
CA SER J 100 19.02 -59.51 -8.00
C SER J 100 19.70 -58.16 -8.14
N ALA J 101 20.05 -57.52 -7.02
CA ALA J 101 20.77 -56.26 -7.09
C ALA J 101 22.13 -56.45 -7.74
N ALA J 102 22.84 -57.53 -7.39
CA ALA J 102 24.12 -57.81 -8.03
C ALA J 102 23.94 -58.06 -9.52
N ARG J 103 22.88 -58.77 -9.89
CA ARG J 103 22.62 -59.05 -11.30
C ARG J 103 22.32 -57.77 -12.07
N MET J 104 21.57 -56.85 -11.45
CA MET J 104 21.26 -55.58 -12.11
C MET J 104 22.51 -54.72 -12.20
N VAL J 105 23.40 -54.80 -11.21
CA VAL J 105 24.71 -54.14 -11.31
C VAL J 105 25.47 -54.70 -12.50
N ALA J 106 25.44 -56.02 -12.66
CA ALA J 106 26.12 -56.65 -13.79
C ALA J 106 25.53 -56.20 -15.11
N ALA J 107 24.20 -56.08 -15.19
CA ALA J 107 23.57 -55.58 -16.41
C ALA J 107 24.00 -54.14 -16.70
N ALA J 108 24.04 -53.31 -15.66
CA ALA J 108 24.45 -51.92 -15.84
C ALA J 108 25.88 -51.83 -16.33
N THR J 109 26.77 -52.64 -15.77
CA THR J 109 28.17 -52.57 -16.20
C THR J 109 28.37 -53.21 -17.56
N ASN J 110 27.53 -54.18 -17.93
CA ASN J 110 27.53 -54.68 -19.30
C ASN J 110 27.13 -53.58 -20.28
N ASN J 111 26.12 -52.79 -19.92
CA ASN J 111 25.76 -51.63 -20.71
C ASN J 111 26.91 -50.63 -20.78
N LEU J 112 27.64 -50.47 -19.69
CA LEU J 112 28.81 -49.60 -19.67
C LEU J 112 29.87 -50.09 -20.65
N CYS J 113 30.14 -51.39 -20.66
CA CYS J 113 31.12 -51.94 -21.59
C CYS J 113 30.68 -51.77 -23.03
N GLU J 114 29.39 -51.99 -23.29
CA GLU J 114 28.86 -51.78 -24.64
C GLU J 114 28.99 -50.32 -25.06
N ALA J 115 28.73 -49.40 -24.14
CA ALA J 115 28.89 -47.98 -24.44
C ALA J 115 30.35 -47.64 -24.74
N ALA J 116 31.29 -48.22 -23.98
CA ALA J 116 32.70 -48.00 -24.26
C ALA J 116 33.09 -48.53 -25.62
N ASN J 117 32.57 -49.71 -25.99
CA ASN J 117 32.85 -50.27 -27.31
C ASN J 117 32.27 -49.37 -28.40
N ALA J 118 31.06 -48.85 -28.20
CA ALA J 118 30.46 -47.95 -29.19
C ALA J 118 31.28 -46.68 -29.33
N ALA J 119 31.79 -46.15 -28.21
CA ALA J 119 32.62 -44.95 -28.26
C ALA J 119 33.91 -45.21 -29.03
N VAL J 120 34.58 -46.34 -28.74
CA VAL J 120 35.81 -46.63 -29.46
C VAL J 120 35.56 -47.00 -30.91
N GLN J 121 34.32 -47.35 -31.25
CA GLN J 121 33.93 -47.44 -32.66
C GLN J 121 33.44 -46.11 -33.21
N GLY J 122 33.34 -45.08 -32.37
CA GLY J 122 32.93 -43.77 -32.83
C GLY J 122 31.44 -43.55 -32.96
N HIS J 123 30.61 -44.34 -32.26
CA HIS J 123 29.18 -44.18 -32.31
C HIS J 123 28.56 -43.64 -31.03
N ALA J 124 29.35 -43.48 -29.97
CA ALA J 124 28.84 -43.02 -28.69
C ALA J 124 29.64 -41.80 -28.22
N SER J 125 28.94 -40.81 -27.70
CA SER J 125 29.59 -39.64 -27.13
C SER J 125 30.33 -40.01 -25.85
N GLN J 126 31.37 -39.25 -25.54
CA GLN J 126 32.12 -39.49 -24.30
C GLN J 126 31.24 -39.27 -23.08
N GLU J 127 30.20 -38.43 -23.21
CA GLU J 127 29.25 -38.24 -22.12
C GLU J 127 28.30 -39.41 -21.96
N LYS J 128 28.24 -40.32 -22.92
CA LYS J 128 27.53 -41.57 -22.70
C LYS J 128 28.29 -42.46 -21.73
N LEU J 129 29.61 -42.49 -21.85
CA LEU J 129 30.43 -43.32 -20.98
C LEU J 129 30.29 -42.91 -19.53
N ILE J 130 30.38 -41.61 -19.24
CA ILE J 130 30.33 -41.19 -17.85
C ILE J 130 28.91 -41.33 -17.30
N SER J 131 27.90 -41.27 -18.17
CA SER J 131 26.53 -41.49 -17.71
C SER J 131 26.32 -42.94 -17.31
N SER J 132 26.77 -43.88 -18.15
CA SER J 132 26.66 -45.29 -17.80
C SER J 132 27.51 -45.61 -16.57
N ALA J 133 28.68 -44.99 -16.45
CA ALA J 133 29.51 -45.19 -15.27
C ALA J 133 28.83 -44.67 -14.02
N LYS J 134 28.15 -43.53 -14.12
CA LYS J 134 27.42 -42.99 -12.97
C LYS J 134 26.27 -43.90 -12.59
N GLN J 135 25.58 -44.47 -13.57
CA GLN J 135 24.52 -45.43 -13.25
C GLN J 135 25.10 -46.67 -12.56
N VAL J 136 26.24 -47.16 -13.03
CA VAL J 136 26.88 -48.32 -12.41
C VAL J 136 27.28 -47.99 -10.98
N ALA J 137 27.84 -46.78 -10.78
CA ALA J 137 28.25 -46.37 -9.44
C ALA J 137 27.06 -46.28 -8.51
N ALA J 138 25.95 -45.72 -8.98
CA ALA J 138 24.74 -45.66 -8.17
C ALA J 138 24.27 -47.05 -7.80
N SER J 139 24.29 -47.97 -8.77
CA SER J 139 23.83 -49.33 -8.51
C SER J 139 24.69 -50.02 -7.46
N THR J 140 26.01 -49.93 -7.60
CA THR J 140 26.88 -50.60 -6.64
C THR J 140 26.81 -49.94 -5.27
N ALA J 141 26.65 -48.62 -5.23
CA ALA J 141 26.47 -47.95 -3.94
C ALA J 141 25.19 -48.43 -3.26
N GLN J 142 24.11 -48.55 -4.02
CA GLN J 142 22.87 -49.05 -3.45
C GLN J 142 23.04 -50.45 -2.90
N LEU J 143 23.71 -51.33 -3.66
CA LEU J 143 23.93 -52.69 -3.19
C LEU J 143 24.78 -52.72 -1.93
N LEU J 144 25.85 -51.94 -1.90
CA LEU J 144 26.75 -51.94 -0.75
C LEU J 144 26.05 -51.42 0.49
N VAL J 145 25.28 -50.34 0.36
CA VAL J 145 24.58 -49.80 1.51
C VAL J 145 23.48 -50.75 1.97
N ALA J 146 22.81 -51.41 1.02
CA ALA J 146 21.78 -52.37 1.39
C ALA J 146 22.36 -53.53 2.19
N CYS J 147 23.51 -54.04 1.76
CA CYS J 147 24.15 -55.11 2.52
C CYS J 147 24.74 -54.59 3.83
N LYS J 148 25.03 -53.29 3.90
CA LYS J 148 25.72 -52.75 5.07
C LYS J 148 24.83 -52.75 6.30
N VAL J 149 23.57 -52.36 6.15
CA VAL J 149 22.71 -52.23 7.33
C VAL J 149 22.02 -53.54 7.69
N LYS J 150 22.01 -54.53 6.81
CA LYS J 150 21.26 -55.76 7.00
C LYS J 150 22.12 -56.90 7.53
N ALA J 151 23.41 -56.68 7.72
CA ALA J 151 24.32 -57.74 8.13
C ALA J 151 25.08 -57.34 9.39
N ASP J 152 25.93 -58.25 9.84
CA ASP J 152 26.70 -58.06 11.06
C ASP J 152 27.73 -56.94 10.88
N GLN J 153 28.08 -56.29 11.99
CA GLN J 153 28.95 -55.12 11.94
C GLN J 153 30.28 -55.44 11.28
N ASP J 154 30.96 -56.50 11.75
CA ASP J 154 32.28 -56.86 11.24
C ASP J 154 32.25 -58.16 10.44
N SER J 155 31.14 -58.43 9.76
CA SER J 155 31.03 -59.63 8.95
C SER J 155 32.10 -59.63 7.86
N GLU J 156 32.71 -60.81 7.65
CA GLU J 156 33.72 -60.93 6.59
C GLU J 156 33.09 -60.69 5.22
N ALA J 157 31.86 -61.17 5.00
CA ALA J 157 31.19 -60.94 3.73
C ALA J 157 30.99 -59.46 3.49
N MET J 158 30.76 -58.68 4.54
CA MET J 158 30.69 -57.23 4.39
C MET J 158 31.99 -56.69 3.81
N LYS J 159 33.12 -57.17 4.32
CA LYS J 159 34.41 -56.70 3.82
C LYS J 159 34.62 -57.12 2.37
N ARG J 160 34.24 -58.35 2.02
CA ARG J 160 34.37 -58.77 0.62
C ARG J 160 33.53 -57.90 -0.30
N LEU J 161 32.27 -57.66 0.07
CA LEU J 161 31.41 -56.81 -0.76
C LEU J 161 31.96 -55.40 -0.88
N GLN J 162 32.43 -54.81 0.22
CA GLN J 162 32.94 -53.46 0.16
C GLN J 162 34.17 -53.37 -0.72
N ALA J 163 35.13 -54.29 -0.54
CA ALA J 163 36.34 -54.27 -1.33
C ALA J 163 36.04 -54.49 -2.81
N ALA J 164 35.15 -55.45 -3.11
CA ALA J 164 34.83 -55.74 -4.50
C ALA J 164 34.09 -54.58 -5.15
N GLY J 165 33.18 -53.93 -4.43
CA GLY J 165 32.50 -52.77 -4.97
C GLY J 165 33.44 -51.60 -5.22
N ASN J 166 34.37 -51.36 -4.29
CA ASN J 166 35.38 -50.33 -4.53
C ASN J 166 36.23 -50.68 -5.73
N ALA J 167 36.56 -51.95 -5.90
CA ALA J 167 37.33 -52.37 -7.08
C ALA J 167 36.56 -52.10 -8.36
N VAL J 168 35.27 -52.40 -8.39
CA VAL J 168 34.46 -52.11 -9.56
C VAL J 168 34.41 -50.62 -9.83
N LYS J 169 34.24 -49.82 -8.77
CA LYS J 169 34.19 -48.37 -8.96
C LYS J 169 35.48 -47.85 -9.57
N ARG J 170 36.63 -48.22 -8.97
CA ARG J 170 37.91 -47.70 -9.47
C ARG J 170 38.19 -48.19 -10.87
N ALA J 171 37.90 -49.47 -11.16
CA ALA J 171 38.13 -49.98 -12.51
C ALA J 171 37.18 -49.35 -13.51
N SER J 172 35.97 -48.97 -13.07
CA SER J 172 35.06 -48.26 -13.95
C SER J 172 35.61 -46.88 -14.30
N ASP J 173 36.16 -46.17 -13.32
CA ASP J 173 36.78 -44.88 -13.65
C ASP J 173 37.98 -45.08 -14.58
N ASN J 174 38.76 -46.15 -14.35
CA ASN J 174 39.88 -46.43 -15.24
C ASN J 174 39.41 -46.67 -16.68
N LEU J 175 38.38 -47.49 -16.85
CA LEU J 175 37.85 -47.76 -18.17
C LEU J 175 37.31 -46.49 -18.82
N VAL J 176 36.61 -45.68 -18.03
CA VAL J 176 36.01 -44.45 -18.57
C VAL J 176 37.10 -43.49 -19.03
N LYS J 177 38.13 -43.29 -18.22
CA LYS J 177 39.21 -42.39 -18.62
C LYS J 177 39.96 -42.94 -19.82
N ALA J 178 40.15 -44.25 -19.88
CA ALA J 178 40.83 -44.86 -21.03
C ALA J 178 40.02 -44.64 -22.31
N ALA J 179 38.71 -44.83 -22.24
CA ALA J 179 37.87 -44.64 -23.41
C ALA J 179 37.82 -43.18 -23.83
N GLN J 180 37.74 -42.26 -22.86
CA GLN J 180 37.66 -40.84 -23.18
C GLN J 180 38.96 -40.35 -23.81
N LYS J 181 40.10 -40.71 -23.23
CA LYS J 181 41.38 -40.29 -23.79
C LYS J 181 41.60 -40.92 -25.16
N ALA J 182 41.14 -42.16 -25.35
CA ALA J 182 41.22 -42.77 -26.68
C ALA J 182 40.31 -42.08 -27.66
N ALA J 183 39.17 -41.55 -27.19
CA ALA J 183 38.24 -40.86 -28.07
C ALA J 183 38.88 -39.58 -28.60
N ALA J 184 38.72 -39.34 -29.90
CA ALA J 184 39.30 -38.16 -30.53
C ALA J 184 38.56 -36.89 -30.15
N PHE J 185 37.28 -36.98 -29.77
CA PHE J 185 36.48 -35.82 -29.41
C PHE J 185 36.61 -35.47 -27.92
N GLU J 186 37.71 -35.87 -27.28
CA GLU J 186 37.90 -35.59 -25.87
C GLU J 186 37.93 -34.09 -25.60
N ASP J 187 38.72 -33.35 -26.38
CA ASP J 187 38.83 -31.90 -26.25
C ASP J 187 38.75 -31.27 -27.63
N GLN J 188 37.86 -30.29 -27.77
CA GLN J 188 37.68 -29.59 -29.04
C GLN J 188 36.88 -28.31 -28.83
N GLU J 189 37.40 -27.19 -29.35
CA GLU J 189 36.71 -25.92 -29.22
C GLU J 189 37.15 -25.00 -30.35
N ASN J 190 36.19 -24.32 -30.97
CA ASN J 190 36.45 -23.37 -32.05
C ASN J 190 35.89 -21.99 -31.74
N GLU J 191 35.73 -21.67 -30.45
CA GLU J 191 35.16 -20.40 -30.00
C GLU J 191 36.19 -19.53 -29.31
N THR J 192 37.42 -19.49 -29.85
CA THR J 192 38.50 -18.78 -29.17
C THR J 192 38.27 -17.27 -29.15
N VAL J 193 38.15 -16.65 -30.33
CA VAL J 193 37.90 -15.21 -30.46
C VAL J 193 37.12 -14.95 -31.73
N VAL J 194 35.95 -14.32 -31.61
CA VAL J 194 35.16 -13.88 -32.75
C VAL J 194 34.66 -12.47 -32.44
N VAL J 195 34.85 -11.54 -33.37
CA VAL J 195 34.50 -10.15 -33.17
C VAL J 195 33.77 -9.64 -34.40
N LYS J 196 33.06 -8.52 -34.22
CA LYS J 196 32.34 -7.86 -35.30
C LYS J 196 32.73 -6.39 -35.31
N GLU J 197 33.02 -5.86 -36.50
CA GLU J 197 33.47 -4.48 -36.61
C GLU J 197 32.34 -3.50 -36.28
N LYS J 198 31.14 -3.78 -36.78
CA LYS J 198 30.03 -2.87 -36.60
C LYS J 198 29.65 -2.77 -35.12
N MET J 199 29.36 -1.54 -34.67
CA MET J 199 28.85 -1.35 -33.32
C MET J 199 27.51 -2.06 -33.15
N VAL J 200 26.65 -1.97 -34.16
CA VAL J 200 25.38 -2.70 -34.13
C VAL J 200 25.64 -4.20 -34.10
N GLY J 201 26.56 -4.66 -34.94
CA GLY J 201 26.82 -6.09 -35.02
C GLY J 201 27.39 -6.66 -33.74
N GLY J 202 28.30 -5.92 -33.10
CA GLY J 202 28.93 -6.43 -31.89
C GLY J 202 27.94 -6.62 -30.75
N ILE J 203 27.16 -5.59 -30.45
CA ILE J 203 26.19 -5.68 -29.36
C ILE J 203 25.15 -6.75 -29.66
N ALA J 204 24.71 -6.83 -30.92
CA ALA J 204 23.83 -7.92 -31.32
C ALA J 204 24.49 -9.27 -31.09
N GLN J 205 25.79 -9.35 -31.30
CA GLN J 205 26.52 -10.60 -31.07
C GLN J 205 26.46 -10.99 -29.58
N ILE J 206 26.73 -10.03 -28.69
CA ILE J 206 26.69 -10.35 -27.27
C ILE J 206 25.28 -10.73 -26.85
N ILE J 207 24.27 -10.07 -27.43
CA ILE J 207 22.89 -10.38 -27.03
C ILE J 207 22.50 -11.77 -27.51
N ALA J 208 22.93 -12.15 -28.72
CA ALA J 208 22.63 -13.49 -29.21
C ALA J 208 23.30 -14.55 -28.35
N ALA J 209 24.57 -14.33 -28.00
CA ALA J 209 25.26 -15.30 -27.15
C ALA J 209 24.59 -15.40 -25.78
N GLN J 210 24.13 -14.29 -25.26
CA GLN J 210 23.53 -14.27 -23.92
C GLN J 210 22.14 -14.93 -23.93
N GLU J 211 21.41 -14.74 -25.03
CA GLU J 211 20.18 -15.52 -25.22
C GLU J 211 20.49 -17.01 -25.31
N GLU J 212 21.61 -17.37 -25.94
CA GLU J 212 22.01 -18.78 -25.97
C GLU J 212 22.27 -19.31 -24.56
N MET J 213 22.95 -18.51 -23.74
CA MET J 213 23.03 -18.78 -22.31
C MET J 213 21.67 -19.16 -21.74
N LEU J 214 20.71 -18.24 -21.84
CA LEU J 214 19.44 -18.46 -21.16
C LEU J 214 18.65 -19.63 -21.76
N ARG J 215 18.82 -19.87 -23.06
CA ARG J 215 18.15 -21.01 -23.69
C ARG J 215 18.70 -22.33 -23.18
N LYS J 216 20.03 -22.45 -23.10
CA LYS J 216 20.63 -23.66 -22.54
C LYS J 216 20.22 -23.83 -21.08
N GLU J 217 20.00 -22.73 -20.37
CA GLU J 217 19.59 -22.83 -18.97
C GLU J 217 18.14 -23.32 -18.85
N ARG J 218 17.27 -22.86 -19.75
CA ARG J 218 15.94 -23.47 -19.86
C ARG J 218 16.05 -24.96 -20.16
N GLU J 219 17.01 -25.35 -21.00
CA GLU J 219 17.21 -26.77 -21.28
C GLU J 219 17.62 -27.51 -20.01
N LEU J 220 18.48 -26.89 -19.20
CA LEU J 220 18.76 -27.40 -17.86
C LEU J 220 17.47 -27.74 -17.13
N GLU J 221 16.59 -26.76 -16.97
CA GLU J 221 15.37 -26.99 -16.21
C GLU J 221 14.56 -28.14 -16.78
N GLU J 222 14.28 -28.10 -18.09
CA GLU J 222 13.39 -29.08 -18.67
C GLU J 222 14.01 -30.48 -18.64
N ALA J 223 15.30 -30.59 -18.93
CA ALA J 223 15.96 -31.89 -18.95
C ALA J 223 15.96 -32.51 -17.56
N ARG J 224 16.27 -31.70 -16.53
CA ARG J 224 16.23 -32.24 -15.18
C ARG J 224 14.83 -32.68 -14.80
N LYS J 225 13.82 -31.90 -15.16
CA LYS J 225 12.44 -32.27 -14.82
C LYS J 225 12.04 -33.58 -15.50
N LYS J 226 12.44 -33.74 -16.77
CA LYS J 226 12.16 -34.99 -17.46
C LYS J 226 12.86 -36.17 -16.80
N LEU J 227 14.12 -35.98 -16.39
CA LEU J 227 14.83 -37.05 -15.69
C LEU J 227 14.14 -37.38 -14.37
N ALA J 228 13.72 -36.36 -13.63
CA ALA J 228 13.04 -36.61 -12.36
C ALA J 228 11.72 -37.35 -12.57
N GLN J 229 10.98 -36.98 -13.60
CA GLN J 229 9.72 -37.67 -13.90
C GLN J 229 9.97 -39.13 -14.26
N ILE J 230 10.99 -39.39 -15.07
CA ILE J 230 11.23 -40.77 -15.47
C ILE J 230 11.81 -41.58 -14.32
N ARG J 231 12.45 -40.93 -13.35
CA ARG J 231 12.88 -41.64 -12.15
C ARG J 231 11.70 -41.97 -11.24
N GLN J 232 10.75 -41.03 -11.11
CA GLN J 232 9.56 -41.31 -10.31
C GLN J 232 8.72 -42.41 -10.93
N GLN J 233 8.60 -42.41 -12.26
CA GLN J 233 7.85 -43.46 -12.96
C GLN J 233 8.60 -44.78 -13.00
N GLN J 234 9.87 -44.81 -12.59
CA GLN J 234 10.66 -46.03 -12.69
C GLN J 234 10.04 -47.15 -11.87
N TYR J 235 9.64 -46.86 -10.63
CA TYR J 235 8.97 -47.87 -9.82
C TYR J 235 7.69 -47.39 -9.14
N LYS J 236 7.49 -46.09 -8.93
CA LYS J 236 6.28 -45.51 -8.32
C LYS J 236 5.81 -46.33 -7.11
N PHE J 237 6.75 -46.92 -6.40
CA PHE J 237 6.46 -47.80 -5.27
C PHE J 237 5.42 -48.87 -5.63
N GLY K 202 13.61 -50.19 -18.53
CA GLY K 202 13.51 -49.33 -17.37
C GLY K 202 14.70 -48.40 -17.21
N ILE K 203 15.89 -48.99 -17.09
CA ILE K 203 17.10 -48.18 -16.95
C ILE K 203 17.49 -47.53 -18.27
N ALA K 204 16.95 -48.01 -19.39
CA ALA K 204 17.25 -47.39 -20.67
C ALA K 204 16.75 -45.95 -20.72
N GLN K 205 15.54 -45.71 -20.21
CA GLN K 205 15.02 -44.35 -20.17
C GLN K 205 15.85 -43.46 -19.24
N ILE K 206 16.27 -44.01 -18.10
CA ILE K 206 17.09 -43.25 -17.17
C ILE K 206 18.41 -42.85 -17.81
N ILE K 207 19.06 -43.81 -18.48
CA ILE K 207 20.35 -43.50 -19.09
C ILE K 207 20.16 -42.53 -20.25
N ALA K 208 19.05 -42.63 -21.00
CA ALA K 208 18.79 -41.67 -22.07
C ALA K 208 18.62 -40.26 -21.51
N ALA K 209 17.87 -40.13 -20.41
CA ALA K 209 17.70 -38.82 -19.80
C ALA K 209 19.04 -38.27 -19.32
N GLN K 210 19.88 -39.13 -18.74
CA GLN K 210 21.24 -38.70 -18.37
C GLN K 210 22.04 -38.29 -19.60
N GLU K 211 21.82 -38.96 -20.73
CA GLU K 211 22.50 -38.58 -21.97
C GLU K 211 22.14 -37.16 -22.37
N GLU K 212 20.84 -36.87 -22.39
CA GLU K 212 20.41 -35.52 -22.73
C GLU K 212 20.96 -34.50 -21.74
N MET K 213 20.91 -34.83 -20.45
CA MET K 213 21.43 -33.91 -19.44
C MET K 213 22.89 -33.59 -19.67
N LEU K 214 23.71 -34.61 -19.92
CA LEU K 214 25.14 -34.40 -20.01
C LEU K 214 25.53 -33.71 -21.31
N ARG K 215 24.91 -34.11 -22.43
CA ARG K 215 25.19 -33.41 -23.69
C ARG K 215 24.78 -31.95 -23.60
N LYS K 216 23.65 -31.67 -22.96
CA LYS K 216 23.26 -30.28 -22.83
C LYS K 216 24.17 -29.55 -21.85
N GLU K 217 24.73 -30.28 -20.86
CA GLU K 217 25.70 -29.65 -19.97
C GLU K 217 26.91 -29.19 -20.75
N ARG K 218 27.36 -30.02 -21.69
CA ARG K 218 28.40 -29.59 -22.62
C ARG K 218 27.97 -28.34 -23.38
N GLU K 219 26.72 -28.31 -23.84
CA GLU K 219 26.23 -27.13 -24.55
C GLU K 219 26.27 -25.89 -23.66
N LEU K 220 25.84 -26.02 -22.41
CA LEU K 220 25.84 -24.88 -21.49
C LEU K 220 27.26 -24.39 -21.25
N GLU K 221 28.21 -25.33 -21.11
CA GLU K 221 29.59 -24.94 -20.86
C GLU K 221 30.16 -24.19 -22.07
N GLU K 222 29.88 -24.67 -23.27
CA GLU K 222 30.46 -23.96 -24.42
C GLU K 222 29.78 -22.62 -24.60
N ALA K 223 28.50 -22.51 -24.24
CA ALA K 223 27.83 -21.22 -24.27
C ALA K 223 28.48 -20.25 -23.29
N ARG K 224 28.83 -20.74 -22.09
CA ARG K 224 29.57 -19.91 -21.14
C ARG K 224 30.87 -19.43 -21.75
N LYS K 225 31.60 -20.34 -22.40
CA LYS K 225 32.86 -19.98 -23.03
C LYS K 225 32.64 -18.93 -24.11
N LYS K 226 31.60 -19.09 -24.90
CA LYS K 226 31.29 -18.12 -25.96
C LYS K 226 30.96 -16.75 -25.39
N LEU K 227 30.19 -16.72 -24.31
CA LEU K 227 29.83 -15.45 -23.70
C LEU K 227 31.07 -14.73 -23.19
N ALA K 228 31.93 -15.45 -22.47
CA ALA K 228 33.16 -14.82 -22.00
C ALA K 228 34.03 -14.37 -23.17
N GLN K 229 34.12 -15.20 -24.21
CA GLN K 229 34.92 -14.89 -25.39
C GLN K 229 34.44 -13.61 -26.06
N ILE K 230 33.13 -13.43 -26.15
CA ILE K 230 32.60 -12.14 -26.59
C ILE K 230 33.00 -11.04 -25.63
N ARG K 231 32.93 -11.32 -24.32
CA ARG K 231 33.11 -10.26 -23.33
C ARG K 231 34.52 -9.68 -23.33
N GLN K 232 35.55 -10.48 -23.62
CA GLN K 232 36.89 -9.89 -23.62
C GLN K 232 37.03 -8.83 -24.70
N GLN K 233 36.34 -9.01 -25.83
CA GLN K 233 36.40 -8.04 -26.92
C GLN K 233 35.27 -7.02 -26.85
N GLN K 234 34.59 -6.91 -25.70
CA GLN K 234 33.51 -5.95 -25.55
C GLN K 234 34.02 -4.52 -25.69
N TYR K 235 35.20 -4.25 -25.12
CA TYR K 235 35.76 -2.90 -25.18
C TYR K 235 36.01 -2.45 -26.61
N LYS K 236 36.25 -3.39 -27.53
CA LYS K 236 36.69 -3.03 -28.87
C LYS K 236 35.61 -2.27 -29.62
N PHE K 237 34.37 -2.75 -29.58
CA PHE K 237 33.27 -2.09 -30.28
C PHE K 237 32.40 -1.24 -29.35
N LEU K 238 32.87 -1.00 -28.13
CA LEU K 238 32.20 -0.08 -27.21
C LEU K 238 33.04 1.19 -27.07
N PRO K 239 32.45 2.37 -27.19
CA PRO K 239 33.21 3.60 -27.02
C PRO K 239 33.80 3.71 -25.62
N SER K 240 34.68 4.70 -25.46
CA SER K 240 35.41 4.87 -24.21
C SER K 240 34.48 5.12 -23.04
N GLU K 241 33.48 5.99 -23.22
CA GLU K 241 32.53 6.26 -22.15
C GLU K 241 31.63 5.06 -21.89
N LEU K 242 31.51 4.15 -22.84
CA LEU K 242 30.76 2.91 -22.66
C LEU K 242 31.65 1.74 -22.29
N ARG K 243 32.94 1.99 -22.05
CA ARG K 243 33.92 0.95 -21.76
C ARG K 243 33.99 -0.09 -22.88
N PHE L 46 -49.82 -2.17 59.30
CA PHE L 46 -48.62 -1.45 58.88
C PHE L 46 -47.58 -1.65 59.98
N GLU L 47 -47.64 -0.80 61.01
CA GLU L 47 -46.75 -0.96 62.16
C GLU L 47 -47.30 -1.96 63.16
N GLU L 48 -48.63 -2.10 63.23
CA GLU L 48 -49.22 -3.04 64.19
C GLU L 48 -48.98 -4.49 63.76
N GLN L 49 -49.03 -4.76 62.45
CA GLN L 49 -48.84 -6.13 61.98
C GLN L 49 -47.43 -6.63 62.27
N ILE L 50 -46.43 -5.78 62.05
CA ILE L 50 -45.06 -6.18 62.37
C ILE L 50 -44.87 -6.29 63.88
N LEU L 51 -45.56 -5.45 64.66
CA LEU L 51 -45.43 -5.52 66.11
C LEU L 51 -46.00 -6.83 66.65
N GLU L 52 -47.12 -7.29 66.10
CA GLU L 52 -47.60 -8.62 66.44
C GLU L 52 -46.60 -9.68 66.00
N ALA L 53 -46.07 -9.54 64.79
CA ALA L 53 -45.00 -10.44 64.35
C ALA L 53 -43.74 -10.25 65.18
N ALA L 54 -43.50 -9.04 65.69
CA ALA L 54 -42.38 -8.85 66.61
C ALA L 54 -42.58 -9.62 67.91
N LYS L 55 -43.80 -9.63 68.43
CA LYS L 55 -44.09 -10.40 69.63
C LYS L 55 -43.98 -11.90 69.34
N SER L 56 -44.38 -12.33 68.16
CA SER L 56 -44.16 -13.72 67.75
C SER L 56 -42.68 -14.03 67.70
N ILE L 57 -41.88 -13.12 67.18
CA ILE L 57 -40.42 -13.26 67.19
C ILE L 57 -39.92 -13.45 68.61
N ALA L 58 -40.38 -12.59 69.52
CA ALA L 58 -39.92 -12.64 70.91
C ALA L 58 -40.28 -13.97 71.56
N ALA L 59 -41.53 -14.43 71.34
CA ALA L 59 -41.96 -15.69 71.91
C ALA L 59 -41.15 -16.86 71.36
N ALA L 60 -40.95 -16.88 70.03
CA ALA L 60 -40.20 -17.97 69.42
C ALA L 60 -38.77 -17.99 69.92
N THR L 61 -38.15 -16.82 70.05
CA THR L 61 -36.77 -16.77 70.50
C THR L 61 -36.64 -17.11 71.98
N SER L 62 -37.64 -16.74 72.79
CA SER L 62 -37.64 -17.16 74.18
C SER L 62 -37.74 -18.68 74.30
N ALA L 63 -38.62 -19.28 73.49
CA ALA L 63 -38.72 -20.74 73.47
C ALA L 63 -37.42 -21.36 73.00
N LEU L 64 -36.77 -20.74 72.02
CA LEU L 64 -35.47 -21.22 71.55
C LEU L 64 -34.44 -21.17 72.66
N VAL L 65 -34.43 -20.09 73.44
CA VAL L 65 -33.48 -19.96 74.54
C VAL L 65 -33.74 -21.02 75.60
N LYS L 66 -35.01 -21.26 75.92
CA LYS L 66 -35.35 -22.31 76.89
C LYS L 66 -34.91 -23.68 76.38
N ALA L 67 -35.14 -23.95 75.10
CA ALA L 67 -34.71 -25.22 74.52
C ALA L 67 -33.19 -25.36 74.57
N ALA L 68 -32.48 -24.27 74.30
CA ALA L 68 -31.02 -24.30 74.36
C ALA L 68 -30.54 -24.56 75.77
N SER L 69 -31.20 -23.96 76.76
CA SER L 69 -30.85 -24.21 78.16
C SER L 69 -31.08 -25.67 78.52
N ALA L 70 -32.20 -26.23 78.07
CA ALA L 70 -32.47 -27.64 78.32
C ALA L 70 -31.45 -28.54 77.65
N ALA L 71 -31.05 -28.18 76.42
CA ALA L 71 -30.03 -28.96 75.72
C ALA L 71 -28.70 -28.90 76.45
N GLN L 72 -28.33 -27.73 76.97
CA GLN L 72 -27.12 -27.61 77.76
C GLN L 72 -27.20 -28.46 79.01
N ARG L 73 -28.37 -28.49 79.65
CA ARG L 73 -28.56 -29.35 80.82
C ARG L 73 -28.39 -30.82 80.44
N GLU L 74 -28.92 -31.23 79.29
CA GLU L 74 -28.76 -32.61 78.85
C GLU L 74 -27.30 -32.94 78.56
N LEU L 75 -26.56 -31.99 77.98
CA LEU L 75 -25.17 -32.25 77.62
C LEU L 75 -24.31 -32.53 78.84
N VAL L 76 -24.47 -31.74 79.90
CA VAL L 76 -23.64 -31.91 81.08
C VAL L 76 -24.01 -33.19 81.83
N ALA L 77 -25.32 -33.47 81.93
CA ALA L 77 -25.76 -34.69 82.59
C ALA L 77 -25.25 -35.92 81.85
N GLN L 78 -25.31 -35.90 80.53
CA GLN L 78 -24.79 -36.99 79.72
C GLN L 78 -23.28 -36.91 79.53
N GLY L 79 -22.63 -35.86 80.02
CA GLY L 79 -21.19 -35.73 79.88
C GLY L 79 -20.73 -35.45 78.47
N LYS L 80 -21.60 -34.90 77.62
CA LYS L 80 -21.22 -34.62 76.25
C LYS L 80 -20.10 -33.57 76.18
N VAL L 81 -20.22 -32.51 76.97
CA VAL L 81 -19.18 -31.48 77.02
C VAL L 81 -19.14 -30.90 78.42
N GLY L 82 -17.93 -30.67 78.93
CA GLY L 82 -17.72 -30.10 80.25
C GLY L 82 -18.25 -28.70 80.41
N ALA L 83 -18.94 -28.43 81.52
CA ALA L 83 -19.52 -27.11 81.80
C ALA L 83 -18.49 -26.26 82.54
N ILE L 84 -17.92 -25.28 81.84
CA ILE L 84 -17.17 -24.21 82.47
C ILE L 84 -18.07 -22.99 82.54
N PRO L 85 -18.58 -22.61 83.71
CA PRO L 85 -19.48 -21.45 83.80
C PRO L 85 -18.72 -20.14 83.86
N ALA L 86 -17.86 -19.93 82.85
CA ALA L 86 -17.04 -18.74 82.74
C ALA L 86 -17.43 -17.98 81.49
N ASN L 87 -17.65 -16.67 81.64
CA ASN L 87 -18.06 -15.83 80.52
C ASN L 87 -16.84 -15.42 79.71
N ALA L 88 -16.29 -16.40 79.00
CA ALA L 88 -15.13 -16.15 78.15
C ALA L 88 -15.49 -15.18 77.04
N LEU L 89 -14.67 -14.13 76.90
CA LEU L 89 -14.92 -13.04 75.97
C LEU L 89 -16.33 -12.47 76.17
N ASP L 90 -16.68 -12.28 77.45
CA ASP L 90 -18.01 -11.82 77.88
C ASP L 90 -19.04 -12.78 77.29
N ASP L 91 -20.01 -12.32 76.51
CA ASP L 91 -20.98 -13.23 75.91
C ASP L 91 -20.29 -14.19 74.94
N GLY L 92 -19.39 -13.66 74.11
CA GLY L 92 -18.69 -14.48 73.14
C GLY L 92 -19.65 -15.17 72.20
N GLN L 93 -19.29 -16.38 71.80
CA GLN L 93 -20.13 -17.20 70.96
C GLN L 93 -20.42 -18.57 71.55
N TRP L 94 -19.45 -19.21 72.23
CA TRP L 94 -19.69 -20.49 72.86
C TRP L 94 -19.12 -20.55 74.27
N SER L 95 -19.06 -19.40 74.96
CA SER L 95 -18.74 -19.40 76.37
C SER L 95 -19.85 -20.10 77.14
N GLN L 96 -19.48 -21.06 77.99
CA GLN L 96 -20.41 -21.90 78.73
C GLN L 96 -21.27 -22.75 77.78
N GLY L 97 -21.01 -22.67 76.48
CA GLY L 97 -21.67 -23.54 75.53
C GLY L 97 -22.85 -22.95 74.78
N LEU L 98 -23.80 -23.83 74.45
CA LEU L 98 -24.85 -23.50 73.51
C LEU L 98 -25.59 -22.22 73.87
N ILE L 99 -25.85 -22.01 75.16
CA ILE L 99 -26.67 -20.87 75.58
C ILE L 99 -26.06 -19.55 75.11
N SER L 100 -24.73 -19.47 75.06
CA SER L 100 -24.10 -18.25 74.57
C SER L 100 -24.53 -17.96 73.14
N ALA L 101 -24.43 -18.98 72.28
CA ALA L 101 -24.94 -18.83 70.92
C ALA L 101 -26.39 -18.36 70.95
N ALA L 102 -27.21 -19.00 71.78
CA ALA L 102 -28.61 -18.61 71.89
C ALA L 102 -28.72 -17.13 72.19
N ARG L 103 -27.93 -16.66 73.16
CA ARG L 103 -27.94 -15.24 73.49
C ARG L 103 -27.67 -14.40 72.25
N MET L 104 -26.59 -14.71 71.53
CA MET L 104 -26.30 -13.95 70.32
C MET L 104 -27.42 -14.08 69.32
N VAL L 105 -28.01 -15.27 69.19
CA VAL L 105 -29.15 -15.43 68.31
C VAL L 105 -30.24 -14.45 68.72
N ALA L 106 -30.55 -14.42 70.02
CA ALA L 106 -31.50 -13.42 70.52
C ALA L 106 -31.03 -12.03 70.16
N ALA L 107 -29.76 -11.72 70.45
CA ALA L 107 -29.20 -10.43 70.06
C ALA L 107 -29.45 -10.16 68.59
N ALA L 108 -29.14 -11.14 67.75
CA ALA L 108 -29.35 -10.98 66.32
C ALA L 108 -30.79 -10.60 66.03
N THR L 109 -31.73 -11.40 66.53
CA THR L 109 -33.12 -11.12 66.20
C THR L 109 -33.57 -9.81 66.83
N ASN L 110 -32.96 -9.43 67.95
CA ASN L 110 -33.26 -8.13 68.53
C ASN L 110 -32.98 -7.04 67.51
N ASN L 111 -31.80 -7.07 66.89
CA ASN L 111 -31.50 -6.13 65.82
C ASN L 111 -32.56 -6.22 64.73
N LEU L 112 -32.92 -7.45 64.36
CA LEU L 112 -33.98 -7.65 63.38
C LEU L 112 -35.22 -6.87 63.78
N CYS L 113 -35.67 -7.05 65.02
CA CYS L 113 -36.85 -6.33 65.48
C CYS L 113 -36.67 -4.83 65.31
N GLU L 114 -35.51 -4.32 65.71
CA GLU L 114 -35.24 -2.89 65.55
C GLU L 114 -35.39 -2.48 64.10
N ALA L 115 -34.80 -3.26 63.18
CA ALA L 115 -34.93 -2.94 61.76
C ALA L 115 -36.39 -2.85 61.37
N ALA L 116 -37.21 -3.78 61.87
CA ALA L 116 -38.65 -3.75 61.58
C ALA L 116 -39.23 -2.39 61.90
N ASN L 117 -38.94 -1.86 63.09
CA ASN L 117 -39.45 -0.55 63.46
C ASN L 117 -38.97 0.50 62.48
N ALA L 118 -37.68 0.48 62.15
CA ALA L 118 -37.17 1.42 61.16
C ALA L 118 -37.87 1.22 59.82
N ALA L 119 -38.14 -0.03 59.46
CA ALA L 119 -38.85 -0.31 58.22
C ALA L 119 -40.23 0.31 58.22
N VAL L 120 -40.87 0.38 59.40
CA VAL L 120 -42.19 1.00 59.49
C VAL L 120 -42.10 2.46 59.90
N GLN L 121 -40.90 3.02 60.03
CA GLN L 121 -40.73 4.44 60.26
C GLN L 121 -39.95 5.15 59.16
N GLY L 122 -39.43 4.42 58.18
CA GLY L 122 -38.79 5.03 57.03
C GLY L 122 -37.31 5.31 57.16
N HIS L 123 -36.61 4.66 58.09
CA HIS L 123 -35.18 4.84 58.23
C HIS L 123 -34.36 3.65 57.75
N ALA L 124 -35.00 2.54 57.37
CA ALA L 124 -34.30 1.36 56.90
C ALA L 124 -34.90 0.86 55.60
N SER L 125 -34.05 0.29 54.74
CA SER L 125 -34.50 -0.31 53.51
C SER L 125 -34.89 -1.77 53.72
N GLN L 126 -35.65 -2.31 52.77
CA GLN L 126 -36.06 -3.71 52.85
C GLN L 126 -34.85 -4.64 52.83
N GLU L 127 -33.83 -4.29 52.05
CA GLU L 127 -32.62 -5.10 52.03
C GLU L 127 -31.93 -5.10 53.38
N LYS L 128 -32.03 -4.01 54.14
CA LYS L 128 -31.46 -4.02 55.49
C LYS L 128 -32.16 -5.05 56.37
N LEU L 129 -33.48 -5.09 56.32
CA LEU L 129 -34.22 -6.04 57.13
C LEU L 129 -33.93 -7.47 56.69
N ILE L 130 -33.84 -7.73 55.38
CA ILE L 130 -33.57 -9.10 54.97
C ILE L 130 -32.11 -9.48 55.25
N SER L 131 -31.19 -8.51 55.32
CA SER L 131 -29.82 -8.83 55.72
C SER L 131 -29.76 -9.18 57.21
N SER L 132 -30.49 -8.44 58.03
CA SER L 132 -30.57 -8.80 59.45
C SER L 132 -31.20 -10.18 59.63
N ALA L 133 -32.24 -10.47 58.83
CA ALA L 133 -32.83 -11.81 58.87
C ALA L 133 -31.84 -12.87 58.42
N LYS L 134 -30.99 -12.54 57.44
CA LYS L 134 -29.96 -13.48 57.01
C LYS L 134 -28.98 -13.77 58.13
N GLN L 135 -28.58 -12.73 58.87
CA GLN L 135 -27.70 -12.95 60.02
C GLN L 135 -28.38 -13.81 61.07
N VAL L 136 -29.66 -13.55 61.33
CA VAL L 136 -30.41 -14.35 62.30
C VAL L 136 -30.45 -15.81 61.87
N ALA L 137 -30.72 -16.05 60.59
CA ALA L 137 -30.79 -17.41 60.07
C ALA L 137 -29.45 -18.10 60.18
N ALA L 138 -28.36 -17.38 59.88
CA ALA L 138 -27.03 -17.97 60.01
C ALA L 138 -26.76 -18.36 61.45
N SER L 139 -27.10 -17.48 62.40
CA SER L 139 -26.85 -17.78 63.81
C SER L 139 -27.64 -19.00 64.27
N THR L 140 -28.93 -19.05 63.93
CA THR L 140 -29.74 -20.18 64.40
C THR L 140 -29.32 -21.47 63.73
N ALA L 141 -28.92 -21.41 62.45
CA ALA L 141 -28.42 -22.61 61.79
C ALA L 141 -27.15 -23.11 62.45
N GLN L 142 -26.22 -22.20 62.77
CA GLN L 142 -25.00 -22.60 63.46
C GLN L 142 -25.32 -23.29 64.77
N LEU L 143 -26.20 -22.67 65.57
CA LEU L 143 -26.54 -23.24 66.87
C LEU L 143 -27.20 -24.60 66.72
N LEU L 144 -28.13 -24.72 65.77
CA LEU L 144 -28.86 -25.97 65.59
C LEU L 144 -27.94 -27.09 65.16
N VAL L 145 -27.03 -26.81 64.22
CA VAL L 145 -26.13 -27.87 63.77
C VAL L 145 -25.16 -28.24 64.89
N ALA L 146 -24.70 -27.26 65.67
CA ALA L 146 -23.81 -27.54 66.79
C ALA L 146 -24.49 -28.48 67.79
N CYS L 147 -25.73 -28.16 68.18
CA CYS L 147 -26.43 -29.01 69.12
C CYS L 147 -26.75 -30.37 68.51
N LYS L 148 -27.02 -30.42 67.21
CA LYS L 148 -27.34 -31.69 66.57
C LYS L 148 -26.15 -32.63 66.57
N VAL L 149 -24.95 -32.11 66.31
CA VAL L 149 -23.79 -32.99 66.31
C VAL L 149 -23.24 -33.22 67.71
N LYS L 150 -23.55 -32.36 68.67
CA LYS L 150 -23.02 -32.48 70.02
C LYS L 150 -24.00 -33.15 70.98
N ALA L 151 -25.14 -33.61 70.50
CA ALA L 151 -26.14 -34.23 71.36
C ALA L 151 -26.68 -35.48 70.68
N ASP L 152 -27.32 -36.33 71.49
CA ASP L 152 -27.91 -37.56 70.98
C ASP L 152 -29.05 -37.24 70.03
N GLN L 153 -29.17 -38.05 68.98
CA GLN L 153 -30.21 -37.81 67.97
C GLN L 153 -31.60 -38.04 68.55
N ASP L 154 -31.73 -38.99 69.46
CA ASP L 154 -33.02 -39.32 70.07
C ASP L 154 -33.38 -38.40 71.23
N SER L 155 -32.53 -37.44 71.56
CA SER L 155 -32.79 -36.57 72.70
C SER L 155 -34.04 -35.73 72.49
N GLU L 156 -34.85 -35.62 73.54
CA GLU L 156 -36.02 -34.75 73.49
C GLU L 156 -35.61 -33.30 73.30
N ALA L 157 -34.54 -32.88 73.98
CA ALA L 157 -34.04 -31.52 73.81
C ALA L 157 -33.67 -31.24 72.36
N MET L 158 -33.19 -32.27 71.64
CA MET L 158 -32.86 -32.09 70.23
C MET L 158 -34.11 -31.77 69.42
N LYS L 159 -35.20 -32.50 69.66
CA LYS L 159 -36.44 -32.23 68.95
C LYS L 159 -36.97 -30.85 69.29
N ARG L 160 -36.91 -30.47 70.57
CA ARG L 160 -37.36 -29.14 70.95
C ARG L 160 -36.51 -28.07 70.28
N LEU L 161 -35.19 -28.29 70.20
CA LEU L 161 -34.30 -27.34 69.56
C LEU L 161 -34.63 -27.17 68.09
N GLN L 162 -34.84 -28.29 67.39
CA GLN L 162 -35.16 -28.20 65.96
C GLN L 162 -36.49 -27.50 65.75
N ALA L 163 -37.49 -27.83 66.56
CA ALA L 163 -38.79 -27.18 66.43
C ALA L 163 -38.68 -25.68 66.70
N ALA L 164 -37.93 -25.30 67.74
CA ALA L 164 -37.77 -23.89 68.07
C ALA L 164 -37.04 -23.14 66.96
N GLY L 165 -36.00 -23.77 66.39
CA GLY L 165 -35.29 -23.14 65.30
C GLY L 165 -36.16 -22.93 64.08
N ASN L 166 -36.95 -23.95 63.73
CA ASN L 166 -37.87 -23.81 62.60
C ASN L 166 -38.91 -22.73 62.87
N ALA L 167 -39.43 -22.67 64.10
CA ALA L 167 -40.39 -21.64 64.45
C ALA L 167 -39.78 -20.25 64.34
N VAL L 168 -38.54 -20.10 64.82
CA VAL L 168 -37.86 -18.81 64.72
C VAL L 168 -37.68 -18.43 63.26
N LYS L 169 -37.26 -19.39 62.42
CA LYS L 169 -37.04 -19.08 61.01
C LYS L 169 -38.35 -18.68 60.32
N ARG L 170 -39.42 -19.43 60.55
CA ARG L 170 -40.68 -19.11 59.89
C ARG L 170 -41.23 -17.78 60.37
N ALA L 171 -41.14 -17.51 61.68
CA ALA L 171 -41.63 -16.23 62.19
C ALA L 171 -40.78 -15.08 61.68
N SER L 172 -39.47 -15.29 61.52
CA SER L 172 -38.62 -14.28 60.94
C SER L 172 -39.01 -13.99 59.50
N ASP L 173 -39.30 -15.04 58.72
CA ASP L 173 -39.76 -14.83 57.35
C ASP L 173 -41.09 -14.10 57.31
N ASN L 174 -42.00 -14.43 58.25
CA ASN L 174 -43.28 -13.73 58.32
C ASN L 174 -43.08 -12.25 58.62
N LEU L 175 -42.21 -11.94 59.59
CA LEU L 175 -41.90 -10.55 59.88
C LEU L 175 -41.27 -9.86 58.66
N VAL L 176 -40.39 -10.57 57.95
CA VAL L 176 -39.73 -10.00 56.79
C VAL L 176 -40.76 -9.61 55.74
N LYS L 177 -41.66 -10.54 55.40
CA LYS L 177 -42.66 -10.26 54.38
C LYS L 177 -43.63 -9.18 54.83
N ALA L 178 -44.02 -9.20 56.10
CA ALA L 178 -44.93 -8.18 56.62
C ALA L 178 -44.30 -6.79 56.54
N ALA L 179 -43.02 -6.69 56.91
CA ALA L 179 -42.35 -5.40 56.88
C ALA L 179 -42.12 -4.93 55.45
N GLN L 180 -41.80 -5.85 54.54
CA GLN L 180 -41.61 -5.48 53.15
C GLN L 180 -42.92 -5.00 52.53
N LYS L 181 -44.03 -5.67 52.83
CA LYS L 181 -45.32 -5.23 52.32
C LYS L 181 -45.72 -3.91 52.96
N ALA L 182 -45.36 -3.70 54.22
CA ALA L 182 -45.69 -2.45 54.90
C ALA L 182 -44.93 -1.29 54.28
N ALA L 183 -43.67 -1.51 53.92
CA ALA L 183 -42.87 -0.45 53.32
C ALA L 183 -43.38 -0.12 51.92
N ALA L 184 -43.57 1.18 51.66
CA ALA L 184 -44.06 1.61 50.36
C ALA L 184 -43.01 1.47 49.27
N PHE L 185 -41.73 1.36 49.63
CA PHE L 185 -40.65 1.20 48.68
C PHE L 185 -40.43 -0.25 48.25
N GLU L 186 -41.39 -1.13 48.51
CA GLU L 186 -41.23 -2.54 48.14
C GLU L 186 -41.04 -2.70 46.63
N ASP L 187 -41.93 -2.11 45.84
CA ASP L 187 -41.84 -2.12 44.39
C ASP L 187 -41.87 -0.67 43.90
N GLN L 188 -40.68 -0.05 43.86
CA GLN L 188 -40.54 1.32 43.40
C GLN L 188 -39.26 1.42 42.57
N GLU L 189 -39.40 1.77 41.30
CA GLU L 189 -38.26 1.92 40.40
C GLU L 189 -38.41 3.22 39.63
N ASN L 190 -37.36 4.03 39.64
CA ASN L 190 -37.35 5.31 38.93
C ASN L 190 -36.89 5.18 37.49
N GLU L 191 -36.39 4.01 37.09
CA GLU L 191 -35.96 3.81 35.71
C GLU L 191 -37.16 3.80 34.77
N THR L 192 -36.93 4.29 33.55
CA THR L 192 -38.00 4.37 32.55
C THR L 192 -37.36 4.33 31.17
N VAL L 193 -38.23 4.21 30.16
CA VAL L 193 -37.78 4.15 28.77
C VAL L 193 -37.28 5.53 28.34
N VAL L 194 -36.02 5.60 27.92
CA VAL L 194 -35.43 6.83 27.41
C VAL L 194 -34.72 6.50 26.11
N VAL L 195 -34.89 7.36 25.10
CA VAL L 195 -34.28 7.15 23.80
C VAL L 195 -33.98 8.51 23.18
N LYS L 196 -32.99 8.54 22.31
CA LYS L 196 -32.56 9.77 21.64
C LYS L 196 -32.64 9.56 20.14
N GLU L 197 -33.18 10.55 19.42
CA GLU L 197 -33.27 10.44 17.97
C GLU L 197 -31.90 10.40 17.32
N LYS L 198 -30.97 11.20 17.81
CA LYS L 198 -29.61 11.21 17.26
C LYS L 198 -28.98 9.83 17.37
N MET L 199 -28.41 9.37 16.26
CA MET L 199 -27.69 8.10 16.28
C MET L 199 -26.50 8.18 17.22
N VAL L 200 -25.85 9.34 17.28
CA VAL L 200 -24.80 9.56 18.26
C VAL L 200 -25.37 9.52 19.67
N GLY L 201 -26.57 10.08 19.86
CA GLY L 201 -27.16 10.11 21.19
C GLY L 201 -27.53 8.73 21.72
N GLY L 202 -28.15 7.91 20.87
CA GLY L 202 -28.58 6.60 21.33
C GLY L 202 -27.42 5.68 21.65
N ILE L 203 -26.40 5.68 20.79
CA ILE L 203 -25.24 4.84 21.05
C ILE L 203 -24.52 5.30 22.30
N ALA L 204 -24.52 6.60 22.56
CA ALA L 204 -23.98 7.12 23.82
C ALA L 204 -24.74 6.55 25.00
N GLN L 205 -26.08 6.47 24.89
CA GLN L 205 -26.87 5.87 25.95
C GLN L 205 -26.49 4.40 26.16
N ILE L 206 -26.34 3.66 25.06
CA ILE L 206 -25.96 2.24 25.16
C ILE L 206 -24.64 2.11 25.90
N ILE L 207 -23.64 2.88 25.48
CA ILE L 207 -22.31 2.73 26.05
C ILE L 207 -22.29 3.19 27.50
N ALA L 208 -23.02 4.26 27.84
CA ALA L 208 -23.06 4.72 29.22
C ALA L 208 -23.73 3.68 30.11
N ALA L 209 -24.82 3.08 29.64
CA ALA L 209 -25.49 2.04 30.41
C ALA L 209 -24.56 0.85 30.63
N GLN L 210 -23.84 0.44 29.58
CA GLN L 210 -22.95 -0.71 29.72
C GLN L 210 -21.76 -0.39 30.61
N GLU L 211 -21.35 0.89 30.64
CA GLU L 211 -20.27 1.28 31.53
C GLU L 211 -20.72 1.25 32.99
N GLU L 212 -21.94 1.74 33.25
CA GLU L 212 -22.51 1.58 34.59
C GLU L 212 -22.59 0.10 34.96
N MET L 213 -23.04 -0.72 34.00
CA MET L 213 -23.05 -2.17 34.16
C MET L 213 -21.72 -2.67 34.70
N LEU L 214 -20.64 -2.45 33.93
CA LEU L 214 -19.34 -3.00 34.27
C LEU L 214 -18.82 -2.44 35.59
N ARG L 215 -18.97 -1.13 35.81
CA ARG L 215 -18.42 -0.53 37.03
C ARG L 215 -19.15 -1.04 38.26
N LYS L 216 -20.48 -1.19 38.17
CA LYS L 216 -21.23 -1.78 39.28
C LYS L 216 -20.80 -3.22 39.53
N GLU L 217 -20.56 -3.99 38.47
CA GLU L 217 -20.14 -5.37 38.66
C GLU L 217 -18.76 -5.44 39.34
N ARG L 218 -17.84 -4.59 38.90
CA ARG L 218 -16.53 -4.54 39.53
C ARG L 218 -16.63 -4.13 40.98
N GLU L 219 -17.48 -3.15 41.28
CA GLU L 219 -17.67 -2.74 42.67
C GLU L 219 -18.33 -3.84 43.49
N LEU L 220 -19.15 -4.68 42.85
CA LEU L 220 -19.73 -5.82 43.55
C LEU L 220 -18.64 -6.83 43.92
N GLU L 221 -17.70 -7.05 43.01
CA GLU L 221 -16.53 -7.87 43.31
C GLU L 221 -15.76 -7.29 44.50
N GLU L 222 -15.51 -5.99 44.46
CA GLU L 222 -14.80 -5.32 45.56
C GLU L 222 -15.55 -5.47 46.87
N ALA L 223 -16.87 -5.28 46.83
CA ALA L 223 -17.69 -5.35 48.04
C ALA L 223 -17.70 -6.76 48.62
N ARG L 224 -17.72 -7.77 47.76
CA ARG L 224 -17.65 -9.13 48.26
C ARG L 224 -16.32 -9.36 48.95
N LYS L 225 -15.22 -8.86 48.36
CA LYS L 225 -13.94 -8.98 49.03
C LYS L 225 -13.95 -8.27 50.37
N LYS L 226 -14.57 -7.08 50.45
CA LYS L 226 -14.64 -6.36 51.71
C LYS L 226 -15.41 -7.15 52.76
N LEU L 227 -16.52 -7.75 52.36
CA LEU L 227 -17.30 -8.54 53.31
C LEU L 227 -16.52 -9.75 53.78
N ALA L 228 -15.79 -10.42 52.87
CA ALA L 228 -14.97 -11.55 53.27
C ALA L 228 -13.88 -11.12 54.25
N GLN L 229 -13.24 -9.98 53.98
CA GLN L 229 -12.21 -9.48 54.89
C GLN L 229 -12.78 -9.15 56.26
N ILE L 230 -13.96 -8.54 56.30
CA ILE L 230 -14.55 -8.18 57.58
C ILE L 230 -15.00 -9.42 58.33
N ARG L 231 -15.37 -10.49 57.62
CA ARG L 231 -15.69 -11.74 58.30
C ARG L 231 -14.44 -12.39 58.86
N GLN L 232 -13.34 -12.38 58.10
CA GLN L 232 -12.09 -12.97 58.60
C GLN L 232 -11.56 -12.18 59.79
N GLN L 233 -11.64 -10.85 59.74
CA GLN L 233 -11.18 -10.05 60.87
C GLN L 233 -12.04 -10.27 62.11
N GLN L 234 -13.34 -10.46 61.93
CA GLN L 234 -14.22 -10.72 63.07
C GLN L 234 -13.82 -11.99 63.80
N TYR L 235 -13.54 -13.06 63.06
CA TYR L 235 -13.11 -14.32 63.63
C TYR L 235 -11.97 -14.90 62.82
N LYS L 236 -10.82 -15.15 63.46
CA LYS L 236 -9.70 -15.77 62.78
C LYS L 236 -9.03 -16.85 63.62
N PHE L 237 -9.69 -17.32 64.68
CA PHE L 237 -9.15 -18.34 65.56
C PHE L 237 -7.77 -17.98 66.10
N GLY M 202 -18.66 -6.64 66.78
CA GLY M 202 -18.64 -8.06 66.42
C GLY M 202 -19.47 -8.35 65.19
N ILE M 203 -20.79 -8.19 65.31
CA ILE M 203 -21.68 -8.43 64.18
C ILE M 203 -22.12 -7.15 63.49
N ALA M 204 -21.85 -5.98 64.08
CA ALA M 204 -22.25 -4.72 63.47
C ALA M 204 -21.53 -4.51 62.14
N GLN M 205 -20.22 -4.77 62.10
CA GLN M 205 -19.49 -4.63 60.85
C GLN M 205 -19.97 -5.63 59.82
N ILE M 206 -20.29 -6.85 60.27
CA ILE M 206 -20.78 -7.88 59.34
C ILE M 206 -22.10 -7.44 58.72
N ILE M 207 -23.02 -6.95 59.54
CA ILE M 207 -24.33 -6.55 59.02
C ILE M 207 -24.18 -5.32 58.13
N ALA M 208 -23.25 -4.42 58.46
CA ALA M 208 -23.03 -3.27 57.59
C ALA M 208 -22.47 -3.69 56.23
N ALA M 209 -21.55 -4.65 56.22
CA ALA M 209 -21.03 -5.15 54.95
C ALA M 209 -22.15 -5.82 54.14
N GLN M 210 -23.01 -6.58 54.81
CA GLN M 210 -24.18 -7.12 54.14
C GLN M 210 -25.08 -6.00 53.61
N GLU M 211 -25.16 -4.90 54.35
CA GLU M 211 -25.95 -3.76 53.91
C GLU M 211 -25.46 -3.24 52.57
N GLU M 212 -24.16 -2.96 52.49
CA GLU M 212 -23.59 -2.46 51.24
C GLU M 212 -23.74 -3.49 50.13
N MET M 213 -23.51 -4.77 50.43
CA MET M 213 -23.68 -5.82 49.44
C MET M 213 -25.09 -5.81 48.86
N LEU M 214 -26.09 -5.67 49.73
CA LEU M 214 -27.47 -5.73 49.25
C LEU M 214 -27.85 -4.47 48.49
N ARG M 215 -27.42 -3.29 48.96
CA ARG M 215 -27.65 -2.08 48.18
C ARG M 215 -27.11 -2.25 46.77
N LYS M 216 -25.89 -2.78 46.67
CA LYS M 216 -25.22 -2.79 45.38
C LYS M 216 -25.79 -3.87 44.48
N GLU M 217 -26.22 -5.00 45.07
CA GLU M 217 -26.99 -5.98 44.31
C GLU M 217 -28.26 -5.36 43.74
N ARG M 218 -28.96 -4.59 44.56
CA ARG M 218 -30.21 -3.97 44.10
C ARG M 218 -29.97 -3.01 42.95
N GLU M 219 -28.99 -2.10 43.09
CA GLU M 219 -28.76 -1.15 42.00
C GLU M 219 -28.15 -1.84 40.78
N LEU M 220 -27.45 -2.96 40.98
CA LEU M 220 -27.00 -3.75 39.84
C LEU M 220 -28.17 -4.33 39.06
N GLU M 221 -29.20 -4.80 39.78
CA GLU M 221 -30.38 -5.33 39.09
C GLU M 221 -31.13 -4.22 38.36
N GLU M 222 -31.22 -3.04 38.99
CA GLU M 222 -31.73 -1.87 38.27
C GLU M 222 -30.93 -1.58 37.00
N ALA M 223 -29.60 -1.69 37.09
CA ALA M 223 -28.76 -1.48 35.90
C ALA M 223 -29.06 -2.52 34.83
N ARG M 224 -29.27 -3.76 35.24
CA ARG M 224 -29.67 -4.81 34.31
C ARG M 224 -30.97 -4.44 33.59
N LYS M 225 -31.99 -4.06 34.34
CA LYS M 225 -33.27 -3.72 33.72
C LYS M 225 -33.13 -2.52 32.80
N LYS M 226 -32.39 -1.50 33.23
CA LYS M 226 -32.20 -0.30 32.42
C LYS M 226 -31.51 -0.64 31.10
N LEU M 227 -30.39 -1.37 31.18
CA LEU M 227 -29.65 -1.70 29.97
C LEU M 227 -30.51 -2.56 29.04
N ALA M 228 -31.27 -3.51 29.61
CA ALA M 228 -32.13 -4.35 28.79
C ALA M 228 -33.18 -3.53 28.06
N GLN M 229 -33.85 -2.62 28.79
CA GLN M 229 -34.93 -1.88 28.16
C GLN M 229 -34.41 -0.88 27.13
N ILE M 230 -33.24 -0.30 27.37
CA ILE M 230 -32.65 0.58 26.35
C ILE M 230 -32.20 -0.23 25.14
N ARG M 231 -31.67 -1.43 25.37
CA ARG M 231 -31.30 -2.30 24.25
C ARG M 231 -32.52 -2.74 23.46
N GLN M 232 -33.69 -2.78 24.09
CA GLN M 232 -34.90 -3.21 23.39
C GLN M 232 -35.24 -2.26 22.25
N GLN M 233 -35.07 -0.96 22.46
CA GLN M 233 -35.44 0.05 21.48
C GLN M 233 -34.28 0.47 20.59
N GLN M 234 -33.14 -0.23 20.65
CA GLN M 234 -31.99 0.18 19.86
C GLN M 234 -32.24 0.08 18.37
N TYR M 235 -33.28 -0.65 17.95
CA TYR M 235 -33.60 -0.75 16.53
C TYR M 235 -34.01 0.59 15.94
N LYS M 236 -34.53 1.50 16.78
CA LYS M 236 -35.18 2.70 16.25
C LYS M 236 -34.15 3.70 15.74
N PHE M 237 -33.04 3.86 16.46
CA PHE M 237 -32.00 4.81 16.09
C PHE M 237 -30.79 4.17 15.42
N LEU M 238 -30.89 2.89 15.06
CA LEU M 238 -29.86 2.24 14.25
C LEU M 238 -30.39 1.93 12.85
N PRO M 239 -29.58 2.13 11.82
CA PRO M 239 -30.01 1.79 10.46
C PRO M 239 -30.21 0.29 10.27
N SER M 240 -30.63 -0.10 9.06
CA SER M 240 -30.88 -1.51 8.78
C SER M 240 -29.61 -2.35 8.90
N GLU M 241 -28.49 -1.85 8.37
CA GLU M 241 -27.24 -2.59 8.45
C GLU M 241 -26.76 -2.71 9.89
N LEU M 242 -27.06 -1.71 10.72
CA LEU M 242 -26.79 -1.81 12.15
C LEU M 242 -27.87 -2.56 12.90
N ARG M 243 -29.06 -2.67 12.32
CA ARG M 243 -30.25 -3.31 12.90
C ARG M 243 -30.33 -3.22 14.42
PB ADP N . -2.86 53.33 -29.62
O1B ADP N . -2.65 52.45 -28.41
O2B ADP N . -3.11 54.77 -29.27
O3B ADP N . -1.86 53.13 -30.72
PA ADP N . -5.64 53.54 -30.26
O1A ADP N . -6.53 52.94 -29.20
O2A ADP N . -5.42 55.02 -30.35
O3A ADP N . -4.23 52.75 -30.23
O5' ADP N . -6.16 53.09 -31.70
C5' ADP N . -6.24 54.06 -32.72
C4' ADP N . -6.43 53.36 -34.05
O4' ADP N . -7.72 52.77 -34.07
C3' ADP N . -6.35 54.35 -35.20
O3' ADP N . -5.22 54.03 -36.01
C2' ADP N . -7.61 54.16 -36.00
O2' ADP N . -7.29 53.75 -37.32
C1' ADP N . -8.40 53.08 -35.29
N9 ADP N . -9.76 53.57 -34.96
C8 ADP N . -10.04 54.57 -34.10
N7 ADP N . -11.38 54.79 -34.03
C5 ADP N . -11.96 53.91 -34.86
C6 ADP N . -13.36 53.60 -35.25
N6 ADP N . -14.40 54.28 -34.74
N1 ADP N . -13.55 52.60 -36.15
C2 ADP N . -12.50 51.92 -36.68
N3 ADP N . -11.23 52.16 -36.36
C4 ADP N . -10.90 53.12 -35.47
MG MG O . -3.51 51.19 -27.27
PB ADP P . 12.73 12.61 -32.20
O1B ADP P . 12.64 11.27 -31.52
O2B ADP P . 13.18 12.53 -33.63
O3B ADP P . 11.54 13.50 -31.99
PA ADP P . 15.35 13.74 -31.91
O1A ADP P . 16.38 12.90 -31.20
O2A ADP P . 15.36 13.84 -33.42
O3A ADP P . 13.89 13.34 -31.36
O5' ADP P . 15.43 15.23 -31.37
C5' ADP P . 15.37 16.30 -32.30
C4' ADP P . 15.31 17.60 -31.53
O4' ADP P . 16.52 17.75 -30.79
C3' ADP P . 15.19 18.79 -32.48
O3' ADP P . 13.95 19.43 -32.26
C2' ADP P . 16.32 19.72 -32.10
O2' ADP P . 15.77 20.97 -31.68
C1' ADP P . 17.04 19.07 -30.93
N9 ADP P . 18.49 18.98 -31.23
C8 ADP P . 19.05 18.24 -32.20
N7 ADP P . 20.40 18.38 -32.20
C5 ADP P . 20.71 19.24 -31.22
C6 ADP P . 21.96 19.83 -30.69
N6 ADP P . 23.16 19.52 -31.22
N1 ADP P . 21.85 20.69 -29.65
C2 ADP P . 20.65 21.00 -29.12
N3 ADP P . 19.48 20.51 -29.55
C4 ADP P . 19.45 19.63 -30.59
MG MG Q . 13.55 10.17 -30.23
PB ADP R . -9.53 10.53 5.24
O1B ADP R . -9.49 9.63 6.45
O2B ADP R . -10.30 11.80 5.48
O3B ADP R . -8.21 10.73 4.56
PA ADP R . -11.85 10.04 3.67
O1A ADP R . -12.85 9.18 4.43
O2A ADP R . -12.03 11.53 3.58
O3A ADP R . -10.37 9.67 4.18
O5' ADP R . -11.76 9.51 2.18
C5' ADP R . -11.79 10.47 1.12
C4' ADP R . -11.25 9.80 -0.13
O4' ADP R . -12.19 8.82 -0.56
C3' ADP R . -11.10 10.81 -1.24
O3' ADP R . -9.71 10.93 -1.58
C2' ADP R . -11.86 10.25 -2.43
O2' ADP R . -10.94 9.97 -3.48
C1' ADP R . -12.46 8.94 -1.94
N9 ADP R . -13.94 8.98 -2.13
C8 ADP R . -14.78 9.81 -1.50
N7 ADP R . -16.06 9.59 -1.89
C5 ADP R . -16.03 8.60 -2.80
C6 ADP R . -17.04 7.88 -3.62
N6 ADP R . -18.35 8.19 -3.53
N1 ADP R . -16.59 6.91 -4.43
C2 ADP R . -15.29 6.61 -4.53
N3 ADP R . -14.33 7.21 -3.82
C4 ADP R . -14.63 8.21 -2.95
MG MG S . -10.15 8.18 7.50
PB ADP T . 17.91 -22.92 10.33
O1B ADP T . 18.28 -24.19 11.04
O2B ADP T . 18.68 -22.71 9.05
O3B ADP T . 16.43 -22.68 10.19
PA ADP T . 19.79 -21.00 11.30
O1A ADP T . 20.68 -21.55 12.37
O2A ADP T . 20.26 -20.87 9.88
O3A ADP T . 18.38 -21.78 11.36
O5' ADP T . 19.28 -19.55 11.74
C5' ADP T . 19.22 -18.52 10.77
C4' ADP T . 18.43 -17.37 11.37
O4' ADP T . 19.16 -16.87 12.50
C3' ADP T . 18.27 -16.23 10.38
O3' ADP T . 16.89 -16.07 10.09
C2' ADP T . 18.80 -15.00 11.08
O2' ADP T . 17.73 -14.07 11.23
C1' ADP T . 19.27 -15.45 12.45
N9 ADP T . 20.70 -15.09 12.63
C8 ADP T . 21.72 -15.61 11.92
N7 ADP T . 22.90 -15.08 12.33
C5 ADP T . 22.64 -14.21 13.30
C6 ADP T . 23.43 -13.30 14.17
N6 ADP T . 24.77 -13.23 14.05
N1 ADP T . 22.77 -12.56 15.07
C2 ADP T . 21.43 -12.63 15.19
N3 ADP T . 20.65 -13.42 14.45
C4 ADP T . 21.19 -14.23 13.50
MG MG U . 18.59 -25.13 12.65
PB ADP V . -13.67 -33.96 38.37
O1B ADP V . -14.10 -34.77 39.58
O2B ADP V . -14.60 -32.83 38.06
O3B ADP V . -12.21 -33.58 38.36
PA ADP V . -15.02 -35.14 36.14
O1A ADP V . -15.85 -36.34 36.51
O2A ADP V . -15.66 -33.79 35.92
O3A ADP V . -13.79 -35.02 37.17
O5' ADP V . -14.21 -35.46 34.80
C5' ADP V . -14.17 -34.49 33.77
C4' ADP V . -13.13 -34.92 32.76
O4' ADP V . -13.59 -36.10 32.11
C3' ADP V . -12.92 -33.87 31.71
O3' ADP V . -11.59 -33.33 31.82
C2' ADP V . -13.06 -34.57 30.38
O2' ADP V . -11.80 -34.53 29.70
C1' ADP V . -13.41 -36.01 30.70
N9 ADP V . -14.67 -36.38 30.04
C8 ADP V . -15.87 -35.85 30.30
N7 ADP V . -16.83 -36.40 29.51
C5 ADP V . -16.24 -37.30 28.73
C6 ADP V . -16.66 -38.23 27.67
N6 ADP V . -17.96 -38.32 27.28
N1 ADP V . -15.72 -39.01 27.09
C2 ADP V . -14.43 -38.95 27.47
N3 ADP V . -13.97 -38.12 28.42
C4 ADP V . -14.81 -37.28 29.07
MG MG W . -14.49 -36.55 40.13
#